data_6FQX
#
_entry.id   6FQX
#
_cell.length_a   134.450
_cell.length_b   134.450
_cell.length_c   406.050
_cell.angle_alpha   90.00
_cell.angle_beta   90.00
_cell.angle_gamma   120.00
#
_symmetry.space_group_name_H-M   'P 65'
#
loop_
_entity.id
_entity.type
_entity.pdbx_description
1 polymer '6-phosphogluconate dehydrogenase, decarboxylating'
2 non-polymer GLYCEROL
3 non-polymer DI(HYDROXYETHYL)ETHER
4 non-polymer 'TRIETHYLENE GLYCOL'
5 non-polymer 2-(2-ETHOXYETHOXY)ETHANOL
6 water water
#
_entity_poly.entity_id   1
_entity_poly.type   'polypeptide(L)'
_entity_poly.pdbx_seq_one_letter_code
;MCDIGLIGLAVMGQNLSLNISSKGFKIGVYNRTYERTEETMKRAKEENLVVYGYKTVEELINNLKKPRKVILLIKAGPAV
DENISNILKHFEKGDIIIDGGNEWYINSERRIKLCKEKDVEYLAMGVSGGEAGARYGCSFMPGGSKYAYDCVKEILEKCS
AQVGNSPCVTYIGPGSSGNYVKMVHNGIEYGDMQLISESYVIMKHILKYDNQKLSEVFNKWNEGILNSYLIEITANILAK
KDDLTNNYLVDMILDIAGAKGTGKWTMLEATERGIPCPTMCAALDARNISVFKELRTKAESNFNKDNILIDPNEDLNDFE
NDLLNALYCCKIISYTQGLFLLKQVSEEMNWKLNLGEIARIWRGGCIIRAVFLDRIANAYKNNEKLELLFLDNEFSDDIK
NKLPSLRKIVLMATKYSIPIPAFSASLAYFQMVTSQNLPLNLVQAQRDYFGSHTYRRTDREGNYHTLW
;
_entity_poly.pdbx_strand_id   A,B,C,D,E,F,G,H
#
# COMPACT_ATOMS: atom_id res chain seq x y z
N MET A 1 -10.78 32.12 -26.53
CA MET A 1 -11.76 32.51 -27.52
C MET A 1 -12.42 31.41 -28.35
N CYS A 2 -12.13 30.14 -28.08
CA CYS A 2 -12.61 29.03 -28.89
C CYS A 2 -13.64 28.20 -28.13
N ASP A 3 -14.65 27.72 -28.85
CA ASP A 3 -15.69 26.91 -28.20
C ASP A 3 -15.17 25.53 -27.83
N ILE A 4 -14.32 24.94 -28.68
CA ILE A 4 -13.97 23.53 -28.61
C ILE A 4 -12.62 23.36 -29.29
N GLY A 5 -11.87 22.36 -28.82
CA GLY A 5 -10.61 22.02 -29.48
C GLY A 5 -10.63 20.65 -30.10
N LEU A 6 -9.74 20.38 -31.06
CA LEU A 6 -9.70 19.09 -31.72
C LEU A 6 -8.24 18.71 -31.96
N ILE A 7 -7.89 17.48 -31.61
CA ILE A 7 -6.53 16.98 -31.75
C ILE A 7 -6.54 15.80 -32.73
N GLY A 8 -5.66 15.83 -33.73
CA GLY A 8 -5.59 14.74 -34.68
C GLY A 8 -6.29 15.09 -35.98
N LEU A 9 -5.55 15.26 -37.07
CA LEU A 9 -6.12 15.77 -38.32
C LEU A 9 -5.86 14.83 -39.48
N ALA A 10 -6.51 13.68 -39.45
CA ALA A 10 -6.58 12.90 -40.66
C ALA A 10 -7.73 13.52 -41.45
N VAL A 11 -8.09 12.93 -42.59
CA VAL A 11 -9.20 13.51 -43.33
C VAL A 11 -10.49 13.46 -42.50
N MET A 12 -10.63 12.46 -41.61
CA MET A 12 -11.75 12.44 -40.68
C MET A 12 -11.69 13.61 -39.69
N GLY A 13 -10.51 13.89 -39.13
CA GLY A 13 -10.39 15.03 -38.23
C GLY A 13 -10.60 16.35 -38.95
N GLN A 14 -10.10 16.46 -40.19
CA GLN A 14 -10.28 17.68 -40.98
C GLN A 14 -11.75 17.93 -41.28
N ASN A 15 -12.47 16.89 -41.71
CA ASN A 15 -13.88 17.03 -42.04
C ASN A 15 -14.69 17.45 -40.83
N LEU A 16 -14.44 16.84 -39.68
CA LEU A 16 -15.24 17.16 -38.53
C LEU A 16 -15.02 18.59 -38.04
N SER A 17 -13.77 19.10 -38.12
CA SER A 17 -13.52 20.47 -37.67
C SER A 17 -14.25 21.45 -38.57
N LEU A 18 -14.24 21.20 -39.88
CA LEU A 18 -15.04 22.01 -40.80
C LEU A 18 -16.52 21.84 -40.50
N ASN A 19 -16.93 20.65 -40.04
CA ASN A 19 -18.31 20.47 -39.67
C ASN A 19 -18.64 21.30 -38.43
N ILE A 20 -17.77 21.32 -37.42
CA ILE A 20 -18.03 22.15 -36.24
C ILE A 20 -17.96 23.63 -36.59
N SER A 21 -17.01 24.00 -37.44
CA SER A 21 -16.93 25.41 -37.83
C SER A 21 -18.13 25.79 -38.68
N SER A 22 -18.62 24.83 -39.48
CA SER A 22 -19.77 25.03 -40.35
C SER A 22 -21.05 25.37 -39.60
N LYS A 23 -21.13 25.03 -38.33
CA LYS A 23 -22.32 25.31 -37.53
C LYS A 23 -22.10 26.46 -36.57
N GLY A 24 -21.09 27.29 -36.84
CA GLY A 24 -20.92 28.54 -36.13
C GLY A 24 -20.16 28.49 -34.82
N PHE A 25 -19.22 27.56 -34.69
CA PHE A 25 -18.44 27.46 -33.46
C PHE A 25 -16.99 27.81 -33.72
N LYS A 26 -16.35 28.40 -32.69
CA LYS A 26 -14.95 28.78 -32.74
C LYS A 26 -14.09 27.56 -32.42
N ILE A 27 -13.52 26.94 -33.45
CA ILE A 27 -12.86 25.64 -33.32
C ILE A 27 -11.36 25.82 -33.35
N GLY A 28 -10.69 25.31 -32.31
CA GLY A 28 -9.24 25.20 -32.31
C GLY A 28 -8.78 23.82 -32.75
N VAL A 29 -7.59 23.76 -33.32
CA VAL A 29 -7.13 22.58 -34.04
C VAL A 29 -5.63 22.40 -33.83
N TYR A 30 -5.20 21.14 -33.63
CA TYR A 30 -3.80 20.79 -33.44
C TYR A 30 -3.49 19.49 -34.18
N ASN A 31 -2.28 19.39 -34.69
CA ASN A 31 -1.77 18.11 -35.19
C ASN A 31 -0.26 18.13 -35.01
N ARG A 32 0.28 17.00 -34.57
CA ARG A 32 1.71 16.87 -34.34
C ARG A 32 2.49 17.14 -35.62
N THR A 33 2.00 16.66 -36.77
CA THR A 33 2.51 17.05 -38.07
C THR A 33 1.85 18.35 -38.51
N TYR A 34 2.62 19.45 -38.55
CA TYR A 34 2.03 20.77 -38.77
C TYR A 34 1.44 20.95 -40.18
N GLU A 35 1.97 20.23 -41.18
CA GLU A 35 1.48 20.42 -42.54
C GLU A 35 -0.01 20.09 -42.64
N ARG A 36 -0.46 19.10 -41.87
CA ARG A 36 -1.88 18.77 -41.88
C ARG A 36 -2.72 19.88 -41.26
N THR A 37 -2.19 20.58 -40.26
CA THR A 37 -2.92 21.71 -39.68
C THR A 37 -3.16 22.78 -40.74
N GLU A 38 -2.14 23.06 -41.55
CA GLU A 38 -2.25 24.07 -42.59
C GLU A 38 -3.20 23.63 -43.70
N GLU A 39 -3.19 22.34 -44.05
CA GLU A 39 -4.12 21.85 -45.08
C GLU A 39 -5.56 21.96 -44.63
N THR A 40 -5.82 21.81 -43.33
CA THR A 40 -7.15 22.07 -42.79
C THR A 40 -7.50 23.56 -42.91
N MET A 41 -6.52 24.45 -42.62
CA MET A 41 -6.76 25.89 -42.70
C MET A 41 -6.98 26.35 -44.14
N LYS A 42 -6.40 25.65 -45.12
CA LYS A 42 -6.61 26.00 -46.52
C LYS A 42 -8.06 25.78 -46.93
N ARG A 43 -8.60 24.60 -46.61
CA ARG A 43 -9.93 24.24 -47.10
C ARG A 43 -11.00 24.98 -46.34
N ALA A 44 -10.77 25.21 -45.04
CA ALA A 44 -11.57 26.18 -44.28
C ALA A 44 -11.72 27.49 -45.03
N LYS A 45 -10.61 28.04 -45.52
CA LYS A 45 -10.65 29.28 -46.30
C LYS A 45 -11.51 29.10 -47.53
N GLU A 46 -11.31 28.01 -48.28
CA GLU A 46 -12.04 27.77 -49.51
C GLU A 46 -13.50 27.41 -49.29
N GLU A 47 -13.90 27.11 -48.06
CA GLU A 47 -15.30 26.92 -47.73
C GLU A 47 -15.82 28.07 -46.88
N ASN A 48 -15.11 29.20 -46.90
CA ASN A 48 -15.46 30.38 -46.12
C ASN A 48 -15.88 29.98 -44.71
N LEU A 49 -14.98 29.25 -44.06
CA LEU A 49 -15.10 28.89 -42.66
C LEU A 49 -13.77 29.21 -41.98
N VAL A 50 -13.84 29.48 -40.69
CA VAL A 50 -12.66 29.86 -39.91
C VAL A 50 -12.34 28.76 -38.91
N VAL A 51 -11.11 28.25 -39.00
CA VAL A 51 -10.55 27.26 -38.07
C VAL A 51 -9.17 27.78 -37.66
N TYR A 52 -8.96 27.91 -36.36
CA TYR A 52 -7.72 28.42 -35.79
C TYR A 52 -6.77 27.25 -35.56
N GLY A 53 -5.62 27.28 -36.25
CA GLY A 53 -4.64 26.22 -36.14
C GLY A 53 -3.50 26.60 -35.22
N TYR A 54 -3.10 25.65 -34.37
CA TYR A 54 -2.02 25.91 -33.43
C TYR A 54 -0.92 24.87 -33.64
N LYS A 55 0.26 25.16 -33.08
CA LYS A 55 1.43 24.36 -33.39
C LYS A 55 1.88 23.44 -32.26
N THR A 56 1.60 23.78 -31.00
CA THR A 56 1.78 22.86 -29.88
C THR A 56 0.43 22.67 -29.21
N VAL A 57 0.30 21.55 -28.47
CA VAL A 57 -0.94 21.30 -27.74
C VAL A 57 -1.24 22.45 -26.78
N GLU A 58 -0.35 22.69 -25.81
CA GLU A 58 -0.61 23.75 -24.84
C GLU A 58 -0.94 25.10 -25.48
N GLU A 59 -0.52 25.38 -26.72
CA GLU A 59 -0.94 26.66 -27.29
C GLU A 59 -2.40 26.66 -27.64
N LEU A 60 -2.93 25.51 -28.01
CA LEU A 60 -4.37 25.40 -28.24
C LEU A 60 -5.18 25.52 -26.96
N ILE A 61 -4.68 25.01 -25.83
CA ILE A 61 -5.55 24.85 -24.66
C ILE A 61 -6.05 26.22 -24.25
N ASN A 62 -5.17 27.21 -24.39
CA ASN A 62 -5.25 28.59 -23.87
C ASN A 62 -6.28 29.46 -24.57
N ASN A 63 -6.90 28.97 -25.65
CA ASN A 63 -7.79 29.78 -26.49
C ASN A 63 -9.21 29.27 -26.54
N LEU A 64 -9.59 28.39 -25.62
CA LEU A 64 -10.93 27.80 -25.50
C LEU A 64 -11.63 28.51 -24.36
N LYS A 65 -12.93 28.60 -24.42
CA LYS A 65 -13.66 29.14 -23.28
C LYS A 65 -13.69 28.11 -22.17
N LYS A 66 -13.60 28.59 -20.95
CA LYS A 66 -13.73 27.69 -19.81
C LYS A 66 -15.19 27.31 -19.60
N PRO A 67 -15.50 26.06 -19.25
CA PRO A 67 -14.69 24.84 -19.07
C PRO A 67 -14.16 24.32 -20.38
N ARG A 68 -12.91 23.90 -20.37
CA ARG A 68 -12.31 23.53 -21.62
C ARG A 68 -12.74 22.16 -22.13
N LYS A 69 -12.95 22.11 -23.44
CA LYS A 69 -13.44 20.93 -24.12
C LYS A 69 -12.51 20.60 -25.29
N VAL A 70 -11.98 19.37 -25.28
CA VAL A 70 -11.08 18.89 -26.33
C VAL A 70 -11.56 17.55 -26.82
N ILE A 71 -11.62 17.40 -28.13
CA ILE A 71 -11.89 16.11 -28.75
C ILE A 71 -10.57 15.53 -29.18
N LEU A 72 -10.41 14.22 -28.94
CA LEU A 72 -9.21 13.50 -29.31
C LEU A 72 -9.56 12.58 -30.47
N LEU A 73 -8.75 12.63 -31.53
CA LEU A 73 -8.91 11.76 -32.68
C LEU A 73 -7.53 11.21 -33.05
N ILE A 74 -6.87 10.59 -32.06
CA ILE A 74 -5.57 9.96 -32.23
C ILE A 74 -5.77 8.46 -32.41
N LYS A 75 -5.00 7.87 -33.31
CA LYS A 75 -4.99 6.41 -33.47
C LYS A 75 -4.64 5.74 -32.14
N ALA A 76 -5.51 4.82 -31.70
CA ALA A 76 -5.31 4.16 -30.43
C ALA A 76 -3.92 3.56 -30.33
N GLY A 77 -3.37 3.62 -29.12
CA GLY A 77 -2.03 3.16 -28.83
C GLY A 77 -1.47 3.95 -27.67
N PRO A 78 -0.16 3.89 -27.43
CA PRO A 78 0.38 4.70 -26.33
C PRO A 78 0.24 6.20 -26.59
N ALA A 79 0.07 6.60 -27.86
CA ALA A 79 -0.02 8.02 -28.22
C ALA A 79 -1.25 8.70 -27.63
N VAL A 80 -2.38 7.98 -27.57
CA VAL A 80 -3.55 8.59 -26.96
C VAL A 80 -3.28 8.82 -25.47
N ASP A 81 -2.51 7.92 -24.87
CA ASP A 81 -2.21 8.05 -23.44
C ASP A 81 -1.24 9.19 -23.15
N GLU A 82 -0.27 9.43 -24.04
CA GLU A 82 0.66 10.53 -23.81
C GLU A 82 -0.07 11.85 -23.81
N ASN A 83 -0.90 12.03 -24.85
CA ASN A 83 -1.67 13.25 -25.04
C ASN A 83 -2.56 13.52 -23.85
N ILE A 84 -3.22 12.50 -23.31
CA ILE A 84 -4.06 12.73 -22.13
C ILE A 84 -3.22 13.19 -20.95
N SER A 85 -2.07 12.56 -20.73
CA SER A 85 -1.19 13.02 -19.66
C SER A 85 -0.77 14.46 -19.92
N ASN A 86 -0.47 14.78 -21.18
CA ASN A 86 -0.09 16.14 -21.52
C ASN A 86 -1.27 17.12 -21.35
N ILE A 87 -2.48 16.69 -21.70
CA ILE A 87 -3.65 17.57 -21.53
C ILE A 87 -3.89 17.84 -20.05
N LEU A 88 -3.64 16.84 -19.20
CA LEU A 88 -3.93 16.94 -17.77
C LEU A 88 -3.03 17.94 -17.05
N LYS A 89 -1.84 18.22 -17.57
CA LYS A 89 -0.96 19.17 -16.91
C LYS A 89 -1.56 20.58 -16.89
N HIS A 90 -2.46 20.89 -17.82
CA HIS A 90 -3.01 22.22 -17.96
C HIS A 90 -4.50 22.32 -17.68
N PHE A 91 -5.20 21.21 -17.53
CA PHE A 91 -6.61 21.31 -17.19
C PHE A 91 -6.78 21.48 -15.69
N GLU A 92 -7.94 21.99 -15.29
CA GLU A 92 -8.32 21.97 -13.89
C GLU A 92 -9.77 21.50 -13.78
N LYS A 93 -10.36 21.74 -12.61
CA LYS A 93 -11.70 21.25 -12.30
C LYS A 93 -12.71 21.76 -13.34
N GLY A 94 -13.60 20.87 -13.75
CA GLY A 94 -14.66 21.21 -14.68
C GLY A 94 -14.31 21.06 -16.15
N ASP A 95 -13.03 20.94 -16.49
CA ASP A 95 -12.62 20.79 -17.89
C ASP A 95 -12.94 19.38 -18.40
N ILE A 96 -13.09 19.27 -19.71
CA ILE A 96 -13.68 18.08 -20.33
C ILE A 96 -12.79 17.56 -21.44
N ILE A 97 -12.58 16.24 -21.44
CA ILE A 97 -11.86 15.55 -22.50
C ILE A 97 -12.84 14.61 -23.19
N ILE A 98 -12.80 14.59 -24.53
CA ILE A 98 -13.66 13.73 -25.35
C ILE A 98 -12.76 12.89 -26.25
N ASP A 99 -12.66 11.58 -25.98
CA ASP A 99 -11.92 10.66 -26.84
C ASP A 99 -12.90 10.09 -27.87
N GLY A 100 -12.57 10.26 -29.14
CA GLY A 100 -13.39 9.83 -30.26
C GLY A 100 -12.83 8.66 -31.03
N GLY A 101 -11.68 8.11 -30.63
CA GLY A 101 -11.14 6.97 -31.32
C GLY A 101 -11.89 5.70 -30.95
N ASN A 102 -11.73 4.65 -31.76
CA ASN A 102 -12.36 3.36 -31.46
C ASN A 102 -11.53 2.64 -30.41
N GLU A 103 -11.99 2.71 -29.17
CA GLU A 103 -11.18 2.26 -28.06
C GLU A 103 -11.86 1.06 -27.40
N TRP A 104 -11.02 0.12 -26.95
CA TRP A 104 -11.48 -0.94 -26.08
C TRP A 104 -11.99 -0.34 -24.77
N TYR A 105 -13.23 -0.68 -24.42
CA TYR A 105 -13.90 0.07 -23.35
C TYR A 105 -13.12 0.02 -22.05
N ILE A 106 -12.35 -1.05 -21.82
CA ILE A 106 -11.58 -1.16 -20.58
C ILE A 106 -10.51 -0.07 -20.49
N ASN A 107 -9.85 0.26 -21.62
CA ASN A 107 -8.88 1.37 -21.55
C ASN A 107 -9.56 2.69 -21.17
N SER A 108 -10.76 2.95 -21.71
CA SER A 108 -11.41 4.22 -21.39
C SER A 108 -11.79 4.31 -19.92
N GLU A 109 -12.32 3.23 -19.34
CA GLU A 109 -12.63 3.25 -17.90
C GLU A 109 -11.39 3.54 -17.08
N ARG A 110 -10.29 2.97 -17.50
CA ARG A 110 -9.05 3.13 -16.77
C ARG A 110 -8.59 4.60 -16.82
N ARG A 111 -8.77 5.28 -17.96
CA ARG A 111 -8.49 6.71 -18.08
C ARG A 111 -9.55 7.56 -17.39
N ILE A 112 -10.83 7.14 -17.47
CA ILE A 112 -11.94 7.88 -16.87
C ILE A 112 -11.70 8.04 -15.36
N LYS A 113 -11.05 7.04 -14.76
CA LYS A 113 -10.70 7.08 -13.34
C LYS A 113 -9.49 7.97 -13.09
N LEU A 114 -8.44 7.84 -13.91
CA LEU A 114 -7.25 8.69 -13.80
C LEU A 114 -7.57 10.17 -13.96
N CYS A 115 -8.60 10.49 -14.76
CA CYS A 115 -8.93 11.89 -14.96
C CYS A 115 -9.75 12.46 -13.81
N LYS A 116 -10.57 11.63 -13.16
CA LYS A 116 -11.26 12.11 -11.97
C LYS A 116 -10.31 12.26 -10.79
N GLU A 117 -9.13 11.63 -10.82
CA GLU A 117 -8.11 11.92 -9.84
C GLU A 117 -7.66 13.38 -9.93
N LYS A 118 -7.74 13.99 -11.13
CA LYS A 118 -7.39 15.38 -11.33
C LYS A 118 -8.62 16.28 -11.50
N ASP A 119 -9.80 15.81 -11.10
CA ASP A 119 -11.06 16.55 -11.25
C ASP A 119 -11.33 16.97 -12.70
N VAL A 120 -10.92 16.13 -13.65
CA VAL A 120 -11.22 16.35 -15.07
C VAL A 120 -12.29 15.34 -15.50
N GLU A 121 -13.30 15.81 -16.21
CA GLU A 121 -14.39 14.95 -16.64
C GLU A 121 -14.04 14.37 -18.00
N TYR A 122 -14.21 13.05 -18.13
CA TYR A 122 -13.89 12.35 -19.36
C TYR A 122 -15.17 11.91 -20.06
N LEU A 123 -15.11 11.87 -21.37
CA LEU A 123 -16.27 11.48 -22.18
C LEU A 123 -15.68 10.62 -23.30
N ALA A 124 -15.87 9.30 -23.21
CA ALA A 124 -15.43 8.36 -24.24
C ALA A 124 -16.57 8.21 -25.24
N MET A 125 -16.34 8.67 -26.48
CA MET A 125 -17.43 8.81 -27.44
C MET A 125 -17.11 8.11 -28.75
N GLY A 126 -17.98 7.18 -29.15
CA GLY A 126 -17.85 6.54 -30.44
C GLY A 126 -18.49 7.42 -31.50
N VAL A 127 -17.87 7.40 -32.69
CA VAL A 127 -18.34 8.14 -33.85
C VAL A 127 -18.31 7.22 -35.05
N SER A 128 -19.39 7.18 -35.81
CA SER A 128 -19.45 6.35 -37.00
C SER A 128 -19.99 7.18 -38.15
N GLY A 129 -19.44 6.97 -39.34
CA GLY A 129 -19.90 7.71 -40.50
C GLY A 129 -18.87 7.94 -41.58
N GLY A 130 -17.66 7.42 -41.42
CA GLY A 130 -16.67 7.66 -42.44
C GLY A 130 -16.30 9.14 -42.56
N GLU A 131 -15.64 9.45 -43.68
CA GLU A 131 -15.23 10.84 -43.91
C GLU A 131 -16.42 11.69 -44.29
N ALA A 132 -17.38 11.12 -45.04
CA ALA A 132 -18.57 11.87 -45.43
C ALA A 132 -19.42 12.23 -44.23
N GLY A 133 -19.66 11.28 -43.32
CA GLY A 133 -20.42 11.62 -42.13
C GLY A 133 -19.69 12.59 -41.24
N ALA A 134 -18.35 12.50 -41.21
CA ALA A 134 -17.54 13.41 -40.42
C ALA A 134 -17.72 14.85 -40.89
N ARG A 135 -17.94 15.03 -42.19
CA ARG A 135 -18.07 16.37 -42.72
C ARG A 135 -19.51 16.87 -42.63
N TYR A 136 -20.50 16.05 -43.00
CA TYR A 136 -21.87 16.52 -43.16
C TYR A 136 -22.83 16.05 -42.09
N GLY A 137 -22.46 15.04 -41.31
CA GLY A 137 -23.34 14.59 -40.24
C GLY A 137 -23.22 13.10 -39.97
N CYS A 138 -22.81 12.77 -38.75
CA CYS A 138 -22.54 11.40 -38.35
C CYS A 138 -23.30 11.07 -37.06
N SER A 139 -23.13 9.83 -36.60
CA SER A 139 -23.76 9.35 -35.39
C SER A 139 -22.74 9.41 -34.26
N PHE A 140 -23.06 10.18 -33.22
CA PHE A 140 -22.22 10.33 -32.05
C PHE A 140 -22.80 9.46 -30.95
N MET A 141 -21.94 8.72 -30.25
CA MET A 141 -22.37 7.82 -29.16
C MET A 141 -21.55 8.13 -27.91
N PRO A 142 -21.78 9.30 -27.29
CA PRO A 142 -20.94 9.69 -26.15
C PRO A 142 -21.38 9.06 -24.85
N GLY A 143 -20.40 8.63 -24.06
CA GLY A 143 -20.66 8.05 -22.77
C GLY A 143 -19.63 8.53 -21.76
N GLY A 144 -20.06 8.63 -20.51
CA GLY A 144 -19.20 9.06 -19.43
C GLY A 144 -19.90 10.02 -18.49
N SER A 145 -19.21 11.11 -18.18
CA SER A 145 -19.73 12.12 -17.25
C SER A 145 -20.96 12.79 -17.86
N LYS A 146 -22.09 12.71 -17.15
CA LYS A 146 -23.28 13.43 -17.59
C LYS A 146 -23.01 14.93 -17.69
N TYR A 147 -22.24 15.47 -16.72
CA TYR A 147 -21.85 16.87 -16.76
C TYR A 147 -21.15 17.22 -18.07
N ALA A 148 -20.14 16.42 -18.43
CA ALA A 148 -19.42 16.66 -19.68
C ALA A 148 -20.36 16.60 -20.87
N TYR A 149 -21.36 15.70 -20.82
CA TYR A 149 -22.30 15.59 -21.94
C TYR A 149 -23.05 16.89 -22.18
N ASP A 150 -23.49 17.55 -21.11
CA ASP A 150 -24.34 18.73 -21.27
C ASP A 150 -23.57 19.92 -21.84
N CYS A 151 -22.26 20.03 -21.54
CA CYS A 151 -21.47 21.12 -22.05
C CYS A 151 -21.16 20.95 -23.53
N VAL A 152 -21.07 19.71 -24.01
CA VAL A 152 -20.84 19.48 -25.43
C VAL A 152 -22.13 19.20 -26.15
N LYS A 153 -23.24 19.17 -25.41
CA LYS A 153 -24.52 18.75 -25.96
C LYS A 153 -24.90 19.54 -27.19
N GLU A 154 -24.81 20.88 -27.11
CA GLU A 154 -25.18 21.69 -28.26
C GLU A 154 -24.37 21.30 -29.50
N ILE A 155 -23.04 21.22 -29.36
CA ILE A 155 -22.16 21.05 -30.52
C ILE A 155 -22.44 19.73 -31.22
N LEU A 156 -22.62 18.66 -30.45
CA LEU A 156 -22.82 17.34 -31.06
C LEU A 156 -24.17 17.22 -31.75
N GLU A 157 -25.19 17.94 -31.27
CA GLU A 157 -26.50 17.85 -31.90
C GLU A 157 -26.49 18.39 -33.33
N LYS A 158 -25.77 19.47 -33.56
CA LYS A 158 -25.89 20.11 -34.85
C LYS A 158 -24.96 19.48 -35.89
N CYS A 159 -23.85 18.89 -35.44
CA CYS A 159 -22.93 18.23 -36.36
C CYS A 159 -23.33 16.78 -36.62
N SER A 160 -24.27 16.24 -35.85
CA SER A 160 -24.71 14.88 -36.07
C SER A 160 -25.66 14.82 -37.27
N ALA A 161 -25.74 13.63 -37.85
CA ALA A 161 -26.70 13.42 -38.90
C ALA A 161 -28.09 13.74 -38.34
N GLN A 162 -28.93 14.30 -39.19
CA GLN A 162 -30.24 14.76 -38.78
C GLN A 162 -31.25 13.88 -39.49
N VAL A 163 -32.05 13.15 -38.72
CA VAL A 163 -33.11 12.32 -39.27
C VAL A 163 -34.41 12.92 -38.76
N GLY A 164 -35.23 13.42 -39.68
CA GLY A 164 -36.31 14.30 -39.27
C GLY A 164 -35.69 15.53 -38.64
N ASN A 165 -36.19 15.89 -37.45
CA ASN A 165 -35.59 16.96 -36.66
C ASN A 165 -35.02 16.44 -35.35
N SER A 166 -34.70 15.12 -35.30
CA SER A 166 -33.96 14.58 -34.15
C SER A 166 -32.52 14.35 -34.56
N PRO A 167 -31.57 14.81 -33.76
CA PRO A 167 -30.15 14.57 -34.06
C PRO A 167 -29.70 13.16 -33.67
N CYS A 168 -28.72 12.66 -34.41
CA CYS A 168 -28.17 11.34 -34.14
C CYS A 168 -27.13 11.42 -33.02
N VAL A 169 -27.61 11.77 -31.83
CA VAL A 169 -26.78 11.77 -30.63
C VAL A 169 -27.67 11.57 -29.41
N THR A 170 -27.14 10.84 -28.42
CA THR A 170 -27.85 10.63 -27.17
C THR A 170 -26.81 10.40 -26.08
N TYR A 171 -27.20 10.64 -24.83
CA TYR A 171 -26.36 10.24 -23.71
C TYR A 171 -26.48 8.72 -23.53
N ILE A 172 -25.39 8.00 -23.82
CA ILE A 172 -25.42 6.55 -23.81
C ILE A 172 -25.57 6.00 -22.39
N GLY A 173 -24.74 6.48 -21.46
CA GLY A 173 -24.76 6.05 -20.08
C GLY A 173 -23.42 6.36 -19.44
N PRO A 174 -23.19 5.89 -18.21
CA PRO A 174 -21.95 6.22 -17.51
C PRO A 174 -20.78 5.37 -18.00
N GLY A 175 -19.60 5.74 -17.54
CA GLY A 175 -18.38 5.00 -17.81
C GLY A 175 -18.10 4.92 -19.29
N SER A 176 -17.50 3.79 -19.69
CA SER A 176 -17.06 3.56 -21.06
C SER A 176 -18.11 2.87 -21.93
N SER A 177 -19.40 3.06 -21.60
CA SER A 177 -20.47 2.40 -22.33
C SER A 177 -20.51 2.80 -23.81
N GLY A 178 -20.20 4.07 -24.13
CA GLY A 178 -20.24 4.52 -25.52
C GLY A 178 -19.23 3.80 -26.40
N ASN A 179 -18.03 3.54 -25.89
CA ASN A 179 -17.09 2.74 -26.65
C ASN A 179 -17.67 1.39 -26.96
N TYR A 180 -18.37 0.82 -25.98
CA TYR A 180 -18.91 -0.51 -26.14
C TYR A 180 -20.01 -0.53 -27.21
N VAL A 181 -20.88 0.47 -27.21
CA VAL A 181 -21.93 0.52 -28.23
C VAL A 181 -21.33 0.68 -29.62
N LYS A 182 -20.29 1.50 -29.75
CA LYS A 182 -19.67 1.65 -31.08
C LYS A 182 -19.03 0.32 -31.51
N MET A 183 -18.55 -0.46 -30.57
CA MET A 183 -18.00 -1.78 -30.87
C MET A 183 -19.07 -2.68 -31.45
N VAL A 184 -20.21 -2.78 -30.75
CA VAL A 184 -21.31 -3.61 -31.20
C VAL A 184 -21.87 -3.09 -32.53
N HIS A 185 -21.81 -1.78 -32.76
CA HIS A 185 -22.14 -1.28 -34.09
C HIS A 185 -21.24 -1.94 -35.14
N ASN A 186 -19.93 -1.93 -34.92
CA ASN A 186 -19.03 -2.57 -35.87
C ASN A 186 -19.27 -4.07 -35.97
N GLY A 187 -19.75 -4.68 -34.88
CA GLY A 187 -20.09 -6.09 -34.97
C GLY A 187 -21.23 -6.35 -35.93
N ILE A 188 -22.32 -5.59 -35.77
CA ILE A 188 -23.47 -5.65 -36.68
C ILE A 188 -23.04 -5.29 -38.10
N GLU A 189 -22.18 -4.29 -38.23
CA GLU A 189 -21.68 -3.92 -39.55
C GLU A 189 -21.02 -5.13 -40.20
N TYR A 190 -20.18 -5.84 -39.46
CA TYR A 190 -19.50 -7.02 -40.01
C TYR A 190 -20.51 -8.06 -40.48
N GLY A 191 -21.61 -8.23 -39.74
CA GLY A 191 -22.63 -9.20 -40.15
C GLY A 191 -23.35 -8.79 -41.43
N ASP A 192 -23.76 -7.51 -41.49
CA ASP A 192 -24.47 -7.03 -42.67
C ASP A 192 -23.62 -7.21 -43.93
N MET A 193 -22.35 -6.82 -43.86
CA MET A 193 -21.48 -6.92 -45.02
C MET A 193 -21.33 -8.38 -45.47
N GLN A 194 -21.29 -9.30 -44.52
CA GLN A 194 -21.17 -10.70 -44.88
C GLN A 194 -22.47 -11.23 -45.47
N LEU A 195 -23.60 -10.85 -44.87
CA LEU A 195 -24.88 -11.26 -45.45
C LEU A 195 -25.05 -10.70 -46.86
N ILE A 196 -24.63 -9.44 -47.09
CA ILE A 196 -24.69 -8.88 -48.43
C ILE A 196 -23.76 -9.63 -49.38
N SER A 197 -22.54 -9.92 -48.94
CA SER A 197 -21.61 -10.58 -49.84
C SER A 197 -22.08 -12.01 -50.16
N GLU A 198 -22.83 -12.62 -49.25
CA GLU A 198 -23.36 -13.94 -49.58
C GLU A 198 -24.51 -13.84 -50.57
N SER A 199 -25.29 -12.75 -50.54
CA SER A 199 -26.27 -12.51 -51.60
C SER A 199 -25.61 -12.26 -52.93
N TYR A 200 -24.44 -11.62 -52.94
CA TYR A 200 -23.71 -11.41 -54.19
C TYR A 200 -23.35 -12.73 -54.86
N VAL A 201 -22.79 -13.68 -54.09
CA VAL A 201 -22.38 -14.97 -54.67
C VAL A 201 -23.60 -15.81 -55.08
N ILE A 202 -24.69 -15.76 -54.31
CA ILE A 202 -25.85 -16.59 -54.64
C ILE A 202 -26.42 -16.21 -56.01
N MET A 203 -26.64 -14.92 -56.24
CA MET A 203 -27.16 -14.45 -57.52
C MET A 203 -26.14 -14.59 -58.62
N LYS A 204 -24.86 -14.54 -58.26
CA LYS A 204 -23.87 -14.65 -59.33
C LYS A 204 -23.71 -16.10 -59.78
N HIS A 205 -23.89 -17.06 -58.89
CA HIS A 205 -23.59 -18.43 -59.28
C HIS A 205 -24.82 -19.32 -59.42
N ILE A 206 -25.96 -18.92 -58.87
CA ILE A 206 -27.20 -19.68 -59.03
C ILE A 206 -28.08 -19.09 -60.14
N LEU A 207 -28.30 -17.78 -60.10
CA LEU A 207 -29.06 -17.11 -61.14
C LEU A 207 -28.19 -16.66 -62.31
N LYS A 208 -26.86 -16.78 -62.18
CA LYS A 208 -25.91 -16.42 -63.23
C LYS A 208 -26.08 -14.95 -63.67
N TYR A 209 -26.35 -14.06 -62.73
CA TYR A 209 -26.47 -12.65 -63.06
C TYR A 209 -25.11 -12.04 -63.37
N ASP A 210 -25.07 -11.17 -64.38
CA ASP A 210 -23.85 -10.42 -64.62
C ASP A 210 -23.83 -9.22 -63.68
N ASN A 211 -22.70 -8.51 -63.66
CA ASN A 211 -22.54 -7.43 -62.70
C ASN A 211 -23.53 -6.29 -62.94
N GLN A 212 -23.97 -6.07 -64.18
CA GLN A 212 -24.93 -5.01 -64.44
C GLN A 212 -26.30 -5.31 -63.85
N LYS A 213 -26.76 -6.56 -64.03
CA LYS A 213 -28.01 -7.00 -63.42
C LYS A 213 -27.91 -7.00 -61.89
N LEU A 214 -26.75 -7.40 -61.35
CA LEU A 214 -26.55 -7.43 -59.90
C LEU A 214 -26.67 -6.03 -59.30
N SER A 215 -26.06 -5.04 -59.94
CA SER A 215 -26.21 -3.67 -59.45
C SER A 215 -27.65 -3.19 -59.59
N GLU A 216 -28.34 -3.60 -60.66
CA GLU A 216 -29.74 -3.19 -60.81
C GLU A 216 -30.61 -3.83 -59.73
N VAL A 217 -30.34 -5.11 -59.38
CA VAL A 217 -31.14 -5.77 -58.36
C VAL A 217 -30.90 -5.16 -56.99
N PHE A 218 -29.66 -4.77 -56.67
CA PHE A 218 -29.41 -4.16 -55.37
C PHE A 218 -30.05 -2.78 -55.25
N ASN A 219 -30.09 -2.00 -56.35
CA ASN A 219 -30.80 -0.71 -56.30
C ASN A 219 -32.27 -0.93 -56.03
N LYS A 220 -32.84 -1.98 -56.61
CA LYS A 220 -34.26 -2.26 -56.41
C LYS A 220 -34.53 -2.68 -54.97
N TRP A 221 -33.62 -3.44 -54.37
CA TRP A 221 -33.79 -3.75 -52.97
C TRP A 221 -33.67 -2.51 -52.12
N ASN A 222 -32.77 -1.59 -52.49
CA ASN A 222 -32.64 -0.38 -51.70
C ASN A 222 -33.87 0.52 -51.74
N GLU A 223 -34.76 0.35 -52.73
CA GLU A 223 -36.02 1.08 -52.68
C GLU A 223 -37.02 0.43 -51.73
N GLY A 224 -36.91 -0.88 -51.53
CA GLY A 224 -37.81 -1.58 -50.63
C GLY A 224 -37.41 -1.59 -49.17
N ILE A 225 -37.67 -2.71 -48.49
CA ILE A 225 -37.46 -2.80 -47.06
C ILE A 225 -35.99 -2.90 -46.70
N LEU A 226 -35.16 -3.35 -47.64
CA LEU A 226 -33.73 -3.50 -47.46
C LEU A 226 -32.99 -2.20 -47.69
N ASN A 227 -33.71 -1.08 -47.64
CA ASN A 227 -33.11 0.25 -47.82
C ASN A 227 -32.07 0.52 -46.76
N SER A 228 -30.83 0.66 -47.19
CA SER A 228 -29.73 0.80 -46.26
C SER A 228 -28.55 1.43 -46.98
N TYR A 229 -27.66 2.02 -46.18
CA TYR A 229 -26.47 2.62 -46.77
C TYR A 229 -25.59 1.57 -47.44
N LEU A 230 -25.41 0.41 -46.80
CA LEU A 230 -24.54 -0.59 -47.42
C LEU A 230 -25.16 -1.22 -48.67
N ILE A 231 -26.49 -1.37 -48.70
CA ILE A 231 -27.10 -1.93 -49.90
C ILE A 231 -26.95 -0.95 -51.06
N GLU A 232 -27.02 0.35 -50.78
CA GLU A 232 -26.86 1.35 -51.84
C GLU A 232 -25.46 1.31 -52.46
N ILE A 233 -24.40 1.26 -51.63
CA ILE A 233 -23.06 1.32 -52.18
C ILE A 233 -22.71 0.02 -52.90
N THR A 234 -23.31 -1.11 -52.51
CA THR A 234 -23.05 -2.33 -53.24
C THR A 234 -23.58 -2.24 -54.66
N ALA A 235 -24.69 -1.51 -54.84
CA ALA A 235 -25.21 -1.23 -56.18
C ALA A 235 -24.24 -0.36 -56.97
N ASN A 236 -23.66 0.66 -56.32
CA ASN A 236 -22.65 1.49 -56.97
C ASN A 236 -21.38 0.70 -57.24
N ILE A 237 -20.94 -0.10 -56.27
CA ILE A 237 -19.67 -0.81 -56.37
C ILE A 237 -19.70 -1.82 -57.52
N LEU A 238 -20.79 -2.62 -57.60
CA LEU A 238 -20.90 -3.66 -58.63
C LEU A 238 -21.12 -3.08 -60.02
N ALA A 239 -21.52 -1.81 -60.11
CA ALA A 239 -21.65 -1.11 -61.39
C ALA A 239 -20.36 -0.40 -61.82
N LYS A 240 -19.46 -0.05 -60.89
CA LYS A 240 -18.27 0.72 -61.23
C LYS A 240 -17.38 -0.06 -62.19
N LYS A 241 -16.89 0.62 -63.21
CA LYS A 241 -16.08 -0.01 -64.24
C LYS A 241 -14.62 0.42 -64.00
N ASP A 242 -13.68 -0.46 -64.34
CA ASP A 242 -12.26 -0.18 -64.11
C ASP A 242 -11.72 0.82 -65.14
N ASP A 243 -10.83 1.71 -64.72
CA ASP A 243 -10.20 2.58 -65.70
C ASP A 243 -8.99 1.93 -66.36
N LEU A 244 -8.31 1.02 -65.67
CA LEU A 244 -7.11 0.36 -66.19
C LEU A 244 -7.40 -0.96 -66.89
N THR A 245 -8.66 -1.39 -66.93
CA THR A 245 -9.01 -2.58 -67.71
C THR A 245 -10.42 -2.41 -68.24
N ASN A 246 -10.84 -3.39 -69.03
CA ASN A 246 -12.20 -3.55 -69.51
C ASN A 246 -13.06 -4.25 -68.46
N ASN A 247 -12.46 -4.77 -67.39
CA ASN A 247 -13.21 -5.48 -66.37
C ASN A 247 -13.97 -4.52 -65.45
N TYR A 248 -14.85 -5.10 -64.63
CA TYR A 248 -15.47 -4.38 -63.52
C TYR A 248 -14.43 -4.27 -62.41
N LEU A 249 -14.43 -3.13 -61.71
CA LEU A 249 -13.33 -2.88 -60.77
C LEU A 249 -13.39 -3.85 -59.60
N VAL A 250 -14.61 -4.18 -59.13
CA VAL A 250 -14.77 -5.11 -58.02
C VAL A 250 -14.22 -6.49 -58.36
N ASP A 251 -14.21 -6.87 -59.64
CA ASP A 251 -13.64 -8.16 -60.03
C ASP A 251 -12.11 -8.13 -60.07
N MET A 252 -11.49 -6.98 -59.88
CA MET A 252 -10.03 -6.82 -59.91
C MET A 252 -9.42 -6.53 -58.55
N ILE A 253 -10.24 -6.49 -57.50
CA ILE A 253 -9.82 -6.26 -56.11
C ILE A 253 -9.47 -7.60 -55.46
N LEU A 254 -8.40 -7.60 -54.67
CA LEU A 254 -7.91 -8.84 -54.10
C LEU A 254 -8.64 -9.14 -52.79
N ASP A 255 -8.98 -10.42 -52.60
CA ASP A 255 -9.91 -10.87 -51.56
C ASP A 255 -9.16 -11.35 -50.33
N ILE A 256 -8.40 -10.41 -49.76
CA ILE A 256 -7.71 -10.61 -48.50
C ILE A 256 -8.18 -9.43 -47.66
N ALA A 257 -9.07 -9.69 -46.70
CA ALA A 257 -9.61 -8.64 -45.84
C ALA A 257 -9.72 -9.23 -44.44
N GLY A 258 -8.69 -8.98 -43.62
CA GLY A 258 -8.66 -9.55 -42.29
C GLY A 258 -9.49 -8.80 -41.27
N ALA A 259 -9.77 -9.50 -40.17
CA ALA A 259 -10.54 -8.93 -39.05
C ALA A 259 -9.68 -7.95 -38.27
N LYS A 260 -9.94 -6.65 -38.45
CA LYS A 260 -9.07 -5.61 -37.90
C LYS A 260 -9.77 -4.91 -36.74
N GLY A 261 -9.09 -4.87 -35.59
CA GLY A 261 -9.57 -4.03 -34.51
C GLY A 261 -10.91 -4.41 -33.90
N THR A 262 -11.86 -3.46 -33.96
CA THR A 262 -13.10 -3.54 -33.20
C THR A 262 -13.95 -4.75 -33.56
N GLY A 263 -13.69 -5.40 -34.70
CA GLY A 263 -14.45 -6.60 -35.05
C GLY A 263 -14.22 -7.74 -34.08
N LYS A 264 -12.96 -8.08 -33.81
CA LYS A 264 -12.67 -9.16 -32.89
C LYS A 264 -13.22 -8.89 -31.50
N TRP A 265 -13.29 -7.61 -31.09
CA TRP A 265 -13.58 -7.32 -29.68
C TRP A 265 -14.99 -7.74 -29.32
N THR A 266 -15.95 -7.50 -30.20
CA THR A 266 -17.30 -7.89 -29.87
C THR A 266 -17.41 -9.40 -29.76
N MET A 267 -16.67 -10.15 -30.61
CA MET A 267 -16.71 -11.62 -30.54
C MET A 267 -15.99 -12.14 -29.30
N LEU A 268 -14.86 -11.52 -28.94
CA LEU A 268 -14.18 -11.86 -27.69
C LEU A 268 -15.10 -11.65 -26.50
N GLU A 269 -15.91 -10.59 -26.55
CA GLU A 269 -16.79 -10.27 -25.44
C GLU A 269 -18.01 -11.18 -25.42
N ALA A 270 -18.47 -11.61 -26.60
CA ALA A 270 -19.55 -12.59 -26.66
C ALA A 270 -19.06 -13.95 -26.15
N THR A 271 -17.83 -14.32 -26.50
CA THR A 271 -17.32 -15.59 -26.03
C THR A 271 -17.18 -15.60 -24.52
N GLU A 272 -16.54 -14.57 -23.95
CA GLU A 272 -16.27 -14.53 -22.52
C GLU A 272 -17.54 -14.54 -21.69
N ARG A 273 -18.54 -13.76 -22.08
CA ARG A 273 -19.79 -13.60 -21.34
C ARG A 273 -20.83 -14.68 -21.64
N GLY A 274 -20.57 -15.59 -22.58
CA GLY A 274 -21.54 -16.62 -22.87
C GLY A 274 -22.79 -16.15 -23.58
N ILE A 275 -22.72 -15.07 -24.35
CA ILE A 275 -23.87 -14.56 -25.09
C ILE A 275 -23.64 -14.90 -26.55
N PRO A 276 -24.39 -15.84 -27.14
CA PRO A 276 -24.03 -16.36 -28.46
C PRO A 276 -24.30 -15.37 -29.58
N CYS A 277 -23.34 -15.25 -30.49
CA CYS A 277 -23.44 -14.35 -31.65
C CYS A 277 -22.97 -15.08 -32.90
N PRO A 278 -23.77 -16.06 -33.38
CA PRO A 278 -23.32 -16.93 -34.50
C PRO A 278 -23.09 -16.19 -35.81
N THR A 279 -23.88 -15.16 -36.11
CA THR A 279 -23.71 -14.42 -37.35
C THR A 279 -22.40 -13.67 -37.40
N MET A 280 -21.87 -13.29 -36.25
CA MET A 280 -20.58 -12.64 -36.26
C MET A 280 -19.42 -13.63 -36.28
N CYS A 281 -19.63 -14.85 -35.76
CA CYS A 281 -18.69 -15.93 -36.03
C CYS A 281 -18.49 -16.10 -37.52
N ALA A 282 -19.60 -16.23 -38.25
CA ALA A 282 -19.55 -16.49 -39.69
C ALA A 282 -18.88 -15.34 -40.43
N ALA A 283 -19.20 -14.11 -40.04
CA ALA A 283 -18.54 -12.95 -40.66
C ALA A 283 -17.05 -12.94 -40.36
N LEU A 284 -16.65 -13.24 -39.13
CA LEU A 284 -15.22 -13.25 -38.80
C LEU A 284 -14.52 -14.45 -39.41
N ASP A 285 -15.22 -15.59 -39.50
CA ASP A 285 -14.66 -16.77 -40.16
C ASP A 285 -14.30 -16.44 -41.59
N ALA A 286 -15.23 -15.76 -42.27
CA ALA A 286 -15.05 -15.37 -43.66
C ALA A 286 -13.88 -14.41 -43.82
N ARG A 287 -13.74 -13.44 -42.91
CA ARG A 287 -12.61 -12.53 -43.04
C ARG A 287 -11.30 -13.22 -42.71
N ASN A 288 -11.26 -13.99 -41.62
CA ASN A 288 -10.01 -14.63 -41.26
C ASN A 288 -9.60 -15.70 -42.27
N ILE A 289 -10.56 -16.38 -42.89
CA ILE A 289 -10.19 -17.38 -43.87
C ILE A 289 -9.56 -16.73 -45.10
N SER A 290 -9.96 -15.49 -45.43
CA SER A 290 -9.46 -14.86 -46.65
C SER A 290 -7.97 -14.52 -46.60
N VAL A 291 -7.40 -14.32 -45.40
CA VAL A 291 -5.96 -14.04 -45.29
C VAL A 291 -5.11 -15.19 -45.81
N PHE A 292 -5.56 -16.43 -45.64
CA PHE A 292 -4.70 -17.52 -46.08
C PHE A 292 -4.98 -17.85 -47.54
N LYS A 293 -4.75 -16.86 -48.41
CA LYS A 293 -5.06 -17.06 -49.82
C LYS A 293 -4.15 -18.12 -50.44
N GLU A 294 -2.87 -18.17 -50.09
CA GLU A 294 -2.00 -19.16 -50.72
C GLU A 294 -2.48 -20.56 -50.39
N LEU A 295 -2.97 -20.77 -49.17
CA LEU A 295 -3.44 -22.09 -48.77
C LEU A 295 -4.78 -22.40 -49.42
N ARG A 296 -5.61 -21.37 -49.62
CA ARG A 296 -6.89 -21.54 -50.30
C ARG A 296 -6.70 -21.96 -51.77
N THR A 297 -5.73 -21.36 -52.48
CA THR A 297 -5.58 -21.72 -53.90
C THR A 297 -5.00 -23.11 -54.05
N LYS A 298 -4.14 -23.56 -53.13
CA LYS A 298 -3.70 -24.94 -53.22
C LYS A 298 -4.79 -25.91 -52.74
N ALA A 299 -5.66 -25.45 -51.85
CA ALA A 299 -6.82 -26.26 -51.47
C ALA A 299 -7.76 -26.48 -52.64
N GLU A 300 -8.07 -25.42 -53.39
CA GLU A 300 -9.04 -25.61 -54.47
C GLU A 300 -8.45 -26.46 -55.57
N SER A 301 -7.12 -26.42 -55.75
CA SER A 301 -6.49 -27.28 -56.74
C SER A 301 -6.79 -28.75 -56.47
N ASN A 302 -6.80 -29.15 -55.19
CA ASN A 302 -7.08 -30.54 -54.85
C ASN A 302 -8.58 -30.85 -54.97
N PHE A 303 -9.45 -29.93 -54.53
CA PHE A 303 -10.91 -30.12 -54.64
C PHE A 303 -11.45 -29.18 -55.73
N ASN A 304 -11.60 -29.73 -56.94
CA ASN A 304 -12.01 -28.94 -58.09
C ASN A 304 -13.40 -28.34 -57.86
N LYS A 305 -13.47 -27.02 -57.93
CA LYS A 305 -14.75 -26.33 -57.88
C LYS A 305 -15.15 -26.07 -59.32
N ASP A 306 -16.00 -26.95 -59.85
CA ASP A 306 -16.44 -26.86 -61.23
C ASP A 306 -17.64 -25.90 -61.33
N ASN A 307 -18.01 -25.59 -62.57
CA ASN A 307 -19.15 -24.73 -62.80
C ASN A 307 -20.42 -25.39 -62.30
N ILE A 308 -21.38 -24.56 -61.88
CA ILE A 308 -22.60 -25.05 -61.26
C ILE A 308 -23.64 -25.28 -62.35
N LEU A 309 -24.07 -26.54 -62.51
CA LEU A 309 -25.10 -26.93 -63.49
C LEU A 309 -26.45 -26.93 -62.78
N ILE A 310 -27.25 -25.89 -62.99
CA ILE A 310 -28.55 -25.86 -62.35
C ILE A 310 -29.45 -26.91 -62.98
N ASP A 311 -30.24 -27.59 -62.15
CA ASP A 311 -31.19 -28.56 -62.67
C ASP A 311 -32.20 -27.87 -63.58
N PRO A 312 -32.51 -28.46 -64.75
CA PRO A 312 -33.38 -27.74 -65.71
C PRO A 312 -34.78 -27.44 -65.18
N ASN A 313 -35.42 -28.38 -64.49
CA ASN A 313 -36.72 -28.11 -63.85
C ASN A 313 -36.52 -28.00 -62.34
N GLU A 314 -35.84 -26.91 -61.95
CA GLU A 314 -35.79 -26.44 -60.58
C GLU A 314 -36.45 -25.07 -60.52
N ASP A 315 -37.31 -24.88 -59.53
CA ASP A 315 -38.20 -23.72 -59.49
C ASP A 315 -37.45 -22.51 -58.97
N LEU A 316 -37.00 -21.66 -59.89
CA LEU A 316 -36.29 -20.45 -59.55
C LEU A 316 -37.08 -19.21 -59.96
N ASN A 317 -38.36 -19.38 -60.26
CA ASN A 317 -39.16 -18.26 -60.74
C ASN A 317 -39.32 -17.18 -59.68
N ASP A 318 -39.30 -17.57 -58.40
CA ASP A 318 -39.48 -16.57 -57.36
C ASP A 318 -38.21 -16.36 -56.54
N PHE A 319 -37.07 -16.88 -57.03
CA PHE A 319 -35.88 -17.03 -56.20
C PHE A 319 -35.30 -15.69 -55.77
N GLU A 320 -35.25 -14.72 -56.69
CA GLU A 320 -34.69 -13.41 -56.34
C GLU A 320 -35.42 -12.81 -55.17
N ASN A 321 -36.73 -12.99 -55.13
CA ASN A 321 -37.53 -12.33 -54.13
C ASN A 321 -37.51 -13.12 -52.81
N ASP A 322 -37.26 -14.44 -52.90
CA ASP A 322 -36.99 -15.28 -51.72
C ASP A 322 -35.67 -14.92 -51.10
N LEU A 323 -34.67 -14.60 -51.94
CA LEU A 323 -33.40 -14.15 -51.42
C LEU A 323 -33.53 -12.79 -50.75
N LEU A 324 -34.38 -11.93 -51.31
CA LEU A 324 -34.65 -10.64 -50.67
C LEU A 324 -35.26 -10.84 -49.28
N ASN A 325 -36.18 -11.80 -49.13
CA ASN A 325 -36.78 -12.09 -47.82
C ASN A 325 -35.82 -12.78 -46.89
N ALA A 326 -34.99 -13.68 -47.42
CA ALA A 326 -34.02 -14.35 -46.59
C ALA A 326 -33.07 -13.34 -45.99
N LEU A 327 -32.58 -12.41 -46.84
CA LEU A 327 -31.65 -11.41 -46.36
C LEU A 327 -32.31 -10.51 -45.31
N TYR A 328 -33.56 -10.14 -45.53
CA TYR A 328 -34.23 -9.35 -44.52
C TYR A 328 -34.37 -10.17 -43.24
N CYS A 329 -34.65 -11.45 -43.39
CA CYS A 329 -34.89 -12.32 -42.24
C CYS A 329 -33.62 -12.48 -41.40
N CYS A 330 -32.47 -12.64 -42.07
CA CYS A 330 -31.19 -12.73 -41.38
C CYS A 330 -30.83 -11.42 -40.70
N LYS A 331 -31.24 -10.28 -41.25
CA LYS A 331 -30.97 -9.02 -40.56
C LYS A 331 -31.74 -8.94 -39.26
N ILE A 332 -32.98 -9.43 -39.24
CA ILE A 332 -33.70 -9.51 -37.99
C ILE A 332 -32.99 -10.46 -37.04
N ILE A 333 -32.58 -11.63 -37.53
CA ILE A 333 -31.90 -12.58 -36.67
C ILE A 333 -30.58 -12.01 -36.18
N SER A 334 -29.81 -11.38 -37.08
CA SER A 334 -28.49 -10.88 -36.72
C SER A 334 -28.57 -9.74 -35.71
N TYR A 335 -29.49 -8.79 -35.91
CA TYR A 335 -29.66 -7.71 -34.94
C TYR A 335 -30.19 -8.23 -33.61
N THR A 336 -31.00 -9.30 -33.62
CA THR A 336 -31.49 -9.85 -32.36
C THR A 336 -30.31 -10.26 -31.48
N GLN A 337 -29.28 -10.88 -32.07
CA GLN A 337 -28.09 -11.21 -31.29
C GLN A 337 -27.39 -9.97 -30.76
N GLY A 338 -27.18 -8.97 -31.62
CA GLY A 338 -26.43 -7.79 -31.21
C GLY A 338 -27.13 -7.04 -30.09
N LEU A 339 -28.44 -6.85 -30.21
CA LEU A 339 -29.13 -6.13 -29.17
C LEU A 339 -29.25 -6.95 -27.89
N PHE A 340 -29.26 -8.28 -28.02
CA PHE A 340 -29.26 -9.12 -26.82
C PHE A 340 -27.95 -9.00 -26.06
N LEU A 341 -26.82 -8.96 -26.79
CA LEU A 341 -25.52 -8.75 -26.14
C LEU A 341 -25.49 -7.44 -25.37
N LEU A 342 -25.96 -6.37 -26.01
CA LEU A 342 -25.97 -5.04 -25.41
C LEU A 342 -26.85 -5.00 -24.17
N LYS A 343 -28.00 -5.69 -24.19
CA LYS A 343 -28.86 -5.71 -23.00
C LYS A 343 -28.23 -6.47 -21.84
N GLN A 344 -27.61 -7.62 -22.11
CA GLN A 344 -27.01 -8.41 -21.05
C GLN A 344 -25.89 -7.64 -20.37
N VAL A 345 -25.02 -7.02 -21.18
CA VAL A 345 -23.88 -6.29 -20.63
C VAL A 345 -24.35 -5.03 -19.92
N SER A 346 -25.39 -4.39 -20.43
CA SER A 346 -25.86 -3.19 -19.75
C SER A 346 -26.30 -3.51 -18.33
N GLU A 347 -26.83 -4.72 -18.11
CA GLU A 347 -27.25 -5.07 -16.76
C GLU A 347 -26.05 -5.39 -15.87
N GLU A 348 -25.03 -6.08 -16.43
CA GLU A 348 -23.86 -6.42 -15.65
C GLU A 348 -23.02 -5.18 -15.28
N MET A 349 -23.20 -4.07 -15.97
CA MET A 349 -22.40 -2.88 -15.74
C MET A 349 -23.16 -1.72 -15.09
N ASN A 350 -24.44 -1.92 -14.76
CA ASN A 350 -25.30 -0.86 -14.24
C ASN A 350 -25.26 0.36 -15.14
N TRP A 351 -25.32 0.12 -16.45
CA TRP A 351 -25.25 1.18 -17.46
C TRP A 351 -26.62 1.79 -17.82
N LYS A 352 -27.71 1.02 -17.69
CA LYS A 352 -29.07 1.54 -17.97
C LYS A 352 -29.20 2.03 -19.41
N LEU A 353 -28.68 1.27 -20.37
CA LEU A 353 -28.79 1.63 -21.77
C LEU A 353 -30.24 1.67 -22.22
N ASN A 354 -30.55 2.66 -23.05
CA ASN A 354 -31.88 2.83 -23.65
C ASN A 354 -31.75 2.36 -25.10
N LEU A 355 -32.10 1.10 -25.35
CA LEU A 355 -31.93 0.58 -26.69
C LEU A 355 -32.85 1.26 -27.69
N GLY A 356 -33.95 1.87 -27.23
CA GLY A 356 -34.74 2.70 -28.14
C GLY A 356 -33.92 3.88 -28.64
N GLU A 357 -33.12 4.48 -27.75
CA GLU A 357 -32.32 5.61 -28.15
C GLU A 357 -31.08 5.18 -28.94
N ILE A 358 -30.54 4.01 -28.63
CA ILE A 358 -29.41 3.52 -29.41
C ILE A 358 -29.82 3.27 -30.86
N ALA A 359 -30.99 2.65 -31.05
CA ALA A 359 -31.50 2.40 -32.41
C ALA A 359 -31.78 3.70 -33.13
N ARG A 360 -32.33 4.67 -32.40
CA ARG A 360 -32.70 5.94 -33.01
C ARG A 360 -31.47 6.65 -33.56
N ILE A 361 -30.38 6.69 -32.80
CA ILE A 361 -29.24 7.45 -33.30
C ILE A 361 -28.51 6.73 -34.41
N TRP A 362 -28.81 5.46 -34.63
CA TRP A 362 -28.22 4.70 -35.71
C TRP A 362 -29.02 4.78 -37.00
N ARG A 363 -30.11 5.56 -37.00
CA ARG A 363 -30.92 5.65 -38.21
C ARG A 363 -30.19 6.44 -39.29
N GLY A 364 -29.28 7.34 -38.88
CA GLY A 364 -28.49 8.11 -39.82
C GLY A 364 -27.05 8.26 -39.34
N GLY A 365 -26.22 8.72 -40.26
CA GLY A 365 -24.82 8.97 -39.92
C GLY A 365 -23.92 7.76 -39.99
N CYS A 366 -24.28 6.68 -39.32
CA CYS A 366 -23.42 5.52 -39.19
C CYS A 366 -23.47 4.64 -40.44
N ILE A 367 -22.63 3.61 -40.46
CA ILE A 367 -22.50 2.75 -41.63
C ILE A 367 -23.70 1.82 -41.80
N ILE A 368 -24.33 1.42 -40.70
CA ILE A 368 -25.42 0.46 -40.72
C ILE A 368 -26.74 1.20 -40.83
N ARG A 369 -26.68 2.54 -40.91
CA ARG A 369 -27.82 3.37 -41.25
C ARG A 369 -28.75 2.68 -42.26
N ALA A 370 -30.05 2.71 -41.96
CA ALA A 370 -31.04 1.98 -42.73
C ALA A 370 -32.41 2.26 -42.14
N VAL A 371 -33.44 2.20 -43.00
CA VAL A 371 -34.82 2.32 -42.56
C VAL A 371 -35.16 1.22 -41.57
N PHE A 372 -34.53 0.06 -41.72
CA PHE A 372 -34.73 -1.07 -40.82
C PHE A 372 -34.45 -0.70 -39.34
N LEU A 373 -33.49 0.21 -39.08
CA LEU A 373 -33.22 0.59 -37.69
C LEU A 373 -34.33 1.44 -37.10
N ASP A 374 -35.05 2.19 -37.93
CA ASP A 374 -36.17 2.98 -37.45
C ASP A 374 -37.28 2.05 -36.96
N ARG A 375 -37.40 0.91 -37.62
CA ARG A 375 -38.34 -0.13 -37.21
C ARG A 375 -37.93 -0.76 -35.88
N ILE A 376 -36.62 -0.97 -35.65
CA ILE A 376 -36.17 -1.46 -34.36
C ILE A 376 -36.47 -0.44 -33.27
N ALA A 377 -36.23 0.85 -33.56
CA ALA A 377 -36.51 1.87 -32.56
C ALA A 377 -37.99 1.85 -32.16
N ASN A 378 -38.91 1.66 -33.12
CA ASN A 378 -40.33 1.60 -32.74
C ASN A 378 -40.66 0.35 -31.92
N ALA A 379 -39.95 -0.77 -32.14
CA ALA A 379 -40.18 -1.95 -31.31
C ALA A 379 -39.89 -1.64 -29.84
N TYR A 380 -38.86 -0.83 -29.59
CA TYR A 380 -38.55 -0.48 -28.21
C TYR A 380 -39.45 0.62 -27.70
N LYS A 381 -39.94 1.51 -28.58
CA LYS A 381 -40.91 2.50 -28.12
C LYS A 381 -42.18 1.81 -27.69
N ASN A 382 -42.42 0.64 -28.25
CA ASN A 382 -43.70 -0.01 -28.09
C ASN A 382 -43.66 -0.86 -26.83
N ASN A 383 -42.52 -1.53 -26.58
CA ASN A 383 -42.21 -2.19 -25.31
C ASN A 383 -40.74 -1.97 -25.00
N GLU A 384 -40.42 -1.30 -23.91
CA GLU A 384 -39.01 -1.15 -23.54
C GLU A 384 -38.46 -2.37 -22.79
N LYS A 385 -39.32 -3.27 -22.34
CA LYS A 385 -38.90 -4.50 -21.67
C LYS A 385 -38.58 -5.62 -22.66
N LEU A 386 -38.73 -5.36 -23.95
CA LEU A 386 -38.57 -6.38 -24.97
C LEU A 386 -37.20 -7.05 -24.83
N GLU A 387 -37.19 -8.38 -24.73
CA GLU A 387 -35.91 -9.06 -24.50
C GLU A 387 -35.24 -9.56 -25.78
N LEU A 388 -35.94 -10.29 -26.63
CA LEU A 388 -35.45 -10.59 -27.97
C LEU A 388 -36.19 -9.75 -28.98
N LEU A 389 -35.49 -9.28 -30.01
CA LEU A 389 -36.11 -8.36 -30.95
C LEU A 389 -37.16 -9.07 -31.81
N PHE A 390 -36.93 -10.32 -32.19
CA PHE A 390 -37.93 -10.97 -33.02
C PHE A 390 -39.13 -11.46 -32.20
N LEU A 391 -39.21 -11.14 -30.91
CA LEU A 391 -40.42 -11.38 -30.13
C LEU A 391 -41.38 -10.20 -30.17
N ASP A 392 -41.00 -9.10 -30.82
CA ASP A 392 -41.94 -8.02 -31.11
C ASP A 392 -43.01 -8.54 -32.07
N ASN A 393 -44.23 -8.04 -31.91
CA ASN A 393 -45.34 -8.63 -32.67
C ASN A 393 -45.13 -8.46 -34.17
N GLU A 394 -44.65 -7.29 -34.62
CA GLU A 394 -44.49 -7.07 -36.05
C GLU A 394 -43.29 -7.84 -36.62
N PHE A 395 -42.18 -7.93 -35.87
CA PHE A 395 -41.07 -8.77 -36.30
C PHE A 395 -41.40 -10.25 -36.21
N SER A 396 -42.27 -10.62 -35.26
CA SER A 396 -42.75 -11.99 -35.17
C SER A 396 -43.40 -12.44 -36.47
N ASP A 397 -44.33 -11.63 -36.97
CA ASP A 397 -45.07 -11.96 -38.20
C ASP A 397 -44.15 -11.89 -39.42
N ASP A 398 -43.21 -10.96 -39.41
CA ASP A 398 -42.20 -10.92 -40.47
C ASP A 398 -41.42 -12.24 -40.55
N ILE A 399 -41.00 -12.76 -39.40
CA ILE A 399 -40.25 -14.01 -39.35
C ILE A 399 -41.11 -15.15 -39.87
N LYS A 400 -42.32 -15.28 -39.32
CA LYS A 400 -43.21 -16.36 -39.75
C LYS A 400 -43.44 -16.35 -41.25
N ASN A 401 -43.50 -15.16 -41.86
CA ASN A 401 -43.79 -15.06 -43.29
C ASN A 401 -42.56 -15.31 -44.14
N LYS A 402 -41.38 -14.88 -43.67
CA LYS A 402 -40.17 -14.91 -44.48
C LYS A 402 -39.22 -16.07 -44.15
N LEU A 403 -39.53 -16.86 -43.14
CA LEU A 403 -38.59 -17.91 -42.77
C LEU A 403 -38.54 -19.00 -43.85
N PRO A 404 -39.67 -19.37 -44.47
CA PRO A 404 -39.57 -20.30 -45.61
C PRO A 404 -38.69 -19.79 -46.74
N SER A 405 -38.63 -18.47 -46.97
CA SER A 405 -37.67 -17.94 -47.93
C SER A 405 -36.23 -18.22 -47.49
N LEU A 406 -35.93 -18.02 -46.21
CA LEU A 406 -34.61 -18.37 -45.68
C LEU A 406 -34.32 -19.87 -45.83
N ARG A 407 -35.31 -20.73 -45.54
CA ARG A 407 -35.08 -22.16 -45.69
C ARG A 407 -34.82 -22.51 -47.17
N LYS A 408 -35.46 -21.81 -48.12
CA LYS A 408 -35.21 -22.10 -49.52
C LYS A 408 -33.82 -21.65 -49.95
N ILE A 409 -33.32 -20.54 -49.40
CA ILE A 409 -32.01 -20.05 -49.81
C ILE A 409 -30.93 -21.00 -49.32
N VAL A 410 -31.04 -21.43 -48.06
CA VAL A 410 -30.06 -22.36 -47.52
C VAL A 410 -30.14 -23.72 -48.24
N LEU A 411 -31.36 -24.18 -48.57
CA LEU A 411 -31.48 -25.45 -49.27
C LEU A 411 -30.75 -25.40 -50.63
N MET A 412 -30.89 -24.29 -51.35
CA MET A 412 -30.30 -24.26 -52.70
C MET A 412 -28.81 -24.03 -52.66
N ALA A 413 -28.33 -23.21 -51.72
CA ALA A 413 -26.89 -23.01 -51.61
C ALA A 413 -26.19 -24.27 -51.15
N THR A 414 -26.83 -25.04 -50.25
CA THR A 414 -26.26 -26.32 -49.85
C THR A 414 -26.20 -27.28 -51.03
N LYS A 415 -27.27 -27.35 -51.82
CA LYS A 415 -27.35 -28.23 -52.99
C LYS A 415 -26.24 -27.96 -53.99
N TYR A 416 -25.88 -26.70 -54.18
CA TYR A 416 -24.95 -26.30 -55.25
C TYR A 416 -23.59 -25.82 -54.72
N SER A 417 -23.24 -26.19 -53.48
CA SER A 417 -21.90 -25.98 -52.91
C SER A 417 -21.47 -24.51 -52.90
N ILE A 418 -22.39 -23.62 -52.55
CA ILE A 418 -22.09 -22.19 -52.36
C ILE A 418 -21.92 -21.95 -50.87
N PRO A 419 -20.77 -21.46 -50.41
CA PRO A 419 -20.57 -21.21 -48.97
C PRO A 419 -21.36 -19.99 -48.51
N ILE A 420 -22.24 -20.21 -47.54
CA ILE A 420 -23.08 -19.17 -46.92
C ILE A 420 -23.10 -19.32 -45.39
N PRO A 421 -21.97 -19.12 -44.72
CA PRO A 421 -21.97 -19.31 -43.26
C PRO A 421 -22.91 -18.40 -42.49
N ALA A 422 -23.05 -17.13 -42.88
CA ALA A 422 -23.92 -16.22 -42.13
C ALA A 422 -25.39 -16.58 -42.30
N PHE A 423 -25.79 -17.02 -43.48
CA PHE A 423 -27.17 -17.45 -43.64
C PHE A 423 -27.44 -18.70 -42.82
N SER A 424 -26.49 -19.64 -42.82
CA SER A 424 -26.64 -20.89 -42.07
C SER A 424 -26.65 -20.63 -40.57
N ALA A 425 -25.74 -19.78 -40.10
CA ALA A 425 -25.67 -19.50 -38.68
C ALA A 425 -26.95 -18.82 -38.19
N SER A 426 -27.48 -17.88 -38.97
CA SER A 426 -28.70 -17.18 -38.58
C SER A 426 -29.91 -18.12 -38.58
N LEU A 427 -30.01 -19.02 -39.54
CA LEU A 427 -31.13 -19.94 -39.54
C LEU A 427 -30.99 -20.91 -38.39
N ALA A 428 -29.79 -21.47 -38.23
CA ALA A 428 -29.51 -22.38 -37.11
C ALA A 428 -29.72 -21.71 -35.76
N TYR A 429 -29.31 -20.45 -35.64
CA TYR A 429 -29.55 -19.70 -34.42
C TYR A 429 -31.04 -19.61 -34.12
N PHE A 430 -31.84 -19.23 -35.13
CA PHE A 430 -33.26 -19.07 -34.88
C PHE A 430 -33.90 -20.37 -34.43
N GLN A 431 -33.53 -21.50 -35.07
CA GLN A 431 -34.13 -22.78 -34.70
C GLN A 431 -33.79 -23.17 -33.26
N MET A 432 -32.56 -22.89 -32.82
CA MET A 432 -32.11 -23.22 -31.47
C MET A 432 -32.76 -22.34 -30.40
N VAL A 433 -32.86 -21.04 -30.65
CA VAL A 433 -33.39 -20.13 -29.65
C VAL A 433 -34.88 -20.37 -29.47
N THR A 434 -35.52 -21.00 -30.43
CA THR A 434 -36.95 -21.26 -30.38
C THR A 434 -37.23 -22.72 -30.04
N SER A 435 -36.23 -23.43 -29.51
CA SER A 435 -36.36 -24.82 -29.13
C SER A 435 -36.42 -24.87 -27.60
N GLN A 436 -37.57 -25.31 -27.08
CA GLN A 436 -37.73 -25.41 -25.64
C GLN A 436 -36.77 -26.45 -25.07
N ASN A 437 -36.60 -27.56 -25.77
CA ASN A 437 -35.71 -28.63 -25.34
C ASN A 437 -34.65 -28.83 -26.41
N LEU A 438 -33.36 -28.75 -26.01
CA LEU A 438 -32.19 -28.96 -26.85
C LEU A 438 -31.43 -30.22 -26.41
N PRO A 439 -30.62 -30.82 -27.30
CA PRO A 439 -29.99 -32.10 -26.95
C PRO A 439 -28.84 -32.00 -25.95
N LEU A 440 -28.77 -30.89 -25.19
CA LEU A 440 -27.77 -30.75 -24.14
C LEU A 440 -28.06 -31.66 -22.96
N ASN A 441 -29.23 -32.32 -22.93
CA ASN A 441 -29.48 -33.37 -21.95
C ASN A 441 -28.52 -34.53 -22.15
N LEU A 442 -28.23 -34.86 -23.43
CA LEU A 442 -27.20 -35.84 -23.73
C LEU A 442 -25.80 -35.29 -23.42
N VAL A 443 -25.58 -33.99 -23.64
CA VAL A 443 -24.27 -33.45 -23.31
C VAL A 443 -24.02 -33.54 -21.80
N GLN A 444 -25.03 -33.20 -20.98
CA GLN A 444 -24.89 -33.33 -19.53
C GLN A 444 -24.67 -34.79 -19.11
N ALA A 445 -25.34 -35.72 -19.79
CA ALA A 445 -25.14 -37.13 -19.46
C ALA A 445 -23.73 -37.59 -19.81
N GLN A 446 -23.22 -37.22 -20.99
CA GLN A 446 -21.86 -37.63 -21.34
C GLN A 446 -20.85 -37.10 -20.33
N ARG A 447 -21.03 -35.85 -19.88
CA ARG A 447 -20.08 -35.25 -18.94
C ARG A 447 -20.16 -35.90 -17.56
N ASP A 448 -21.36 -36.31 -17.13
CA ASP A 448 -21.50 -37.04 -15.87
C ASP A 448 -20.86 -38.42 -15.95
N TYR A 449 -20.99 -39.06 -17.12
CA TYR A 449 -20.42 -40.38 -17.33
C TYR A 449 -18.91 -40.36 -17.13
N PHE A 450 -18.20 -39.46 -17.80
CA PHE A 450 -16.74 -39.53 -17.71
C PHE A 450 -16.13 -38.66 -16.60
N GLY A 451 -16.81 -37.63 -16.13
CA GLY A 451 -16.24 -36.73 -15.14
C GLY A 451 -16.95 -36.67 -13.80
N SER A 452 -18.14 -37.28 -13.72
CA SER A 452 -18.98 -37.22 -12.50
C SER A 452 -19.39 -35.78 -12.15
N HIS A 453 -19.62 -34.95 -13.18
CA HIS A 453 -19.96 -33.53 -13.01
C HIS A 453 -21.38 -33.27 -12.55
N THR A 454 -22.20 -34.31 -12.36
CA THR A 454 -23.60 -34.27 -11.93
C THR A 454 -24.49 -33.57 -12.96
N TYR A 455 -25.79 -33.78 -12.83
CA TYR A 455 -26.77 -33.19 -13.69
C TYR A 455 -27.98 -32.87 -12.85
N ARG A 456 -28.89 -32.11 -13.44
CA ARG A 456 -30.16 -31.80 -12.81
C ARG A 456 -31.28 -32.41 -13.63
N ARG A 457 -32.43 -32.56 -13.01
CA ARG A 457 -33.56 -33.29 -13.59
C ARG A 457 -34.72 -32.37 -13.96
N THR A 458 -35.60 -32.91 -14.80
CA THR A 458 -36.82 -32.20 -15.20
C THR A 458 -37.86 -32.24 -14.08
N ASP A 459 -37.97 -33.37 -13.36
CA ASP A 459 -39.04 -33.54 -12.37
C ASP A 459 -38.69 -33.09 -10.96
N ARG A 460 -37.42 -33.12 -10.55
CA ARG A 460 -37.08 -32.86 -9.16
C ARG A 460 -35.82 -32.00 -9.05
N GLU A 461 -35.69 -31.36 -7.89
CA GLU A 461 -34.56 -30.49 -7.53
C GLU A 461 -33.32 -31.30 -7.17
N GLY A 462 -32.19 -30.61 -7.23
CA GLY A 462 -30.94 -31.13 -6.70
C GLY A 462 -30.01 -31.68 -7.77
N ASN A 463 -28.79 -32.00 -7.32
CA ASN A 463 -27.77 -32.55 -8.20
C ASN A 463 -27.83 -34.05 -8.07
N TYR A 464 -27.61 -34.72 -9.19
CA TYR A 464 -27.71 -36.17 -9.24
C TYR A 464 -26.51 -36.70 -9.99
N HIS A 465 -25.96 -37.79 -9.48
CA HIS A 465 -24.89 -38.53 -10.13
C HIS A 465 -25.39 -39.94 -10.36
N THR A 466 -25.08 -40.49 -11.52
CA THR A 466 -25.53 -41.83 -11.88
C THR A 466 -24.31 -42.71 -12.11
N LEU A 467 -24.42 -43.96 -11.69
CA LEU A 467 -23.40 -44.95 -12.00
C LEU A 467 -23.79 -45.61 -13.31
N TRP A 468 -23.04 -45.32 -14.37
CA TRP A 468 -23.45 -45.79 -15.69
C TRP A 468 -22.89 -47.15 -16.05
N MET B 1 11.73 -40.57 1.73
CA MET B 1 11.41 -41.91 1.28
C MET B 1 10.49 -42.10 0.06
N CYS B 2 10.03 -41.02 -0.58
CA CYS B 2 9.03 -41.07 -1.67
C CYS B 2 9.58 -40.69 -3.03
N ASP B 3 9.11 -41.40 -4.07
CA ASP B 3 9.52 -41.13 -5.45
C ASP B 3 8.92 -39.84 -5.96
N ILE B 4 7.70 -39.52 -5.52
CA ILE B 4 6.98 -38.39 -6.05
C ILE B 4 5.89 -38.01 -5.05
N GLY B 5 5.50 -36.74 -5.06
CA GLY B 5 4.37 -36.29 -4.27
C GLY B 5 3.23 -35.80 -5.13
N LEU B 6 2.03 -35.76 -4.56
CA LEU B 6 0.82 -35.34 -5.26
C LEU B 6 -0.02 -34.49 -4.32
N ILE B 7 -0.46 -33.32 -4.79
CA ILE B 7 -1.30 -32.44 -4.00
C ILE B 7 -2.65 -32.34 -4.70
N GLY B 8 -3.72 -32.52 -3.94
CA GLY B 8 -5.07 -32.47 -4.45
C GLY B 8 -5.69 -33.84 -4.60
N LEU B 9 -6.62 -34.20 -3.72
CA LEU B 9 -7.13 -35.57 -3.70
C LEU B 9 -8.64 -35.55 -3.86
N ALA B 10 -9.06 -35.11 -5.03
CA ALA B 10 -10.43 -35.33 -5.47
C ALA B 10 -10.44 -36.77 -5.98
N VAL B 11 -11.56 -37.23 -6.54
CA VAL B 11 -11.52 -38.62 -6.98
C VAL B 11 -10.46 -38.82 -8.05
N MET B 12 -10.21 -37.79 -8.87
CA MET B 12 -9.19 -37.90 -9.92
C MET B 12 -7.78 -38.01 -9.32
N GLY B 13 -7.46 -37.17 -8.33
CA GLY B 13 -6.16 -37.27 -7.69
C GLY B 13 -5.96 -38.57 -6.94
N GLN B 14 -7.03 -39.06 -6.30
CA GLN B 14 -6.97 -40.34 -5.61
C GLN B 14 -6.66 -41.48 -6.57
N ASN B 15 -7.36 -41.48 -7.70
CA ASN B 15 -7.16 -42.50 -8.73
C ASN B 15 -5.76 -42.44 -9.31
N LEU B 16 -5.25 -41.25 -9.61
CA LEU B 16 -3.89 -41.19 -10.14
C LEU B 16 -2.85 -41.64 -9.11
N SER B 17 -3.10 -41.39 -7.82
CA SER B 17 -2.17 -41.85 -6.80
C SER B 17 -2.14 -43.37 -6.73
N LEU B 18 -3.32 -44.00 -6.79
CA LEU B 18 -3.38 -45.46 -6.82
C LEU B 18 -2.74 -46.03 -8.08
N ASN B 19 -2.85 -45.31 -9.19
CA ASN B 19 -2.23 -45.71 -10.44
C ASN B 19 -0.69 -45.71 -10.31
N ILE B 20 -0.13 -44.64 -9.73
CA ILE B 20 1.32 -44.49 -9.64
C ILE B 20 1.93 -45.55 -8.75
N SER B 21 1.28 -45.90 -7.63
CA SER B 21 1.81 -46.96 -6.77
C SER B 21 1.56 -48.35 -7.34
N SER B 22 0.47 -48.55 -8.10
CA SER B 22 0.21 -49.85 -8.69
C SER B 22 1.29 -50.20 -9.71
N LYS B 23 2.05 -49.22 -10.17
CA LYS B 23 3.14 -49.45 -11.09
C LYS B 23 4.48 -49.45 -10.37
N GLY B 24 4.47 -49.70 -9.06
CA GLY B 24 5.68 -49.96 -8.31
C GLY B 24 6.44 -48.75 -7.86
N PHE B 25 5.76 -47.63 -7.63
CA PHE B 25 6.39 -46.42 -7.15
C PHE B 25 5.90 -46.08 -5.75
N LYS B 26 6.76 -45.44 -4.97
CA LYS B 26 6.38 -44.92 -3.66
C LYS B 26 5.92 -43.48 -3.83
N ILE B 27 4.64 -43.22 -3.55
CA ILE B 27 4.04 -41.90 -3.78
C ILE B 27 3.56 -41.35 -2.44
N GLY B 28 3.98 -40.13 -2.13
CA GLY B 28 3.44 -39.39 -1.01
C GLY B 28 2.30 -38.51 -1.47
N VAL B 29 1.38 -38.20 -0.57
CA VAL B 29 0.10 -37.61 -0.96
C VAL B 29 -0.38 -36.65 0.13
N TYR B 30 -0.94 -35.50 -0.29
CA TYR B 30 -1.49 -34.47 0.61
C TYR B 30 -2.75 -33.84 0.03
N ASN B 31 -3.67 -33.47 0.92
CA ASN B 31 -4.85 -32.70 0.58
C ASN B 31 -5.21 -31.81 1.76
N ARG B 32 -5.66 -30.59 1.45
CA ARG B 32 -5.94 -29.58 2.48
C ARG B 32 -6.93 -30.12 3.51
N THR B 33 -8.15 -30.46 3.09
CA THR B 33 -9.04 -31.21 3.96
C THR B 33 -8.48 -32.62 4.18
N TYR B 34 -7.97 -32.86 5.38
CA TYR B 34 -7.25 -34.11 5.61
C TYR B 34 -8.14 -35.34 5.46
N GLU B 35 -9.45 -35.17 5.60
CA GLU B 35 -10.39 -36.29 5.57
C GLU B 35 -10.33 -37.04 4.24
N ARG B 36 -10.11 -36.33 3.13
CA ARG B 36 -9.95 -37.01 1.85
C ARG B 36 -8.63 -37.78 1.78
N THR B 37 -7.58 -37.25 2.42
CA THR B 37 -6.29 -37.94 2.42
C THR B 37 -6.42 -39.31 3.08
N GLU B 38 -7.17 -39.38 4.17
CA GLU B 38 -7.33 -40.65 4.85
C GLU B 38 -8.15 -41.63 4.04
N GLU B 39 -9.14 -41.15 3.30
CA GLU B 39 -9.87 -42.08 2.43
C GLU B 39 -9.01 -42.63 1.31
N THR B 40 -8.02 -41.86 0.87
CA THR B 40 -7.12 -42.37 -0.14
C THR B 40 -6.32 -43.54 0.43
N MET B 41 -5.90 -43.44 1.70
CA MET B 41 -5.18 -44.55 2.31
C MET B 41 -6.07 -45.78 2.48
N LYS B 42 -7.35 -45.58 2.76
CA LYS B 42 -8.26 -46.70 2.95
C LYS B 42 -8.50 -47.44 1.64
N ARG B 43 -8.62 -46.70 0.53
CA ARG B 43 -8.72 -47.34 -0.77
C ARG B 43 -7.42 -48.04 -1.14
N ALA B 44 -6.28 -47.42 -0.84
CA ALA B 44 -5.01 -48.09 -1.07
C ALA B 44 -4.93 -49.42 -0.31
N LYS B 45 -5.41 -49.44 0.95
CA LYS B 45 -5.32 -50.63 1.79
C LYS B 45 -6.26 -51.73 1.29
N GLU B 46 -7.48 -51.37 0.91
CA GLU B 46 -8.43 -52.35 0.40
C GLU B 46 -8.05 -52.85 -0.98
N GLU B 47 -7.19 -52.12 -1.70
CA GLU B 47 -6.67 -52.54 -3.01
C GLU B 47 -5.21 -53.00 -2.90
N ASN B 48 -4.73 -53.25 -1.68
CA ASN B 48 -3.42 -53.86 -1.43
C ASN B 48 -2.27 -53.06 -2.06
N LEU B 49 -2.40 -51.73 -2.04
CA LEU B 49 -1.36 -50.83 -2.52
C LEU B 49 -0.94 -49.91 -1.39
N VAL B 50 0.26 -49.34 -1.47
CA VAL B 50 0.76 -48.49 -0.39
C VAL B 50 0.85 -47.04 -0.88
N VAL B 51 0.17 -46.14 -0.17
CA VAL B 51 0.22 -44.69 -0.38
C VAL B 51 0.48 -43.99 0.93
N TYR B 52 1.52 -43.17 0.97
CA TYR B 52 1.90 -42.43 2.17
C TYR B 52 1.16 -41.11 2.19
N GLY B 53 0.32 -40.94 3.21
CA GLY B 53 -0.50 -39.75 3.35
C GLY B 53 0.08 -38.82 4.41
N TYR B 54 0.12 -37.52 4.11
CA TYR B 54 0.68 -36.52 4.99
C TYR B 54 -0.35 -35.45 5.34
N LYS B 55 -0.45 -35.14 6.64
CA LYS B 55 -1.45 -34.19 7.16
C LYS B 55 -1.11 -32.77 6.71
N THR B 56 0.17 -32.57 6.42
CA THR B 56 0.81 -31.28 6.23
C THR B 56 1.47 -31.27 4.86
N VAL B 57 1.56 -30.09 4.27
CA VAL B 57 2.34 -29.97 3.04
C VAL B 57 3.80 -30.31 3.36
N GLU B 58 4.29 -29.73 4.45
CA GLU B 58 5.72 -29.70 4.78
C GLU B 58 6.29 -31.11 4.99
N GLU B 59 5.57 -31.98 5.70
CA GLU B 59 6.03 -33.37 5.90
C GLU B 59 6.08 -34.14 4.60
N LEU B 60 5.22 -33.82 3.63
CA LEU B 60 5.31 -34.48 2.33
C LEU B 60 6.58 -34.06 1.58
N ILE B 61 6.93 -32.77 1.61
CA ILE B 61 8.15 -32.35 0.92
C ILE B 61 9.37 -33.00 1.56
N ASN B 62 9.36 -33.15 2.89
CA ASN B 62 10.52 -33.69 3.61
C ASN B 62 10.70 -35.20 3.47
N ASN B 63 9.80 -35.90 2.75
CA ASN B 63 9.99 -37.32 2.51
C ASN B 63 10.18 -37.63 1.02
N LEU B 64 10.53 -36.64 0.20
CA LEU B 64 10.76 -36.87 -1.23
C LEU B 64 12.25 -36.98 -1.52
N LYS B 65 12.62 -38.04 -2.24
CA LYS B 65 14.00 -38.21 -2.68
C LYS B 65 14.48 -37.00 -3.49
N LYS B 66 15.79 -36.95 -3.71
CA LYS B 66 16.21 -35.86 -4.59
C LYS B 66 16.51 -36.38 -5.99
N PRO B 67 16.19 -35.62 -7.05
CA PRO B 67 15.45 -34.36 -7.03
C PRO B 67 13.95 -34.52 -6.71
N ARG B 68 13.42 -33.63 -5.87
CA ARG B 68 12.04 -33.74 -5.43
C ARG B 68 11.05 -33.44 -6.56
N LYS B 69 10.00 -34.23 -6.63
CA LYS B 69 8.98 -34.13 -7.66
C LYS B 69 7.60 -34.14 -7.02
N VAL B 70 6.84 -33.07 -7.24
CA VAL B 70 5.50 -32.95 -6.72
C VAL B 70 4.53 -32.57 -7.85
N ILE B 71 3.39 -33.27 -7.91
CA ILE B 71 2.29 -32.98 -8.82
C ILE B 71 1.23 -32.18 -8.08
N LEU B 72 0.71 -31.15 -8.75
CA LEU B 72 -0.35 -30.31 -8.24
C LEU B 72 -1.62 -30.54 -9.06
N LEU B 73 -2.72 -30.80 -8.36
CA LEU B 73 -4.03 -31.01 -8.94
C LEU B 73 -5.06 -30.20 -8.16
N ILE B 74 -4.84 -28.91 -8.03
CA ILE B 74 -5.77 -28.07 -7.29
C ILE B 74 -6.64 -27.32 -8.28
N LYS B 75 -7.89 -27.07 -7.89
CA LYS B 75 -8.79 -26.29 -8.73
C LYS B 75 -8.16 -24.94 -9.08
N ALA B 76 -8.19 -24.58 -10.36
CA ALA B 76 -7.48 -23.39 -10.80
C ALA B 76 -8.03 -22.17 -10.07
N GLY B 77 -7.12 -21.28 -9.69
CA GLY B 77 -7.46 -20.11 -8.94
C GLY B 77 -6.29 -19.65 -8.09
N PRO B 78 -6.57 -18.80 -7.10
CA PRO B 78 -5.50 -18.32 -6.22
C PRO B 78 -4.85 -19.42 -5.37
N ALA B 79 -5.53 -20.56 -5.17
CA ALA B 79 -4.94 -21.67 -4.40
C ALA B 79 -3.72 -22.26 -5.09
N VAL B 80 -3.68 -22.20 -6.42
CA VAL B 80 -2.56 -22.78 -7.17
C VAL B 80 -1.27 -22.01 -6.86
N ASP B 81 -1.36 -20.69 -6.84
CA ASP B 81 -0.18 -19.86 -6.56
C ASP B 81 0.21 -19.92 -5.08
N GLU B 82 -0.75 -20.15 -4.18
CA GLU B 82 -0.43 -20.25 -2.76
C GLU B 82 0.51 -21.42 -2.50
N ASN B 83 0.16 -22.61 -3.03
CA ASN B 83 1.01 -23.78 -2.84
C ASN B 83 2.38 -23.59 -3.48
N ILE B 84 2.42 -23.01 -4.68
CA ILE B 84 3.68 -22.82 -5.39
C ILE B 84 4.60 -21.89 -4.61
N SER B 85 4.03 -20.80 -4.05
CA SER B 85 4.84 -19.94 -3.18
C SER B 85 5.26 -20.70 -1.94
N ASN B 86 4.36 -21.51 -1.39
CA ASN B 86 4.67 -22.31 -0.22
C ASN B 86 5.66 -23.43 -0.54
N ILE B 87 5.50 -24.08 -1.70
CA ILE B 87 6.40 -25.15 -2.08
C ILE B 87 7.81 -24.60 -2.35
N LEU B 88 7.88 -23.42 -2.97
CA LEU B 88 9.17 -22.85 -3.34
C LEU B 88 9.97 -22.41 -2.12
N LYS B 89 9.31 -22.24 -0.97
CA LYS B 89 10.02 -21.96 0.29
C LYS B 89 10.92 -23.12 0.72
N HIS B 90 10.58 -24.36 0.35
CA HIS B 90 11.31 -25.53 0.83
C HIS B 90 12.02 -26.31 -0.27
N PHE B 91 11.80 -25.97 -1.54
CA PHE B 91 12.52 -26.64 -2.61
C PHE B 91 13.87 -25.99 -2.83
N GLU B 92 14.77 -26.75 -3.42
CA GLU B 92 16.12 -26.34 -3.77
C GLU B 92 16.31 -26.49 -5.27
N LYS B 93 17.49 -26.13 -5.75
CA LYS B 93 17.79 -26.19 -7.19
C LYS B 93 17.72 -27.61 -7.70
N GLY B 94 17.16 -27.79 -8.90
CA GLY B 94 17.01 -29.11 -9.47
C GLY B 94 15.73 -29.83 -9.09
N ASP B 95 14.99 -29.34 -8.09
CA ASP B 95 13.70 -29.92 -7.76
C ASP B 95 12.68 -29.50 -8.82
N ILE B 96 11.60 -30.24 -8.91
CA ILE B 96 10.67 -30.11 -10.01
C ILE B 96 9.25 -29.91 -9.47
N ILE B 97 8.51 -28.99 -10.09
CA ILE B 97 7.08 -28.81 -9.82
C ILE B 97 6.32 -29.16 -11.10
N ILE B 98 5.27 -29.99 -10.97
CA ILE B 98 4.42 -30.42 -12.08
C ILE B 98 3.01 -29.96 -11.79
N ASP B 99 2.53 -28.98 -12.55
CA ASP B 99 1.13 -28.58 -12.46
C ASP B 99 0.34 -29.43 -13.44
N GLY B 100 -0.65 -30.16 -12.93
CA GLY B 100 -1.44 -31.06 -13.73
C GLY B 100 -2.83 -30.53 -13.99
N GLY B 101 -3.11 -29.33 -13.48
CA GLY B 101 -4.42 -28.74 -13.66
C GLY B 101 -4.66 -28.17 -15.05
N ASN B 102 -5.92 -27.95 -15.36
CA ASN B 102 -6.27 -27.33 -16.64
C ASN B 102 -6.10 -25.84 -16.46
N GLU B 103 -4.96 -25.33 -16.96
CA GLU B 103 -4.56 -23.95 -16.71
C GLU B 103 -4.54 -23.20 -18.03
N TRP B 104 -4.95 -21.92 -17.95
CA TRP B 104 -4.72 -20.94 -19.01
C TRP B 104 -3.22 -20.73 -19.17
N TYR B 105 -2.72 -20.90 -20.39
CA TYR B 105 -1.28 -21.04 -20.60
C TYR B 105 -0.50 -19.83 -20.15
N ILE B 106 -1.10 -18.65 -20.20
CA ILE B 106 -0.36 -17.44 -19.84
C ILE B 106 0.03 -17.49 -18.36
N ASN B 107 -0.89 -17.94 -17.50
CA ASN B 107 -0.60 -18.11 -16.07
C ASN B 107 0.56 -19.06 -15.84
N SER B 108 0.63 -20.13 -16.62
CA SER B 108 1.73 -21.06 -16.48
C SER B 108 3.04 -20.41 -16.89
N GLU B 109 3.02 -19.61 -17.96
CA GLU B 109 4.23 -18.96 -18.44
C GLU B 109 4.83 -18.06 -17.37
N ARG B 110 3.98 -17.34 -16.63
CA ARG B 110 4.47 -16.50 -15.54
C ARG B 110 5.06 -17.35 -14.43
N ARG B 111 4.43 -18.49 -14.14
CA ARG B 111 4.92 -19.34 -13.06
C ARG B 111 6.23 -20.01 -13.43
N ILE B 112 6.45 -20.33 -14.70
CA ILE B 112 7.70 -20.97 -15.06
C ILE B 112 8.89 -20.08 -14.72
N LYS B 113 8.80 -18.79 -15.05
CA LYS B 113 9.94 -17.90 -14.82
C LYS B 113 10.05 -17.55 -13.34
N LEU B 114 8.92 -17.34 -12.67
CA LEU B 114 8.97 -17.15 -11.23
C LEU B 114 9.62 -18.35 -10.54
N CYS B 115 9.53 -19.54 -11.14
CA CYS B 115 10.21 -20.70 -10.54
C CYS B 115 11.68 -20.73 -10.90
N LYS B 116 12.03 -20.35 -12.13
CA LYS B 116 13.42 -20.44 -12.52
C LYS B 116 14.25 -19.42 -11.77
N GLU B 117 13.61 -18.43 -11.14
CA GLU B 117 14.36 -17.47 -10.33
C GLU B 117 14.98 -18.14 -9.10
N LYS B 118 14.38 -19.22 -8.62
CA LYS B 118 14.96 -20.01 -7.56
C LYS B 118 15.54 -21.33 -8.07
N ASP B 119 15.84 -21.39 -9.37
CA ASP B 119 16.40 -22.57 -10.03
C ASP B 119 15.57 -23.82 -9.82
N VAL B 120 14.24 -23.67 -9.78
CA VAL B 120 13.32 -24.80 -9.72
C VAL B 120 12.75 -24.99 -11.12
N GLU B 121 12.78 -26.23 -11.62
CA GLU B 121 12.36 -26.51 -12.98
C GLU B 121 10.86 -26.81 -12.99
N TYR B 122 10.14 -26.17 -13.90
CA TYR B 122 8.69 -26.26 -13.94
C TYR B 122 8.22 -27.07 -15.15
N LEU B 123 7.11 -27.78 -14.96
CA LEU B 123 6.56 -28.63 -16.01
C LEU B 123 5.05 -28.47 -15.94
N ALA B 124 4.48 -27.77 -16.91
CA ALA B 124 3.05 -27.60 -17.00
C ALA B 124 2.49 -28.73 -17.88
N MET B 125 1.68 -29.59 -17.28
CA MET B 125 1.23 -30.82 -17.93
C MET B 125 -0.29 -30.91 -17.93
N GLY B 126 -0.88 -31.03 -19.13
CA GLY B 126 -2.30 -31.33 -19.25
C GLY B 126 -2.50 -32.83 -19.19
N VAL B 127 -3.61 -33.25 -18.57
CA VAL B 127 -3.96 -34.67 -18.44
C VAL B 127 -5.44 -34.82 -18.79
N SER B 128 -5.77 -35.84 -19.58
CA SER B 128 -7.15 -36.09 -19.93
C SER B 128 -7.50 -37.54 -19.70
N GLY B 129 -8.74 -37.80 -19.26
CA GLY B 129 -9.10 -39.18 -19.07
C GLY B 129 -10.19 -39.49 -18.06
N GLY B 130 -10.76 -38.43 -17.47
CA GLY B 130 -11.79 -38.62 -16.46
C GLY B 130 -11.17 -39.32 -15.26
N GLU B 131 -12.02 -39.81 -14.36
CA GLU B 131 -11.47 -40.54 -13.23
C GLU B 131 -11.10 -41.98 -13.62
N ALA B 132 -11.81 -42.58 -14.58
CA ALA B 132 -11.46 -43.92 -15.02
C ALA B 132 -10.08 -43.94 -15.64
N GLY B 133 -9.75 -42.93 -16.46
CA GLY B 133 -8.41 -42.83 -17.00
C GLY B 133 -7.36 -42.52 -15.96
N ALA B 134 -7.74 -41.78 -14.91
CA ALA B 134 -6.80 -41.46 -13.83
C ALA B 134 -6.30 -42.70 -13.12
N ARG B 135 -7.18 -43.71 -12.96
CA ARG B 135 -6.79 -44.89 -12.19
C ARG B 135 -6.05 -45.89 -13.05
N TYR B 136 -6.48 -46.07 -14.29
CA TYR B 136 -5.98 -47.15 -15.13
C TYR B 136 -5.13 -46.69 -16.30
N GLY B 137 -5.09 -45.40 -16.62
CA GLY B 137 -4.25 -44.97 -17.72
C GLY B 137 -4.86 -43.81 -18.49
N CYS B 138 -4.14 -42.69 -18.54
CA CYS B 138 -4.63 -41.45 -19.15
C CYS B 138 -3.64 -40.94 -20.21
N SER B 139 -3.99 -39.79 -20.77
CA SER B 139 -3.19 -39.11 -21.77
C SER B 139 -2.46 -37.97 -21.06
N PHE B 140 -1.11 -38.00 -21.10
CA PHE B 140 -0.25 -36.98 -20.50
C PHE B 140 0.31 -36.05 -21.54
N MET B 141 0.25 -34.75 -21.26
CA MET B 141 0.73 -33.71 -22.18
C MET B 141 1.67 -32.76 -21.45
N PRO B 142 2.86 -33.24 -21.09
CA PRO B 142 3.80 -32.39 -20.34
C PRO B 142 4.57 -31.47 -21.27
N GLY B 143 4.72 -30.23 -20.82
CA GLY B 143 5.51 -29.23 -21.52
C GLY B 143 6.24 -28.38 -20.50
N GLY B 144 7.41 -27.89 -20.90
CA GLY B 144 8.22 -27.07 -20.03
C GLY B 144 9.67 -27.49 -20.07
N SER B 145 10.27 -27.60 -18.88
CA SER B 145 11.67 -28.00 -18.77
C SER B 145 11.88 -29.40 -19.35
N LYS B 146 12.68 -29.51 -20.41
CA LYS B 146 13.01 -30.84 -20.93
C LYS B 146 13.76 -31.66 -19.87
N TYR B 147 14.55 -31.01 -19.03
CA TYR B 147 15.17 -31.69 -17.90
C TYR B 147 14.10 -32.32 -17.01
N ALA B 148 13.08 -31.54 -16.62
CA ALA B 148 11.98 -32.03 -15.80
C ALA B 148 11.29 -33.22 -16.47
N TYR B 149 11.10 -33.15 -17.80
CA TYR B 149 10.43 -34.25 -18.50
C TYR B 149 11.18 -35.57 -18.30
N ASP B 150 12.52 -35.52 -18.37
CA ASP B 150 13.32 -36.74 -18.30
C ASP B 150 13.34 -37.36 -16.90
N CYS B 151 13.19 -36.54 -15.85
CA CYS B 151 13.20 -37.04 -14.48
C CYS B 151 11.91 -37.75 -14.11
N VAL B 152 10.78 -37.35 -14.70
CA VAL B 152 9.47 -37.93 -14.44
C VAL B 152 9.04 -38.89 -15.53
N LYS B 153 9.86 -39.04 -16.57
CA LYS B 153 9.47 -39.77 -17.78
C LYS B 153 9.00 -41.18 -17.48
N GLU B 154 9.79 -41.94 -16.71
CA GLU B 154 9.44 -43.30 -16.36
C GLU B 154 8.03 -43.38 -15.77
N ILE B 155 7.70 -42.49 -14.83
CA ILE B 155 6.39 -42.59 -14.17
C ILE B 155 5.29 -42.33 -15.18
N LEU B 156 5.47 -41.34 -16.06
CA LEU B 156 4.38 -41.03 -16.99
C LEU B 156 4.22 -42.13 -18.02
N GLU B 157 5.32 -42.74 -18.46
CA GLU B 157 5.19 -43.84 -19.41
C GLU B 157 4.45 -45.02 -18.81
N LYS B 158 4.64 -45.29 -17.53
CA LYS B 158 4.01 -46.46 -16.94
C LYS B 158 2.58 -46.20 -16.49
N CYS B 159 2.24 -44.95 -16.21
CA CYS B 159 0.91 -44.60 -15.74
C CYS B 159 -0.01 -44.08 -16.84
N SER B 160 0.52 -43.83 -18.03
CA SER B 160 -0.29 -43.43 -19.16
C SER B 160 -1.03 -44.65 -19.75
N ALA B 161 -2.13 -44.37 -20.44
CA ALA B 161 -2.82 -45.41 -21.18
C ALA B 161 -1.87 -46.03 -22.20
N GLN B 162 -2.04 -47.34 -22.46
CA GLN B 162 -1.14 -48.07 -23.33
C GLN B 162 -1.89 -48.52 -24.56
N VAL B 163 -1.43 -48.06 -25.72
CA VAL B 163 -2.00 -48.43 -27.02
C VAL B 163 -0.94 -49.21 -27.79
N GLY B 164 -1.21 -50.48 -28.07
CA GLY B 164 -0.10 -51.31 -28.46
C GLY B 164 0.78 -51.35 -27.22
N ASN B 165 2.07 -51.07 -27.35
CA ASN B 165 2.82 -50.90 -26.11
C ASN B 165 3.46 -49.53 -26.02
N SER B 166 2.95 -48.58 -26.80
CA SER B 166 3.49 -47.23 -26.75
C SER B 166 2.66 -46.41 -25.77
N PRO B 167 3.31 -45.68 -24.86
CA PRO B 167 2.56 -44.90 -23.88
C PRO B 167 2.05 -43.59 -24.43
N CYS B 168 0.89 -43.18 -23.91
CA CYS B 168 0.23 -41.93 -24.30
C CYS B 168 0.82 -40.77 -23.50
N VAL B 169 2.09 -40.51 -23.78
CA VAL B 169 2.80 -39.36 -23.23
C VAL B 169 3.90 -39.00 -24.23
N THR B 170 4.20 -37.71 -24.37
CA THR B 170 5.28 -37.22 -25.22
C THR B 170 5.79 -35.93 -24.61
N TYR B 171 7.02 -35.55 -24.96
CA TYR B 171 7.50 -34.21 -24.63
C TYR B 171 6.89 -33.26 -25.64
N ILE B 172 5.96 -32.43 -25.18
CA ILE B 172 5.26 -31.56 -26.10
C ILE B 172 6.14 -30.44 -26.59
N GLY B 173 6.79 -29.74 -25.67
CA GLY B 173 7.64 -28.64 -26.01
C GLY B 173 7.96 -27.77 -24.80
N PRO B 174 8.53 -26.60 -25.07
CA PRO B 174 8.95 -25.70 -24.00
C PRO B 174 7.79 -24.91 -23.40
N GLY B 175 8.06 -24.27 -22.28
CA GLY B 175 7.07 -23.38 -21.72
C GLY B 175 5.76 -24.08 -21.40
N SER B 176 4.67 -23.34 -21.63
CA SER B 176 3.31 -23.80 -21.36
C SER B 176 2.63 -24.42 -22.59
N SER B 177 3.40 -25.00 -23.51
CA SER B 177 2.77 -25.60 -24.69
C SER B 177 1.80 -26.72 -24.31
N GLY B 178 2.10 -27.45 -23.23
CA GLY B 178 1.24 -28.55 -22.78
C GLY B 178 -0.14 -28.12 -22.35
N ASN B 179 -0.23 -26.98 -21.65
CA ASN B 179 -1.55 -26.42 -21.32
C ASN B 179 -2.32 -26.08 -22.56
N TYR B 180 -1.62 -25.61 -23.59
CA TYR B 180 -2.30 -25.19 -24.80
C TYR B 180 -2.90 -26.38 -25.56
N VAL B 181 -2.14 -27.48 -25.66
CA VAL B 181 -2.65 -28.65 -26.36
C VAL B 181 -3.77 -29.30 -25.56
N LYS B 182 -3.71 -29.27 -24.22
CA LYS B 182 -4.88 -29.78 -23.49
C LYS B 182 -6.09 -28.90 -23.76
N MET B 183 -5.86 -27.60 -23.96
CA MET B 183 -6.93 -26.67 -24.28
C MET B 183 -7.59 -27.04 -25.60
N VAL B 184 -6.78 -27.20 -26.66
CA VAL B 184 -7.32 -27.59 -27.95
C VAL B 184 -8.00 -28.96 -27.90
N HIS B 185 -7.47 -29.88 -27.07
CA HIS B 185 -8.14 -31.16 -26.85
C HIS B 185 -9.58 -30.95 -26.40
N ASN B 186 -9.76 -30.13 -25.36
CA ASN B 186 -11.10 -29.83 -24.90
C ASN B 186 -11.91 -29.06 -25.95
N GLY B 187 -11.25 -28.24 -26.77
CA GLY B 187 -11.95 -27.59 -27.86
C GLY B 187 -12.49 -28.57 -28.87
N ILE B 188 -11.64 -29.51 -29.30
CA ILE B 188 -12.08 -30.59 -30.17
C ILE B 188 -13.13 -31.45 -29.47
N GLU B 189 -12.95 -31.72 -28.18
CA GLU B 189 -13.91 -32.56 -27.44
C GLU B 189 -15.31 -31.94 -27.50
N TYR B 190 -15.40 -30.61 -27.32
CA TYR B 190 -16.69 -29.92 -27.36
C TYR B 190 -17.40 -30.12 -28.69
N GLY B 191 -16.65 -30.07 -29.81
CA GLY B 191 -17.26 -30.25 -31.12
C GLY B 191 -17.80 -31.66 -31.32
N ASP B 192 -17.02 -32.67 -30.94
CA ASP B 192 -17.45 -34.04 -31.06
C ASP B 192 -18.77 -34.24 -30.31
N MET B 193 -18.86 -33.69 -29.11
CA MET B 193 -20.10 -33.81 -28.36
C MET B 193 -21.26 -33.12 -29.08
N GLN B 194 -21.01 -31.99 -29.73
CA GLN B 194 -22.07 -31.30 -30.44
C GLN B 194 -22.51 -32.07 -31.68
N LEU B 195 -21.54 -32.60 -32.45
CA LEU B 195 -21.85 -33.37 -33.64
C LEU B 195 -22.63 -34.65 -33.32
N ILE B 196 -22.22 -35.37 -32.26
CA ILE B 196 -22.97 -36.55 -31.84
C ILE B 196 -24.37 -36.15 -31.44
N SER B 197 -24.51 -35.05 -30.70
CA SER B 197 -25.83 -34.62 -30.27
C SER B 197 -26.69 -34.18 -31.45
N GLU B 198 -26.07 -33.69 -32.52
CA GLU B 198 -26.89 -33.34 -33.69
C GLU B 198 -27.30 -34.59 -34.46
N SER B 199 -26.43 -35.61 -34.49
CA SER B 199 -26.84 -36.90 -35.04
C SER B 199 -27.97 -37.50 -34.25
N TYR B 200 -28.00 -37.26 -32.94
CA TYR B 200 -29.08 -37.78 -32.12
C TYR B 200 -30.42 -37.16 -32.53
N VAL B 201 -30.50 -35.83 -32.64
CA VAL B 201 -31.79 -35.22 -32.95
C VAL B 201 -32.25 -35.56 -34.36
N ILE B 202 -31.31 -35.66 -35.30
CA ILE B 202 -31.69 -35.99 -36.67
C ILE B 202 -32.35 -37.36 -36.71
N MET B 203 -31.70 -38.36 -36.09
CA MET B 203 -32.26 -39.72 -36.09
C MET B 203 -33.52 -39.81 -35.25
N LYS B 204 -33.65 -38.97 -34.24
CA LYS B 204 -34.85 -39.01 -33.39
C LYS B 204 -36.03 -38.30 -34.05
N HIS B 205 -35.78 -37.26 -34.86
CA HIS B 205 -36.86 -36.43 -35.37
C HIS B 205 -37.12 -36.59 -36.86
N ILE B 206 -36.16 -37.14 -37.61
CA ILE B 206 -36.38 -37.47 -39.01
C ILE B 206 -36.68 -38.95 -39.17
N LEU B 207 -35.85 -39.82 -38.58
CA LEU B 207 -36.10 -41.25 -38.69
C LEU B 207 -37.03 -41.77 -37.59
N LYS B 208 -37.39 -40.94 -36.61
CA LYS B 208 -38.30 -41.32 -35.53
C LYS B 208 -37.81 -42.54 -34.74
N TYR B 209 -36.50 -42.64 -34.51
CA TYR B 209 -35.95 -43.75 -33.73
C TYR B 209 -36.23 -43.58 -32.24
N ASP B 210 -36.49 -44.68 -31.55
CA ASP B 210 -36.58 -44.64 -30.09
C ASP B 210 -35.19 -44.83 -29.47
N ASN B 211 -35.11 -44.66 -28.14
CA ASN B 211 -33.80 -44.74 -27.50
C ASN B 211 -33.15 -46.10 -27.67
N GLN B 212 -33.96 -47.17 -27.82
CA GLN B 212 -33.39 -48.49 -28.03
C GLN B 212 -32.72 -48.60 -29.40
N LYS B 213 -33.39 -48.10 -30.45
CA LYS B 213 -32.79 -48.11 -31.77
C LYS B 213 -31.59 -47.17 -31.82
N LEU B 214 -31.71 -46.01 -31.16
CA LEU B 214 -30.60 -45.05 -31.15
C LEU B 214 -29.37 -45.68 -30.54
N SER B 215 -29.55 -46.35 -29.39
CA SER B 215 -28.42 -47.04 -28.77
C SER B 215 -27.85 -48.09 -29.69
N GLU B 216 -28.73 -48.78 -30.46
CA GLU B 216 -28.25 -49.82 -31.35
C GLU B 216 -27.44 -49.26 -32.50
N VAL B 217 -27.84 -48.11 -33.04
CA VAL B 217 -27.13 -47.52 -34.16
C VAL B 217 -25.74 -47.05 -33.76
N PHE B 218 -25.64 -46.44 -32.59
CA PHE B 218 -24.36 -45.93 -32.14
C PHE B 218 -23.38 -47.06 -31.88
N ASN B 219 -23.85 -48.18 -31.35
CA ASN B 219 -22.93 -49.29 -31.12
C ASN B 219 -22.39 -49.84 -32.42
N LYS B 220 -23.24 -49.99 -33.43
CA LYS B 220 -22.76 -50.53 -34.69
C LYS B 220 -21.91 -49.49 -35.43
N TRP B 221 -22.16 -48.18 -35.21
CA TRP B 221 -21.18 -47.20 -35.65
C TRP B 221 -19.87 -47.39 -34.91
N ASN B 222 -19.95 -47.80 -33.65
CA ASN B 222 -18.74 -48.00 -32.87
C ASN B 222 -17.92 -49.18 -33.38
N GLU B 223 -18.57 -50.15 -34.02
CA GLU B 223 -17.83 -51.27 -34.57
C GLU B 223 -17.02 -50.90 -35.82
N GLY B 224 -17.29 -49.74 -36.42
CA GLY B 224 -16.67 -49.31 -37.67
C GLY B 224 -15.72 -48.13 -37.58
N ILE B 225 -15.74 -47.23 -38.56
CA ILE B 225 -14.75 -46.14 -38.62
C ILE B 225 -14.96 -45.11 -37.52
N LEU B 226 -16.18 -45.01 -36.96
CA LEU B 226 -16.49 -44.10 -35.87
C LEU B 226 -16.12 -44.65 -34.50
N ASN B 227 -15.27 -45.69 -34.45
CA ASN B 227 -14.89 -46.31 -33.18
C ASN B 227 -14.23 -45.29 -32.27
N SER B 228 -14.88 -44.95 -31.15
CA SER B 228 -14.38 -43.92 -30.25
C SER B 228 -15.00 -44.08 -28.89
N TYR B 229 -14.37 -43.44 -27.90
CA TYR B 229 -14.90 -43.44 -26.55
C TYR B 229 -16.24 -42.72 -26.50
N LEU B 230 -16.34 -41.55 -27.16
CA LEU B 230 -17.58 -40.78 -27.09
C LEU B 230 -18.74 -41.44 -27.83
N ILE B 231 -18.50 -42.14 -28.92
CA ILE B 231 -19.61 -42.84 -29.57
C ILE B 231 -20.08 -44.01 -28.68
N GLU B 232 -19.13 -44.67 -28.01
CA GLU B 232 -19.43 -45.81 -27.16
C GLU B 232 -20.33 -45.43 -25.98
N ILE B 233 -19.99 -44.35 -25.27
CA ILE B 233 -20.74 -44.04 -24.06
C ILE B 233 -22.12 -43.46 -24.36
N THR B 234 -22.29 -42.73 -25.48
CA THR B 234 -23.65 -42.25 -25.79
C THR B 234 -24.57 -43.41 -26.15
N ALA B 235 -24.01 -44.47 -26.76
CA ALA B 235 -24.81 -45.68 -26.95
C ALA B 235 -25.23 -46.24 -25.59
N ASN B 236 -24.30 -46.29 -24.63
CA ASN B 236 -24.66 -46.73 -23.29
C ASN B 236 -25.65 -45.78 -22.67
N ILE B 237 -25.44 -44.48 -22.87
CA ILE B 237 -26.28 -43.48 -22.21
C ILE B 237 -27.72 -43.57 -22.73
N LEU B 238 -27.88 -43.76 -24.04
CA LEU B 238 -29.22 -43.78 -24.59
C LEU B 238 -30.00 -45.05 -24.22
N ALA B 239 -29.32 -46.11 -23.80
CA ALA B 239 -30.05 -47.29 -23.34
C ALA B 239 -30.41 -47.25 -21.86
N LYS B 240 -29.74 -46.42 -21.06
CA LYS B 240 -29.96 -46.50 -19.63
C LYS B 240 -31.38 -46.11 -19.25
N LYS B 241 -32.01 -46.91 -18.38
CA LYS B 241 -33.36 -46.63 -17.91
C LYS B 241 -33.32 -46.03 -16.51
N ASP B 242 -34.30 -45.17 -16.23
CA ASP B 242 -34.37 -44.46 -14.96
C ASP B 242 -34.88 -45.40 -13.88
N ASP B 243 -34.37 -45.22 -12.65
CA ASP B 243 -34.91 -45.95 -11.51
C ASP B 243 -36.12 -45.25 -10.87
N LEU B 244 -36.23 -43.92 -11.01
CA LEU B 244 -37.29 -43.15 -10.37
C LEU B 244 -38.51 -42.91 -11.25
N THR B 245 -38.46 -43.34 -12.52
CA THR B 245 -39.55 -43.21 -13.47
C THR B 245 -39.49 -44.42 -14.41
N ASN B 246 -40.49 -44.55 -15.28
CA ASN B 246 -40.45 -45.59 -16.29
C ASN B 246 -39.85 -45.10 -17.61
N ASN B 247 -39.24 -43.91 -17.59
CA ASN B 247 -38.61 -43.33 -18.77
C ASN B 247 -37.14 -43.77 -18.89
N TYR B 248 -36.54 -43.44 -20.04
CA TYR B 248 -35.10 -43.55 -20.22
C TYR B 248 -34.44 -42.41 -19.44
N LEU B 249 -33.27 -42.69 -18.85
CA LEU B 249 -32.71 -41.69 -17.94
C LEU B 249 -32.34 -40.42 -18.69
N VAL B 250 -31.83 -40.56 -19.92
CA VAL B 250 -31.38 -39.37 -20.65
C VAL B 250 -32.53 -38.41 -20.89
N ASP B 251 -33.77 -38.92 -20.99
CA ASP B 251 -34.91 -38.05 -21.20
C ASP B 251 -35.33 -37.30 -19.95
N MET B 252 -34.68 -37.57 -18.82
CA MET B 252 -35.02 -36.90 -17.58
C MET B 252 -33.92 -35.95 -17.11
N ILE B 253 -32.84 -35.84 -17.88
CA ILE B 253 -31.80 -34.86 -17.58
C ILE B 253 -32.21 -33.50 -18.15
N LEU B 254 -31.95 -32.44 -17.39
CA LEU B 254 -32.37 -31.12 -17.80
C LEU B 254 -31.26 -30.53 -18.69
N ASP B 255 -31.66 -29.78 -19.72
CA ASP B 255 -30.76 -29.37 -20.81
C ASP B 255 -30.23 -27.96 -20.59
N ILE B 256 -29.56 -27.76 -19.47
CA ILE B 256 -28.88 -26.50 -19.19
C ILE B 256 -27.45 -26.89 -18.91
N ALA B 257 -26.56 -26.60 -19.84
CA ALA B 257 -25.16 -26.96 -19.69
C ALA B 257 -24.37 -25.83 -20.32
N GLY B 258 -24.00 -24.85 -19.51
CA GLY B 258 -23.29 -23.72 -20.06
C GLY B 258 -21.82 -23.99 -20.26
N ALA B 259 -21.23 -23.18 -21.13
CA ALA B 259 -19.81 -23.27 -21.38
C ALA B 259 -19.06 -22.73 -20.18
N LYS B 260 -18.13 -23.51 -19.64
CA LYS B 260 -17.35 -23.08 -18.49
C LYS B 260 -15.90 -23.54 -18.61
N GLY B 261 -14.99 -22.57 -18.61
CA GLY B 261 -13.57 -22.85 -18.39
C GLY B 261 -12.83 -23.06 -19.72
N THR B 262 -12.17 -24.20 -19.86
CA THR B 262 -11.27 -24.40 -20.99
C THR B 262 -12.02 -24.41 -22.31
N GLY B 263 -13.36 -24.50 -22.25
CA GLY B 263 -14.13 -24.39 -23.49
C GLY B 263 -14.02 -23.02 -24.13
N LYS B 264 -14.41 -21.96 -23.39
CA LYS B 264 -14.31 -20.61 -23.94
C LYS B 264 -12.90 -20.28 -24.38
N TRP B 265 -11.89 -20.88 -23.70
CA TRP B 265 -10.52 -20.45 -23.94
C TRP B 265 -10.09 -20.72 -25.36
N THR B 266 -10.42 -21.89 -25.90
CA THR B 266 -9.96 -22.20 -27.25
C THR B 266 -10.56 -21.19 -28.25
N MET B 267 -11.81 -20.80 -28.03
CA MET B 267 -12.47 -19.84 -28.91
C MET B 267 -11.93 -18.43 -28.71
N LEU B 268 -11.62 -18.04 -27.44
CA LEU B 268 -11.00 -16.75 -27.18
C LEU B 268 -9.68 -16.61 -27.91
N GLU B 269 -8.91 -17.70 -27.94
CA GLU B 269 -7.61 -17.68 -28.55
C GLU B 269 -7.69 -17.74 -30.07
N ALA B 270 -8.67 -18.45 -30.63
CA ALA B 270 -8.82 -18.46 -32.08
C ALA B 270 -9.33 -17.11 -32.59
N THR B 271 -10.24 -16.47 -31.85
CA THR B 271 -10.71 -15.15 -32.25
C THR B 271 -9.55 -14.18 -32.25
N GLU B 272 -8.76 -14.15 -31.17
CA GLU B 272 -7.69 -13.18 -31.06
C GLU B 272 -6.65 -13.37 -32.16
N ARG B 273 -6.30 -14.62 -32.47
CA ARG B 273 -5.26 -14.92 -33.43
C ARG B 273 -5.74 -14.95 -34.89
N GLY B 274 -7.05 -14.84 -35.14
CA GLY B 274 -7.53 -14.84 -36.51
C GLY B 274 -7.45 -16.20 -37.20
N ILE B 275 -7.60 -17.29 -36.45
CA ILE B 275 -7.66 -18.65 -36.98
C ILE B 275 -9.10 -19.14 -36.86
N PRO B 276 -9.81 -19.38 -37.97
CA PRO B 276 -11.25 -19.70 -37.87
C PRO B 276 -11.50 -21.11 -37.37
N CYS B 277 -12.41 -21.21 -36.41
CA CYS B 277 -12.86 -22.48 -35.85
C CYS B 277 -14.38 -22.43 -35.79
N PRO B 278 -15.04 -22.50 -36.95
CA PRO B 278 -16.51 -22.33 -36.96
C PRO B 278 -17.25 -23.44 -36.22
N THR B 279 -16.75 -24.68 -36.30
CA THR B 279 -17.39 -25.79 -35.59
C THR B 279 -17.31 -25.60 -34.08
N MET B 280 -16.33 -24.85 -33.58
CA MET B 280 -16.24 -24.62 -32.16
C MET B 280 -17.13 -23.45 -31.71
N CYS B 281 -17.44 -22.50 -32.60
CA CYS B 281 -18.52 -21.57 -32.33
C CYS B 281 -19.82 -22.31 -32.08
N ALA B 282 -20.15 -23.23 -33.00
CA ALA B 282 -21.44 -23.91 -32.93
C ALA B 282 -21.57 -24.69 -31.62
N ALA B 283 -20.52 -25.38 -31.22
CA ALA B 283 -20.54 -26.08 -29.94
C ALA B 283 -20.73 -25.10 -28.78
N LEU B 284 -19.98 -24.00 -28.78
CA LEU B 284 -20.10 -23.04 -27.67
C LEU B 284 -21.41 -22.26 -27.71
N ASP B 285 -21.91 -21.93 -28.91
CA ASP B 285 -23.22 -21.27 -29.01
C ASP B 285 -24.34 -22.13 -28.46
N ALA B 286 -24.34 -23.43 -28.83
CA ALA B 286 -25.34 -24.37 -28.36
C ALA B 286 -25.34 -24.47 -26.84
N ARG B 287 -24.14 -24.50 -26.23
CA ARG B 287 -24.06 -24.57 -24.78
C ARG B 287 -24.46 -23.24 -24.15
N ASN B 288 -23.99 -22.14 -24.74
CA ASN B 288 -24.38 -20.83 -24.21
C ASN B 288 -25.87 -20.59 -24.40
N ILE B 289 -26.44 -21.15 -25.45
CA ILE B 289 -27.86 -20.94 -25.68
C ILE B 289 -28.68 -21.67 -24.63
N SER B 290 -28.22 -22.85 -24.22
CA SER B 290 -29.00 -23.71 -23.34
C SER B 290 -29.26 -23.10 -21.97
N VAL B 291 -28.43 -22.15 -21.53
CA VAL B 291 -28.64 -21.54 -20.22
C VAL B 291 -29.98 -20.79 -20.16
N PHE B 292 -30.40 -20.19 -21.28
CA PHE B 292 -31.60 -19.35 -21.27
C PHE B 292 -32.86 -20.17 -21.51
N LYS B 293 -33.11 -21.13 -20.60
CA LYS B 293 -34.27 -22.00 -20.78
C LYS B 293 -35.58 -21.22 -20.69
N GLU B 294 -35.67 -20.25 -19.78
CA GLU B 294 -36.91 -19.49 -19.65
C GLU B 294 -37.21 -18.74 -20.93
N LEU B 295 -36.16 -18.20 -21.58
CA LEU B 295 -36.34 -17.47 -22.81
C LEU B 295 -36.59 -18.41 -23.99
N ARG B 296 -35.96 -19.58 -24.02
CA ARG B 296 -36.23 -20.51 -25.09
C ARG B 296 -37.68 -20.99 -25.03
N THR B 297 -38.20 -21.17 -23.82
CA THR B 297 -39.56 -21.63 -23.64
C THR B 297 -40.56 -20.56 -24.03
N LYS B 298 -40.28 -19.31 -23.68
CA LYS B 298 -41.11 -18.20 -24.13
C LYS B 298 -41.03 -18.06 -25.65
N ALA B 299 -39.85 -18.33 -26.22
CA ALA B 299 -39.64 -18.19 -27.64
C ALA B 299 -40.45 -19.22 -28.42
N GLU B 300 -40.43 -20.49 -27.99
CA GLU B 300 -41.14 -21.52 -28.73
C GLU B 300 -42.66 -21.35 -28.64
N SER B 301 -43.17 -20.77 -27.55
CA SER B 301 -44.61 -20.51 -27.48
C SER B 301 -45.09 -19.64 -28.64
N ASN B 302 -44.31 -18.63 -29.01
CA ASN B 302 -44.63 -17.75 -30.14
C ASN B 302 -44.38 -18.42 -31.50
N PHE B 303 -43.26 -19.14 -31.65
CA PHE B 303 -42.92 -19.84 -32.88
C PHE B 303 -43.07 -21.35 -32.67
N ASN B 304 -44.32 -21.80 -32.60
CA ASN B 304 -44.58 -23.22 -32.40
C ASN B 304 -43.95 -24.05 -33.53
N LYS B 305 -43.08 -24.98 -33.16
CA LYS B 305 -42.55 -25.99 -34.09
C LYS B 305 -43.40 -27.26 -33.95
N ASP B 306 -44.66 -27.12 -34.34
CA ASP B 306 -45.69 -28.10 -33.98
C ASP B 306 -45.42 -29.45 -34.66
N ASN B 307 -45.54 -29.49 -35.98
CA ASN B 307 -45.53 -30.75 -36.71
C ASN B 307 -44.17 -30.99 -37.34
N ILE B 308 -43.60 -32.17 -37.07
CA ILE B 308 -42.42 -32.61 -37.79
C ILE B 308 -42.82 -33.84 -38.62
N LEU B 309 -43.57 -33.59 -39.71
CA LEU B 309 -44.20 -34.65 -40.50
C LEU B 309 -43.42 -34.85 -41.80
N ILE B 310 -42.66 -35.93 -41.85
CA ILE B 310 -41.81 -36.24 -42.98
C ILE B 310 -42.69 -36.53 -44.18
N ASP B 311 -42.50 -35.76 -45.24
CA ASP B 311 -43.20 -36.04 -46.47
C ASP B 311 -42.77 -37.41 -46.99
N PRO B 312 -43.73 -38.34 -47.21
CA PRO B 312 -43.36 -39.67 -47.72
C PRO B 312 -42.93 -39.67 -49.19
N ASN B 313 -42.60 -38.48 -49.72
CA ASN B 313 -41.97 -38.34 -51.02
C ASN B 313 -40.44 -38.31 -50.92
N GLU B 314 -39.87 -38.66 -49.76
CA GLU B 314 -38.45 -38.47 -49.51
C GLU B 314 -37.70 -39.80 -49.49
N ASP B 315 -36.54 -39.81 -50.16
CA ASP B 315 -35.68 -40.98 -50.26
C ASP B 315 -34.84 -41.09 -48.98
N LEU B 316 -35.32 -41.89 -48.03
CA LEU B 316 -34.61 -42.11 -46.78
C LEU B 316 -34.09 -43.54 -46.67
N ASN B 317 -34.04 -44.26 -47.79
CA ASN B 317 -33.60 -45.65 -47.75
C ASN B 317 -32.11 -45.76 -47.40
N ASP B 318 -31.34 -44.71 -47.68
CA ASP B 318 -29.92 -44.69 -47.39
C ASP B 318 -29.54 -43.60 -46.38
N PHE B 319 -30.52 -43.00 -45.68
CA PHE B 319 -30.28 -41.79 -44.90
C PHE B 319 -29.42 -42.04 -43.68
N GLU B 320 -29.67 -43.15 -42.97
CA GLU B 320 -28.85 -43.50 -41.81
C GLU B 320 -27.40 -43.69 -42.20
N ASN B 321 -27.14 -44.34 -43.34
CA ASN B 321 -25.76 -44.51 -43.78
C ASN B 321 -25.19 -43.22 -44.37
N ASP B 322 -26.05 -42.31 -44.81
CA ASP B 322 -25.57 -40.98 -45.18
C ASP B 322 -25.13 -40.21 -43.94
N LEU B 323 -25.86 -40.36 -42.82
CA LEU B 323 -25.52 -39.63 -41.60
C LEU B 323 -24.21 -40.11 -41.00
N LEU B 324 -23.94 -41.41 -41.05
CA LEU B 324 -22.63 -41.88 -40.59
C LEU B 324 -21.53 -41.21 -41.39
N ASN B 325 -21.69 -41.17 -42.70
CA ASN B 325 -20.70 -40.55 -43.54
C ASN B 325 -20.66 -39.04 -43.27
N ALA B 326 -21.81 -38.45 -42.98
CA ALA B 326 -21.83 -37.04 -42.63
C ALA B 326 -21.06 -36.79 -41.33
N LEU B 327 -21.32 -37.61 -40.31
CA LEU B 327 -20.65 -37.40 -39.04
C LEU B 327 -19.15 -37.63 -39.16
N TYR B 328 -18.74 -38.67 -39.88
CA TYR B 328 -17.30 -38.92 -40.04
C TYR B 328 -16.64 -37.77 -40.79
N CYS B 329 -17.35 -37.22 -41.78
CA CYS B 329 -16.79 -36.15 -42.60
C CYS B 329 -16.54 -34.89 -41.78
N CYS B 330 -17.47 -34.56 -40.86
CA CYS B 330 -17.29 -33.40 -39.99
C CYS B 330 -16.14 -33.62 -39.02
N LYS B 331 -15.87 -34.86 -38.60
CA LYS B 331 -14.74 -35.10 -37.70
C LYS B 331 -13.44 -34.72 -38.38
N ILE B 332 -13.31 -35.03 -39.67
CA ILE B 332 -12.11 -34.66 -40.43
C ILE B 332 -12.04 -33.15 -40.58
N ILE B 333 -13.17 -32.52 -40.88
CA ILE B 333 -13.20 -31.06 -41.03
C ILE B 333 -12.89 -30.40 -39.70
N SER B 334 -13.54 -30.88 -38.63
CA SER B 334 -13.39 -30.30 -37.31
C SER B 334 -11.95 -30.45 -36.80
N TYR B 335 -11.39 -31.65 -36.95
CA TYR B 335 -10.01 -31.85 -36.56
C TYR B 335 -9.08 -31.03 -37.43
N THR B 336 -9.45 -30.82 -38.69
CA THR B 336 -8.64 -29.96 -39.55
C THR B 336 -8.57 -28.54 -38.97
N GLN B 337 -9.69 -27.99 -38.50
CA GLN B 337 -9.62 -26.70 -37.83
C GLN B 337 -8.76 -26.78 -36.57
N GLY B 338 -8.96 -27.80 -35.75
CA GLY B 338 -8.24 -27.89 -34.50
C GLY B 338 -6.74 -28.00 -34.69
N LEU B 339 -6.31 -28.83 -35.65
CA LEU B 339 -4.87 -29.00 -35.86
C LEU B 339 -4.26 -27.79 -36.54
N PHE B 340 -5.04 -27.07 -37.32
CA PHE B 340 -4.54 -25.86 -37.95
C PHE B 340 -4.26 -24.79 -36.90
N LEU B 341 -5.15 -24.66 -35.92
CA LEU B 341 -4.88 -23.76 -34.82
C LEU B 341 -3.59 -24.16 -34.09
N LEU B 342 -3.41 -25.47 -33.82
CA LEU B 342 -2.21 -25.91 -33.13
C LEU B 342 -0.95 -25.59 -33.94
N LYS B 343 -0.96 -25.83 -35.24
CA LYS B 343 0.22 -25.55 -36.05
C LYS B 343 0.56 -24.06 -36.06
N GLN B 344 -0.46 -23.19 -36.18
CA GLN B 344 -0.16 -21.76 -36.29
C GLN B 344 0.41 -21.20 -34.99
N VAL B 345 -0.16 -21.61 -33.85
CA VAL B 345 0.33 -21.11 -32.57
C VAL B 345 1.73 -21.64 -32.31
N SER B 346 2.00 -22.89 -32.70
CA SER B 346 3.35 -23.42 -32.55
C SER B 346 4.36 -22.61 -33.34
N GLU B 347 3.95 -22.04 -34.47
CA GLU B 347 4.88 -21.21 -35.23
C GLU B 347 5.04 -19.84 -34.58
N GLU B 348 3.97 -19.28 -34.03
CA GLU B 348 4.08 -17.98 -33.34
C GLU B 348 4.84 -18.09 -32.03
N MET B 349 4.91 -19.28 -31.42
CA MET B 349 5.55 -19.46 -30.13
C MET B 349 6.87 -20.20 -30.19
N ASN B 350 7.35 -20.56 -31.38
CA ASN B 350 8.55 -21.38 -31.54
C ASN B 350 8.47 -22.62 -30.66
N TRP B 351 7.31 -23.27 -30.70
CA TRP B 351 7.11 -24.46 -29.90
C TRP B 351 7.54 -25.73 -30.62
N LYS B 352 7.53 -25.72 -31.96
CA LYS B 352 7.94 -26.87 -32.76
C LYS B 352 7.16 -28.14 -32.38
N LEU B 353 5.85 -27.97 -32.18
CA LEU B 353 4.99 -29.08 -31.83
C LEU B 353 5.06 -30.20 -32.86
N ASN B 354 5.02 -31.42 -32.40
CA ASN B 354 5.05 -32.61 -33.25
C ASN B 354 3.63 -33.14 -33.30
N LEU B 355 2.88 -32.69 -34.31
CA LEU B 355 1.46 -33.04 -34.39
C LEU B 355 1.23 -34.52 -34.63
N GLY B 356 2.19 -35.23 -35.23
CA GLY B 356 2.09 -36.69 -35.28
C GLY B 356 2.11 -37.29 -33.89
N GLU B 357 2.94 -36.74 -32.99
CA GLU B 357 3.02 -37.28 -31.63
C GLU B 357 1.82 -36.88 -30.79
N ILE B 358 1.26 -35.68 -31.01
CA ILE B 358 0.06 -35.27 -30.30
C ILE B 358 -1.07 -36.22 -30.63
N ALA B 359 -1.22 -36.54 -31.92
CA ALA B 359 -2.24 -37.49 -32.36
C ALA B 359 -1.98 -38.88 -31.81
N ARG B 360 -0.72 -39.30 -31.79
CA ARG B 360 -0.43 -40.62 -31.26
C ARG B 360 -0.90 -40.75 -29.82
N ILE B 361 -0.59 -39.75 -28.97
CA ILE B 361 -0.92 -39.89 -27.55
C ILE B 361 -2.41 -39.70 -27.27
N TRP B 362 -3.18 -39.24 -28.25
CA TRP B 362 -4.63 -39.09 -28.10
C TRP B 362 -5.41 -40.33 -28.51
N ARG B 363 -4.72 -41.40 -28.94
CA ARG B 363 -5.39 -42.63 -29.36
C ARG B 363 -5.92 -43.41 -28.17
N GLY B 364 -5.38 -43.18 -26.98
CA GLY B 364 -5.91 -43.79 -25.77
C GLY B 364 -5.86 -42.80 -24.63
N GLY B 365 -6.61 -43.14 -23.57
CA GLY B 365 -6.57 -42.31 -22.36
C GLY B 365 -7.47 -41.10 -22.34
N CYS B 366 -7.41 -40.27 -23.38
CA CYS B 366 -8.15 -39.02 -23.36
C CYS B 366 -9.61 -39.24 -23.76
N ILE B 367 -10.38 -38.16 -23.66
CA ILE B 367 -11.82 -38.24 -23.93
C ILE B 367 -12.13 -38.34 -25.43
N ILE B 368 -11.29 -37.75 -26.31
CA ILE B 368 -11.57 -37.74 -27.75
C ILE B 368 -10.93 -38.94 -28.44
N ARG B 369 -10.53 -39.94 -27.65
CA ARG B 369 -9.81 -41.07 -28.22
C ARG B 369 -10.68 -41.84 -29.20
N ALA B 370 -10.07 -42.23 -30.31
CA ALA B 370 -10.79 -42.84 -31.42
C ALA B 370 -9.79 -43.50 -32.36
N VAL B 371 -10.24 -44.53 -33.07
CA VAL B 371 -9.37 -45.08 -34.11
C VAL B 371 -8.98 -43.99 -35.10
N PHE B 372 -9.90 -43.03 -35.31
CA PHE B 372 -9.70 -41.94 -36.26
C PHE B 372 -8.43 -41.17 -35.99
N LEU B 373 -7.99 -41.13 -34.73
CA LEU B 373 -6.77 -40.43 -34.39
C LEU B 373 -5.53 -41.17 -34.86
N ASP B 374 -5.62 -42.51 -35.03
CA ASP B 374 -4.48 -43.28 -35.55
C ASP B 374 -4.18 -42.91 -37.00
N ARG B 375 -5.20 -42.62 -37.78
CA ARG B 375 -4.94 -42.13 -39.12
C ARG B 375 -4.24 -40.77 -39.07
N ILE B 376 -4.67 -39.88 -38.18
CA ILE B 376 -4.08 -38.55 -38.12
C ILE B 376 -2.59 -38.66 -37.80
N ALA B 377 -2.23 -39.57 -36.90
CA ALA B 377 -0.82 -39.80 -36.63
C ALA B 377 -0.08 -40.22 -37.89
N ASN B 378 -0.63 -41.20 -38.64
CA ASN B 378 0.07 -41.63 -39.85
C ASN B 378 0.05 -40.57 -40.93
N ALA B 379 -1.01 -39.77 -41.00
CA ALA B 379 -1.05 -38.71 -41.99
C ALA B 379 0.15 -37.79 -41.84
N TYR B 380 0.54 -37.50 -40.59
CA TYR B 380 1.67 -36.62 -40.30
C TYR B 380 3.00 -37.36 -40.38
N LYS B 381 3.01 -38.65 -40.09
CA LYS B 381 4.26 -39.41 -40.29
C LYS B 381 4.61 -39.43 -41.76
N ASN B 382 3.60 -39.66 -42.62
CA ASN B 382 3.82 -39.67 -44.06
C ASN B 382 4.21 -38.29 -44.59
N ASN B 383 3.64 -37.22 -44.02
CA ASN B 383 3.90 -35.83 -44.43
C ASN B 383 4.12 -34.97 -43.19
N GLU B 384 5.36 -34.56 -42.94
CA GLU B 384 5.63 -33.81 -41.72
C GLU B 384 5.16 -32.35 -41.81
N LYS B 385 5.16 -31.76 -43.01
CA LYS B 385 4.79 -30.36 -43.19
C LYS B 385 3.34 -30.19 -43.67
N LEU B 386 2.46 -31.16 -43.38
CA LEU B 386 1.07 -31.17 -43.83
C LEU B 386 0.26 -30.05 -43.19
N GLU B 387 -0.27 -29.14 -44.00
CA GLU B 387 -0.78 -27.87 -43.45
C GLU B 387 -2.26 -27.90 -43.09
N LEU B 388 -3.08 -28.53 -43.92
CA LEU B 388 -4.47 -28.85 -43.59
C LEU B 388 -4.60 -30.36 -43.55
N LEU B 389 -5.36 -30.86 -42.59
CA LEU B 389 -5.35 -32.31 -42.42
C LEU B 389 -6.03 -33.01 -43.59
N PHE B 390 -7.14 -32.47 -44.09
CA PHE B 390 -7.84 -33.15 -45.17
C PHE B 390 -7.17 -33.01 -46.52
N LEU B 391 -5.98 -32.41 -46.58
CA LEU B 391 -5.19 -32.39 -47.81
C LEU B 391 -4.27 -33.61 -47.91
N ASP B 392 -4.21 -34.44 -46.88
CA ASP B 392 -3.55 -35.73 -46.96
C ASP B 392 -4.25 -36.59 -47.99
N ASN B 393 -3.50 -37.49 -48.64
CA ASN B 393 -4.05 -38.19 -49.80
C ASN B 393 -5.31 -38.99 -49.46
N GLU B 394 -5.29 -39.77 -48.35
CA GLU B 394 -6.42 -40.62 -48.01
C GLU B 394 -7.55 -39.91 -47.25
N PHE B 395 -7.29 -38.78 -46.59
CA PHE B 395 -8.42 -38.01 -46.10
C PHE B 395 -9.10 -37.24 -47.23
N SER B 396 -8.32 -36.82 -48.23
CA SER B 396 -8.86 -36.09 -49.39
C SER B 396 -9.90 -36.94 -50.12
N ASP B 397 -9.57 -38.21 -50.38
CA ASP B 397 -10.53 -39.08 -51.04
C ASP B 397 -11.72 -39.34 -50.12
N ASP B 398 -11.47 -39.42 -48.82
CA ASP B 398 -12.54 -39.56 -47.82
C ASP B 398 -13.55 -38.42 -47.93
N ILE B 399 -13.07 -37.19 -48.04
CA ILE B 399 -13.95 -36.03 -48.20
C ILE B 399 -14.74 -36.15 -49.50
N LYS B 400 -14.03 -36.42 -50.60
CA LYS B 400 -14.65 -36.44 -51.93
C LYS B 400 -15.75 -37.51 -52.00
N ASN B 401 -15.60 -38.62 -51.29
CA ASN B 401 -16.60 -39.68 -51.31
C ASN B 401 -17.75 -39.43 -50.34
N LYS B 402 -17.46 -38.84 -49.17
CA LYS B 402 -18.46 -38.66 -48.12
C LYS B 402 -19.09 -37.28 -48.11
N LEU B 403 -18.59 -36.32 -48.87
CA LEU B 403 -19.22 -35.03 -48.70
C LEU B 403 -20.65 -35.00 -49.25
N PRO B 404 -20.97 -35.69 -50.35
CA PRO B 404 -22.37 -35.71 -50.79
C PRO B 404 -23.33 -36.23 -49.73
N SER B 405 -22.90 -37.17 -48.87
CA SER B 405 -23.70 -37.53 -47.71
C SER B 405 -23.84 -36.33 -46.76
N LEU B 406 -22.75 -35.58 -46.56
CA LEU B 406 -22.85 -34.38 -45.70
C LEU B 406 -23.87 -33.40 -46.23
N ARG B 407 -23.91 -33.17 -47.55
CA ARG B 407 -24.86 -32.20 -48.07
C ARG B 407 -26.30 -32.65 -47.85
N LYS B 408 -26.58 -33.96 -47.97
CA LYS B 408 -27.94 -34.44 -47.81
C LYS B 408 -28.44 -34.29 -46.37
N ILE B 409 -27.58 -34.51 -45.38
CA ILE B 409 -28.00 -34.31 -44.00
C ILE B 409 -28.32 -32.84 -43.73
N VAL B 410 -27.51 -31.92 -44.27
CA VAL B 410 -27.85 -30.51 -44.12
C VAL B 410 -29.16 -30.22 -44.83
N LEU B 411 -29.34 -30.80 -46.01
CA LEU B 411 -30.53 -30.57 -46.81
C LEU B 411 -31.78 -31.01 -46.05
N MET B 412 -31.73 -32.17 -45.44
CA MET B 412 -32.92 -32.70 -44.82
C MET B 412 -33.21 -31.99 -43.51
N ALA B 413 -32.17 -31.60 -42.77
CA ALA B 413 -32.38 -30.83 -41.55
C ALA B 413 -32.87 -29.41 -41.84
N THR B 414 -32.42 -28.78 -42.94
CA THR B 414 -32.96 -27.46 -43.27
C THR B 414 -34.45 -27.56 -43.59
N LYS B 415 -34.84 -28.53 -44.42
CA LYS B 415 -36.25 -28.70 -44.77
C LYS B 415 -37.13 -28.92 -43.54
N TYR B 416 -36.63 -29.62 -42.53
CA TYR B 416 -37.51 -29.99 -41.43
C TYR B 416 -37.23 -29.21 -40.15
N SER B 417 -36.58 -28.04 -40.27
CA SER B 417 -36.34 -27.12 -39.14
C SER B 417 -35.58 -27.77 -38.00
N ILE B 418 -34.59 -28.59 -38.33
CA ILE B 418 -33.77 -29.25 -37.32
C ILE B 418 -32.51 -28.40 -37.14
N PRO B 419 -32.25 -27.87 -35.95
CA PRO B 419 -31.03 -27.08 -35.72
C PRO B 419 -29.80 -27.99 -35.66
N ILE B 420 -28.86 -27.76 -36.57
CA ILE B 420 -27.59 -28.49 -36.64
C ILE B 420 -26.43 -27.52 -36.91
N PRO B 421 -26.08 -26.63 -35.96
CA PRO B 421 -25.05 -25.63 -36.27
C PRO B 421 -23.68 -26.20 -36.58
N ALA B 422 -23.29 -27.27 -35.89
CA ALA B 422 -21.97 -27.85 -36.09
C ALA B 422 -21.87 -28.52 -37.46
N PHE B 423 -22.94 -29.19 -37.91
CA PHE B 423 -22.93 -29.76 -39.26
C PHE B 423 -22.89 -28.68 -40.34
N SER B 424 -23.63 -27.59 -40.15
CA SER B 424 -23.66 -26.50 -41.13
C SER B 424 -22.32 -25.76 -41.15
N ALA B 425 -21.78 -25.44 -39.97
CA ALA B 425 -20.53 -24.70 -39.92
C ALA B 425 -19.42 -25.51 -40.55
N SER B 426 -19.43 -26.82 -40.30
CA SER B 426 -18.38 -27.66 -40.84
C SER B 426 -18.41 -27.68 -42.35
N LEU B 427 -19.61 -27.70 -42.94
CA LEU B 427 -19.70 -27.69 -44.41
C LEU B 427 -19.33 -26.33 -44.99
N ALA B 428 -19.86 -25.25 -44.41
CA ALA B 428 -19.49 -23.91 -44.87
C ALA B 428 -17.99 -23.67 -44.73
N TYR B 429 -17.40 -24.14 -43.63
CA TYR B 429 -15.96 -23.99 -43.48
C TYR B 429 -15.22 -24.68 -44.62
N PHE B 430 -15.63 -25.91 -44.92
CA PHE B 430 -14.95 -26.65 -45.97
C PHE B 430 -15.09 -25.96 -47.32
N GLN B 431 -16.29 -25.48 -47.64
CA GLN B 431 -16.48 -24.88 -48.94
C GLN B 431 -15.73 -23.55 -49.05
N MET B 432 -15.53 -22.86 -47.93
CA MET B 432 -14.78 -21.61 -47.95
C MET B 432 -13.28 -21.82 -48.03
N VAL B 433 -12.75 -22.75 -47.24
CA VAL B 433 -11.31 -22.95 -47.20
C VAL B 433 -10.79 -23.54 -48.50
N THR B 434 -11.66 -24.15 -49.28
CA THR B 434 -11.30 -24.79 -50.53
C THR B 434 -11.64 -23.91 -51.72
N SER B 435 -11.91 -22.63 -51.49
CA SER B 435 -12.28 -21.69 -52.53
C SER B 435 -11.15 -20.67 -52.75
N GLN B 436 -10.56 -20.69 -53.94
CA GLN B 436 -9.48 -19.78 -54.26
C GLN B 436 -9.94 -18.31 -54.24
N ASN B 437 -11.15 -18.02 -54.70
CA ASN B 437 -11.64 -16.64 -54.66
C ASN B 437 -12.97 -16.59 -53.92
N LEU B 438 -13.03 -15.78 -52.88
CA LEU B 438 -14.19 -15.56 -52.04
C LEU B 438 -14.69 -14.13 -52.16
N PRO B 439 -15.95 -13.86 -51.80
CA PRO B 439 -16.51 -12.51 -52.02
C PRO B 439 -15.95 -11.43 -51.11
N LEU B 440 -14.78 -11.63 -50.51
CA LEU B 440 -14.20 -10.54 -49.72
C LEU B 440 -13.68 -9.41 -50.59
N ASN B 441 -13.59 -9.60 -51.91
CA ASN B 441 -13.34 -8.46 -52.80
C ASN B 441 -14.46 -7.43 -52.70
N LEU B 442 -15.70 -7.88 -52.54
CA LEU B 442 -16.78 -6.93 -52.31
C LEU B 442 -16.66 -6.27 -50.96
N VAL B 443 -16.20 -7.02 -49.94
CA VAL B 443 -16.02 -6.44 -48.61
C VAL B 443 -14.92 -5.37 -48.63
N GLN B 444 -13.83 -5.66 -49.34
CA GLN B 444 -12.77 -4.67 -49.46
C GLN B 444 -13.27 -3.40 -50.16
N ALA B 445 -14.10 -3.55 -51.19
CA ALA B 445 -14.63 -2.39 -51.90
C ALA B 445 -15.55 -1.57 -51.00
N GLN B 446 -16.42 -2.22 -50.23
CA GLN B 446 -17.26 -1.43 -49.33
C GLN B 446 -16.40 -0.68 -48.34
N ARG B 447 -15.37 -1.35 -47.81
CA ARG B 447 -14.56 -0.70 -46.78
C ARG B 447 -13.83 0.51 -47.33
N ASP B 448 -13.37 0.43 -48.58
CA ASP B 448 -12.73 1.56 -49.24
C ASP B 448 -13.74 2.67 -49.54
N TYR B 449 -14.99 2.30 -49.84
CA TYR B 449 -16.04 3.29 -50.14
C TYR B 449 -16.25 4.22 -48.94
N PHE B 450 -16.50 3.67 -47.76
CA PHE B 450 -16.85 4.53 -46.63
C PHE B 450 -15.69 4.90 -45.71
N GLY B 451 -14.59 4.14 -45.73
CA GLY B 451 -13.51 4.39 -44.80
C GLY B 451 -12.20 4.77 -45.44
N SER B 452 -12.11 4.64 -46.76
CA SER B 452 -10.88 4.87 -47.52
C SER B 452 -9.76 3.94 -47.06
N HIS B 453 -10.12 2.72 -46.67
CA HIS B 453 -9.12 1.83 -46.14
C HIS B 453 -8.21 1.23 -47.22
N THR B 454 -8.40 1.59 -48.50
CA THR B 454 -7.56 1.16 -49.63
C THR B 454 -7.67 -0.35 -49.87
N TYR B 455 -7.30 -0.79 -51.07
CA TYR B 455 -7.40 -2.20 -51.42
C TYR B 455 -6.23 -2.58 -52.32
N ARG B 456 -6.08 -3.87 -52.52
CA ARG B 456 -5.05 -4.39 -53.39
C ARG B 456 -5.68 -5.12 -54.57
N ARG B 457 -4.91 -5.29 -55.62
CA ARG B 457 -5.50 -5.75 -56.88
C ARG B 457 -5.04 -7.14 -57.28
N THR B 458 -5.78 -7.67 -58.25
CA THR B 458 -5.49 -8.97 -58.83
C THR B 458 -4.25 -8.91 -59.69
N ASP B 459 -4.09 -7.80 -60.45
CA ASP B 459 -3.09 -7.64 -61.50
C ASP B 459 -1.78 -6.95 -61.10
N ARG B 460 -1.77 -6.07 -60.08
CA ARG B 460 -0.58 -5.24 -59.85
C ARG B 460 -0.24 -4.94 -58.38
N GLU B 461 0.97 -4.39 -58.21
CA GLU B 461 1.58 -3.91 -56.97
C GLU B 461 0.65 -2.93 -56.25
N GLY B 462 0.86 -2.81 -54.96
CA GLY B 462 0.56 -1.55 -54.32
C GLY B 462 -0.85 -1.41 -53.75
N ASN B 463 -1.02 -0.26 -53.12
CA ASN B 463 -2.25 0.20 -52.49
C ASN B 463 -3.04 1.07 -53.46
N TYR B 464 -4.37 0.97 -53.38
CA TYR B 464 -5.23 1.75 -54.25
C TYR B 464 -6.41 2.37 -53.52
N HIS B 465 -6.72 3.62 -53.85
CA HIS B 465 -7.92 4.29 -53.39
C HIS B 465 -8.76 4.64 -54.61
N THR B 466 -10.08 4.45 -54.50
CA THR B 466 -11.00 4.77 -55.57
C THR B 466 -12.04 5.77 -55.09
N LEU B 467 -12.41 6.67 -55.98
CA LEU B 467 -13.58 7.52 -55.76
C LEU B 467 -14.77 6.85 -56.45
N TRP B 468 -15.69 6.36 -55.63
CA TRP B 468 -16.78 5.61 -56.21
C TRP B 468 -17.89 6.59 -56.55
N MET C 1 29.31 -3.36 31.22
CA MET C 1 30.02 -4.34 32.02
C MET C 1 29.25 -5.60 32.38
N CYS C 2 28.01 -5.76 31.90
CA CYS C 2 27.10 -6.84 32.30
C CYS C 2 26.85 -7.88 31.21
N ASP C 3 26.80 -9.17 31.63
CA ASP C 3 26.60 -10.30 30.72
C ASP C 3 25.17 -10.42 30.19
N ILE C 4 24.17 -10.08 31.00
CA ILE C 4 22.78 -10.35 30.68
C ILE C 4 21.95 -9.35 31.45
N GLY C 5 20.81 -8.96 30.88
CA GLY C 5 19.88 -8.10 31.59
C GLY C 5 18.56 -8.78 31.86
N LEU C 6 17.80 -8.32 32.85
CA LEU C 6 16.52 -8.95 33.15
C LEU C 6 15.51 -7.88 33.56
N ILE C 7 14.32 -7.91 32.95
CA ILE C 7 13.25 -6.96 33.27
C ILE C 7 12.09 -7.72 33.90
N GLY C 8 11.59 -7.20 35.03
CA GLY C 8 10.50 -7.84 35.73
C GLY C 8 10.99 -8.58 36.95
N LEU C 9 10.65 -8.08 38.13
CA LEU C 9 11.17 -8.60 39.39
C LEU C 9 10.03 -8.97 40.31
N ALA C 10 9.23 -9.95 39.93
CA ALA C 10 8.37 -10.58 40.90
C ALA C 10 9.27 -11.60 41.59
N VAL C 11 8.71 -12.47 42.44
CA VAL C 11 9.61 -13.43 43.07
C VAL C 11 10.29 -14.28 42.00
N MET C 12 9.59 -14.55 40.90
CA MET C 12 10.17 -15.34 39.81
C MET C 12 11.39 -14.65 39.21
N GLY C 13 11.26 -13.35 38.91
CA GLY C 13 12.39 -12.64 38.34
C GLY C 13 13.56 -12.54 39.29
N GLN C 14 13.27 -12.34 40.59
CA GLN C 14 14.34 -12.21 41.57
C GLN C 14 15.14 -13.49 41.70
N ASN C 15 14.45 -14.62 41.84
CA ASN C 15 15.11 -15.91 42.04
C ASN C 15 15.99 -16.25 40.85
N LEU C 16 15.51 -15.99 39.65
CA LEU C 16 16.33 -16.26 38.48
C LEU C 16 17.57 -15.35 38.44
N SER C 17 17.48 -14.09 38.91
CA SER C 17 18.66 -13.23 38.93
C SER C 17 19.70 -13.77 39.89
N LEU C 18 19.27 -14.20 41.08
CA LEU C 18 20.19 -14.84 42.00
C LEU C 18 20.74 -16.13 41.42
N ASN C 19 19.94 -16.83 40.61
CA ASN C 19 20.43 -18.04 39.99
C ASN C 19 21.53 -17.71 38.97
N ILE C 20 21.30 -16.69 38.14
CA ILE C 20 22.29 -16.32 37.14
C ILE C 20 23.56 -15.80 37.80
N SER C 21 23.42 -15.07 38.90
CA SER C 21 24.57 -14.53 39.61
C SER C 21 25.35 -15.62 40.33
N SER C 22 24.64 -16.61 40.89
CA SER C 22 25.31 -17.68 41.62
C SER C 22 26.17 -18.54 40.70
N LYS C 23 26.01 -18.45 39.39
CA LYS C 23 26.86 -19.20 38.48
C LYS C 23 27.93 -18.32 37.83
N GLY C 24 28.20 -17.15 38.42
CA GLY C 24 29.32 -16.35 37.98
C GLY C 24 29.05 -15.44 36.80
N PHE C 25 27.82 -14.98 36.62
CA PHE C 25 27.47 -14.05 35.54
C PHE C 25 27.02 -12.75 36.19
N LYS C 26 27.64 -11.63 35.80
CA LYS C 26 27.22 -10.36 36.35
C LYS C 26 25.96 -9.94 35.61
N ILE C 27 24.92 -9.60 36.38
CA ILE C 27 23.55 -9.50 35.87
C ILE C 27 23.02 -8.11 36.17
N GLY C 28 22.44 -7.47 35.14
CA GLY C 28 21.71 -6.23 35.29
C GLY C 28 20.21 -6.46 35.44
N VAL C 29 19.55 -5.54 36.11
CA VAL C 29 18.18 -5.74 36.57
C VAL C 29 17.40 -4.42 36.51
N TYR C 30 16.16 -4.50 36.04
CA TYR C 30 15.25 -3.36 35.99
C TYR C 30 13.85 -3.82 36.38
N ASN C 31 13.11 -2.93 37.05
CA ASN C 31 11.68 -3.15 37.32
C ASN C 31 11.03 -1.78 37.46
N ARG C 32 9.81 -1.64 36.97
CA ARG C 32 9.21 -0.31 36.91
C ARG C 32 8.88 0.20 38.31
N THR C 33 8.42 -0.69 39.20
CA THR C 33 8.40 -0.40 40.63
C THR C 33 9.79 -0.58 41.20
N TYR C 34 10.47 0.54 41.48
CA TYR C 34 11.87 0.48 41.84
C TYR C 34 12.07 -0.19 43.21
N GLU C 35 11.05 -0.14 44.06
CA GLU C 35 11.20 -0.72 45.39
C GLU C 35 11.51 -2.20 45.29
N ARG C 36 10.99 -2.86 44.26
CA ARG C 36 11.29 -4.27 44.05
C ARG C 36 12.74 -4.47 43.60
N THR C 37 13.29 -3.51 42.86
CA THR C 37 14.71 -3.60 42.49
C THR C 37 15.60 -3.61 43.72
N GLU C 38 15.26 -2.75 44.68
CA GLU C 38 16.06 -2.61 45.87
C GLU C 38 15.94 -3.85 46.76
N GLU C 39 14.76 -4.46 46.81
CA GLU C 39 14.59 -5.70 47.57
C GLU C 39 15.38 -6.83 46.96
N THR C 40 15.54 -6.81 45.63
CA THR C 40 16.37 -7.79 44.95
C THR C 40 17.84 -7.58 45.31
N MET C 41 18.31 -6.34 45.37
CA MET C 41 19.71 -6.14 45.75
C MET C 41 19.98 -6.54 47.21
N LYS C 42 18.98 -6.39 48.07
CA LYS C 42 19.17 -6.76 49.47
C LYS C 42 19.32 -8.26 49.62
N ARG C 43 18.42 -9.04 49.03
CA ARG C 43 18.58 -10.49 49.19
C ARG C 43 19.87 -10.97 48.55
N ALA C 44 20.34 -10.31 47.50
CA ALA C 44 21.66 -10.66 46.97
C ALA C 44 22.74 -10.44 48.03
N LYS C 45 22.71 -9.28 48.69
CA LYS C 45 23.60 -9.06 49.83
C LYS C 45 23.51 -10.24 50.78
N GLU C 46 22.34 -10.45 51.37
CA GLU C 46 22.16 -11.47 52.41
C GLU C 46 22.61 -12.85 51.96
N GLU C 47 22.75 -13.08 50.65
CA GLU C 47 23.22 -14.35 50.12
C GLU C 47 24.61 -14.25 49.49
N ASN C 48 25.33 -13.16 49.74
CA ASN C 48 26.72 -13.01 49.32
C ASN C 48 26.86 -13.05 47.81
N LEU C 49 25.96 -12.33 47.14
CA LEU C 49 25.97 -12.23 45.68
C LEU C 49 25.81 -10.78 45.24
N VAL C 50 26.21 -10.53 44.00
CA VAL C 50 26.17 -9.18 43.44
C VAL C 50 25.15 -9.17 42.29
N VAL C 51 24.17 -8.28 42.40
CA VAL C 51 23.17 -8.04 41.37
C VAL C 51 23.08 -6.54 41.19
N TYR C 52 23.28 -6.07 39.95
CA TYR C 52 23.30 -4.65 39.63
C TYR C 52 21.90 -4.14 39.27
N GLY C 53 21.41 -3.17 40.03
CA GLY C 53 20.09 -2.60 39.82
C GLY C 53 20.15 -1.25 39.15
N TYR C 54 19.25 -1.04 38.20
CA TYR C 54 19.17 0.22 37.47
C TYR C 54 17.77 0.78 37.58
N LYS C 55 17.68 2.10 37.73
CA LYS C 55 16.38 2.74 37.93
C LYS C 55 15.56 2.79 36.65
N THR C 56 16.21 2.67 35.49
CA THR C 56 15.55 2.86 34.21
C THR C 56 16.01 1.79 33.23
N VAL C 57 15.14 1.51 32.24
CA VAL C 57 15.48 0.56 31.18
C VAL C 57 16.72 1.03 30.45
N GLU C 58 16.76 2.32 30.14
CA GLU C 58 17.85 2.87 29.36
C GLU C 58 19.19 2.64 30.03
N GLU C 59 19.25 2.86 31.34
CA GLU C 59 20.57 2.83 31.98
C GLU C 59 21.04 1.37 32.10
N LEU C 60 20.10 0.41 32.17
CA LEU C 60 20.46 -1.01 32.14
C LEU C 60 20.97 -1.44 30.76
N ILE C 61 20.34 -0.97 29.68
CA ILE C 61 20.80 -1.35 28.34
C ILE C 61 22.22 -0.84 28.12
N ASN C 62 22.53 0.34 28.66
CA ASN C 62 23.82 1.01 28.48
C ASN C 62 24.96 0.35 29.23
N ASN C 63 24.70 -0.69 30.04
CA ASN C 63 25.73 -1.42 30.73
C ASN C 63 25.79 -2.89 30.32
N LEU C 64 25.23 -3.25 29.16
CA LEU C 64 25.27 -4.64 28.69
C LEU C 64 26.34 -4.81 27.61
N LYS C 65 27.08 -5.92 27.72
CA LYS C 65 27.97 -6.34 26.65
C LYS C 65 27.21 -6.60 25.36
N LYS C 66 27.89 -6.35 24.22
CA LYS C 66 27.40 -6.71 22.90
C LYS C 66 27.94 -8.08 22.49
N PRO C 67 27.09 -8.98 21.96
CA PRO C 67 25.66 -8.75 21.74
C PRO C 67 24.82 -8.54 23.01
N ARG C 68 23.96 -7.53 23.03
CA ARG C 68 23.18 -7.27 24.23
C ARG C 68 22.10 -8.32 24.42
N LYS C 69 21.97 -8.80 25.65
CA LYS C 69 21.05 -9.89 25.97
C LYS C 69 20.20 -9.43 27.15
N VAL C 70 18.89 -9.41 26.95
CA VAL C 70 17.93 -9.01 27.99
C VAL C 70 16.83 -10.07 28.10
N ILE C 71 16.54 -10.47 29.33
CA ILE C 71 15.42 -11.39 29.62
C ILE C 71 14.22 -10.57 30.04
N LEU C 72 13.04 -10.97 29.56
CA LEU C 72 11.79 -10.34 29.94
C LEU C 72 10.92 -11.31 30.72
N LEU C 73 10.48 -10.87 31.89
CA LEU C 73 9.63 -11.65 32.79
C LEU C 73 8.47 -10.74 33.22
N ILE C 74 7.76 -10.23 32.21
CA ILE C 74 6.61 -9.37 32.38
C ILE C 74 5.35 -10.21 32.20
N LYS C 75 4.33 -9.94 33.01
CA LYS C 75 3.07 -10.65 32.86
C LYS C 75 2.44 -10.26 31.52
N ALA C 76 1.89 -11.26 30.83
CA ALA C 76 1.42 -11.05 29.46
C ALA C 76 0.38 -9.94 29.43
N GLY C 77 0.46 -9.12 28.39
CA GLY C 77 -0.42 -7.99 28.24
C GLY C 77 0.23 -6.87 27.45
N PRO C 78 -0.39 -5.69 27.51
CA PRO C 78 0.18 -4.54 26.78
C PRO C 78 1.56 -4.19 27.32
N ALA C 79 1.85 -4.60 28.55
CA ALA C 79 3.13 -4.31 29.18
C ALA C 79 4.29 -4.98 28.45
N VAL C 80 4.07 -6.15 27.86
CA VAL C 80 5.19 -6.82 27.17
C VAL C 80 5.57 -6.01 25.94
N ASP C 81 4.58 -5.49 25.21
CA ASP C 81 4.83 -4.72 24.00
C ASP C 81 5.44 -3.34 24.27
N GLU C 82 5.11 -2.69 25.40
CA GLU C 82 5.68 -1.36 25.67
C GLU C 82 7.19 -1.48 25.84
N ASN C 83 7.62 -2.48 26.62
CA ASN C 83 9.05 -2.70 26.85
C ASN C 83 9.77 -3.05 25.56
N ILE C 84 9.20 -3.97 24.78
CA ILE C 84 9.89 -4.38 23.55
C ILE C 84 10.02 -3.18 22.62
N SER C 85 8.97 -2.36 22.54
CA SER C 85 9.02 -1.14 21.74
C SER C 85 10.14 -0.24 22.22
N ASN C 86 10.23 -0.13 23.54
CA ASN C 86 11.14 0.79 24.20
C ASN C 86 12.58 0.29 24.14
N ILE C 87 12.77 -1.03 24.20
CA ILE C 87 14.07 -1.69 24.10
C ILE C 87 14.63 -1.57 22.68
N LEU C 88 13.74 -1.65 21.68
CA LEU C 88 14.13 -1.57 20.27
C LEU C 88 14.61 -0.18 19.86
N LYS C 89 14.35 0.84 20.68
CA LYS C 89 14.89 2.18 20.49
C LYS C 89 16.37 2.29 20.84
N HIS C 90 16.94 1.28 21.48
CA HIS C 90 18.32 1.35 21.88
C HIS C 90 19.13 0.12 21.52
N PHE C 91 18.50 -0.93 21.01
CA PHE C 91 19.31 -2.05 20.58
C PHE C 91 19.81 -1.80 19.16
N GLU C 92 20.76 -2.61 18.71
CA GLU C 92 21.29 -2.51 17.35
C GLU C 92 21.35 -3.92 16.76
N LYS C 93 22.00 -4.04 15.60
CA LYS C 93 22.10 -5.32 14.93
C LYS C 93 22.94 -6.28 15.78
N GLY C 94 22.43 -7.49 15.98
CA GLY C 94 23.08 -8.49 16.77
C GLY C 94 22.58 -8.63 18.20
N ASP C 95 21.80 -7.66 18.70
CA ASP C 95 21.30 -7.74 20.06
C ASP C 95 20.13 -8.72 20.16
N ILE C 96 19.87 -9.22 21.37
CA ILE C 96 18.97 -10.35 21.62
C ILE C 96 17.93 -10.02 22.69
N ILE C 97 16.66 -10.32 22.40
CA ILE C 97 15.58 -10.18 23.38
C ILE C 97 15.03 -11.58 23.70
N ILE C 98 14.89 -11.88 24.98
CA ILE C 98 14.39 -13.18 25.44
C ILE C 98 13.16 -12.95 26.29
N ASP C 99 11.97 -13.32 25.77
CA ASP C 99 10.75 -13.27 26.57
C ASP C 99 10.55 -14.60 27.28
N GLY C 100 10.48 -14.57 28.61
CA GLY C 100 10.34 -15.83 29.32
C GLY C 100 8.95 -16.05 29.90
N GLY C 101 8.03 -15.10 29.73
CA GLY C 101 6.70 -15.25 30.28
C GLY C 101 5.91 -16.28 29.53
N ASN C 102 4.77 -16.68 30.10
CA ASN C 102 3.88 -17.61 29.39
C ASN C 102 3.08 -16.84 28.36
N GLU C 103 3.50 -16.93 27.10
CA GLU C 103 2.94 -16.11 26.06
C GLU C 103 2.25 -16.97 25.03
N TRP C 104 1.14 -16.47 24.49
CA TRP C 104 0.48 -17.08 23.34
C TRP C 104 1.40 -17.02 22.13
N TYR C 105 1.60 -18.18 21.48
CA TYR C 105 2.66 -18.29 20.48
C TYR C 105 2.47 -17.31 19.32
N ILE C 106 1.23 -16.97 18.98
CA ILE C 106 0.99 -16.05 17.88
C ILE C 106 1.58 -14.68 18.21
N ASN C 107 1.42 -14.26 19.46
CA ASN C 107 2.00 -12.99 19.89
C ASN C 107 3.51 -12.99 19.68
N SER C 108 4.17 -14.11 20.02
CA SER C 108 5.61 -14.15 19.83
C SER C 108 5.99 -14.10 18.35
N GLU C 109 5.24 -14.81 17.49
CA GLU C 109 5.57 -14.76 16.07
C GLU C 109 5.48 -13.33 15.54
N ARG C 110 4.48 -12.57 16.01
CA ARG C 110 4.42 -11.16 15.59
C ARG C 110 5.60 -10.36 16.14
N ARG C 111 6.01 -10.64 17.40
CA ARG C 111 7.12 -9.89 18.00
C ARG C 111 8.48 -10.24 17.39
N ILE C 112 8.70 -11.50 17.00
CA ILE C 112 9.94 -11.87 16.31
C ILE C 112 10.14 -11.06 15.03
N LYS C 113 9.11 -11.00 14.17
CA LYS C 113 9.33 -10.39 12.87
C LYS C 113 9.48 -8.88 13.02
N LEU C 114 8.67 -8.27 13.88
CA LEU C 114 8.80 -6.83 14.11
C LEU C 114 10.16 -6.48 14.70
N CYS C 115 10.82 -7.42 15.36
CA CYS C 115 12.17 -7.20 15.86
C CYS C 115 13.21 -7.34 14.75
N LYS C 116 13.03 -8.32 13.85
CA LYS C 116 13.93 -8.49 12.71
C LYS C 116 13.91 -7.30 11.75
N GLU C 117 12.84 -6.48 11.76
CA GLU C 117 12.85 -5.24 10.99
C GLU C 117 14.03 -4.35 11.38
N LYS C 118 14.47 -4.44 12.63
CA LYS C 118 15.65 -3.74 13.11
C LYS C 118 16.84 -4.68 13.31
N ASP C 119 16.73 -5.93 12.85
CA ASP C 119 17.84 -6.90 12.88
C ASP C 119 18.25 -7.28 14.31
N VAL C 120 17.28 -7.35 15.21
CA VAL C 120 17.48 -7.88 16.55
C VAL C 120 16.88 -9.27 16.60
N GLU C 121 17.62 -10.19 17.17
CA GLU C 121 17.22 -11.58 17.21
C GLU C 121 16.35 -11.83 18.45
N TYR C 122 15.21 -12.48 18.24
CA TYR C 122 14.25 -12.71 19.30
C TYR C 122 14.31 -14.17 19.70
N LEU C 123 14.02 -14.42 20.97
CA LEU C 123 14.04 -15.76 21.53
C LEU C 123 12.86 -15.87 22.49
N ALA C 124 11.82 -16.60 22.08
CA ALA C 124 10.67 -16.88 22.95
C ALA C 124 10.96 -18.16 23.72
N MET C 125 11.09 -18.07 25.04
CA MET C 125 11.59 -19.20 25.81
C MET C 125 10.64 -19.54 26.94
N GLY C 126 10.19 -20.79 26.97
CA GLY C 126 9.38 -21.24 28.07
C GLY C 126 10.26 -21.59 29.26
N VAL C 127 9.71 -21.32 30.43
CA VAL C 127 10.37 -21.54 31.71
C VAL C 127 9.40 -22.27 32.61
N SER C 128 9.84 -23.35 33.22
CA SER C 128 9.00 -24.10 34.15
C SER C 128 9.82 -24.44 35.38
N GLY C 129 9.17 -24.41 36.54
CA GLY C 129 9.86 -24.79 37.76
C GLY C 129 9.40 -24.04 38.99
N GLY C 130 8.44 -23.12 38.83
CA GLY C 130 7.99 -22.37 39.98
C GLY C 130 9.05 -21.44 40.52
N GLU C 131 8.83 -20.98 41.76
CA GLU C 131 9.81 -20.06 42.33
C GLU C 131 11.07 -20.79 42.77
N ALA C 132 10.94 -22.04 43.21
CA ALA C 132 12.12 -22.80 43.59
C ALA C 132 12.98 -23.11 42.37
N GLY C 133 12.37 -23.53 41.27
CA GLY C 133 13.13 -23.88 40.08
C GLY C 133 13.85 -22.69 39.48
N ALA C 134 13.26 -21.50 39.57
CA ALA C 134 13.92 -20.31 39.04
C ALA C 134 15.22 -20.02 39.78
N ARG C 135 15.27 -20.35 41.07
CA ARG C 135 16.42 -20.04 41.92
C ARG C 135 17.52 -21.11 41.82
N TYR C 136 17.14 -22.38 41.87
CA TYR C 136 18.08 -23.46 42.01
C TYR C 136 18.25 -24.32 40.77
N GLY C 137 17.34 -24.24 39.80
CA GLY C 137 17.50 -24.98 38.56
C GLY C 137 16.18 -25.39 37.96
N CYS C 138 15.90 -24.89 36.76
CA CYS C 138 14.62 -25.07 36.09
C CYS C 138 14.82 -25.68 34.72
N SER C 139 13.72 -25.86 34.01
CA SER C 139 13.71 -26.40 32.65
C SER C 139 13.45 -25.26 31.68
N PHE C 140 14.39 -25.00 30.80
CA PHE C 140 14.28 -23.93 29.80
C PHE C 140 13.88 -24.51 28.44
N MET C 141 12.97 -23.83 27.74
CA MET C 141 12.43 -24.29 26.45
C MET C 141 12.53 -23.16 25.43
N PRO C 142 13.76 -22.81 25.00
CA PRO C 142 13.93 -21.65 24.11
C PRO C 142 13.70 -22.01 22.66
N GLY C 143 13.03 -21.08 21.97
CA GLY C 143 12.77 -21.24 20.55
C GLY C 143 12.90 -19.90 19.85
N GLY C 144 13.29 -19.96 18.58
CA GLY C 144 13.45 -18.78 17.76
C GLY C 144 14.77 -18.79 17.02
N SER C 145 15.48 -17.66 17.08
CA SER C 145 16.78 -17.50 16.44
C SER C 145 17.82 -18.42 17.05
N LYS C 146 18.40 -19.31 16.22
CA LYS C 146 19.48 -20.15 16.74
C LYS C 146 20.74 -19.33 17.03
N TYR C 147 20.97 -18.24 16.28
CA TYR C 147 22.04 -17.31 16.67
C TYR C 147 21.87 -16.88 18.12
N ALA C 148 20.66 -16.45 18.49
CA ALA C 148 20.37 -16.05 19.85
C ALA C 148 20.59 -17.19 20.84
N TYR C 149 20.20 -18.42 20.45
CA TYR C 149 20.37 -19.53 21.37
C TYR C 149 21.84 -19.72 21.71
N ASP C 150 22.72 -19.61 20.72
CA ASP C 150 24.13 -19.91 20.93
C ASP C 150 24.81 -18.84 21.77
N CYS C 151 24.40 -17.58 21.65
CA CYS C 151 25.04 -16.57 22.49
C CYS C 151 24.62 -16.69 23.93
N VAL C 152 23.43 -17.24 24.20
CA VAL C 152 22.95 -17.29 25.56
C VAL C 152 23.07 -18.68 26.13
N LYS C 153 23.50 -19.64 25.31
CA LYS C 153 23.50 -21.04 25.70
C LYS C 153 24.28 -21.29 26.99
N GLU C 154 25.40 -20.58 27.22
CA GLU C 154 26.15 -20.86 28.44
C GLU C 154 25.27 -20.77 29.66
N ILE C 155 24.58 -19.64 29.79
CA ILE C 155 23.85 -19.24 30.98
C ILE C 155 22.73 -20.23 31.28
N LEU C 156 22.04 -20.69 30.25
CA LEU C 156 20.91 -21.58 30.49
C LEU C 156 21.37 -22.98 30.90
N GLU C 157 22.50 -23.46 30.37
CA GLU C 157 22.96 -24.80 30.81
C GLU C 157 23.37 -24.78 32.28
N LYS C 158 23.95 -23.68 32.76
CA LYS C 158 24.41 -23.60 34.15
C LYS C 158 23.25 -23.36 35.10
N CYS C 159 22.28 -22.53 34.70
CA CYS C 159 21.16 -22.20 35.56
C CYS C 159 20.02 -23.19 35.50
N SER C 160 19.99 -24.08 34.51
CA SER C 160 18.91 -25.05 34.43
C SER C 160 19.15 -26.20 35.40
N ALA C 161 18.07 -26.91 35.72
CA ALA C 161 18.18 -28.14 36.50
C ALA C 161 19.10 -29.13 35.82
N GLN C 162 19.79 -29.92 36.63
CA GLN C 162 20.78 -30.89 36.16
C GLN C 162 20.27 -32.28 36.49
N VAL C 163 20.06 -33.09 35.45
CA VAL C 163 19.67 -34.49 35.58
C VAL C 163 20.86 -35.30 35.07
N GLY C 164 21.46 -36.09 35.95
CA GLY C 164 22.78 -36.58 35.63
C GLY C 164 23.70 -35.39 35.51
N ASN C 165 24.49 -35.33 34.44
CA ASN C 165 25.24 -34.12 34.15
C ASN C 165 24.74 -33.49 32.85
N SER C 166 23.67 -34.04 32.29
CA SER C 166 23.02 -33.40 31.16
C SER C 166 22.07 -32.31 31.65
N PRO C 167 22.19 -31.08 31.15
CA PRO C 167 21.30 -29.99 31.56
C PRO C 167 19.92 -30.03 30.90
N CYS C 168 18.93 -29.57 31.66
CA CYS C 168 17.52 -29.51 31.25
C CYS C 168 17.22 -28.23 30.44
N VAL C 169 17.86 -28.16 29.28
CA VAL C 169 17.66 -27.10 28.30
C VAL C 169 18.03 -27.68 26.95
N THR C 170 17.34 -27.21 25.92
CA THR C 170 17.68 -27.62 24.56
C THR C 170 17.17 -26.53 23.63
N TYR C 171 17.71 -26.50 22.41
CA TYR C 171 17.15 -25.63 21.39
C TYR C 171 15.86 -26.27 20.87
N ILE C 172 14.71 -25.65 21.19
CA ILE C 172 13.44 -26.25 20.83
C ILE C 172 13.25 -26.23 19.32
N GLY C 173 13.43 -25.08 18.71
CA GLY C 173 13.23 -24.94 17.29
C GLY C 173 13.11 -23.48 16.89
N PRO C 174 12.71 -23.22 15.64
CA PRO C 174 12.59 -21.83 15.19
C PRO C 174 11.30 -21.19 15.70
N GLY C 175 11.21 -19.87 15.51
CA GLY C 175 9.98 -19.16 15.81
C GLY C 175 9.51 -19.34 17.25
N SER C 176 8.19 -19.37 17.40
CA SER C 176 7.57 -19.42 18.72
C SER C 176 7.33 -20.84 19.21
N SER C 177 8.14 -21.79 18.75
CA SER C 177 7.93 -23.17 19.19
C SER C 177 8.11 -23.30 20.70
N GLY C 178 8.97 -22.47 21.31
CA GLY C 178 9.19 -22.56 22.76
C GLY C 178 7.93 -22.29 23.56
N ASN C 179 7.16 -21.24 23.19
CA ASN C 179 5.89 -20.98 23.84
C ASN C 179 4.94 -22.16 23.67
N TYR C 180 4.96 -22.77 22.49
CA TYR C 180 4.03 -23.85 22.23
C TYR C 180 4.35 -25.08 23.08
N VAL C 181 5.64 -25.40 23.23
CA VAL C 181 6.03 -26.52 24.09
C VAL C 181 5.70 -26.23 25.55
N LYS C 182 5.88 -24.98 26.00
CA LYS C 182 5.52 -24.66 27.38
C LYS C 182 4.01 -24.73 27.60
N MET C 183 3.23 -24.40 26.56
CA MET C 183 1.78 -24.51 26.65
C MET C 183 1.34 -25.98 26.85
N VAL C 184 1.81 -26.88 25.98
CA VAL C 184 1.52 -28.30 26.13
C VAL C 184 2.08 -28.88 27.42
N HIS C 185 3.19 -28.32 27.93
CA HIS C 185 3.65 -28.71 29.25
C HIS C 185 2.56 -28.46 30.29
N ASN C 186 2.01 -27.23 30.30
CA ASN C 186 0.95 -26.91 31.25
C ASN C 186 -0.31 -27.73 31.02
N GLY C 187 -0.60 -28.11 29.77
CA GLY C 187 -1.74 -28.98 29.50
C GLY C 187 -1.61 -30.35 30.13
N ILE C 188 -0.46 -30.99 29.93
CA ILE C 188 -0.18 -32.25 30.60
C ILE C 188 -0.21 -32.04 32.11
N GLU C 189 0.35 -30.92 32.60
CA GLU C 189 0.35 -30.63 34.03
C GLU C 189 -1.07 -30.60 34.58
N TYR C 190 -2.00 -29.97 33.86
CA TYR C 190 -3.39 -29.93 34.31
C TYR C 190 -3.98 -31.34 34.39
N GLY C 191 -3.62 -32.21 33.44
CA GLY C 191 -4.13 -33.57 33.44
C GLY C 191 -3.61 -34.38 34.62
N ASP C 192 -2.30 -34.29 34.89
CA ASP C 192 -1.74 -35.02 36.02
C ASP C 192 -2.42 -34.62 37.31
N MET C 193 -2.59 -33.31 37.53
CA MET C 193 -3.20 -32.84 38.77
C MET C 193 -4.62 -33.38 38.93
N GLN C 194 -5.36 -33.48 37.81
CA GLN C 194 -6.72 -33.98 37.88
C GLN C 194 -6.75 -35.49 38.13
N LEU C 195 -5.85 -36.24 37.51
CA LEU C 195 -5.76 -37.68 37.79
C LEU C 195 -5.40 -37.93 39.27
N ILE C 196 -4.42 -37.18 39.78
CA ILE C 196 -4.03 -37.34 41.18
C ILE C 196 -5.18 -36.97 42.09
N SER C 197 -5.89 -35.89 41.77
CA SER C 197 -7.01 -35.50 42.61
C SER C 197 -8.12 -36.54 42.58
N GLU C 198 -8.28 -37.26 41.46
CA GLU C 198 -9.32 -38.28 41.45
C GLU C 198 -8.88 -39.52 42.23
N SER C 199 -7.60 -39.89 42.13
CA SER C 199 -7.14 -41.00 42.94
C SER C 199 -7.22 -40.66 44.43
N TYR C 200 -7.06 -39.38 44.78
CA TYR C 200 -7.23 -38.96 46.16
C TYR C 200 -8.66 -39.21 46.63
N VAL C 201 -9.65 -38.78 45.88
CA VAL C 201 -11.04 -38.95 46.33
C VAL C 201 -11.44 -40.43 46.32
N ILE C 202 -10.99 -41.19 45.32
CA ILE C 202 -11.34 -42.61 45.31
C ILE C 202 -10.77 -43.29 46.54
N MET C 203 -9.51 -42.99 46.86
CA MET C 203 -8.97 -43.59 48.08
C MET C 203 -9.64 -43.04 49.32
N LYS C 204 -10.14 -41.80 49.28
CA LYS C 204 -10.74 -41.25 50.48
C LYS C 204 -12.14 -41.77 50.75
N HIS C 205 -12.90 -42.09 49.70
CA HIS C 205 -14.31 -42.45 49.87
C HIS C 205 -14.64 -43.89 49.55
N ILE C 206 -13.74 -44.62 48.90
CA ILE C 206 -13.93 -46.05 48.67
C ILE C 206 -13.11 -46.86 49.66
N LEU C 207 -11.81 -46.55 49.79
CA LEU C 207 -10.90 -47.19 50.72
C LEU C 207 -10.86 -46.55 52.11
N LYS C 208 -11.55 -45.43 52.32
CA LYS C 208 -11.62 -44.77 53.64
C LYS C 208 -10.26 -44.46 54.24
N TYR C 209 -9.27 -44.15 53.43
CA TYR C 209 -7.97 -43.80 53.98
C TYR C 209 -8.04 -42.43 54.64
N ASP C 210 -7.32 -42.30 55.76
CA ASP C 210 -7.21 -40.99 56.39
C ASP C 210 -6.09 -40.19 55.73
N ASN C 211 -6.03 -38.90 56.05
CA ASN C 211 -5.02 -38.08 55.38
C ASN C 211 -3.61 -38.55 55.72
N GLN C 212 -3.40 -39.11 56.92
CA GLN C 212 -2.08 -39.66 57.23
C GLN C 212 -1.81 -40.90 56.40
N LYS C 213 -2.81 -41.79 56.30
CA LYS C 213 -2.64 -42.97 55.47
C LYS C 213 -2.47 -42.57 54.02
N LEU C 214 -3.27 -41.60 53.56
CA LEU C 214 -3.18 -41.14 52.18
C LEU C 214 -1.80 -40.60 51.86
N SER C 215 -1.20 -39.86 52.79
CA SER C 215 0.17 -39.41 52.60
C SER C 215 1.13 -40.60 52.46
N GLU C 216 0.92 -41.66 53.25
CA GLU C 216 1.84 -42.81 53.16
C GLU C 216 1.78 -43.46 51.80
N VAL C 217 0.57 -43.56 51.24
CA VAL C 217 0.40 -44.26 49.98
C VAL C 217 1.09 -43.50 48.85
N PHE C 218 0.98 -42.18 48.85
CA PHE C 218 1.64 -41.43 47.79
C PHE C 218 3.14 -41.56 47.91
N ASN C 219 3.68 -41.61 49.14
CA ASN C 219 5.13 -41.77 49.29
C ASN C 219 5.61 -43.12 48.79
N LYS C 220 4.79 -44.17 48.96
CA LYS C 220 5.17 -45.49 48.47
C LYS C 220 5.15 -45.54 46.96
N TRP C 221 4.16 -44.89 46.35
CA TRP C 221 4.13 -44.76 44.89
C TRP C 221 5.28 -43.92 44.39
N ASN C 222 5.67 -42.89 45.14
CA ASN C 222 6.76 -42.00 44.73
C ASN C 222 8.10 -42.73 44.66
N GLU C 223 8.26 -43.83 45.40
CA GLU C 223 9.45 -44.65 45.24
C GLU C 223 9.26 -45.79 44.24
N GLY C 224 8.09 -45.88 43.61
CA GLY C 224 7.81 -46.86 42.56
C GLY C 224 7.81 -46.23 41.18
N ILE C 225 6.91 -46.73 40.32
CA ILE C 225 6.88 -46.31 38.91
C ILE C 225 6.29 -44.91 38.74
N LEU C 226 5.47 -44.47 39.70
CA LEU C 226 4.81 -43.16 39.68
C LEU C 226 5.70 -42.04 40.22
N ASN C 227 7.01 -42.25 40.33
CA ASN C 227 7.91 -41.24 40.86
C ASN C 227 7.81 -39.94 40.06
N SER C 228 7.37 -38.87 40.73
CA SER C 228 7.20 -37.58 40.09
C SER C 228 7.11 -36.48 41.15
N TYR C 229 7.33 -35.25 40.69
CA TYR C 229 7.26 -34.09 41.57
C TYR C 229 5.84 -33.92 42.12
N LEU C 230 4.83 -34.01 41.25
CA LEU C 230 3.47 -33.76 41.73
C LEU C 230 3.03 -34.86 42.68
N ILE C 231 3.47 -36.10 42.43
CA ILE C 231 3.14 -37.20 43.35
C ILE C 231 3.85 -36.98 44.69
N GLU C 232 5.09 -36.48 44.65
CA GLU C 232 5.83 -36.19 45.86
C GLU C 232 5.16 -35.08 46.67
N ILE C 233 4.81 -33.97 46.00
CA ILE C 233 4.27 -32.86 46.78
C ILE C 233 2.88 -33.18 47.29
N THR C 234 2.14 -34.06 46.60
CA THR C 234 0.84 -34.45 47.12
C THR C 234 0.99 -35.20 48.43
N ALA C 235 2.09 -35.95 48.59
CA ALA C 235 2.36 -36.59 49.87
C ALA C 235 2.64 -35.55 50.97
N ASN C 236 3.44 -34.54 50.68
CA ASN C 236 3.69 -33.51 51.69
C ASN C 236 2.41 -32.73 52.01
N ILE C 237 1.61 -32.44 50.99
CA ILE C 237 0.41 -31.60 51.20
C ILE C 237 -0.60 -32.30 52.10
N LEU C 238 -0.88 -33.59 51.82
CA LEU C 238 -1.90 -34.31 52.57
C LEU C 238 -1.50 -34.62 54.01
N ALA C 239 -0.21 -34.56 54.34
CA ALA C 239 0.25 -34.75 55.70
C ALA C 239 0.35 -33.46 56.51
N LYS C 240 0.46 -32.31 55.86
CA LYS C 240 0.67 -31.05 56.58
C LYS C 240 -0.52 -30.72 57.47
N LYS C 241 -0.22 -30.18 58.65
CA LYS C 241 -1.22 -29.83 59.64
C LYS C 241 -1.43 -28.32 59.64
N ASP C 242 -2.65 -27.90 59.96
CA ASP C 242 -2.98 -26.48 59.97
C ASP C 242 -2.43 -25.80 61.22
N ASP C 243 -1.97 -24.56 61.08
CA ASP C 243 -1.52 -23.82 62.25
C ASP C 243 -2.68 -23.12 62.96
N LEU C 244 -3.77 -22.86 62.26
CA LEU C 244 -4.89 -22.15 62.87
C LEU C 244 -5.97 -23.10 63.40
N THR C 245 -5.87 -24.42 63.16
CA THR C 245 -6.83 -25.36 63.72
C THR C 245 -6.16 -26.70 63.98
N ASN C 246 -6.96 -27.63 64.52
CA ASN C 246 -6.55 -29.00 64.76
C ASN C 246 -6.44 -29.81 63.47
N ASN C 247 -7.00 -29.31 62.37
CA ASN C 247 -7.30 -30.07 61.15
C ASN C 247 -6.08 -30.17 60.24
N TYR C 248 -6.24 -30.97 59.20
CA TYR C 248 -5.28 -30.98 58.11
C TYR C 248 -5.51 -29.77 57.22
N LEU C 249 -4.42 -29.16 56.75
CA LEU C 249 -4.52 -27.88 56.06
C LEU C 249 -5.25 -28.02 54.74
N VAL C 250 -5.01 -29.12 54.02
CA VAL C 250 -5.70 -29.32 52.75
C VAL C 250 -7.21 -29.34 52.99
N ASP C 251 -7.63 -29.75 54.18
CA ASP C 251 -9.05 -29.81 54.53
C ASP C 251 -9.65 -28.43 54.85
N MET C 252 -8.85 -27.37 54.92
CA MET C 252 -9.38 -26.03 55.19
C MET C 252 -9.27 -25.09 54.02
N ILE C 253 -8.75 -25.57 52.89
CA ILE C 253 -8.62 -24.79 51.66
C ILE C 253 -9.94 -24.86 50.89
N LEU C 254 -10.35 -23.73 50.31
CA LEU C 254 -11.63 -23.67 49.62
C LEU C 254 -11.48 -24.12 48.17
N ASP C 255 -12.47 -24.87 47.70
CA ASP C 255 -12.39 -25.62 46.45
C ASP C 255 -12.99 -24.83 45.30
N ILE C 256 -12.42 -23.65 45.06
CA ILE C 256 -12.72 -22.78 43.93
C ILE C 256 -11.40 -22.53 43.24
N ALA C 257 -11.19 -23.18 42.10
CA ALA C 257 -9.96 -23.07 41.33
C ALA C 257 -10.34 -23.06 39.85
N GLY C 258 -10.45 -21.86 39.27
CA GLY C 258 -10.81 -21.75 37.87
C GLY C 258 -9.63 -21.98 36.91
N ALA C 259 -9.99 -22.15 35.64
CA ALA C 259 -9.00 -22.33 34.57
C ALA C 259 -8.29 -20.99 34.29
N LYS C 260 -7.04 -20.90 34.72
CA LYS C 260 -6.25 -19.66 34.69
C LYS C 260 -5.20 -19.74 33.59
N GLY C 261 -5.28 -18.82 32.64
CA GLY C 261 -4.18 -18.60 31.72
C GLY C 261 -3.95 -19.76 30.77
N THR C 262 -2.70 -20.25 30.74
CA THR C 262 -2.26 -21.13 29.67
C THR C 262 -3.04 -22.46 29.60
N GLY C 263 -3.81 -22.81 30.65
CA GLY C 263 -4.56 -24.05 30.62
C GLY C 263 -5.56 -24.11 29.47
N LYS C 264 -6.37 -23.07 29.33
CA LYS C 264 -7.34 -23.05 28.24
C LYS C 264 -6.68 -23.17 26.87
N TRP C 265 -5.45 -22.68 26.72
CA TRP C 265 -4.87 -22.56 25.37
C TRP C 265 -4.67 -23.92 24.72
N THR C 266 -4.24 -24.92 25.49
CA THR C 266 -4.02 -26.24 24.90
C THR C 266 -5.36 -26.80 24.41
N MET C 267 -6.42 -26.53 25.16
CA MET C 267 -7.74 -27.03 24.79
C MET C 267 -8.29 -26.29 23.58
N LEU C 268 -8.10 -24.95 23.52
CA LEU C 268 -8.49 -24.16 22.37
C LEU C 268 -7.74 -24.60 21.12
N GLU C 269 -6.48 -24.95 21.30
CA GLU C 269 -5.69 -25.35 20.15
C GLU C 269 -6.07 -26.77 19.71
N ALA C 270 -6.43 -27.64 20.65
CA ALA C 270 -6.94 -28.96 20.27
C ALA C 270 -8.28 -28.87 19.58
N THR C 271 -9.18 -28.02 20.09
CA THR C 271 -10.49 -27.91 19.47
C THR C 271 -10.37 -27.37 18.05
N GLU C 272 -9.59 -26.31 17.86
CA GLU C 272 -9.50 -25.67 16.55
C GLU C 272 -8.86 -26.62 15.52
N ARG C 273 -7.80 -27.33 15.92
CA ARG C 273 -7.08 -28.22 15.03
C ARG C 273 -7.67 -29.61 14.90
N GLY C 274 -8.72 -29.93 15.64
CA GLY C 274 -9.35 -31.23 15.51
C GLY C 274 -8.49 -32.37 16.04
N ILE C 275 -7.65 -32.10 17.03
CA ILE C 275 -6.78 -33.09 17.66
C ILE C 275 -7.37 -33.41 19.03
N PRO C 276 -7.87 -34.62 19.27
CA PRO C 276 -8.63 -34.86 20.49
C PRO C 276 -7.73 -34.91 21.72
N CYS C 277 -8.16 -34.22 22.77
CA CYS C 277 -7.49 -34.22 24.08
C CYS C 277 -8.55 -34.35 25.15
N PRO C 278 -9.13 -35.55 25.30
CA PRO C 278 -10.21 -35.71 26.27
C PRO C 278 -9.78 -35.51 27.71
N THR C 279 -8.57 -35.96 28.06
CA THR C 279 -8.09 -35.84 29.43
C THR C 279 -7.94 -34.39 29.81
N MET C 280 -7.75 -33.52 28.81
CA MET C 280 -7.65 -32.09 29.04
C MET C 280 -9.01 -31.43 29.13
N CYS C 281 -10.00 -31.97 28.43
CA CYS C 281 -11.39 -31.58 28.67
C CYS C 281 -11.73 -31.77 30.14
N ALA C 282 -11.43 -32.97 30.66
CA ALA C 282 -11.80 -33.33 32.02
C ALA C 282 -11.16 -32.40 33.04
N ALA C 283 -9.87 -32.07 32.85
CA ALA C 283 -9.20 -31.17 33.77
C ALA C 283 -9.85 -29.78 33.80
N LEU C 284 -10.16 -29.22 32.62
CA LEU C 284 -10.74 -27.88 32.58
C LEU C 284 -12.17 -27.82 33.08
N ASP C 285 -12.95 -28.88 32.82
CA ASP C 285 -14.33 -28.93 33.31
C ASP C 285 -14.35 -28.92 34.85
N ALA C 286 -13.51 -29.74 35.47
CA ALA C 286 -13.46 -29.78 36.94
C ALA C 286 -13.07 -28.42 37.52
N ARG C 287 -12.13 -27.73 36.89
CA ARG C 287 -11.76 -26.41 37.40
C ARG C 287 -12.89 -25.42 37.16
N ASN C 288 -13.52 -25.47 35.99
CA ASN C 288 -14.60 -24.52 35.67
C ASN C 288 -15.89 -24.74 36.47
N ILE C 289 -16.24 -25.99 36.80
CA ILE C 289 -17.43 -26.19 37.63
C ILE C 289 -17.15 -25.73 39.06
N SER C 290 -15.91 -25.83 39.53
CA SER C 290 -15.63 -25.51 40.91
C SER C 290 -15.88 -24.03 41.21
N VAL C 291 -15.85 -23.18 40.19
CA VAL C 291 -16.14 -21.77 40.43
C VAL C 291 -17.57 -21.58 40.88
N PHE C 292 -18.49 -22.44 40.42
CA PHE C 292 -19.91 -22.26 40.74
C PHE C 292 -20.25 -22.94 42.07
N LYS C 293 -19.62 -22.46 43.14
CA LYS C 293 -19.82 -23.05 44.46
C LYS C 293 -21.25 -22.93 44.95
N GLU C 294 -21.89 -21.77 44.75
CA GLU C 294 -23.24 -21.61 45.25
C GLU C 294 -24.19 -22.52 44.47
N LEU C 295 -23.95 -22.67 43.17
CA LEU C 295 -24.84 -23.52 42.39
C LEU C 295 -24.61 -24.98 42.75
N ARG C 296 -23.35 -25.36 43.00
CA ARG C 296 -23.03 -26.72 43.43
C ARG C 296 -23.66 -27.02 44.78
N THR C 297 -23.74 -26.02 45.66
CA THR C 297 -24.37 -26.27 46.95
C THR C 297 -25.87 -26.46 46.77
N LYS C 298 -26.52 -25.57 46.02
CA LYS C 298 -27.94 -25.74 45.71
C LYS C 298 -28.23 -27.11 45.11
N ALA C 299 -27.45 -27.49 44.09
CA ALA C 299 -27.69 -28.75 43.39
C ALA C 299 -27.69 -29.96 44.32
N GLU C 300 -26.68 -30.07 45.19
CA GLU C 300 -26.60 -31.25 46.05
C GLU C 300 -27.70 -31.26 47.10
N SER C 301 -28.11 -30.08 47.55
CA SER C 301 -29.23 -29.99 48.48
C SER C 301 -30.50 -30.57 47.84
N ASN C 302 -30.70 -30.29 46.54
CA ASN C 302 -31.87 -30.75 45.82
C ASN C 302 -31.83 -32.25 45.55
N PHE C 303 -30.66 -32.76 45.18
CA PHE C 303 -30.49 -34.18 44.95
C PHE C 303 -29.76 -34.71 46.16
N ASN C 304 -30.55 -35.02 47.19
CA ASN C 304 -30.11 -35.81 48.33
C ASN C 304 -29.15 -36.85 47.78
N LYS C 305 -27.86 -36.54 47.74
CA LYS C 305 -26.90 -37.42 47.07
C LYS C 305 -26.86 -38.78 47.73
N ASP C 306 -26.70 -39.81 46.90
CA ASP C 306 -26.80 -41.18 47.38
C ASP C 306 -25.70 -41.47 48.40
N ASN C 307 -25.84 -42.61 49.08
CA ASN C 307 -25.08 -42.81 50.31
C ASN C 307 -23.69 -43.42 50.08
N ILE C 308 -23.39 -43.91 48.86
CA ILE C 308 -22.10 -44.49 48.47
C ILE C 308 -21.83 -45.78 49.26
N LEU C 309 -22.73 -46.77 49.24
CA LEU C 309 -22.57 -47.99 50.04
C LEU C 309 -21.78 -49.06 49.28
N ILE C 310 -20.68 -49.49 49.88
CA ILE C 310 -19.83 -50.55 49.34
C ILE C 310 -20.50 -51.89 49.65
N ASP C 311 -20.78 -52.68 48.62
CA ASP C 311 -21.31 -54.03 48.78
C ASP C 311 -20.43 -54.79 49.78
N PRO C 312 -20.99 -55.32 50.88
CA PRO C 312 -20.15 -55.94 51.92
C PRO C 312 -19.31 -57.09 51.40
N ASN C 313 -19.72 -57.70 50.29
CA ASN C 313 -18.93 -58.73 49.62
C ASN C 313 -18.40 -58.11 48.33
N GLU C 314 -17.33 -57.31 48.45
CA GLU C 314 -16.64 -56.72 47.32
C GLU C 314 -15.15 -57.04 47.43
N ASP C 315 -14.59 -57.56 46.33
CA ASP C 315 -13.15 -57.80 46.24
C ASP C 315 -12.45 -56.45 46.14
N LEU C 316 -11.87 -56.00 47.26
CA LEU C 316 -11.11 -54.76 47.31
C LEU C 316 -9.68 -55.00 47.76
N ASN C 317 -9.20 -56.23 47.53
CA ASN C 317 -7.88 -56.63 48.01
C ASN C 317 -6.78 -55.84 47.33
N ASP C 318 -6.82 -55.77 46.00
CA ASP C 318 -5.79 -55.10 45.22
C ASP C 318 -6.24 -53.75 44.70
N PHE C 319 -7.33 -53.21 45.26
CA PHE C 319 -7.89 -52.00 44.70
C PHE C 319 -6.87 -50.87 44.74
N GLU C 320 -6.13 -50.75 45.84
CA GLU C 320 -5.07 -49.75 45.92
C GLU C 320 -4.03 -49.97 44.84
N ASN C 321 -3.63 -51.23 44.62
CA ASN C 321 -2.66 -51.50 43.57
C ASN C 321 -3.32 -51.45 42.18
N ASP C 322 -4.63 -51.67 42.11
CA ASP C 322 -5.32 -51.40 40.85
C ASP C 322 -5.32 -49.91 40.53
N LEU C 323 -5.48 -49.07 41.55
CA LEU C 323 -5.47 -47.63 41.33
C LEU C 323 -4.09 -47.13 40.96
N LEU C 324 -3.04 -47.68 41.58
CA LEU C 324 -1.68 -47.38 41.17
C LEU C 324 -1.48 -47.66 39.69
N ASN C 325 -2.00 -48.78 39.20
CA ASN C 325 -1.87 -49.12 37.80
C ASN C 325 -2.77 -48.26 36.93
N ALA C 326 -4.00 -48.00 37.39
CA ALA C 326 -4.92 -47.16 36.62
C ALA C 326 -4.38 -45.74 36.49
N LEU C 327 -3.86 -45.19 37.59
CA LEU C 327 -3.29 -43.85 37.51
C LEU C 327 -2.09 -43.83 36.58
N TYR C 328 -1.23 -44.85 36.66
CA TYR C 328 -0.09 -44.93 35.75
C TYR C 328 -0.57 -45.11 34.32
N CYS C 329 -1.65 -45.87 34.14
CA CYS C 329 -2.20 -46.11 32.82
C CYS C 329 -2.74 -44.82 32.19
N CYS C 330 -3.43 -44.01 32.98
CA CYS C 330 -3.95 -42.74 32.49
C CYS C 330 -2.82 -41.75 32.20
N LYS C 331 -1.72 -41.82 32.96
CA LYS C 331 -0.59 -40.93 32.72
C LYS C 331 -0.01 -41.15 31.33
N ILE C 332 0.05 -42.42 30.87
CA ILE C 332 0.51 -42.68 29.51
C ILE C 332 -0.50 -42.18 28.50
N ILE C 333 -1.79 -42.44 28.74
CA ILE C 333 -2.82 -41.97 27.83
C ILE C 333 -2.80 -40.45 27.76
N SER C 334 -2.64 -39.79 28.93
CA SER C 334 -2.65 -38.33 28.97
C SER C 334 -1.46 -37.76 28.20
N TYR C 335 -0.26 -38.29 28.42
CA TYR C 335 0.90 -37.81 27.65
C TYR C 335 0.77 -38.16 26.19
N THR C 336 0.15 -39.29 25.88
CA THR C 336 -0.04 -39.69 24.50
C THR C 336 -0.82 -38.64 23.72
N GLN C 337 -1.87 -38.07 24.34
CA GLN C 337 -2.58 -36.99 23.67
C GLN C 337 -1.70 -35.75 23.53
N GLY C 338 -0.98 -35.38 24.59
CA GLY C 338 -0.19 -34.16 24.54
C GLY C 338 0.87 -34.19 23.47
N LEU C 339 1.61 -35.30 23.42
CA LEU C 339 2.68 -35.41 22.44
C LEU C 339 2.16 -35.52 21.01
N PHE C 340 0.94 -36.03 20.83
CA PHE C 340 0.39 -36.11 19.50
C PHE C 340 0.06 -34.72 18.95
N LEU C 341 -0.54 -33.87 19.78
CA LEU C 341 -0.77 -32.48 19.41
C LEU C 341 0.54 -31.76 19.12
N LEU C 342 1.58 -32.03 19.92
CA LEU C 342 2.86 -31.40 19.69
C LEU C 342 3.41 -31.73 18.31
N LYS C 343 3.35 -33.00 17.93
CA LYS C 343 3.95 -33.46 16.68
C LYS C 343 3.12 -33.02 15.47
N GLN C 344 1.79 -33.02 15.60
CA GLN C 344 0.93 -32.48 14.56
C GLN C 344 1.26 -31.02 14.25
N VAL C 345 1.41 -30.21 15.30
CA VAL C 345 1.69 -28.79 15.11
C VAL C 345 3.13 -28.57 14.63
N SER C 346 4.07 -29.39 15.10
CA SER C 346 5.44 -29.27 14.63
C SER C 346 5.54 -29.47 13.12
N GLU C 347 4.67 -30.31 12.58
CA GLU C 347 4.66 -30.55 11.15
C GLU C 347 3.94 -29.46 10.37
N GLU C 348 2.85 -28.95 10.92
CA GLU C 348 2.15 -27.88 10.23
C GLU C 348 2.95 -26.60 10.21
N MET C 349 3.93 -26.44 11.13
CA MET C 349 4.77 -25.25 11.23
C MET C 349 6.20 -25.49 10.82
N ASN C 350 6.51 -26.71 10.38
CA ASN C 350 7.87 -27.15 10.05
C ASN C 350 8.83 -26.78 11.18
N TRP C 351 8.46 -27.12 12.42
CA TRP C 351 9.29 -26.79 13.56
C TRP C 351 10.38 -27.83 13.80
N LYS C 352 10.22 -29.04 13.28
CA LYS C 352 11.21 -30.12 13.41
C LYS C 352 11.50 -30.42 14.87
N LEU C 353 10.44 -30.48 15.69
CA LEU C 353 10.62 -30.80 17.10
C LEU C 353 11.24 -32.18 17.27
N ASN C 354 12.15 -32.27 18.24
CA ASN C 354 12.78 -33.52 18.66
C ASN C 354 12.09 -33.87 19.96
N LEU C 355 11.04 -34.69 19.85
CA LEU C 355 10.27 -34.97 21.05
C LEU C 355 11.06 -35.78 22.08
N GLY C 356 12.13 -36.46 21.66
CA GLY C 356 13.03 -37.09 22.62
C GLY C 356 13.81 -36.09 23.49
N GLU C 357 14.27 -34.98 22.89
CA GLU C 357 15.04 -33.97 23.63
C GLU C 357 14.12 -33.13 24.49
N ILE C 358 12.88 -32.93 24.06
CA ILE C 358 11.91 -32.26 24.91
C ILE C 358 11.61 -33.10 26.16
N ALA C 359 11.46 -34.41 26.00
CA ALA C 359 11.26 -35.27 27.17
C ALA C 359 12.48 -35.25 28.08
N ARG C 360 13.68 -35.22 27.49
CA ARG C 360 14.89 -35.20 28.32
C ARG C 360 14.91 -33.99 29.23
N ILE C 361 14.59 -32.80 28.69
CA ILE C 361 14.68 -31.59 29.49
C ILE C 361 13.54 -31.50 30.49
N TRP C 362 12.52 -32.36 30.37
CA TRP C 362 11.43 -32.40 31.32
C TRP C 362 11.72 -33.34 32.50
N ARG C 363 12.88 -34.00 32.52
CA ARG C 363 13.20 -34.88 33.64
C ARG C 363 13.59 -34.09 34.90
N GLY C 364 14.01 -32.84 34.76
CA GLY C 364 14.31 -32.01 35.91
C GLY C 364 13.79 -30.59 35.74
N GLY C 365 13.69 -29.89 36.86
CA GLY C 365 13.26 -28.51 36.78
C GLY C 365 11.76 -28.26 36.67
N CYS C 366 11.09 -28.92 35.74
CA CYS C 366 9.69 -28.59 35.52
C CYS C 366 8.76 -29.33 36.49
N ILE C 367 7.48 -28.94 36.43
CA ILE C 367 6.45 -29.45 37.33
C ILE C 367 6.10 -30.89 37.00
N ILE C 368 6.21 -31.29 35.74
CA ILE C 368 5.77 -32.62 35.35
C ILE C 368 6.95 -33.61 35.36
N ARG C 369 8.03 -33.24 36.03
CA ARG C 369 9.16 -34.16 36.21
C ARG C 369 8.70 -35.51 36.74
N ALA C 370 9.17 -36.58 36.10
CA ALA C 370 8.89 -37.96 36.50
C ALA C 370 9.91 -38.88 35.85
N VAL C 371 10.25 -39.97 36.55
CA VAL C 371 11.10 -40.99 35.95
C VAL C 371 10.42 -41.54 34.71
N PHE C 372 9.09 -41.54 34.73
CA PHE C 372 8.27 -42.05 33.64
C PHE C 372 8.63 -41.43 32.31
N LEU C 373 8.96 -40.13 32.30
CA LEU C 373 9.30 -39.49 31.03
C LEU C 373 10.73 -39.81 30.57
N ASP C 374 11.58 -40.34 31.44
CA ASP C 374 12.88 -40.82 30.98
C ASP C 374 12.70 -41.95 29.98
N ARG C 375 11.67 -42.79 30.17
CA ARG C 375 11.42 -43.85 29.20
C ARG C 375 10.70 -43.34 27.95
N ILE C 376 9.93 -42.26 28.07
CA ILE C 376 9.41 -41.59 26.88
C ILE C 376 10.56 -41.18 25.96
N ALA C 377 11.64 -40.68 26.56
CA ALA C 377 12.80 -40.29 25.78
C ALA C 377 13.32 -41.48 24.97
N ASN C 378 13.28 -42.68 25.56
CA ASN C 378 13.74 -43.89 24.89
C ASN C 378 12.82 -44.31 23.76
N ALA C 379 11.51 -44.14 23.94
CA ALA C 379 10.59 -44.52 22.89
C ALA C 379 10.85 -43.73 21.61
N TYR C 380 11.19 -42.45 21.75
CA TYR C 380 11.46 -41.62 20.59
C TYR C 380 12.86 -41.81 20.02
N LYS C 381 13.85 -42.18 20.84
CA LYS C 381 15.17 -42.43 20.28
C LYS C 381 15.16 -43.69 19.42
N ASN C 382 14.33 -44.67 19.80
CA ASN C 382 14.21 -45.91 19.04
C ASN C 382 13.45 -45.68 17.72
N ASN C 383 12.43 -44.82 17.74
CA ASN C 383 11.60 -44.51 16.57
C ASN C 383 11.36 -43.00 16.46
N GLU C 384 11.86 -42.38 15.39
CA GLU C 384 11.61 -40.95 15.20
C GLU C 384 10.15 -40.68 14.84
N LYS C 385 9.59 -41.43 13.89
CA LYS C 385 8.21 -41.24 13.43
C LYS C 385 7.20 -42.00 14.30
N LEU C 386 7.45 -42.06 15.61
CA LEU C 386 6.50 -42.71 16.51
C LEU C 386 5.23 -41.87 16.59
N GLU C 387 4.11 -42.46 16.23
CA GLU C 387 2.90 -41.68 16.03
C GLU C 387 2.09 -41.50 17.29
N LEU C 388 1.93 -42.56 18.09
CA LEU C 388 1.41 -42.45 19.46
C LEU C 388 2.32 -43.14 20.45
N LEU C 389 2.36 -42.56 21.65
CA LEU C 389 3.32 -43.02 22.64
C LEU C 389 2.96 -44.41 23.14
N PHE C 390 1.68 -44.71 23.29
CA PHE C 390 1.39 -46.04 23.79
C PHE C 390 1.46 -47.13 22.71
N LEU C 391 1.83 -46.81 21.47
CA LEU C 391 2.06 -47.88 20.50
C LEU C 391 3.50 -48.36 20.45
N ASP C 392 4.41 -47.74 21.22
CA ASP C 392 5.73 -48.33 21.43
C ASP C 392 5.60 -49.65 22.16
N ASN C 393 6.53 -50.57 21.86
CA ASN C 393 6.37 -51.94 22.33
C ASN C 393 6.30 -52.02 23.85
N GLU C 394 7.13 -51.24 24.56
CA GLU C 394 7.19 -51.40 26.01
C GLU C 394 6.03 -50.69 26.71
N PHE C 395 5.61 -49.52 26.22
CA PHE C 395 4.40 -48.92 26.76
C PHE C 395 3.14 -49.70 26.35
N SER C 396 3.18 -50.34 25.18
CA SER C 396 2.04 -51.15 24.75
C SER C 396 1.77 -52.27 25.73
N ASP C 397 2.81 -53.00 26.13
CA ASP C 397 2.59 -54.07 27.09
C ASP C 397 2.14 -53.51 28.44
N ASP C 398 2.67 -52.34 28.82
CA ASP C 398 2.20 -51.68 30.04
C ASP C 398 0.70 -51.43 29.98
N ILE C 399 0.20 -50.93 28.84
CA ILE C 399 -1.23 -50.66 28.69
C ILE C 399 -2.02 -51.96 28.72
N LYS C 400 -1.52 -52.97 27.99
CA LYS C 400 -2.15 -54.29 28.02
C LYS C 400 -2.26 -54.82 29.44
N ASN C 401 -1.23 -54.59 30.26
CA ASN C 401 -1.19 -55.22 31.57
C ASN C 401 -2.04 -54.46 32.59
N LYS C 402 -2.08 -53.13 32.49
CA LYS C 402 -2.71 -52.30 33.51
C LYS C 402 -4.09 -51.81 33.13
N LEU C 403 -4.55 -52.05 31.91
CA LEU C 403 -5.85 -51.51 31.56
C LEU C 403 -6.98 -52.20 32.32
N PRO C 404 -6.93 -53.51 32.60
CA PRO C 404 -7.96 -54.08 33.47
C PRO C 404 -8.04 -53.42 34.85
N SER C 405 -6.92 -52.91 35.40
CA SER C 405 -7.01 -52.12 36.63
C SER C 405 -7.84 -50.85 36.39
N LEU C 406 -7.59 -50.15 35.28
CA LEU C 406 -8.37 -48.96 34.94
C LEU C 406 -9.85 -49.28 34.79
N ARG C 407 -10.17 -50.37 34.07
CA ARG C 407 -11.55 -50.74 33.86
C ARG C 407 -12.22 -51.11 35.17
N LYS C 408 -11.45 -51.68 36.11
CA LYS C 408 -11.95 -51.93 37.45
C LYS C 408 -12.12 -50.62 38.24
N ILE C 409 -11.18 -49.70 38.10
CA ILE C 409 -11.29 -48.41 38.78
C ILE C 409 -12.48 -47.63 38.24
N VAL C 410 -12.68 -47.61 36.93
CA VAL C 410 -13.86 -46.90 36.43
C VAL C 410 -15.12 -47.63 36.85
N LEU C 411 -15.09 -48.98 36.85
CA LEU C 411 -16.25 -49.76 37.29
C LEU C 411 -16.65 -49.41 38.71
N MET C 412 -15.66 -49.31 39.61
CA MET C 412 -15.97 -49.19 41.04
C MET C 412 -16.34 -47.77 41.41
N ALA C 413 -15.73 -46.76 40.79
CA ALA C 413 -16.18 -45.39 41.02
C ALA C 413 -17.56 -45.16 40.41
N THR C 414 -17.85 -45.76 39.25
CA THR C 414 -19.17 -45.61 38.67
C THR C 414 -20.23 -46.16 39.58
N LYS C 415 -19.97 -47.35 40.17
CA LYS C 415 -20.90 -47.99 41.09
C LYS C 415 -21.19 -47.10 42.30
N TYR C 416 -20.23 -46.27 42.72
CA TYR C 416 -20.38 -45.51 43.95
C TYR C 416 -20.55 -44.01 43.68
N SER C 417 -20.91 -43.63 42.44
CA SER C 417 -21.20 -42.23 42.08
C SER C 417 -20.06 -41.30 42.49
N ILE C 418 -18.83 -41.72 42.25
CA ILE C 418 -17.65 -40.90 42.50
C ILE C 418 -17.33 -40.22 41.17
N PRO C 419 -17.30 -38.90 41.09
CA PRO C 419 -17.00 -38.25 39.80
C PRO C 419 -15.53 -38.42 39.50
N ILE C 420 -15.23 -39.07 38.37
CA ILE C 420 -13.86 -39.28 37.89
C ILE C 420 -13.76 -38.99 36.39
N PRO C 421 -13.94 -37.75 35.96
CA PRO C 421 -13.94 -37.48 34.51
C PRO C 421 -12.62 -37.74 33.82
N ALA C 422 -11.50 -37.47 34.48
CA ALA C 422 -10.23 -37.68 33.79
C ALA C 422 -9.98 -39.17 33.57
N PHE C 423 -10.33 -40.03 34.55
CA PHE C 423 -10.21 -41.46 34.37
C PHE C 423 -11.16 -41.98 33.29
N SER C 424 -12.40 -41.45 33.25
CA SER C 424 -13.38 -41.90 32.26
C SER C 424 -12.93 -41.52 30.85
N ALA C 425 -12.52 -40.26 30.68
CA ALA C 425 -12.13 -39.74 29.39
C ALA C 425 -10.90 -40.46 28.85
N SER C 426 -9.92 -40.73 29.72
CA SER C 426 -8.70 -41.42 29.30
C SER C 426 -9.00 -42.84 28.85
N LEU C 427 -9.93 -43.51 29.52
CA LEU C 427 -10.26 -44.88 29.12
C LEU C 427 -11.04 -44.89 27.82
N ALA C 428 -12.11 -44.08 27.73
CA ALA C 428 -12.90 -44.02 26.50
C ALA C 428 -12.04 -43.56 25.34
N TYR C 429 -11.10 -42.64 25.60
CA TYR C 429 -10.18 -42.23 24.55
C TYR C 429 -9.40 -43.42 24.04
N PHE C 430 -8.79 -44.17 24.95
CA PHE C 430 -8.01 -45.32 24.54
C PHE C 430 -8.87 -46.31 23.76
N GLN C 431 -10.09 -46.58 24.26
CA GLN C 431 -10.96 -47.53 23.59
C GLN C 431 -11.45 -47.04 22.24
N MET C 432 -11.47 -45.71 22.05
CA MET C 432 -11.90 -45.19 20.76
C MET C 432 -10.77 -45.17 19.74
N VAL C 433 -9.56 -44.75 20.13
CA VAL C 433 -8.45 -44.77 19.17
C VAL C 433 -8.03 -46.20 18.84
N THR C 434 -8.51 -47.20 19.59
CA THR C 434 -8.18 -48.59 19.29
C THR C 434 -9.33 -49.33 18.60
N SER C 435 -10.30 -48.61 18.06
CA SER C 435 -11.44 -49.22 17.40
C SER C 435 -11.32 -48.99 15.90
N GLN C 436 -11.21 -50.08 15.14
CA GLN C 436 -11.12 -49.95 13.70
C GLN C 436 -12.41 -49.35 13.13
N ASN C 437 -13.55 -49.71 13.71
CA ASN C 437 -14.84 -49.18 13.26
C ASN C 437 -15.61 -48.54 14.42
N LEU C 438 -15.97 -47.28 14.22
CA LEU C 438 -16.72 -46.48 15.16
C LEU C 438 -18.09 -46.19 14.59
N PRO C 439 -19.06 -45.80 15.43
CA PRO C 439 -20.43 -45.60 14.94
C PRO C 439 -20.59 -44.32 14.13
N LEU C 440 -19.50 -43.73 13.63
CA LEU C 440 -19.66 -42.53 12.81
C LEU C 440 -20.28 -42.83 11.46
N ASN C 441 -20.42 -44.11 11.08
CA ASN C 441 -21.21 -44.43 9.90
C ASN C 441 -22.67 -44.03 10.07
N LEU C 442 -23.23 -44.23 11.27
CA LEU C 442 -24.58 -43.76 11.55
C LEU C 442 -24.65 -42.23 11.54
N VAL C 443 -23.59 -41.57 11.98
CA VAL C 443 -23.57 -40.11 11.98
C VAL C 443 -23.59 -39.58 10.54
N GLN C 444 -22.77 -40.17 9.68
CA GLN C 444 -22.72 -39.78 8.28
C GLN C 444 -24.07 -39.98 7.59
N ALA C 445 -24.77 -41.05 7.95
CA ALA C 445 -26.08 -41.31 7.35
C ALA C 445 -27.10 -40.25 7.77
N GLN C 446 -27.12 -39.88 9.05
CA GLN C 446 -28.08 -38.85 9.47
C GLN C 446 -27.79 -37.52 8.80
N ARG C 447 -26.51 -37.16 8.66
CA ARG C 447 -26.17 -35.90 8.02
C ARG C 447 -26.56 -35.92 6.55
N ASP C 448 -26.42 -37.07 5.89
CA ASP C 448 -26.93 -37.20 4.52
C ASP C 448 -28.44 -37.12 4.50
N TYR C 449 -29.09 -37.70 5.51
CA TYR C 449 -30.55 -37.70 5.58
C TYR C 449 -31.12 -36.27 5.65
N PHE C 450 -30.63 -35.44 6.59
CA PHE C 450 -31.21 -34.11 6.75
C PHE C 450 -30.43 -33.00 6.02
N GLY C 451 -29.17 -33.22 5.66
CA GLY C 451 -28.44 -32.15 5.00
C GLY C 451 -27.96 -32.46 3.59
N SER C 452 -28.00 -33.74 3.21
CA SER C 452 -27.49 -34.20 1.92
C SER C 452 -25.99 -33.87 1.77
N HIS C 453 -25.25 -34.01 2.87
CA HIS C 453 -23.82 -33.70 2.93
C HIS C 453 -22.90 -34.75 2.31
N THR C 454 -23.44 -35.79 1.67
CA THR C 454 -22.61 -36.81 1.02
C THR C 454 -21.86 -37.73 2.01
N TYR C 455 -21.55 -38.96 1.59
CA TYR C 455 -20.79 -39.88 2.42
C TYR C 455 -19.91 -40.71 1.50
N ARG C 456 -18.97 -41.46 2.10
CA ARG C 456 -18.11 -42.38 1.37
C ARG C 456 -18.43 -43.81 1.79
N ARG C 457 -18.05 -44.77 0.95
CA ARG C 457 -18.40 -46.17 1.15
C ARG C 457 -17.17 -47.00 1.46
N THR C 458 -17.39 -48.18 2.04
CA THR C 458 -16.29 -49.10 2.34
C THR C 458 -15.78 -49.80 1.08
N ASP C 459 -16.70 -50.17 0.16
CA ASP C 459 -16.37 -50.95 -1.03
C ASP C 459 -16.05 -50.11 -2.26
N ARG C 460 -16.47 -48.87 -2.34
CA ARG C 460 -16.29 -48.20 -3.62
C ARG C 460 -15.76 -46.78 -3.38
N GLU C 461 -15.14 -46.20 -4.42
CA GLU C 461 -14.63 -44.83 -4.39
C GLU C 461 -15.76 -43.80 -4.54
N GLY C 462 -15.50 -42.57 -4.11
CA GLY C 462 -16.38 -41.46 -4.46
C GLY C 462 -17.39 -41.09 -3.40
N ASN C 463 -18.12 -40.01 -3.69
CA ASN C 463 -19.15 -39.43 -2.85
C ASN C 463 -20.52 -39.96 -3.24
N TYR C 464 -21.37 -40.26 -2.25
CA TYR C 464 -22.67 -40.86 -2.50
C TYR C 464 -23.75 -40.12 -1.72
N HIS C 465 -24.88 -39.88 -2.38
CA HIS C 465 -26.09 -39.36 -1.76
C HIS C 465 -27.22 -40.34 -2.03
N THR C 466 -28.02 -40.62 -1.01
CA THR C 466 -29.15 -41.52 -1.18
C THR C 466 -30.41 -40.76 -0.80
N LEU C 467 -31.49 -41.05 -1.51
CA LEU C 467 -32.80 -40.52 -1.15
C LEU C 467 -33.42 -41.45 -0.12
N TRP C 468 -33.47 -41.01 1.13
CA TRP C 468 -33.88 -41.89 2.23
C TRP C 468 -35.39 -41.86 2.45
N MET D 1 -41.10 -3.62 -7.37
CA MET D 1 -42.22 -4.53 -7.39
C MET D 1 -42.14 -5.84 -6.61
N CYS D 2 -41.02 -6.12 -5.90
CA CYS D 2 -40.81 -7.37 -5.17
C CYS D 2 -40.84 -7.15 -3.66
N ASP D 3 -41.43 -8.10 -2.93
CA ASP D 3 -41.52 -7.98 -1.48
C ASP D 3 -40.16 -8.16 -0.81
N ILE D 4 -39.33 -9.07 -1.31
CA ILE D 4 -38.10 -9.44 -0.63
C ILE D 4 -37.18 -10.09 -1.66
N GLY D 5 -35.88 -9.94 -1.47
CA GLY D 5 -34.93 -10.59 -2.36
C GLY D 5 -34.05 -11.62 -1.68
N LEU D 6 -33.45 -12.53 -2.46
CA LEU D 6 -32.61 -13.57 -1.89
C LEU D 6 -31.39 -13.83 -2.79
N ILE D 7 -30.21 -13.90 -2.18
CA ILE D 7 -28.94 -14.09 -2.88
C ILE D 7 -28.31 -15.40 -2.41
N GLY D 8 -27.89 -16.23 -3.36
CA GLY D 8 -27.27 -17.51 -3.10
C GLY D 8 -28.26 -18.64 -3.30
N LEU D 9 -28.12 -19.44 -4.36
CA LEU D 9 -29.16 -20.42 -4.72
C LEU D 9 -28.56 -21.83 -4.80
N ALA D 10 -28.20 -22.39 -3.64
CA ALA D 10 -27.97 -23.82 -3.53
C ALA D 10 -29.35 -24.45 -3.37
N VAL D 11 -29.44 -25.74 -3.07
CA VAL D 11 -30.78 -26.31 -2.89
C VAL D 11 -31.49 -25.64 -1.72
N MET D 12 -30.73 -25.16 -0.72
CA MET D 12 -31.32 -24.43 0.40
C MET D 12 -31.95 -23.11 -0.03
N GLY D 13 -31.23 -22.34 -0.83
CA GLY D 13 -31.77 -21.07 -1.30
C GLY D 13 -32.97 -21.26 -2.21
N GLN D 14 -32.92 -22.27 -3.08
CA GLN D 14 -34.05 -22.55 -3.93
C GLN D 14 -35.27 -22.95 -3.09
N ASN D 15 -35.10 -23.86 -2.14
CA ASN D 15 -36.25 -24.30 -1.35
C ASN D 15 -36.85 -23.16 -0.56
N LEU D 16 -36.01 -22.31 0.03
CA LEU D 16 -36.54 -21.20 0.81
C LEU D 16 -37.26 -20.17 -0.08
N SER D 17 -36.81 -19.97 -1.32
CA SER D 17 -37.48 -19.02 -2.23
C SER D 17 -38.83 -19.53 -2.69
N LEU D 18 -38.92 -20.81 -3.02
CA LEU D 18 -40.22 -21.37 -3.34
C LEU D 18 -41.15 -21.32 -2.13
N ASN D 19 -40.57 -21.43 -0.93
CA ASN D 19 -41.39 -21.38 0.28
C ASN D 19 -42.05 -20.00 0.40
N ILE D 20 -41.26 -18.95 0.18
CA ILE D 20 -41.76 -17.59 0.28
C ILE D 20 -42.83 -17.31 -0.78
N SER D 21 -42.62 -17.81 -2.00
CA SER D 21 -43.61 -17.60 -3.05
C SER D 21 -44.86 -18.44 -2.82
N SER D 22 -44.72 -19.64 -2.26
CA SER D 22 -45.90 -20.45 -2.00
C SER D 22 -46.83 -19.80 -0.97
N LYS D 23 -46.33 -18.85 -0.15
CA LYS D 23 -47.16 -18.19 0.85
C LYS D 23 -47.60 -16.80 0.38
N GLY D 24 -47.56 -16.54 -0.93
CA GLY D 24 -48.12 -15.35 -1.52
C GLY D 24 -47.24 -14.13 -1.53
N PHE D 25 -45.92 -14.31 -1.55
CA PHE D 25 -44.99 -13.19 -1.57
C PHE D 25 -44.24 -13.16 -2.89
N LYS D 26 -43.90 -11.95 -3.32
CA LYS D 26 -43.27 -11.74 -4.61
C LYS D 26 -41.77 -11.59 -4.37
N ILE D 27 -41.01 -12.61 -4.71
CA ILE D 27 -39.61 -12.73 -4.30
C ILE D 27 -38.68 -12.59 -5.50
N GLY D 28 -37.68 -11.73 -5.36
CA GLY D 28 -36.60 -11.64 -6.34
C GLY D 28 -35.40 -12.51 -5.93
N VAL D 29 -34.65 -12.96 -6.93
CA VAL D 29 -33.70 -14.04 -6.77
C VAL D 29 -32.45 -13.79 -7.61
N TYR D 30 -31.27 -13.94 -7.00
CA TYR D 30 -30.00 -13.77 -7.72
C TYR D 30 -29.00 -14.82 -7.25
N ASN D 31 -28.12 -15.24 -8.17
CA ASN D 31 -27.01 -16.14 -7.86
C ASN D 31 -25.88 -15.84 -8.83
N ARG D 32 -24.63 -16.00 -8.35
CA ARG D 32 -23.49 -15.62 -9.18
C ARG D 32 -23.31 -16.57 -10.35
N THR D 33 -23.57 -17.85 -10.15
CA THR D 33 -23.63 -18.80 -11.27
C THR D 33 -25.06 -18.80 -11.82
N TYR D 34 -25.25 -18.23 -13.01
CA TYR D 34 -26.60 -17.95 -13.49
C TYR D 34 -27.41 -19.21 -13.77
N GLU D 35 -26.75 -20.34 -14.06
CA GLU D 35 -27.49 -21.57 -14.36
C GLU D 35 -28.36 -21.99 -13.18
N ARG D 36 -27.92 -21.71 -11.95
CA ARG D 36 -28.71 -22.01 -10.77
C ARG D 36 -29.98 -21.17 -10.73
N THR D 37 -29.88 -19.92 -11.21
CA THR D 37 -31.07 -19.06 -11.27
C THR D 37 -32.10 -19.62 -12.23
N GLU D 38 -31.66 -20.08 -13.41
CA GLU D 38 -32.58 -20.61 -14.41
C GLU D 38 -33.19 -21.92 -13.95
N GLU D 39 -32.43 -22.74 -13.23
CA GLU D 39 -32.98 -23.95 -12.63
C GLU D 39 -33.99 -23.59 -11.52
N THR D 40 -33.81 -22.46 -10.85
CA THR D 40 -34.79 -22.02 -9.86
C THR D 40 -36.08 -21.57 -10.51
N MET D 41 -36.00 -20.80 -11.62
CA MET D 41 -37.21 -20.34 -12.28
C MET D 41 -38.02 -21.48 -12.90
N LYS D 42 -37.36 -22.54 -13.39
CA LYS D 42 -38.13 -23.65 -13.93
C LYS D 42 -38.85 -24.40 -12.82
N ARG D 43 -38.14 -24.79 -11.78
CA ARG D 43 -38.78 -25.45 -10.64
C ARG D 43 -39.99 -24.67 -10.17
N ALA D 44 -39.84 -23.36 -10.01
CA ALA D 44 -40.97 -22.49 -9.71
C ALA D 44 -42.09 -22.67 -10.73
N LYS D 45 -41.74 -22.58 -12.02
CA LYS D 45 -42.73 -22.75 -13.08
C LYS D 45 -43.42 -24.11 -13.00
N GLU D 46 -42.66 -25.15 -12.68
CA GLU D 46 -43.22 -26.50 -12.63
C GLU D 46 -43.97 -26.77 -11.32
N GLU D 47 -43.91 -25.86 -10.35
CA GLU D 47 -44.76 -26.00 -9.17
C GLU D 47 -45.91 -25.00 -9.16
N ASN D 48 -46.03 -24.17 -10.20
CA ASN D 48 -47.11 -23.18 -10.31
C ASN D 48 -46.90 -22.04 -9.34
N LEU D 49 -45.67 -21.58 -9.26
CA LEU D 49 -45.27 -20.45 -8.46
C LEU D 49 -44.36 -19.54 -9.28
N VAL D 50 -44.32 -18.28 -8.89
CA VAL D 50 -43.56 -17.28 -9.63
C VAL D 50 -42.42 -16.80 -8.75
N VAL D 51 -41.21 -16.89 -9.29
CA VAL D 51 -40.03 -16.30 -8.70
C VAL D 51 -39.29 -15.57 -9.80
N TYR D 52 -38.99 -14.29 -9.56
CA TYR D 52 -38.32 -13.46 -10.54
C TYR D 52 -36.82 -13.62 -10.39
N GLY D 53 -36.15 -14.08 -11.45
CA GLY D 53 -34.73 -14.31 -11.44
C GLY D 53 -34.02 -13.16 -12.13
N TYR D 54 -32.93 -12.71 -11.53
CA TYR D 54 -32.17 -11.57 -12.01
C TYR D 54 -30.72 -11.97 -12.24
N LYS D 55 -30.19 -11.60 -13.41
CA LYS D 55 -28.80 -11.94 -13.73
C LYS D 55 -27.82 -11.12 -12.89
N THR D 56 -28.24 -10.00 -12.30
CA THR D 56 -27.32 -9.19 -11.50
C THR D 56 -28.00 -8.74 -10.21
N VAL D 57 -27.15 -8.46 -9.21
CA VAL D 57 -27.63 -7.93 -7.92
C VAL D 57 -28.35 -6.62 -8.10
N GLU D 58 -27.83 -5.78 -9.02
CA GLU D 58 -28.40 -4.45 -9.21
C GLU D 58 -29.85 -4.54 -9.61
N GLU D 59 -30.18 -5.43 -10.54
CA GLU D 59 -31.53 -5.39 -11.04
C GLU D 59 -32.46 -5.98 -10.01
N LEU D 60 -31.94 -6.89 -9.18
CA LEU D 60 -32.70 -7.41 -8.07
C LEU D 60 -32.98 -6.29 -7.07
N ILE D 61 -31.99 -5.44 -6.81
CA ILE D 61 -32.22 -4.32 -5.89
C ILE D 61 -33.23 -3.35 -6.46
N ASN D 62 -33.16 -3.06 -7.76
CA ASN D 62 -34.07 -2.08 -8.34
C ASN D 62 -35.50 -2.61 -8.48
N ASN D 63 -35.78 -3.83 -8.04
CA ASN D 63 -37.12 -4.40 -8.11
C ASN D 63 -37.73 -4.62 -6.74
N LEU D 64 -37.14 -4.06 -5.68
CA LEU D 64 -37.62 -4.22 -4.31
C LEU D 64 -38.35 -2.98 -3.82
N LYS D 65 -39.40 -3.21 -3.03
CA LYS D 65 -40.07 -2.09 -2.38
C LYS D 65 -39.21 -1.51 -1.27
N LYS D 66 -39.46 -0.23 -0.97
CA LYS D 66 -38.97 0.29 0.29
C LYS D 66 -39.87 -0.20 1.42
N PRO D 67 -39.30 -0.63 2.55
CA PRO D 67 -37.86 -0.80 2.79
C PRO D 67 -37.32 -2.04 2.09
N ARG D 68 -36.14 -1.96 1.49
CA ARG D 68 -35.60 -3.08 0.73
C ARG D 68 -35.19 -4.21 1.67
N LYS D 69 -35.52 -5.44 1.32
CA LYS D 69 -35.21 -6.58 2.16
C LYS D 69 -34.55 -7.66 1.34
N VAL D 70 -33.31 -8.00 1.68
CA VAL D 70 -32.54 -9.01 0.98
C VAL D 70 -31.97 -10.02 1.98
N ILE D 71 -32.19 -11.31 1.68
CA ILE D 71 -31.74 -12.46 2.45
C ILE D 71 -30.48 -13.01 1.81
N LEU D 72 -29.49 -13.36 2.63
CA LEU D 72 -28.24 -13.91 2.14
C LEU D 72 -28.07 -15.35 2.58
N LEU D 73 -27.76 -16.20 1.60
CA LEU D 73 -27.48 -17.62 1.78
C LEU D 73 -26.20 -17.94 1.01
N ILE D 74 -25.13 -17.23 1.41
CA ILE D 74 -23.78 -17.37 0.89
C ILE D 74 -22.97 -18.20 1.85
N LYS D 75 -22.10 -19.07 1.28
CA LYS D 75 -21.13 -19.81 2.08
C LYS D 75 -20.24 -18.83 2.82
N ALA D 76 -19.86 -19.21 4.05
CA ALA D 76 -19.08 -18.29 4.88
C ALA D 76 -17.71 -18.03 4.26
N GLY D 77 -17.29 -16.78 4.28
CA GLY D 77 -16.03 -16.39 3.67
C GLY D 77 -16.03 -14.95 3.18
N PRO D 78 -15.02 -14.60 2.38
CA PRO D 78 -14.92 -13.22 1.89
C PRO D 78 -16.05 -12.84 0.95
N ALA D 79 -16.73 -13.81 0.34
CA ALA D 79 -17.83 -13.48 -0.55
C ALA D 79 -18.94 -12.77 0.21
N VAL D 80 -19.13 -13.10 1.48
CA VAL D 80 -20.20 -12.49 2.24
C VAL D 80 -19.96 -10.99 2.37
N ASP D 81 -18.70 -10.61 2.62
CA ASP D 81 -18.41 -9.20 2.86
C ASP D 81 -18.56 -8.35 1.61
N GLU D 82 -18.10 -8.85 0.45
CA GLU D 82 -18.24 -8.08 -0.79
C GLU D 82 -19.69 -7.98 -1.22
N ASN D 83 -20.46 -9.07 -1.15
CA ASN D 83 -21.89 -8.96 -1.43
C ASN D 83 -22.54 -7.91 -0.51
N ILE D 84 -22.15 -7.88 0.77
CA ILE D 84 -22.70 -6.87 1.69
C ILE D 84 -22.23 -5.47 1.29
N SER D 85 -20.95 -5.34 0.94
CA SER D 85 -20.41 -4.07 0.47
C SER D 85 -21.05 -3.62 -0.84
N ASN D 86 -21.28 -4.57 -1.77
CA ASN D 86 -21.90 -4.23 -3.04
C ASN D 86 -23.33 -3.75 -2.84
N ILE D 87 -24.08 -4.37 -1.92
CA ILE D 87 -25.47 -3.99 -1.68
C ILE D 87 -25.55 -2.58 -1.09
N LEU D 88 -24.58 -2.22 -0.24
CA LEU D 88 -24.59 -0.93 0.43
C LEU D 88 -24.44 0.21 -0.55
N LYS D 89 -23.84 -0.05 -1.73
CA LYS D 89 -23.72 0.95 -2.78
C LYS D 89 -25.07 1.40 -3.35
N HIS D 90 -26.15 0.64 -3.13
CA HIS D 90 -27.46 1.04 -3.61
C HIS D 90 -28.53 1.06 -2.53
N PHE D 91 -28.24 0.59 -1.33
CA PHE D 91 -29.22 0.69 -0.24
C PHE D 91 -29.10 2.05 0.44
N GLU D 92 -30.23 2.49 1.01
CA GLU D 92 -30.30 3.76 1.71
C GLU D 92 -30.91 3.56 3.11
N LYS D 93 -31.16 4.67 3.82
CA LYS D 93 -31.69 4.61 5.16
C LYS D 93 -32.94 3.74 5.20
N GLY D 94 -33.04 2.88 6.21
CA GLY D 94 -34.23 2.08 6.41
C GLY D 94 -34.23 0.73 5.74
N ASP D 95 -33.31 0.48 4.80
CA ASP D 95 -33.25 -0.81 4.13
C ASP D 95 -32.60 -1.86 5.05
N ILE D 96 -32.88 -3.14 4.77
CA ILE D 96 -32.54 -4.23 5.70
C ILE D 96 -31.75 -5.33 4.98
N ILE D 97 -30.66 -5.78 5.61
CA ILE D 97 -29.88 -6.92 5.14
C ILE D 97 -30.02 -8.04 6.17
N ILE D 98 -30.32 -9.25 5.70
CA ILE D 98 -30.59 -10.43 6.54
C ILE D 98 -29.60 -11.52 6.13
N ASP D 99 -28.62 -11.79 6.99
CA ASP D 99 -27.69 -12.89 6.73
C ASP D 99 -28.26 -14.16 7.37
N GLY D 100 -28.49 -15.18 6.55
CA GLY D 100 -29.09 -16.41 6.98
C GLY D 100 -28.07 -17.54 7.05
N GLY D 101 -26.80 -17.25 6.73
CA GLY D 101 -25.78 -18.27 6.79
C GLY D 101 -25.39 -18.62 8.22
N ASN D 102 -24.67 -19.72 8.37
CA ASN D 102 -24.16 -20.11 9.69
C ASN D 102 -22.87 -19.36 9.96
N GLU D 103 -22.97 -18.29 10.73
CA GLU D 103 -21.86 -17.38 10.89
C GLU D 103 -21.36 -17.31 12.32
N TRP D 104 -20.04 -17.20 12.45
CA TRP D 104 -19.41 -16.89 13.72
C TRP D 104 -19.87 -15.51 14.17
N TYR D 105 -20.40 -15.44 15.39
CA TYR D 105 -21.17 -14.26 15.81
C TYR D 105 -20.36 -12.98 15.75
N ILE D 106 -19.05 -13.05 15.91
CA ILE D 106 -18.24 -11.83 15.88
C ILE D 106 -18.28 -11.19 14.49
N ASN D 107 -18.20 -12.01 13.43
CA ASN D 107 -18.26 -11.50 12.05
C ASN D 107 -19.54 -10.72 11.82
N SER D 108 -20.67 -11.20 12.35
CA SER D 108 -21.93 -10.49 12.21
C SER D 108 -21.91 -9.18 12.98
N GLU D 109 -21.34 -9.18 14.19
CA GLU D 109 -21.27 -7.98 15.00
C GLU D 109 -20.48 -6.88 14.28
N ARG D 110 -19.42 -7.28 13.58
CA ARG D 110 -18.67 -6.33 12.77
C ARG D 110 -19.50 -5.80 11.61
N ARG D 111 -20.28 -6.67 10.96
CA ARG D 111 -21.12 -6.21 9.87
C ARG D 111 -22.29 -5.39 10.37
N ILE D 112 -22.84 -5.73 11.55
CA ILE D 112 -23.93 -4.94 12.10
C ILE D 112 -23.51 -3.49 12.31
N LYS D 113 -22.30 -3.26 12.86
CA LYS D 113 -21.84 -1.89 13.07
C LYS D 113 -21.58 -1.19 11.73
N LEU D 114 -20.87 -1.86 10.81
CA LEU D 114 -20.45 -1.25 9.55
C LEU D 114 -21.65 -0.86 8.70
N CYS D 115 -22.76 -1.59 8.85
CA CYS D 115 -23.97 -1.31 8.06
C CYS D 115 -24.73 -0.10 8.57
N LYS D 116 -24.66 0.16 9.88
CA LYS D 116 -25.26 1.38 10.41
C LYS D 116 -24.48 2.63 10.00
N GLU D 117 -23.31 2.48 9.39
CA GLU D 117 -22.59 3.62 8.86
C GLU D 117 -23.22 4.17 7.58
N LYS D 118 -24.05 3.38 6.88
CA LYS D 118 -24.94 3.93 5.87
C LYS D 118 -26.39 3.96 6.35
N ASP D 119 -26.62 3.67 7.63
CA ASP D 119 -27.94 3.68 8.27
C ASP D 119 -28.82 2.53 7.78
N VAL D 120 -28.20 1.37 7.50
CA VAL D 120 -28.90 0.17 7.06
C VAL D 120 -29.00 -0.78 8.24
N GLU D 121 -30.19 -1.35 8.46
CA GLU D 121 -30.43 -2.23 9.58
C GLU D 121 -30.10 -3.67 9.19
N TYR D 122 -29.34 -4.35 10.04
CA TYR D 122 -28.84 -5.69 9.79
C TYR D 122 -29.60 -6.68 10.64
N LEU D 123 -29.71 -7.91 10.14
CA LEU D 123 -30.43 -8.96 10.84
C LEU D 123 -29.65 -10.25 10.61
N ALA D 124 -28.89 -10.69 11.62
CA ALA D 124 -28.19 -11.96 11.58
C ALA D 124 -29.13 -13.04 12.10
N MET D 125 -29.49 -13.99 11.24
CA MET D 125 -30.55 -14.93 11.56
C MET D 125 -30.08 -16.37 11.35
N GLY D 126 -30.21 -17.18 12.40
CA GLY D 126 -29.93 -18.60 12.27
C GLY D 126 -31.14 -19.33 11.71
N VAL D 127 -30.86 -20.35 10.89
CA VAL D 127 -31.90 -21.15 10.25
C VAL D 127 -31.53 -22.63 10.34
N SER D 128 -32.47 -23.45 10.79
CA SER D 128 -32.25 -24.88 10.93
C SER D 128 -33.42 -25.67 10.38
N GLY D 129 -33.11 -26.79 9.73
CA GLY D 129 -34.15 -27.63 9.18
C GLY D 129 -33.71 -28.37 7.95
N GLY D 130 -32.48 -28.14 7.51
CA GLY D 130 -32.05 -28.80 6.30
C GLY D 130 -32.82 -28.30 5.07
N GLU D 131 -32.70 -29.07 4.01
CA GLU D 131 -33.35 -28.69 2.77
C GLU D 131 -34.87 -28.90 2.83
N ALA D 132 -35.30 -29.89 3.60
CA ALA D 132 -36.73 -30.11 3.75
C ALA D 132 -37.41 -28.96 4.47
N GLY D 133 -36.80 -28.45 5.56
CA GLY D 133 -37.35 -27.32 6.29
C GLY D 133 -37.31 -26.02 5.50
N ALA D 134 -36.30 -25.85 4.64
CA ALA D 134 -36.24 -24.67 3.80
C ALA D 134 -37.46 -24.60 2.87
N ARG D 135 -37.94 -25.75 2.39
CA ARG D 135 -39.09 -25.74 1.48
C ARG D 135 -40.43 -25.77 2.20
N TYR D 136 -40.59 -26.57 3.27
CA TYR D 136 -41.89 -26.80 3.87
C TYR D 136 -42.12 -26.12 5.21
N GLY D 137 -41.07 -25.64 5.86
CA GLY D 137 -41.21 -24.93 7.12
C GLY D 137 -40.05 -25.18 8.06
N CYS D 138 -39.32 -24.13 8.42
CA CYS D 138 -38.13 -24.31 9.22
C CYS D 138 -38.22 -23.45 10.47
N SER D 139 -37.15 -23.48 11.26
CA SER D 139 -37.02 -22.75 12.50
C SER D 139 -36.14 -21.52 12.26
N PHE D 140 -36.72 -20.32 12.43
CA PHE D 140 -35.99 -19.07 12.23
C PHE D 140 -35.55 -18.48 13.55
N MET D 141 -34.29 -18.02 13.60
CA MET D 141 -33.68 -17.46 14.81
C MET D 141 -33.06 -16.10 14.50
N PRO D 142 -33.91 -15.09 14.23
CA PRO D 142 -33.39 -13.76 13.85
C PRO D 142 -32.98 -12.93 15.05
N GLY D 143 -31.85 -12.24 14.90
CA GLY D 143 -31.35 -11.37 15.94
C GLY D 143 -30.74 -10.12 15.34
N GLY D 144 -30.88 -8.98 16.04
CA GLY D 144 -30.39 -7.73 15.52
C GLY D 144 -31.41 -6.63 15.70
N SER D 145 -31.66 -5.87 14.62
CA SER D 145 -32.59 -4.75 14.66
C SER D 145 -34.03 -5.20 14.92
N LYS D 146 -34.63 -4.70 16.00
CA LYS D 146 -36.05 -4.95 16.25
C LYS D 146 -36.92 -4.30 15.18
N TYR D 147 -36.43 -3.20 14.59
CA TYR D 147 -37.10 -2.66 13.41
C TYR D 147 -37.01 -3.64 12.25
N ALA D 148 -35.81 -4.13 11.97
CA ALA D 148 -35.65 -5.10 10.90
C ALA D 148 -36.49 -6.36 11.16
N TYR D 149 -36.56 -6.82 12.41
CA TYR D 149 -37.38 -7.99 12.69
C TYR D 149 -38.84 -7.74 12.34
N ASP D 150 -39.38 -6.58 12.71
CA ASP D 150 -40.81 -6.33 12.52
C ASP D 150 -41.18 -6.17 11.04
N CYS D 151 -40.26 -5.64 10.20
CA CYS D 151 -40.57 -5.51 8.78
C CYS D 151 -40.58 -6.85 8.04
N VAL D 152 -39.79 -7.83 8.48
CA VAL D 152 -39.75 -9.14 7.84
C VAL D 152 -40.49 -10.21 8.63
N LYS D 153 -41.01 -9.85 9.80
CA LYS D 153 -41.60 -10.81 10.70
C LYS D 153 -42.69 -11.65 10.03
N GLU D 154 -43.63 -11.00 9.34
CA GLU D 154 -44.69 -11.77 8.68
C GLU D 154 -44.15 -12.88 7.79
N ILE D 155 -43.14 -12.58 6.95
CA ILE D 155 -42.65 -13.60 6.02
C ILE D 155 -42.07 -14.78 6.80
N LEU D 156 -41.34 -14.51 7.89
CA LEU D 156 -40.76 -15.61 8.66
C LEU D 156 -41.81 -16.40 9.43
N GLU D 157 -42.88 -15.75 9.89
CA GLU D 157 -43.92 -16.49 10.63
C GLU D 157 -44.62 -17.50 9.73
N LYS D 158 -44.85 -17.18 8.47
CA LYS D 158 -45.61 -18.06 7.59
C LYS D 158 -44.74 -19.15 6.95
N CYS D 159 -43.47 -18.87 6.65
CA CYS D 159 -42.56 -19.88 6.11
C CYS D 159 -41.93 -20.75 7.18
N SER D 160 -42.08 -20.41 8.46
CA SER D 160 -41.51 -21.28 9.46
C SER D 160 -42.40 -22.50 9.66
N ALA D 161 -41.80 -23.56 10.22
CA ALA D 161 -42.59 -24.71 10.63
C ALA D 161 -43.59 -24.29 11.71
N GLN D 162 -44.78 -24.86 11.67
CA GLN D 162 -45.87 -24.49 12.57
C GLN D 162 -46.17 -25.67 13.47
N VAL D 163 -46.06 -25.46 14.78
CA VAL D 163 -46.44 -26.49 15.74
C VAL D 163 -47.67 -25.96 16.46
N GLY D 164 -48.79 -26.66 16.25
CA GLY D 164 -50.10 -26.12 16.60
C GLY D 164 -50.37 -24.89 15.77
N ASN D 165 -50.58 -23.77 16.48
CA ASN D 165 -50.80 -22.47 15.87
C ASN D 165 -49.64 -21.52 16.12
N SER D 166 -48.53 -22.01 16.76
CA SER D 166 -47.36 -21.14 16.96
C SER D 166 -46.37 -21.30 15.81
N PRO D 167 -45.93 -20.20 15.19
CA PRO D 167 -44.87 -20.31 14.18
C PRO D 167 -43.53 -20.40 14.90
N CYS D 168 -42.60 -21.16 14.31
CA CYS D 168 -41.25 -21.36 14.89
C CYS D 168 -40.30 -20.22 14.51
N VAL D 169 -40.64 -19.04 15.03
CA VAL D 169 -39.84 -17.82 14.89
C VAL D 169 -40.06 -16.98 16.15
N THR D 170 -39.02 -16.28 16.56
CA THR D 170 -39.10 -15.32 17.66
C THR D 170 -38.00 -14.32 17.43
N TYR D 171 -38.15 -13.12 18.01
CA TYR D 171 -37.06 -12.17 18.03
C TYR D 171 -36.05 -12.62 19.07
N ILE D 172 -34.89 -13.09 18.59
CA ILE D 172 -33.92 -13.67 19.50
C ILE D 172 -33.35 -12.61 20.43
N GLY D 173 -32.92 -11.48 19.85
CA GLY D 173 -32.35 -10.38 20.59
C GLY D 173 -31.56 -9.46 19.69
N PRO D 174 -30.81 -8.53 20.28
CA PRO D 174 -29.98 -7.61 19.50
C PRO D 174 -28.65 -8.25 19.08
N GLY D 175 -27.91 -7.52 18.25
CA GLY D 175 -26.60 -7.97 17.88
C GLY D 175 -26.65 -9.34 17.23
N SER D 176 -25.59 -10.13 17.44
CA SER D 176 -25.47 -11.44 16.82
C SER D 176 -25.97 -12.57 17.70
N SER D 177 -26.92 -12.29 18.58
CA SER D 177 -27.46 -13.33 19.44
C SER D 177 -28.09 -14.43 18.61
N GLY D 178 -28.65 -14.08 17.45
CA GLY D 178 -29.25 -15.11 16.59
C GLY D 178 -28.24 -16.11 16.07
N ASN D 179 -27.05 -15.62 15.63
CA ASN D 179 -25.97 -16.54 15.28
C ASN D 179 -25.57 -17.39 16.48
N TYR D 180 -25.59 -16.77 17.67
CA TYR D 180 -25.14 -17.49 18.84
C TYR D 180 -26.11 -18.61 19.20
N VAL D 181 -27.42 -18.36 19.09
CA VAL D 181 -28.41 -19.39 19.41
C VAL D 181 -28.39 -20.54 18.40
N LYS D 182 -28.18 -20.26 17.12
CA LYS D 182 -28.07 -21.37 16.16
C LYS D 182 -26.82 -22.18 16.42
N MET D 183 -25.76 -21.53 16.89
CA MET D 183 -24.54 -22.24 17.19
C MET D 183 -24.77 -23.26 18.31
N VAL D 184 -25.36 -22.83 19.43
CA VAL D 184 -25.64 -23.75 20.53
C VAL D 184 -26.64 -24.83 20.12
N HIS D 185 -27.54 -24.51 19.18
CA HIS D 185 -28.38 -25.56 18.63
C HIS D 185 -27.51 -26.67 18.02
N ASN D 186 -26.57 -26.30 17.15
CA ASN D 186 -25.71 -27.31 16.55
C ASN D 186 -24.82 -27.97 17.60
N GLY D 187 -24.48 -27.24 18.66
CA GLY D 187 -23.78 -27.88 19.75
C GLY D 187 -24.64 -28.96 20.39
N ILE D 188 -25.87 -28.61 20.75
CA ILE D 188 -26.75 -29.63 21.28
C ILE D 188 -26.94 -30.75 20.26
N GLU D 189 -27.07 -30.39 18.97
CA GLU D 189 -27.30 -31.39 17.92
C GLU D 189 -26.18 -32.43 17.89
N TYR D 190 -24.93 -31.99 17.95
CA TYR D 190 -23.81 -32.93 17.94
C TYR D 190 -23.91 -33.93 19.08
N GLY D 191 -24.31 -33.47 20.26
CA GLY D 191 -24.45 -34.35 21.41
C GLY D 191 -25.55 -35.38 21.24
N ASP D 192 -26.70 -34.95 20.71
CA ASP D 192 -27.78 -35.89 20.46
C ASP D 192 -27.35 -36.98 19.49
N MET D 193 -26.67 -36.58 18.40
CA MET D 193 -26.22 -37.58 17.44
C MET D 193 -25.25 -38.55 18.10
N GLN D 194 -24.39 -38.05 18.97
CA GLN D 194 -23.41 -38.91 19.62
C GLN D 194 -24.07 -39.81 20.65
N LEU D 195 -25.02 -39.29 21.43
CA LEU D 195 -25.73 -40.13 22.39
C LEU D 195 -26.53 -41.24 21.69
N ILE D 196 -27.22 -40.92 20.58
CA ILE D 196 -27.95 -41.92 19.80
C ILE D 196 -26.98 -42.94 19.22
N SER D 197 -25.85 -42.46 18.75
CA SER D 197 -24.81 -43.32 18.18
C SER D 197 -24.21 -44.30 19.20
N GLU D 198 -24.07 -43.91 20.48
CA GLU D 198 -23.59 -44.91 21.43
C GLU D 198 -24.69 -45.85 21.92
N SER D 199 -25.94 -45.38 22.02
CA SER D 199 -27.02 -46.32 22.34
C SER D 199 -27.19 -47.36 21.23
N TYR D 200 -26.96 -46.95 19.98
CA TYR D 200 -26.96 -47.90 18.88
C TYR D 200 -25.87 -48.96 19.11
N VAL D 201 -24.68 -48.51 19.44
CA VAL D 201 -23.55 -49.41 19.64
C VAL D 201 -23.82 -50.37 20.79
N ILE D 202 -24.42 -49.86 21.87
CA ILE D 202 -24.70 -50.71 23.03
C ILE D 202 -25.72 -51.79 22.69
N MET D 203 -26.80 -51.42 22.00
CA MET D 203 -27.77 -52.45 21.64
C MET D 203 -27.19 -53.44 20.65
N LYS D 204 -26.21 -53.02 19.85
CA LYS D 204 -25.66 -53.90 18.84
C LYS D 204 -24.68 -54.92 19.42
N HIS D 205 -23.91 -54.55 20.44
CA HIS D 205 -22.83 -55.40 20.92
C HIS D 205 -23.09 -56.04 22.28
N ILE D 206 -24.04 -55.53 23.04
CA ILE D 206 -24.38 -56.10 24.33
C ILE D 206 -25.60 -57.02 24.23
N LEU D 207 -26.69 -56.53 23.63
CA LEU D 207 -27.89 -57.31 23.42
C LEU D 207 -27.90 -58.07 22.09
N LYS D 208 -26.89 -57.81 21.24
CA LYS D 208 -26.71 -58.45 19.93
C LYS D 208 -27.90 -58.26 18.98
N TYR D 209 -28.51 -57.08 19.02
CA TYR D 209 -29.62 -56.79 18.11
C TYR D 209 -29.13 -56.59 16.68
N ASP D 210 -29.86 -57.16 15.72
CA ASP D 210 -29.55 -56.88 14.32
C ASP D 210 -30.25 -55.58 13.86
N ASN D 211 -29.89 -55.13 12.65
CA ASN D 211 -30.35 -53.82 12.18
C ASN D 211 -31.87 -53.73 12.11
N GLN D 212 -32.56 -54.85 11.91
CA GLN D 212 -34.02 -54.84 11.89
C GLN D 212 -34.59 -54.58 13.29
N LYS D 213 -34.04 -55.27 14.29
CA LYS D 213 -34.46 -55.06 15.68
C LYS D 213 -34.06 -53.66 16.17
N LEU D 214 -32.87 -53.19 15.78
CA LEU D 214 -32.46 -51.84 16.13
C LEU D 214 -33.44 -50.82 15.58
N SER D 215 -33.87 -50.99 14.33
CA SER D 215 -34.87 -50.12 13.77
C SER D 215 -36.16 -50.17 14.56
N GLU D 216 -36.57 -51.36 14.99
CA GLU D 216 -37.79 -51.50 15.76
C GLU D 216 -37.65 -50.86 17.13
N VAL D 217 -36.47 -50.90 17.72
CA VAL D 217 -36.30 -50.30 19.04
C VAL D 217 -36.42 -48.78 18.95
N PHE D 218 -35.80 -48.17 17.94
CA PHE D 218 -35.85 -46.72 17.84
C PHE D 218 -37.27 -46.21 17.51
N ASN D 219 -38.02 -46.97 16.71
CA ASN D 219 -39.42 -46.60 16.46
C ASN D 219 -40.26 -46.73 17.71
N LYS D 220 -39.98 -47.74 18.53
CA LYS D 220 -40.73 -47.89 19.77
C LYS D 220 -40.41 -46.73 20.73
N TRP D 221 -39.13 -46.34 20.79
CA TRP D 221 -38.74 -45.17 21.58
C TRP D 221 -39.35 -43.90 21.02
N ASN D 222 -39.52 -43.83 19.68
CA ASN D 222 -40.09 -42.64 19.05
C ASN D 222 -41.56 -42.42 19.43
N GLU D 223 -42.27 -43.48 19.84
CA GLU D 223 -43.66 -43.32 20.27
C GLU D 223 -43.77 -42.89 21.73
N GLY D 224 -42.68 -42.93 22.48
CA GLY D 224 -42.65 -42.59 23.90
C GLY D 224 -42.04 -41.23 24.16
N ILE D 225 -41.27 -41.14 25.25
CA ILE D 225 -40.77 -39.84 25.71
C ILE D 225 -39.65 -39.30 24.80
N LEU D 226 -38.98 -40.18 24.06
CA LEU D 226 -37.88 -39.83 23.17
C LEU D 226 -38.34 -39.40 21.76
N ASN D 227 -39.61 -39.06 21.58
CA ASN D 227 -40.12 -38.65 20.27
C ASN D 227 -39.34 -37.45 19.74
N SER D 228 -38.58 -37.64 18.66
CA SER D 228 -37.73 -36.56 18.16
C SER D 228 -37.41 -36.84 16.70
N TYR D 229 -36.99 -35.76 16.01
CA TYR D 229 -36.63 -35.91 14.61
C TYR D 229 -35.47 -36.88 14.47
N LEU D 230 -34.42 -36.70 15.30
CA LEU D 230 -33.27 -37.57 15.14
C LEU D 230 -33.59 -39.01 15.53
N ILE D 231 -34.45 -39.23 16.53
CA ILE D 231 -34.78 -40.59 16.90
C ILE D 231 -35.58 -41.27 15.79
N GLU D 232 -36.45 -40.50 15.11
CA GLU D 232 -37.22 -41.09 14.01
C GLU D 232 -36.33 -41.48 12.85
N ILE D 233 -35.39 -40.59 12.46
CA ILE D 233 -34.63 -40.88 11.26
C ILE D 233 -33.63 -42.02 11.48
N THR D 234 -33.18 -42.25 12.71
CA THR D 234 -32.28 -43.37 12.98
C THR D 234 -32.97 -44.71 12.81
N ALA D 235 -34.26 -44.77 13.12
CA ALA D 235 -35.03 -45.98 12.84
C ALA D 235 -35.16 -46.20 11.33
N ASN D 236 -35.46 -45.12 10.58
CA ASN D 236 -35.53 -45.26 9.12
C ASN D 236 -34.16 -45.58 8.54
N ILE D 237 -33.10 -44.98 9.07
CA ILE D 237 -31.76 -45.23 8.53
C ILE D 237 -31.34 -46.67 8.78
N LEU D 238 -31.53 -47.16 10.01
CA LEU D 238 -31.04 -48.50 10.35
C LEU D 238 -31.80 -49.63 9.65
N ALA D 239 -33.00 -49.36 9.13
CA ALA D 239 -33.72 -50.36 8.35
C ALA D 239 -33.38 -50.31 6.86
N LYS D 240 -32.84 -49.19 6.36
CA LYS D 240 -32.61 -49.05 4.93
C LYS D 240 -31.62 -50.11 4.46
N LYS D 241 -31.96 -50.71 3.33
CA LYS D 241 -31.14 -51.75 2.72
C LYS D 241 -30.39 -51.18 1.51
N ASP D 242 -29.22 -51.72 1.24
CA ASP D 242 -28.39 -51.24 0.13
C ASP D 242 -28.94 -51.77 -1.20
N ASP D 243 -28.86 -50.95 -2.25
CA ASP D 243 -29.15 -51.44 -3.60
C ASP D 243 -27.93 -52.04 -4.31
N LEU D 244 -26.71 -51.67 -3.92
CA LEU D 244 -25.51 -52.11 -4.64
C LEU D 244 -24.90 -53.38 -4.07
N THR D 245 -25.33 -53.81 -2.89
CA THR D 245 -24.97 -55.08 -2.25
C THR D 245 -26.18 -55.52 -1.43
N ASN D 246 -26.16 -56.75 -0.94
CA ASN D 246 -27.27 -57.28 -0.15
C ASN D 246 -27.19 -56.94 1.32
N ASN D 247 -26.33 -55.99 1.70
CA ASN D 247 -26.17 -55.53 3.06
C ASN D 247 -27.15 -54.39 3.38
N TYR D 248 -27.21 -54.01 4.66
CA TYR D 248 -27.88 -52.77 5.04
C TYR D 248 -26.99 -51.58 4.69
N LEU D 249 -27.60 -50.50 4.23
CA LEU D 249 -26.77 -49.45 3.66
C LEU D 249 -25.89 -48.79 4.73
N VAL D 250 -26.42 -48.63 5.96
CA VAL D 250 -25.64 -47.99 7.01
C VAL D 250 -24.36 -48.77 7.28
N ASP D 251 -24.37 -50.09 7.06
CA ASP D 251 -23.19 -50.91 7.28
C ASP D 251 -22.16 -50.76 6.17
N MET D 252 -22.47 -50.00 5.13
CA MET D 252 -21.58 -49.79 3.99
C MET D 252 -21.03 -48.38 3.91
N ILE D 253 -21.37 -47.50 4.88
CA ILE D 253 -20.90 -46.12 4.98
C ILE D 253 -19.59 -46.08 5.77
N LEU D 254 -18.62 -45.27 5.32
CA LEU D 254 -17.33 -45.24 5.99
C LEU D 254 -17.34 -44.23 7.13
N ASP D 255 -16.67 -44.59 8.23
CA ASP D 255 -16.81 -43.91 9.52
C ASP D 255 -15.70 -42.87 9.71
N ILE D 256 -15.65 -41.94 8.77
CA ILE D 256 -14.74 -40.80 8.84
C ILE D 256 -15.62 -39.57 8.73
N ALA D 257 -15.80 -38.86 9.84
CA ALA D 257 -16.63 -37.66 9.83
C ALA D 257 -16.00 -36.68 10.82
N GLY D 258 -15.20 -35.73 10.28
CA GLY D 258 -14.48 -34.78 11.12
C GLY D 258 -15.39 -33.67 11.65
N ALA D 259 -14.89 -32.95 12.64
CA ALA D 259 -15.66 -31.85 13.24
C ALA D 259 -15.82 -30.72 12.22
N LYS D 260 -17.06 -30.53 11.77
CA LYS D 260 -17.41 -29.58 10.71
C LYS D 260 -17.82 -28.25 11.33
N GLY D 261 -17.29 -27.15 10.79
CA GLY D 261 -17.84 -25.85 11.09
C GLY D 261 -18.27 -25.60 12.52
N THR D 262 -19.54 -25.25 12.69
CA THR D 262 -20.09 -24.73 13.95
C THR D 262 -19.95 -25.68 15.13
N GLY D 263 -19.62 -26.95 14.89
CA GLY D 263 -19.38 -27.83 16.01
C GLY D 263 -18.25 -27.31 16.88
N LYS D 264 -17.11 -27.00 16.25
CA LYS D 264 -15.98 -26.47 16.99
C LYS D 264 -16.32 -25.17 17.72
N TRP D 265 -17.22 -24.36 17.18
CA TRP D 265 -17.42 -23.03 17.74
C TRP D 265 -18.00 -23.10 19.15
N THR D 266 -18.98 -23.99 19.36
CA THR D 266 -19.58 -24.10 20.67
C THR D 266 -18.54 -24.49 21.73
N MET D 267 -17.60 -25.37 21.35
CA MET D 267 -16.53 -25.76 22.28
C MET D 267 -15.51 -24.65 22.45
N LEU D 268 -15.19 -23.94 21.36
CA LEU D 268 -14.30 -22.80 21.48
C LEU D 268 -14.87 -21.79 22.46
N GLU D 269 -16.20 -21.61 22.44
CA GLU D 269 -16.80 -20.63 23.32
C GLU D 269 -16.93 -21.16 24.74
N ALA D 270 -17.17 -22.47 24.88
CA ALA D 270 -17.25 -23.05 26.21
C ALA D 270 -15.91 -23.02 26.91
N THR D 271 -14.83 -23.32 26.18
CA THR D 271 -13.50 -23.28 26.76
C THR D 271 -13.11 -21.87 27.15
N GLU D 272 -13.28 -20.90 26.24
CA GLU D 272 -12.80 -19.54 26.48
C GLU D 272 -13.50 -18.90 27.68
N ARG D 273 -14.81 -19.06 27.78
CA ARG D 273 -15.60 -18.45 28.84
C ARG D 273 -15.67 -19.27 30.13
N GLY D 274 -15.08 -20.48 30.17
CA GLY D 274 -15.08 -21.29 31.37
C GLY D 274 -16.43 -21.88 31.71
N ILE D 275 -17.26 -22.19 30.71
CA ILE D 275 -18.55 -22.80 30.93
C ILE D 275 -18.43 -24.26 30.51
N PRO D 276 -18.53 -25.23 31.43
CA PRO D 276 -18.26 -26.63 31.08
C PRO D 276 -19.36 -27.26 30.23
N CYS D 277 -18.94 -27.95 29.17
CA CYS D 277 -19.85 -28.69 28.30
C CYS D 277 -19.21 -30.04 27.99
N PRO D 278 -19.18 -30.94 28.98
CA PRO D 278 -18.46 -32.21 28.76
C PRO D 278 -19.10 -33.06 27.67
N THR D 279 -20.43 -33.02 27.53
CA THR D 279 -21.10 -33.85 26.53
C THR D 279 -20.71 -33.43 25.13
N MET D 280 -20.31 -32.16 24.96
CA MET D 280 -19.86 -31.74 23.65
C MET D 280 -18.37 -31.96 23.41
N CYS D 281 -17.54 -31.94 24.47
CA CYS D 281 -16.19 -32.47 24.30
C CYS D 281 -16.26 -33.84 23.69
N ALA D 282 -17.13 -34.69 24.27
CA ALA D 282 -17.23 -36.08 23.87
C ALA D 282 -17.69 -36.20 22.42
N ALA D 283 -18.67 -35.39 21.99
CA ALA D 283 -19.11 -35.47 20.60
C ALA D 283 -18.00 -35.14 19.64
N LEU D 284 -17.24 -34.08 19.94
CA LEU D 284 -16.14 -33.61 19.09
C LEU D 284 -14.94 -34.54 19.13
N ASP D 285 -14.66 -35.15 20.28
CA ASP D 285 -13.58 -36.14 20.34
C ASP D 285 -13.90 -37.34 19.45
N ALA D 286 -15.15 -37.81 19.48
CA ALA D 286 -15.56 -38.93 18.64
C ALA D 286 -15.43 -38.59 17.16
N ARG D 287 -15.80 -37.38 16.76
CA ARG D 287 -15.68 -37.05 15.35
C ARG D 287 -14.22 -36.89 14.95
N ASN D 288 -13.43 -36.20 15.77
CA ASN D 288 -12.04 -35.97 15.42
C ASN D 288 -11.23 -37.26 15.43
N ILE D 289 -11.59 -38.21 16.29
CA ILE D 289 -10.87 -39.47 16.31
C ILE D 289 -11.16 -40.26 15.02
N SER D 290 -12.39 -40.15 14.50
CA SER D 290 -12.77 -40.96 13.34
C SER D 290 -11.97 -40.59 12.10
N VAL D 291 -11.43 -39.38 12.04
CA VAL D 291 -10.66 -39.00 10.88
C VAL D 291 -9.42 -39.86 10.76
N PHE D 292 -8.85 -40.29 11.88
CA PHE D 292 -7.61 -41.06 11.85
C PHE D 292 -7.89 -42.55 11.69
N LYS D 293 -8.55 -42.91 10.58
CA LYS D 293 -8.91 -44.30 10.32
C LYS D 293 -7.69 -45.20 10.21
N GLU D 294 -6.64 -44.75 9.52
CA GLU D 294 -5.45 -45.59 9.37
C GLU D 294 -4.80 -45.83 10.71
N LEU D 295 -4.79 -44.81 11.57
CA LEU D 295 -4.18 -44.95 12.88
C LEU D 295 -5.04 -45.79 13.80
N ARG D 296 -6.37 -45.70 13.67
CA ARG D 296 -7.28 -46.53 14.47
C ARG D 296 -7.07 -48.01 14.16
N THR D 297 -6.78 -48.34 12.90
CA THR D 297 -6.59 -49.73 12.53
C THR D 297 -5.27 -50.29 13.06
N LYS D 298 -4.18 -49.54 12.97
CA LYS D 298 -2.94 -50.05 13.58
C LYS D 298 -3.08 -50.24 15.09
N ALA D 299 -3.82 -49.37 15.75
CA ALA D 299 -3.98 -49.52 17.20
C ALA D 299 -4.78 -50.78 17.53
N GLU D 300 -5.83 -51.07 16.77
CA GLU D 300 -6.64 -52.23 17.10
C GLU D 300 -5.89 -53.53 16.83
N SER D 301 -5.05 -53.55 15.80
CA SER D 301 -4.21 -54.72 15.54
C SER D 301 -3.28 -54.98 16.71
N ASN D 302 -2.74 -53.91 17.29
CA ASN D 302 -1.88 -54.04 18.44
C ASN D 302 -2.69 -54.40 19.69
N PHE D 303 -3.86 -53.79 19.89
CA PHE D 303 -4.71 -54.12 21.04
C PHE D 303 -5.98 -54.81 20.55
N ASN D 304 -5.83 -56.04 20.06
CA ASN D 304 -6.96 -56.77 19.50
C ASN D 304 -8.10 -56.83 20.50
N LYS D 305 -9.32 -56.67 20.00
CA LYS D 305 -10.49 -56.83 20.85
C LYS D 305 -11.24 -58.11 20.47
N ASP D 306 -10.57 -59.25 20.67
CA ASP D 306 -11.04 -60.52 20.13
C ASP D 306 -12.47 -60.82 20.56
N ASN D 307 -12.73 -60.72 21.84
CA ASN D 307 -13.90 -61.34 22.44
C ASN D 307 -14.85 -60.30 23.03
N ILE D 308 -16.05 -60.20 22.43
CA ILE D 308 -17.13 -59.28 22.80
C ILE D 308 -18.26 -60.01 23.51
N LEU D 309 -18.02 -61.25 23.97
CA LEU D 309 -19.03 -62.11 24.57
C LEU D 309 -19.31 -61.68 25.99
N ILE D 310 -20.54 -61.96 26.42
CA ILE D 310 -21.05 -61.53 27.72
C ILE D 310 -21.24 -62.75 28.59
N ASP D 311 -21.16 -62.56 29.92
CA ASP D 311 -21.43 -63.65 30.83
C ASP D 311 -22.89 -64.09 30.69
N PRO D 312 -23.17 -65.40 30.70
CA PRO D 312 -24.57 -65.83 30.64
C PRO D 312 -25.37 -65.36 31.84
N ASN D 313 -24.78 -65.45 33.03
CA ASN D 313 -25.45 -65.07 34.27
C ASN D 313 -25.26 -63.58 34.51
N GLU D 314 -25.92 -62.78 33.66
CA GLU D 314 -25.95 -61.32 33.79
C GLU D 314 -27.34 -60.81 33.48
N ASP D 315 -27.90 -60.01 34.40
CA ASP D 315 -29.27 -59.55 34.27
C ASP D 315 -29.36 -58.44 33.23
N LEU D 316 -29.60 -58.84 32.00
CA LEU D 316 -29.95 -57.87 30.97
C LEU D 316 -31.43 -57.92 30.61
N ASN D 317 -32.31 -58.57 31.42
CA ASN D 317 -33.70 -58.64 30.92
C ASN D 317 -34.39 -57.29 30.92
N ASP D 318 -33.90 -56.33 31.71
CA ASP D 318 -34.49 -54.99 31.66
C ASP D 318 -33.48 -53.95 31.13
N PHE D 319 -32.42 -54.42 30.47
CA PHE D 319 -31.34 -53.56 30.01
C PHE D 319 -31.79 -52.62 28.90
N GLU D 320 -32.60 -53.12 27.97
CA GLU D 320 -33.04 -52.27 26.88
C GLU D 320 -33.79 -51.05 27.41
N ASN D 321 -34.65 -51.23 28.41
CA ASN D 321 -35.37 -50.05 28.88
C ASN D 321 -34.52 -49.23 29.85
N ASP D 322 -33.44 -49.81 30.40
CA ASP D 322 -32.44 -49.01 31.11
C ASP D 322 -31.69 -48.10 30.15
N LEU D 323 -31.45 -48.57 28.93
CA LEU D 323 -30.82 -47.73 27.91
C LEU D 323 -31.74 -46.63 27.43
N LEU D 324 -33.05 -46.91 27.36
CA LEU D 324 -34.01 -45.83 27.09
C LEU D 324 -33.93 -44.77 28.20
N ASN D 325 -33.88 -45.21 29.45
CA ASN D 325 -33.83 -44.26 30.57
C ASN D 325 -32.49 -43.53 30.62
N ALA D 326 -31.41 -44.23 30.28
CA ALA D 326 -30.12 -43.56 30.22
C ALA D 326 -30.12 -42.49 29.14
N LEU D 327 -30.62 -42.82 27.95
CA LEU D 327 -30.58 -41.86 26.84
C LEU D 327 -31.39 -40.61 27.16
N TYR D 328 -32.55 -40.78 27.79
CA TYR D 328 -33.35 -39.61 28.16
C TYR D 328 -32.63 -38.83 29.24
N CYS D 329 -32.01 -39.52 30.18
CA CYS D 329 -31.32 -38.86 31.28
C CYS D 329 -30.16 -38.04 30.75
N CYS D 330 -29.39 -38.59 29.80
CA CYS D 330 -28.27 -37.89 29.21
C CYS D 330 -28.74 -36.72 28.37
N LYS D 331 -29.88 -36.85 27.71
CA LYS D 331 -30.43 -35.73 26.95
C LYS D 331 -30.81 -34.58 27.87
N ILE D 332 -31.31 -34.89 29.07
CA ILE D 332 -31.56 -33.81 30.02
C ILE D 332 -30.25 -33.12 30.40
N ILE D 333 -29.21 -33.92 30.71
CA ILE D 333 -27.91 -33.38 31.08
C ILE D 333 -27.29 -32.59 29.93
N SER D 334 -27.43 -33.10 28.70
CA SER D 334 -26.81 -32.45 27.54
C SER D 334 -27.42 -31.06 27.34
N TYR D 335 -28.76 -30.97 27.38
CA TYR D 335 -29.43 -29.68 27.25
C TYR D 335 -29.17 -28.78 28.44
N THR D 336 -29.02 -29.35 29.63
CA THR D 336 -28.73 -28.53 30.81
C THR D 336 -27.46 -27.73 30.60
N GLN D 337 -26.42 -28.37 30.03
CA GLN D 337 -25.20 -27.64 29.68
C GLN D 337 -25.43 -26.57 28.61
N GLY D 338 -26.12 -26.93 27.51
CA GLY D 338 -26.28 -25.98 26.42
C GLY D 338 -27.03 -24.74 26.85
N LEU D 339 -28.12 -24.92 27.62
CA LEU D 339 -28.90 -23.78 28.08
C LEU D 339 -28.17 -23.01 29.17
N PHE D 340 -27.31 -23.67 29.94
CA PHE D 340 -26.52 -22.93 30.92
C PHE D 340 -25.57 -21.98 30.22
N LEU D 341 -24.89 -22.48 29.19
CA LEU D 341 -24.03 -21.63 28.37
C LEU D 341 -24.82 -20.50 27.74
N LEU D 342 -26.01 -20.79 27.20
CA LEU D 342 -26.82 -19.72 26.63
C LEU D 342 -27.16 -18.65 27.68
N LYS D 343 -27.63 -19.06 28.84
CA LYS D 343 -28.02 -18.08 29.86
C LYS D 343 -26.83 -17.22 30.29
N GLN D 344 -25.67 -17.85 30.50
CA GLN D 344 -24.49 -17.12 30.92
C GLN D 344 -24.03 -16.16 29.84
N VAL D 345 -24.01 -16.62 28.60
CA VAL D 345 -23.54 -15.74 27.54
C VAL D 345 -24.52 -14.58 27.38
N SER D 346 -25.82 -14.86 27.51
CA SER D 346 -26.79 -13.80 27.38
C SER D 346 -26.59 -12.72 28.43
N GLU D 347 -26.09 -13.08 29.61
CA GLU D 347 -25.85 -12.05 30.62
C GLU D 347 -24.57 -11.27 30.31
N GLU D 348 -23.50 -11.95 29.87
CA GLU D 348 -22.25 -11.25 29.57
C GLU D 348 -22.42 -10.33 28.35
N MET D 349 -23.40 -10.57 27.51
CA MET D 349 -23.64 -9.73 26.35
C MET D 349 -24.87 -8.88 26.50
N ASN D 350 -25.58 -9.00 27.62
CA ASN D 350 -26.86 -8.33 27.85
C ASN D 350 -27.82 -8.54 26.69
N TRP D 351 -28.01 -9.82 26.32
CA TRP D 351 -28.93 -10.16 25.25
C TRP D 351 -30.36 -10.34 25.72
N LYS D 352 -30.56 -10.72 26.99
CA LYS D 352 -31.89 -10.91 27.58
C LYS D 352 -32.66 -12.02 26.85
N LEU D 353 -31.93 -13.07 26.48
CA LEU D 353 -32.54 -14.20 25.80
C LEU D 353 -33.67 -14.78 26.63
N ASN D 354 -34.74 -15.14 25.93
CA ASN D 354 -35.89 -15.76 26.55
C ASN D 354 -35.76 -17.24 26.26
N LEU D 355 -35.17 -17.99 27.20
CA LEU D 355 -34.94 -19.41 26.93
C LEU D 355 -36.25 -20.19 26.82
N GLY D 356 -37.35 -19.70 27.41
CA GLY D 356 -38.64 -20.30 27.16
C GLY D 356 -39.05 -20.19 25.70
N GLU D 357 -38.74 -19.05 25.08
CA GLU D 357 -39.08 -18.84 23.68
C GLU D 357 -38.11 -19.57 22.75
N ILE D 358 -36.84 -19.70 23.15
CA ILE D 358 -35.94 -20.50 22.34
C ILE D 358 -36.42 -21.94 22.29
N ALA D 359 -36.92 -22.45 23.42
CA ALA D 359 -37.42 -23.81 23.47
C ALA D 359 -38.65 -23.98 22.59
N ARG D 360 -39.58 -23.04 22.65
CA ARG D 360 -40.78 -23.11 21.82
C ARG D 360 -40.41 -23.14 20.34
N ILE D 361 -39.37 -22.39 19.97
CA ILE D 361 -38.98 -22.27 18.56
C ILE D 361 -38.38 -23.54 18.01
N TRP D 362 -37.83 -24.38 18.86
CA TRP D 362 -37.19 -25.62 18.45
C TRP D 362 -38.13 -26.82 18.41
N ARG D 363 -39.41 -26.68 18.76
CA ARG D 363 -40.26 -27.87 18.74
C ARG D 363 -40.53 -28.35 17.32
N GLY D 364 -40.43 -27.47 16.33
CA GLY D 364 -40.57 -27.86 14.95
C GLY D 364 -39.52 -27.15 14.10
N GLY D 365 -39.35 -27.65 12.88
CA GLY D 365 -38.43 -27.06 11.90
C GLY D 365 -36.98 -27.50 12.00
N CYS D 366 -36.38 -27.40 13.17
CA CYS D 366 -34.96 -27.68 13.35
C CYS D 366 -34.67 -29.18 13.49
N ILE D 367 -33.38 -29.51 13.49
CA ILE D 367 -32.97 -30.91 13.50
C ILE D 367 -33.23 -31.55 14.87
N ILE D 368 -33.09 -30.76 15.95
CA ILE D 368 -33.23 -31.31 17.29
C ILE D 368 -34.68 -31.25 17.75
N ARG D 369 -35.63 -31.00 16.84
CA ARG D 369 -37.05 -30.97 17.21
C ARG D 369 -37.44 -32.24 17.95
N ALA D 370 -38.18 -32.06 19.04
CA ALA D 370 -38.46 -33.18 19.94
C ALA D 370 -39.57 -32.77 20.91
N VAL D 371 -40.39 -33.76 21.29
CA VAL D 371 -41.44 -33.55 22.28
C VAL D 371 -40.83 -33.08 23.58
N PHE D 372 -39.61 -33.55 23.85
CA PHE D 372 -38.81 -33.19 25.01
C PHE D 372 -38.63 -31.68 25.13
N LEU D 373 -38.60 -30.96 23.99
CA LEU D 373 -38.41 -29.51 23.98
C LEU D 373 -39.63 -28.76 24.47
N ASP D 374 -40.81 -29.35 24.38
CA ASP D 374 -41.99 -28.69 24.94
C ASP D 374 -41.86 -28.60 26.47
N ARG D 375 -41.26 -29.62 27.09
CA ARG D 375 -41.10 -29.62 28.54
C ARG D 375 -40.17 -28.51 28.99
N ILE D 376 -39.09 -28.27 28.23
CA ILE D 376 -38.19 -27.17 28.52
C ILE D 376 -38.92 -25.84 28.39
N ALA D 377 -39.77 -25.72 27.38
CA ALA D 377 -40.53 -24.50 27.23
C ALA D 377 -41.39 -24.26 28.47
N ASN D 378 -42.06 -25.31 28.95
CA ASN D 378 -42.91 -25.17 30.13
C ASN D 378 -42.09 -24.93 31.39
N ALA D 379 -40.90 -25.53 31.46
CA ALA D 379 -40.05 -25.33 32.62
C ALA D 379 -39.64 -23.87 32.78
N TYR D 380 -39.39 -23.15 31.69
CA TYR D 380 -38.99 -21.75 31.81
C TYR D 380 -40.17 -20.82 32.04
N LYS D 381 -41.38 -21.18 31.59
CA LYS D 381 -42.55 -20.34 31.84
C LYS D 381 -43.07 -20.46 33.27
N ASN D 382 -42.82 -21.59 33.96
CA ASN D 382 -42.89 -21.72 35.42
C ASN D 382 -41.76 -21.12 36.22
N ASN D 383 -40.53 -21.20 35.77
CA ASN D 383 -39.46 -20.54 36.51
C ASN D 383 -38.61 -19.82 35.47
N GLU D 384 -38.74 -18.49 35.38
CA GLU D 384 -37.97 -17.77 34.38
C GLU D 384 -36.54 -17.50 34.84
N LYS D 385 -36.26 -17.62 36.15
CA LYS D 385 -34.92 -17.44 36.70
C LYS D 385 -34.18 -18.76 36.90
N LEU D 386 -34.66 -19.84 36.30
CA LEU D 386 -34.09 -21.16 36.54
C LEU D 386 -32.64 -21.23 36.06
N GLU D 387 -31.76 -21.80 36.91
CA GLU D 387 -30.32 -21.79 36.68
C GLU D 387 -29.83 -23.00 35.87
N LEU D 388 -30.12 -24.20 36.37
CA LEU D 388 -29.93 -25.43 35.62
C LEU D 388 -31.27 -26.07 35.31
N LEU D 389 -31.38 -26.67 34.13
CA LEU D 389 -32.69 -27.18 33.70
C LEU D 389 -33.13 -28.35 34.54
N PHE D 390 -32.21 -29.23 34.95
CA PHE D 390 -32.64 -30.37 35.74
C PHE D 390 -32.92 -30.02 37.21
N LEU D 391 -32.84 -28.74 37.59
CA LEU D 391 -33.30 -28.31 38.91
C LEU D 391 -34.76 -27.92 38.89
N ASP D 392 -35.40 -27.91 37.74
CA ASP D 392 -36.84 -27.77 37.71
C ASP D 392 -37.47 -29.05 38.26
N ASN D 393 -38.63 -28.92 38.92
CA ASN D 393 -39.18 -30.06 39.65
C ASN D 393 -39.55 -31.23 38.72
N GLU D 394 -40.20 -30.94 37.59
CA GLU D 394 -40.57 -32.04 36.68
C GLU D 394 -39.32 -32.76 36.16
N PHE D 395 -38.21 -32.03 35.93
CA PHE D 395 -36.96 -32.68 35.52
C PHE D 395 -36.15 -33.22 36.68
N SER D 396 -36.26 -32.60 37.85
CA SER D 396 -35.54 -33.11 39.01
C SER D 396 -35.92 -34.56 39.29
N ASP D 397 -37.23 -34.85 39.27
CA ASP D 397 -37.68 -36.22 39.51
C ASP D 397 -37.26 -37.16 38.39
N ASP D 398 -37.28 -36.67 37.15
CA ASP D 398 -36.82 -37.49 36.03
C ASP D 398 -35.40 -37.99 36.23
N ILE D 399 -34.51 -37.09 36.68
CA ILE D 399 -33.13 -37.48 36.95
C ILE D 399 -33.06 -38.49 38.10
N LYS D 400 -33.70 -38.15 39.23
CA LYS D 400 -33.65 -39.00 40.40
C LYS D 400 -34.14 -40.42 40.08
N ASN D 401 -35.14 -40.57 39.21
CA ASN D 401 -35.66 -41.88 38.85
C ASN D 401 -34.85 -42.59 37.76
N LYS D 402 -34.27 -41.85 36.79
CA LYS D 402 -33.58 -42.47 35.66
C LYS D 402 -32.07 -42.51 35.83
N LEU D 403 -31.54 -41.91 36.89
CA LEU D 403 -30.09 -41.86 37.08
C LEU D 403 -29.46 -43.22 37.40
N PRO D 404 -30.12 -44.11 38.17
CA PRO D 404 -29.56 -45.46 38.31
C PRO D 404 -29.45 -46.24 37.00
N SER D 405 -30.40 -46.02 36.06
CA SER D 405 -30.30 -46.64 34.74
C SER D 405 -29.04 -46.21 34.01
N LEU D 406 -28.74 -44.90 34.05
CA LEU D 406 -27.51 -44.38 33.47
C LEU D 406 -26.29 -45.06 34.07
N ARG D 407 -26.31 -45.30 35.37
CA ARG D 407 -25.17 -45.94 36.00
C ARG D 407 -24.97 -47.34 35.44
N LYS D 408 -26.06 -48.11 35.26
CA LYS D 408 -25.91 -49.48 34.78
C LYS D 408 -25.40 -49.54 33.35
N ILE D 409 -25.89 -48.64 32.48
CA ILE D 409 -25.39 -48.55 31.12
C ILE D 409 -23.89 -48.25 31.10
N VAL D 410 -23.43 -47.33 31.95
CA VAL D 410 -22.00 -47.08 32.02
C VAL D 410 -21.28 -48.31 32.58
N LEU D 411 -21.92 -48.99 33.55
CA LEU D 411 -21.31 -50.17 34.17
C LEU D 411 -21.03 -51.27 33.14
N MET D 412 -21.99 -51.56 32.26
CA MET D 412 -21.83 -52.69 31.35
C MET D 412 -20.92 -52.37 30.18
N ALA D 413 -20.92 -51.11 29.71
CA ALA D 413 -20.01 -50.72 28.64
C ALA D 413 -18.57 -50.71 29.10
N THR D 414 -18.32 -50.28 30.36
CA THR D 414 -16.97 -50.30 30.89
C THR D 414 -16.46 -51.71 31.03
N LYS D 415 -17.31 -52.62 31.54
CA LYS D 415 -16.92 -54.02 31.73
C LYS D 415 -16.53 -54.68 30.42
N TYR D 416 -17.23 -54.32 29.35
CA TYR D 416 -17.08 -54.98 28.04
C TYR D 416 -16.34 -54.10 27.03
N SER D 417 -15.57 -53.12 27.49
CA SER D 417 -14.69 -52.32 26.64
C SER D 417 -15.44 -51.64 25.49
N ILE D 418 -16.64 -51.14 25.76
CA ILE D 418 -17.44 -50.40 24.77
C ILE D 418 -17.34 -48.91 25.02
N PRO D 419 -16.80 -48.11 24.09
CA PRO D 419 -16.56 -46.68 24.35
C PRO D 419 -17.84 -45.85 24.32
N ILE D 420 -18.15 -45.19 25.42
CA ILE D 420 -19.34 -44.35 25.44
C ILE D 420 -19.00 -43.01 26.08
N PRO D 421 -18.19 -42.18 25.40
CA PRO D 421 -17.74 -40.92 26.01
C PRO D 421 -18.86 -39.95 26.37
N ALA D 422 -19.92 -39.87 25.55
CA ALA D 422 -21.00 -38.94 25.88
C ALA D 422 -21.78 -39.41 27.10
N PHE D 423 -22.02 -40.72 27.23
CA PHE D 423 -22.67 -41.26 28.42
C PHE D 423 -21.79 -41.09 29.66
N SER D 424 -20.48 -41.31 29.53
CA SER D 424 -19.57 -41.12 30.65
C SER D 424 -19.48 -39.66 31.03
N ALA D 425 -19.32 -38.79 30.03
CA ALA D 425 -19.17 -37.37 30.30
C ALA D 425 -20.43 -36.80 30.92
N SER D 426 -21.60 -37.20 30.41
CA SER D 426 -22.86 -36.69 30.93
C SER D 426 -23.04 -37.12 32.38
N LEU D 427 -22.62 -38.34 32.70
CA LEU D 427 -22.75 -38.81 34.08
C LEU D 427 -21.75 -38.09 34.97
N ALA D 428 -20.49 -37.98 34.52
CA ALA D 428 -19.48 -37.26 35.30
C ALA D 428 -19.88 -35.81 35.53
N TYR D 429 -20.49 -35.17 34.52
CA TYR D 429 -20.96 -33.79 34.66
C TYR D 429 -21.98 -33.67 35.78
N PHE D 430 -22.99 -34.54 35.78
CA PHE D 430 -24.02 -34.45 36.80
C PHE D 430 -23.43 -34.72 38.19
N GLN D 431 -22.63 -35.79 38.33
CA GLN D 431 -21.95 -36.04 39.60
C GLN D 431 -21.15 -34.83 40.08
N MET D 432 -20.50 -34.11 39.17
CA MET D 432 -19.64 -33.01 39.59
C MET D 432 -20.42 -31.78 39.97
N VAL D 433 -21.42 -31.42 39.16
CA VAL D 433 -22.22 -30.22 39.44
C VAL D 433 -23.06 -30.40 40.69
N THR D 434 -23.17 -31.62 41.21
CA THR D 434 -24.01 -31.88 42.37
C THR D 434 -23.16 -32.15 43.60
N SER D 435 -21.88 -31.76 43.57
CA SER D 435 -20.97 -31.99 44.68
C SER D 435 -20.64 -30.67 45.34
N GLN D 436 -21.06 -30.54 46.60
CA GLN D 436 -20.76 -29.32 47.35
C GLN D 436 -19.26 -29.14 47.53
N ASN D 437 -18.53 -30.22 47.73
CA ASN D 437 -17.08 -30.17 47.90
C ASN D 437 -16.43 -31.05 46.85
N LEU D 438 -15.53 -30.45 46.07
CA LEU D 438 -14.77 -31.13 45.04
C LEU D 438 -13.29 -31.10 45.38
N PRO D 439 -12.51 -32.03 44.84
CA PRO D 439 -11.09 -32.10 45.22
C PRO D 439 -10.26 -30.96 44.67
N LEU D 440 -10.90 -29.85 44.33
CA LEU D 440 -10.09 -28.72 43.91
C LEU D 440 -9.34 -28.07 45.07
N ASN D 441 -9.66 -28.43 46.32
CA ASN D 441 -8.82 -27.97 47.43
C ASN D 441 -7.41 -28.53 47.32
N LEU D 442 -7.29 -29.79 46.89
CA LEU D 442 -5.97 -30.38 46.69
C LEU D 442 -5.22 -29.69 45.55
N VAL D 443 -5.92 -29.31 44.48
CA VAL D 443 -5.30 -28.61 43.37
C VAL D 443 -4.86 -27.21 43.81
N GLN D 444 -5.70 -26.53 44.60
CA GLN D 444 -5.31 -25.23 45.14
C GLN D 444 -4.05 -25.36 46.00
N ALA D 445 -3.92 -26.48 46.71
CA ALA D 445 -2.73 -26.71 47.52
C ALA D 445 -1.49 -26.86 46.64
N GLN D 446 -1.60 -27.66 45.57
CA GLN D 446 -0.43 -27.90 44.73
C GLN D 446 0.03 -26.61 44.08
N ARG D 447 -0.92 -25.80 43.61
CA ARG D 447 -0.55 -24.57 42.93
C ARG D 447 0.07 -23.58 43.88
N ASP D 448 -0.39 -23.57 45.14
CA ASP D 448 0.28 -22.72 46.13
C ASP D 448 1.67 -23.24 46.46
N TYR D 449 1.83 -24.57 46.47
CA TYR D 449 3.11 -25.19 46.77
C TYR D 449 4.17 -24.77 45.74
N PHE D 450 3.89 -24.95 44.46
CA PHE D 450 4.96 -24.67 43.51
C PHE D 450 4.93 -23.27 42.92
N GLY D 451 3.80 -22.56 42.95
CA GLY D 451 3.73 -21.26 42.29
C GLY D 451 3.46 -20.08 43.20
N SER D 452 3.13 -20.37 44.45
CA SER D 452 2.74 -19.37 45.45
C SER D 452 1.49 -18.58 45.04
N HIS D 453 0.56 -19.27 44.37
CA HIS D 453 -0.65 -18.63 43.83
C HIS D 453 -1.71 -18.29 44.87
N THR D 454 -1.50 -18.62 46.15
CA THR D 454 -2.39 -18.34 47.28
C THR D 454 -3.71 -19.09 47.13
N TYR D 455 -4.41 -19.25 48.26
CA TYR D 455 -5.68 -19.94 48.32
C TYR D 455 -6.58 -19.24 49.31
N ARG D 456 -7.84 -19.67 49.30
CA ARG D 456 -8.81 -19.20 50.26
C ARG D 456 -9.12 -20.33 51.22
N ARG D 457 -9.60 -19.93 52.38
CA ARG D 457 -9.89 -20.90 53.41
C ARG D 457 -11.40 -20.98 53.59
N THR D 458 -11.82 -22.06 54.23
CA THR D 458 -13.24 -22.25 54.49
C THR D 458 -13.70 -21.38 55.65
N ASP D 459 -12.84 -21.20 56.67
CA ASP D 459 -13.20 -20.51 57.90
C ASP D 459 -12.93 -19.00 57.88
N ARG D 460 -12.01 -18.51 57.05
CA ARG D 460 -11.53 -17.14 57.16
C ARG D 460 -11.46 -16.45 55.79
N GLU D 461 -11.61 -15.13 55.84
CA GLU D 461 -11.51 -14.30 54.66
C GLU D 461 -10.04 -14.11 54.28
N GLY D 462 -9.82 -13.72 53.02
CA GLY D 462 -8.50 -13.30 52.59
C GLY D 462 -7.73 -14.38 51.86
N ASN D 463 -6.58 -13.95 51.35
CA ASN D 463 -5.65 -14.82 50.65
C ASN D 463 -4.59 -15.34 51.59
N TYR D 464 -4.20 -16.59 51.38
CA TYR D 464 -3.26 -17.27 52.24
C TYR D 464 -2.23 -17.99 51.41
N HIS D 465 -0.98 -17.87 51.81
CA HIS D 465 0.13 -18.61 51.26
C HIS D 465 0.73 -19.42 52.39
N THR D 466 1.12 -20.64 52.08
CA THR D 466 1.71 -21.51 53.07
C THR D 466 3.12 -21.83 52.63
N LEU D 467 4.03 -21.89 53.60
CA LEU D 467 5.38 -22.36 53.36
C LEU D 467 5.36 -23.86 53.70
N TRP D 468 5.41 -24.71 52.69
CA TRP D 468 5.21 -26.16 52.86
C TRP D 468 6.51 -26.90 53.18
N MET E 1 19.20 41.95 7.96
CA MET E 1 20.46 42.59 8.32
C MET E 1 20.90 42.52 9.77
N CYS E 2 20.12 41.89 10.67
CA CYS E 2 20.44 41.79 12.09
C CYS E 2 20.77 40.34 12.45
N ASP E 3 21.76 40.18 13.32
CA ASP E 3 22.19 38.85 13.71
C ASP E 3 21.18 38.13 14.58
N ILE E 4 20.47 38.89 15.41
CA ILE E 4 19.63 38.33 16.48
C ILE E 4 18.58 39.38 16.80
N GLY E 5 17.40 38.91 17.22
CA GLY E 5 16.35 39.78 17.69
C GLY E 5 16.04 39.47 19.14
N LEU E 6 15.43 40.40 19.88
CA LEU E 6 15.04 40.18 21.27
C LEU E 6 13.71 40.88 21.55
N ILE E 7 12.77 40.17 22.17
CA ILE E 7 11.43 40.70 22.47
C ILE E 7 11.23 40.75 23.98
N GLY E 8 10.78 41.89 24.47
CA GLY E 8 10.55 42.04 25.88
C GLY E 8 11.69 42.82 26.47
N LEU E 9 11.44 44.06 26.87
CA LEU E 9 12.51 44.94 27.29
C LEU E 9 12.22 45.48 28.69
N ALA E 10 12.26 44.62 29.69
CA ALA E 10 12.36 45.12 31.04
C ALA E 10 13.85 45.38 31.21
N VAL E 11 14.30 45.76 32.41
CA VAL E 11 15.73 46.04 32.51
C VAL E 11 16.55 44.80 32.17
N MET E 12 15.99 43.62 32.43
CA MET E 12 16.69 42.40 32.06
C MET E 12 16.85 42.29 30.55
N GLY E 13 15.78 42.57 29.80
CA GLY E 13 15.86 42.50 28.35
C GLY E 13 16.75 43.56 27.74
N GLN E 14 16.64 44.82 28.19
CA GLN E 14 17.53 45.82 27.59
C GLN E 14 18.98 45.57 27.95
N ASN E 15 19.25 45.16 29.20
CA ASN E 15 20.63 44.85 29.59
C ASN E 15 21.22 43.75 28.72
N LEU E 16 20.44 42.71 28.41
CA LEU E 16 20.96 41.68 27.54
C LEU E 16 21.21 42.23 26.15
N SER E 17 20.41 43.22 25.72
CA SER E 17 20.62 43.85 24.41
C SER E 17 21.93 44.62 24.37
N LEU E 18 22.24 45.38 25.43
CA LEU E 18 23.55 46.04 25.48
C LEU E 18 24.67 45.03 25.55
N ASN E 19 24.44 43.88 26.20
CA ASN E 19 25.47 42.86 26.27
C ASN E 19 25.76 42.28 24.89
N ILE E 20 24.71 41.94 24.14
CA ILE E 20 24.88 41.34 22.82
C ILE E 20 25.53 42.33 21.85
N SER E 21 25.17 43.62 21.96
CA SER E 21 25.75 44.64 21.10
C SER E 21 27.21 44.92 21.49
N SER E 22 27.55 44.87 22.78
CA SER E 22 28.90 45.17 23.24
C SER E 22 29.92 44.15 22.79
N LYS E 23 29.49 42.96 22.39
CA LYS E 23 30.42 41.94 21.94
C LYS E 23 30.43 41.83 20.42
N GLY E 24 29.99 42.89 19.74
CA GLY E 24 30.10 43.00 18.30
C GLY E 24 28.99 42.38 17.47
N PHE E 25 27.78 42.33 17.99
CA PHE E 25 26.63 41.80 17.26
C PHE E 25 25.62 42.91 16.99
N LYS E 26 24.93 42.79 15.86
CA LYS E 26 23.88 43.74 15.48
C LYS E 26 22.54 43.16 15.92
N ILE E 27 21.93 43.78 16.92
CA ILE E 27 20.75 43.25 17.58
C ILE E 27 19.55 44.15 17.30
N GLY E 28 18.47 43.53 16.82
CA GLY E 28 17.20 44.20 16.73
C GLY E 28 16.37 43.93 17.97
N VAL E 29 15.50 44.87 18.30
CA VAL E 29 14.87 44.87 19.61
C VAL E 29 13.42 45.32 19.45
N TYR E 30 12.49 44.63 20.14
CA TYR E 30 11.07 44.97 20.10
C TYR E 30 10.48 44.87 21.51
N ASN E 31 9.49 45.74 21.78
CA ASN E 31 8.69 45.69 23.00
C ASN E 31 7.32 46.28 22.71
N ARG E 32 6.26 45.61 23.18
CA ARG E 32 4.90 46.10 23.05
C ARG E 32 4.75 47.60 23.34
N THR E 33 4.96 48.00 24.59
CA THR E 33 5.10 49.41 24.95
C THR E 33 6.34 49.99 24.27
N TYR E 34 6.16 50.88 23.30
CA TYR E 34 7.29 51.34 22.51
C TYR E 34 8.28 52.19 23.33
N GLU E 35 7.81 52.80 24.42
CA GLU E 35 8.68 53.69 25.17
C GLU E 35 9.90 52.96 25.70
N ARG E 36 9.74 51.68 26.03
CA ARG E 36 10.89 50.91 26.52
C ARG E 36 11.92 50.72 25.42
N THR E 37 11.48 50.61 24.16
CA THR E 37 12.42 50.53 23.05
C THR E 37 13.24 51.81 22.93
N GLU E 38 12.58 52.97 23.08
CA GLU E 38 13.31 54.23 22.94
C GLU E 38 14.27 54.47 24.10
N GLU E 39 13.87 54.09 25.31
CA GLU E 39 14.79 54.17 26.45
C GLU E 39 15.94 53.18 26.27
N THR E 40 15.67 52.06 25.58
CA THR E 40 16.71 51.11 25.26
C THR E 40 17.71 51.69 24.26
N MET E 41 17.21 52.39 23.23
CA MET E 41 18.14 53.00 22.29
C MET E 41 18.90 54.16 22.93
N LYS E 42 18.30 54.84 23.91
CA LYS E 42 19.01 55.94 24.57
C LYS E 42 20.16 55.40 25.41
N ARG E 43 19.86 54.47 26.34
CA ARG E 43 20.92 53.82 27.10
C ARG E 43 21.97 53.17 26.19
N ALA E 44 21.57 52.71 25.00
CA ALA E 44 22.53 52.17 24.05
C ALA E 44 23.52 53.23 23.58
N LYS E 45 23.02 54.40 23.14
CA LYS E 45 23.91 55.43 22.59
C LYS E 45 24.78 56.06 23.69
N GLU E 46 24.21 56.28 24.87
CA GLU E 46 24.96 56.87 25.96
C GLU E 46 26.17 56.05 26.32
N GLU E 47 26.14 54.74 26.03
CA GLU E 47 27.30 53.89 26.23
C GLU E 47 28.01 53.62 24.91
N ASN E 48 27.67 54.36 23.87
CA ASN E 48 28.28 54.25 22.54
C ASN E 48 28.15 52.84 21.97
N LEU E 49 26.92 52.31 22.02
CA LEU E 49 26.54 51.10 21.31
C LEU E 49 25.26 51.34 20.53
N VAL E 50 25.04 50.50 19.52
CA VAL E 50 23.89 50.62 18.65
C VAL E 50 22.96 49.42 18.83
N VAL E 51 21.69 49.71 19.08
CA VAL E 51 20.63 48.73 19.15
C VAL E 51 19.51 49.24 18.26
N TYR E 52 19.09 48.40 17.30
CA TYR E 52 18.07 48.79 16.35
C TYR E 52 16.72 48.47 16.97
N GLY E 53 15.90 49.50 17.12
CA GLY E 53 14.58 49.36 17.69
C GLY E 53 13.53 49.38 16.59
N TYR E 54 12.57 48.48 16.68
CA TYR E 54 11.51 48.36 15.70
C TYR E 54 10.17 48.47 16.42
N LYS E 55 9.21 49.18 15.80
CA LYS E 55 7.95 49.43 16.47
C LYS E 55 7.04 48.21 16.33
N THR E 56 7.27 47.38 15.33
CA THR E 56 6.43 46.22 15.08
C THR E 56 7.25 44.95 15.08
N VAL E 57 6.61 43.86 15.52
CA VAL E 57 7.26 42.55 15.49
C VAL E 57 7.56 42.13 14.05
N GLU E 58 6.62 42.41 13.13
CA GLU E 58 6.76 41.95 11.75
C GLU E 58 8.00 42.53 11.08
N GLU E 59 8.28 43.83 11.20
CA GLU E 59 9.59 44.05 10.62
C GLU E 59 10.74 43.89 11.57
N LEU E 60 10.52 43.54 12.83
CA LEU E 60 11.72 43.06 13.49
C LEU E 60 12.15 41.75 12.84
N ILE E 61 11.18 40.89 12.48
CA ILE E 61 11.49 39.62 11.83
C ILE E 61 12.12 39.85 10.45
N ASN E 62 11.65 40.87 9.71
CA ASN E 62 12.10 41.15 8.35
C ASN E 62 13.49 41.76 8.28
N ASN E 63 14.15 41.98 9.41
CA ASN E 63 15.50 42.50 9.44
C ASN E 63 16.48 41.54 10.08
N LEU E 64 16.11 40.26 10.21
CA LEU E 64 17.02 39.26 10.76
C LEU E 64 17.67 38.49 9.62
N LYS E 65 19.00 38.37 9.68
CA LYS E 65 19.68 37.41 8.82
C LYS E 65 19.11 36.01 9.04
N LYS E 66 19.21 35.19 8.01
CA LYS E 66 18.63 33.87 8.16
C LYS E 66 19.74 32.82 8.26
N PRO E 67 19.55 31.77 9.09
CA PRO E 67 18.32 31.49 9.85
C PRO E 67 18.02 32.54 10.93
N ARG E 68 16.76 32.97 11.00
CA ARG E 68 16.37 34.04 11.90
C ARG E 68 16.36 33.55 13.35
N LYS E 69 16.92 34.34 14.25
CA LYS E 69 17.07 33.97 15.66
C LYS E 69 16.47 35.06 16.52
N VAL E 70 15.46 34.71 17.33
CA VAL E 70 14.80 35.68 18.18
C VAL E 70 14.84 35.19 19.63
N ILE E 71 15.27 36.08 20.54
CA ILE E 71 15.27 35.80 21.97
C ILE E 71 14.02 36.43 22.57
N LEU E 72 13.31 35.68 23.40
CA LEU E 72 12.11 36.16 24.08
C LEU E 72 12.35 36.22 25.56
N LEU E 73 12.01 37.38 26.13
CA LEU E 73 12.11 37.70 27.53
C LEU E 73 10.80 38.33 27.98
N ILE E 74 9.72 37.58 27.82
CA ILE E 74 8.39 38.00 28.23
C ILE E 74 8.08 37.32 29.55
N LYS E 75 7.27 37.99 30.38
CA LYS E 75 6.81 37.38 31.62
C LYS E 75 6.00 36.14 31.31
N ALA E 76 6.17 35.09 32.12
CA ALA E 76 5.40 33.87 31.90
C ALA E 76 3.90 34.15 32.01
N GLY E 77 3.14 33.53 31.14
CA GLY E 77 1.72 33.72 31.09
C GLY E 77 1.18 33.51 29.68
N PRO E 78 -0.07 33.92 29.45
CA PRO E 78 -0.62 33.75 28.11
C PRO E 78 0.06 34.62 27.07
N ALA E 79 0.74 35.70 27.48
CA ALA E 79 1.40 36.58 26.51
C ALA E 79 2.53 35.87 25.79
N VAL E 80 3.24 34.96 26.48
CA VAL E 80 4.33 34.23 25.83
C VAL E 80 3.79 33.41 24.69
N ASP E 81 2.61 32.82 24.90
CA ASP E 81 1.98 31.99 23.88
C ASP E 81 1.47 32.82 22.72
N GLU E 82 0.95 34.02 23.00
CA GLU E 82 0.47 34.91 21.93
C GLU E 82 1.61 35.31 21.00
N ASN E 83 2.76 35.68 21.55
CA ASN E 83 3.88 36.08 20.72
C ASN E 83 4.35 34.94 19.81
N ILE E 84 4.50 33.74 20.34
CA ILE E 84 5.00 32.62 19.52
C ILE E 84 4.03 32.31 18.38
N SER E 85 2.73 32.37 18.66
CA SER E 85 1.76 32.21 17.59
C SER E 85 1.90 33.33 16.57
N ASN E 86 1.88 34.57 17.06
CA ASN E 86 2.13 35.70 16.18
C ASN E 86 3.51 35.59 15.55
N ILE E 87 4.47 35.06 16.28
CA ILE E 87 5.80 34.92 15.72
C ILE E 87 5.82 33.94 14.52
N LEU E 88 5.40 32.69 14.73
CA LEU E 88 5.50 31.61 13.78
C LEU E 88 4.85 31.86 12.42
N LYS E 89 4.16 32.99 12.21
CA LYS E 89 3.54 33.26 10.90
C LYS E 89 4.57 33.77 9.88
N HIS E 90 5.52 34.53 10.35
CA HIS E 90 6.58 35.06 9.54
C HIS E 90 7.80 34.15 9.49
N PHE E 91 7.78 33.00 10.20
CA PHE E 91 8.96 32.15 10.21
C PHE E 91 8.93 30.96 9.28
N GLU E 92 10.11 30.60 8.81
CA GLU E 92 10.31 29.46 7.95
C GLU E 92 11.15 28.41 8.65
N LYS E 93 11.22 27.24 8.02
CA LYS E 93 11.99 26.13 8.52
C LYS E 93 13.44 26.54 8.73
N GLY E 94 14.01 26.10 9.85
CA GLY E 94 15.37 26.44 10.21
C GLY E 94 15.48 27.67 11.07
N ASP E 95 14.42 28.44 11.21
CA ASP E 95 14.47 29.60 12.08
C ASP E 95 14.42 29.13 13.53
N ILE E 96 14.89 29.99 14.43
CA ILE E 96 15.17 29.62 15.81
C ILE E 96 14.43 30.54 16.77
N ILE E 97 13.78 29.95 17.77
CA ILE E 97 13.15 30.65 18.87
C ILE E 97 13.86 30.28 20.16
N ILE E 98 14.19 31.28 20.96
CA ILE E 98 14.87 31.11 22.24
C ILE E 98 14.04 31.80 23.31
N ASP E 99 13.38 31.03 24.17
CA ASP E 99 12.71 31.60 25.33
C ASP E 99 13.65 31.60 26.52
N GLY E 100 13.88 32.78 27.09
CA GLY E 100 14.83 32.90 28.17
C GLY E 100 14.19 33.09 29.53
N GLY E 101 12.87 33.11 29.59
CA GLY E 101 12.18 33.30 30.85
C GLY E 101 12.23 32.06 31.73
N ASN E 102 11.86 32.25 33.00
CA ASN E 102 11.76 31.12 33.93
C ASN E 102 10.44 30.41 33.69
N GLU E 103 10.48 29.29 32.98
CA GLU E 103 9.28 28.62 32.55
C GLU E 103 9.21 27.20 33.12
N TRP E 104 7.99 26.79 33.48
CA TRP E 104 7.71 25.40 33.85
C TRP E 104 7.98 24.49 32.65
N TYR E 105 8.82 23.48 32.87
CA TYR E 105 9.42 22.73 31.77
C TYR E 105 8.37 22.05 30.90
N ILE E 106 7.20 21.69 31.47
CA ILE E 106 6.16 21.09 30.64
C ILE E 106 5.65 22.05 29.59
N ASN E 107 5.45 23.32 29.96
CA ASN E 107 4.97 24.32 29.01
C ASN E 107 5.93 24.46 27.83
N SER E 108 7.23 24.44 28.10
CA SER E 108 8.17 24.51 26.98
C SER E 108 8.05 23.26 26.14
N GLU E 109 7.85 22.10 26.77
CA GLU E 109 7.74 20.87 26.02
C GLU E 109 6.56 20.93 25.04
N ARG E 110 5.47 21.58 25.46
CA ARG E 110 4.36 21.77 24.54
C ARG E 110 4.75 22.69 23.38
N ARG E 111 5.50 23.77 23.66
CA ARG E 111 5.92 24.70 22.62
C ARG E 111 6.96 24.07 21.69
N ILE E 112 7.76 23.14 22.21
CA ILE E 112 8.74 22.49 21.35
C ILE E 112 8.04 21.78 20.19
N LYS E 113 6.97 21.04 20.49
CA LYS E 113 6.30 20.24 19.46
C LYS E 113 5.55 21.11 18.47
N LEU E 114 4.76 22.07 18.99
CA LEU E 114 4.08 22.99 18.11
C LEU E 114 5.05 23.77 17.21
N CYS E 115 6.28 23.94 17.62
CA CYS E 115 7.20 24.67 16.75
C CYS E 115 7.79 23.79 15.65
N LYS E 116 8.03 22.50 15.90
CA LYS E 116 8.51 21.64 14.83
C LYS E 116 7.37 21.09 13.97
N GLU E 117 6.11 21.42 14.30
CA GLU E 117 5.01 21.20 13.37
C GLU E 117 4.99 22.23 12.27
N LYS E 118 5.74 23.32 12.45
CA LYS E 118 6.09 24.23 11.36
C LYS E 118 7.59 24.24 11.09
N ASP E 119 8.30 23.19 11.51
CA ASP E 119 9.75 23.03 11.28
C ASP E 119 10.55 24.23 11.77
N VAL E 120 10.13 24.84 12.88
CA VAL E 120 10.89 25.92 13.51
C VAL E 120 11.58 25.33 14.75
N GLU E 121 12.85 25.66 14.94
CA GLU E 121 13.64 25.08 16.02
C GLU E 121 13.55 25.95 17.28
N TYR E 122 13.27 25.30 18.40
CA TYR E 122 13.03 25.95 19.67
C TYR E 122 14.21 25.73 20.61
N LEU E 123 14.46 26.69 21.48
CA LEU E 123 15.57 26.61 22.41
C LEU E 123 15.09 27.18 23.74
N ALA E 124 14.78 26.30 24.69
CA ALA E 124 14.33 26.71 26.01
C ALA E 124 15.56 26.91 26.90
N MET E 125 15.77 28.15 27.31
CA MET E 125 17.03 28.52 27.96
C MET E 125 16.80 29.21 29.29
N GLY E 126 17.42 28.67 30.33
CA GLY E 126 17.45 29.33 31.61
C GLY E 126 18.58 30.35 31.66
N VAL E 127 18.32 31.45 32.36
CA VAL E 127 19.30 32.51 32.52
C VAL E 127 19.35 32.88 34.00
N SER E 128 20.56 32.96 34.55
CA SER E 128 20.79 33.33 35.93
C SER E 128 21.86 34.41 35.99
N GLY E 129 21.70 35.36 36.90
CA GLY E 129 22.71 36.39 37.09
C GLY E 129 22.13 37.74 37.44
N GLY E 130 20.79 37.83 37.52
CA GLY E 130 20.11 39.06 37.80
C GLY E 130 20.28 40.07 36.68
N GLU E 131 19.96 41.33 37.00
CA GLU E 131 20.06 42.39 36.01
C GLU E 131 21.51 42.75 35.72
N ALA E 132 22.39 42.67 36.72
CA ALA E 132 23.81 42.91 36.48
C ALA E 132 24.42 41.84 35.57
N GLY E 133 24.05 40.58 35.80
CA GLY E 133 24.59 39.52 34.97
C GLY E 133 24.10 39.61 33.54
N ALA E 134 22.88 40.10 33.33
CA ALA E 134 22.37 40.24 31.97
C ALA E 134 23.22 41.21 31.16
N ARG E 135 23.75 42.26 31.81
CA ARG E 135 24.53 43.30 31.16
C ARG E 135 26.01 42.94 30.99
N TYR E 136 26.63 42.37 32.02
CA TYR E 136 28.07 42.15 32.01
C TYR E 136 28.48 40.68 31.88
N GLY E 137 27.55 39.75 32.06
CA GLY E 137 27.89 38.34 31.90
C GLY E 137 27.15 37.41 32.82
N CYS E 138 26.38 36.48 32.27
CA CYS E 138 25.52 35.63 33.08
C CYS E 138 25.79 34.15 32.79
N SER E 139 25.03 33.30 33.47
CA SER E 139 25.09 31.86 33.28
C SER E 139 23.90 31.44 32.43
N PHE E 140 24.19 30.90 31.27
CA PHE E 140 23.18 30.43 30.32
C PHE E 140 23.01 28.92 30.39
N MET E 141 21.75 28.47 30.37
CA MET E 141 21.42 27.05 30.44
C MET E 141 20.42 26.68 29.34
N PRO E 142 20.84 26.70 28.07
CA PRO E 142 19.92 26.37 26.97
C PRO E 142 19.80 24.88 26.76
N GLY E 143 18.57 24.45 26.49
CA GLY E 143 18.30 23.06 26.17
C GLY E 143 17.25 23.03 25.08
N GLY E 144 17.34 21.99 24.23
CA GLY E 144 16.43 21.80 23.12
C GLY E 144 17.20 21.37 21.88
N SER E 145 16.89 22.00 20.74
CA SER E 145 17.52 21.66 19.47
C SER E 145 19.03 21.90 19.52
N LYS E 146 19.81 20.85 19.24
CA LYS E 146 21.26 21.07 19.16
C LYS E 146 21.60 21.91 17.94
N TYR E 147 20.82 21.79 16.86
CA TYR E 147 20.97 22.70 15.73
C TYR E 147 20.82 24.14 16.18
N ALA E 148 19.72 24.45 16.88
CA ALA E 148 19.51 25.81 17.39
C ALA E 148 20.65 26.23 18.31
N TYR E 149 21.15 25.31 19.13
CA TYR E 149 22.26 25.69 20.01
C TYR E 149 23.48 26.14 19.20
N ASP E 150 23.82 25.42 18.13
CA ASP E 150 25.09 25.69 17.44
C ASP E 150 25.08 27.01 16.69
N CYS E 151 23.93 27.39 16.14
CA CYS E 151 23.84 28.65 15.40
C CYS E 151 23.89 29.84 16.35
N VAL E 152 23.47 29.64 17.61
CA VAL E 152 23.44 30.70 18.61
C VAL E 152 24.58 30.62 19.59
N LYS E 153 25.31 29.50 19.63
CA LYS E 153 26.34 29.30 20.64
C LYS E 153 27.38 30.40 20.53
N GLU E 154 27.52 30.93 19.31
CA GLU E 154 28.46 31.99 19.01
C GLU E 154 28.26 33.11 20.02
N ILE E 155 27.01 33.58 20.11
CA ILE E 155 26.59 34.73 20.90
C ILE E 155 26.68 34.43 22.39
N LEU E 156 26.26 33.23 22.80
CA LEU E 156 26.15 32.93 24.22
C LEU E 156 27.52 32.81 24.88
N GLU E 157 28.51 32.29 24.15
CA GLU E 157 29.84 32.19 24.74
C GLU E 157 30.46 33.57 25.00
N LYS E 158 30.11 34.58 24.19
CA LYS E 158 30.67 35.92 24.32
C LYS E 158 29.91 36.81 25.30
N CYS E 159 28.61 36.59 25.48
CA CYS E 159 27.83 37.36 26.44
C CYS E 159 27.76 36.70 27.82
N SER E 160 28.18 35.45 27.94
CA SER E 160 28.15 34.78 29.23
C SER E 160 29.29 35.25 30.12
N ALA E 161 29.11 35.05 31.43
CA ALA E 161 30.18 35.25 32.40
C ALA E 161 31.36 34.32 32.08
N GLN E 162 32.56 34.79 32.37
CA GLN E 162 33.80 34.08 32.05
C GLN E 162 34.55 33.71 33.31
N VAL E 163 34.85 32.42 33.48
CA VAL E 163 35.67 31.97 34.60
C VAL E 163 36.96 31.45 33.99
N GLY E 164 38.05 32.19 34.20
CA GLY E 164 39.26 31.93 33.45
C GLY E 164 38.96 32.16 31.99
N ASN E 165 39.09 31.09 31.20
CA ASN E 165 38.83 31.15 29.77
C ASN E 165 37.69 30.20 29.33
N SER E 166 36.78 29.82 30.24
CA SER E 166 35.57 29.04 29.89
C SER E 166 34.39 29.99 29.91
N PRO E 167 33.49 29.96 28.93
CA PRO E 167 32.21 30.66 29.12
C PRO E 167 31.31 29.82 30.03
N CYS E 168 30.49 30.52 30.83
CA CYS E 168 29.52 29.89 31.71
C CYS E 168 28.25 29.58 30.91
N VAL E 169 28.44 28.69 29.93
CA VAL E 169 27.41 28.19 29.04
C VAL E 169 27.79 26.80 28.58
N THR E 170 26.78 25.97 28.34
CA THR E 170 26.98 24.62 27.84
C THR E 170 25.68 24.20 27.18
N TYR E 171 25.75 23.19 26.30
CA TYR E 171 24.53 22.57 25.80
C TYR E 171 24.02 21.62 26.89
N ILE E 172 22.90 21.98 27.52
CA ILE E 172 22.40 21.16 28.62
C ILE E 172 21.85 19.83 28.11
N GLY E 173 20.97 19.86 27.13
CA GLY E 173 20.40 18.62 26.65
C GLY E 173 19.15 18.84 25.83
N PRO E 174 18.42 17.77 25.52
CA PRO E 174 17.24 17.91 24.66
C PRO E 174 16.05 18.48 25.41
N GLY E 175 15.01 18.80 24.64
CA GLY E 175 13.74 19.18 25.21
C GLY E 175 13.83 20.38 26.14
N SER E 176 13.02 20.35 27.19
CA SER E 176 12.96 21.45 28.14
C SER E 176 13.94 21.27 29.31
N SER E 177 14.99 20.47 29.12
CA SER E 177 15.94 20.20 30.18
C SER E 177 16.60 21.49 30.68
N GLY E 178 16.75 22.49 29.79
CA GLY E 178 17.33 23.76 30.21
C GLY E 178 16.49 24.48 31.26
N ASN E 179 15.15 24.50 31.08
CA ASN E 179 14.28 25.04 32.12
C ASN E 179 14.44 24.25 33.40
N TYR E 180 14.61 22.94 33.28
CA TYR E 180 14.64 22.13 34.47
C TYR E 180 15.86 22.45 35.33
N VAL E 181 17.01 22.66 34.69
CA VAL E 181 18.23 23.01 35.40
C VAL E 181 18.13 24.39 36.03
N LYS E 182 17.49 25.33 35.34
CA LYS E 182 17.32 26.64 35.97
C LYS E 182 16.39 26.53 37.18
N MET E 183 15.42 25.62 37.13
CA MET E 183 14.55 25.36 38.27
C MET E 183 15.34 24.83 39.47
N VAL E 184 16.13 23.77 39.26
CA VAL E 184 16.91 23.21 40.37
C VAL E 184 17.93 24.23 40.88
N HIS E 185 18.44 25.08 39.99
CA HIS E 185 19.28 26.19 40.43
C HIS E 185 18.54 27.04 41.45
N ASN E 186 17.30 27.44 41.13
CA ASN E 186 16.51 28.23 42.07
C ASN E 186 16.17 27.44 43.33
N GLY E 187 16.02 26.12 43.22
CA GLY E 187 15.81 25.30 44.42
C GLY E 187 16.99 25.33 45.36
N ILE E 188 18.19 25.10 44.82
CA ILE E 188 19.38 25.25 45.64
C ILE E 188 19.46 26.68 46.17
N GLU E 189 19.15 27.66 45.30
CA GLU E 189 19.22 29.06 45.69
C GLU E 189 18.32 29.34 46.89
N TYR E 190 17.09 28.84 46.86
CA TYR E 190 16.18 29.07 47.99
C TYR E 190 16.78 28.52 49.30
N GLY E 191 17.43 27.35 49.23
CA GLY E 191 18.01 26.77 50.43
C GLY E 191 19.15 27.58 51.01
N ASP E 192 20.06 28.06 50.15
CA ASP E 192 21.18 28.88 50.61
C ASP E 192 20.67 30.14 51.32
N MET E 193 19.72 30.85 50.71
CA MET E 193 19.21 32.07 51.33
C MET E 193 18.57 31.79 52.69
N GLN E 194 17.97 30.62 52.88
CA GLN E 194 17.42 30.28 54.19
C GLN E 194 18.52 29.94 55.20
N LEU E 195 19.53 29.17 54.78
CA LEU E 195 20.64 28.83 55.65
C LEU E 195 21.44 30.06 56.06
N ILE E 196 21.63 31.00 55.13
CA ILE E 196 22.33 32.22 55.47
C ILE E 196 21.50 33.06 56.43
N SER E 197 20.19 33.10 56.22
CA SER E 197 19.36 33.90 57.11
C SER E 197 19.32 33.33 58.53
N GLU E 198 19.48 32.01 58.68
CA GLU E 198 19.56 31.37 60.00
C GLU E 198 20.94 31.61 60.62
N SER E 199 21.98 31.68 59.79
CA SER E 199 23.28 32.08 60.30
C SER E 199 23.21 33.51 60.84
N TYR E 200 22.44 34.36 60.19
CA TYR E 200 22.21 35.72 60.65
C TYR E 200 21.50 35.74 61.99
N VAL E 201 20.42 34.94 62.10
CA VAL E 201 19.59 34.95 63.31
C VAL E 201 20.37 34.40 64.50
N ILE E 202 21.17 33.37 64.26
CA ILE E 202 21.98 32.80 65.34
C ILE E 202 23.01 33.83 65.84
N MET E 203 23.74 34.47 64.91
CA MET E 203 24.74 35.43 65.35
C MET E 203 24.11 36.69 65.92
N LYS E 204 22.91 37.03 65.49
CA LYS E 204 22.30 38.25 66.02
C LYS E 204 21.69 38.01 67.39
N HIS E 205 21.21 36.78 67.67
CA HIS E 205 20.51 36.52 68.93
C HIS E 205 21.27 35.66 69.93
N ILE E 206 22.27 34.88 69.49
CA ILE E 206 23.07 34.08 70.43
C ILE E 206 24.33 34.83 70.85
N LEU E 207 25.11 35.31 69.86
CA LEU E 207 26.32 36.07 70.10
C LEU E 207 26.05 37.56 70.20
N LYS E 208 24.83 37.99 69.86
CA LYS E 208 24.42 39.38 69.99
C LYS E 208 25.33 40.37 69.23
N TYR E 209 25.71 39.95 68.02
CA TYR E 209 26.47 40.78 67.11
C TYR E 209 25.59 41.90 66.56
N ASP E 210 26.17 43.09 66.40
CA ASP E 210 25.49 44.15 65.70
C ASP E 210 25.70 44.00 64.19
N ASN E 211 24.97 44.81 63.42
CA ASN E 211 25.06 44.68 61.97
C ASN E 211 26.46 44.96 61.44
N GLN E 212 27.25 45.79 62.15
CA GLN E 212 28.62 46.05 61.72
C GLN E 212 29.48 44.81 61.90
N LYS E 213 29.35 44.14 63.05
CA LYS E 213 30.11 42.91 63.27
C LYS E 213 29.61 41.80 62.36
N LEU E 214 28.29 41.70 62.14
CA LEU E 214 27.75 40.70 61.23
C LEU E 214 28.30 40.88 59.83
N SER E 215 28.29 42.12 59.33
CA SER E 215 28.87 42.38 58.03
C SER E 215 30.37 42.03 58.02
N GLU E 216 31.07 42.27 59.15
CA GLU E 216 32.48 41.92 59.23
C GLU E 216 32.66 40.41 59.18
N VAL E 217 31.77 39.65 59.83
CA VAL E 217 31.89 38.19 59.86
C VAL E 217 31.58 37.59 58.49
N PHE E 218 30.58 38.12 57.79
CA PHE E 218 30.27 37.56 56.47
C PHE E 218 31.38 37.85 55.45
N ASN E 219 32.00 39.04 55.51
CA ASN E 219 33.13 39.31 54.62
C ASN E 219 34.29 38.38 54.94
N LYS E 220 34.51 38.08 56.23
CA LYS E 220 35.58 37.18 56.60
C LYS E 220 35.30 35.76 56.13
N TRP E 221 34.04 35.34 56.21
CA TRP E 221 33.69 34.05 55.65
C TRP E 221 33.86 34.03 54.13
N ASN E 222 33.61 35.18 53.48
CA ASN E 222 33.74 35.28 52.04
C ASN E 222 35.20 35.10 51.59
N GLU E 223 36.16 35.56 52.39
CA GLU E 223 37.57 35.31 52.07
C GLU E 223 37.99 33.84 52.29
N GLY E 224 37.10 32.99 52.80
CA GLY E 224 37.48 31.61 53.05
C GLY E 224 36.70 30.62 52.22
N ILE E 225 36.39 29.47 52.83
CA ILE E 225 35.76 28.40 52.09
C ILE E 225 34.34 28.75 51.70
N LEU E 226 33.69 29.65 52.44
CA LEU E 226 32.34 30.02 52.08
C LEU E 226 32.28 31.08 51.02
N ASN E 227 33.37 31.32 50.29
CA ASN E 227 33.36 32.35 49.24
C ASN E 227 32.25 32.05 48.24
N SER E 228 31.30 32.98 48.12
CA SER E 228 30.14 32.81 47.27
C SER E 228 29.50 34.18 47.01
N TYR E 229 28.60 34.22 46.01
CA TYR E 229 27.90 35.46 45.67
C TYR E 229 26.96 35.87 46.80
N LEU E 230 26.16 34.92 47.31
CA LEU E 230 25.16 35.23 48.32
C LEU E 230 25.79 35.66 49.63
N ILE E 231 26.91 35.04 50.00
CA ILE E 231 27.57 35.42 51.25
C ILE E 231 28.09 36.84 51.12
N GLU E 232 28.61 37.18 49.94
CA GLU E 232 29.19 38.50 49.68
C GLU E 232 28.13 39.60 49.78
N ILE E 233 26.99 39.40 49.13
CA ILE E 233 25.99 40.46 49.11
C ILE E 233 25.33 40.60 50.46
N THR E 234 25.30 39.52 51.26
CA THR E 234 24.76 39.64 52.61
C THR E 234 25.65 40.52 53.46
N ALA E 235 26.95 40.46 53.22
CA ALA E 235 27.86 41.36 53.93
C ALA E 235 27.56 42.81 53.59
N ASN E 236 27.36 43.10 52.29
CA ASN E 236 27.04 44.46 51.86
C ASN E 236 25.69 44.89 52.41
N ILE E 237 24.71 43.98 52.43
CA ILE E 237 23.36 44.32 52.88
C ILE E 237 23.37 44.66 54.38
N LEU E 238 24.00 43.83 55.20
CA LEU E 238 23.93 44.08 56.63
C LEU E 238 24.70 45.33 57.04
N ALA E 239 25.58 45.84 56.19
CA ALA E 239 26.32 47.07 56.47
C ALA E 239 25.61 48.33 56.00
N LYS E 240 24.70 48.21 55.04
CA LYS E 240 24.07 49.39 54.44
C LYS E 240 23.27 50.19 55.48
N LYS E 241 23.44 51.52 55.53
CA LYS E 241 22.54 52.24 56.42
C LYS E 241 21.47 52.96 55.64
N ASP E 242 20.36 53.20 56.34
CA ASP E 242 19.13 53.76 55.81
C ASP E 242 19.27 55.25 55.49
N ASP E 243 18.60 55.67 54.42
CA ASP E 243 18.48 57.08 54.02
C ASP E 243 17.38 57.81 54.76
N LEU E 244 16.35 57.11 55.19
CA LEU E 244 15.19 57.71 55.82
C LEU E 244 15.22 57.64 57.35
N THR E 245 16.22 56.96 57.95
CA THR E 245 16.39 56.88 59.40
C THR E 245 17.88 56.74 59.71
N ASN E 246 18.18 56.72 61.02
CA ASN E 246 19.49 56.39 61.55
C ASN E 246 19.67 54.90 61.79
N ASN E 247 18.75 54.08 61.28
CA ASN E 247 18.77 52.64 61.47
C ASN E 247 19.52 51.96 60.32
N TYR E 248 19.74 50.66 60.47
CA TYR E 248 20.21 49.85 59.34
C TYR E 248 19.01 49.49 58.45
N LEU E 249 19.22 49.50 57.13
CA LEU E 249 18.06 49.40 56.25
C LEU E 249 17.41 48.03 56.35
N VAL E 250 18.22 46.98 56.50
CA VAL E 250 17.69 45.62 56.61
C VAL E 250 16.76 45.50 57.80
N ASP E 251 16.93 46.34 58.82
CA ASP E 251 16.08 46.33 59.99
C ASP E 251 14.76 47.04 59.74
N MET E 252 14.61 47.67 58.59
CA MET E 252 13.41 48.40 58.22
C MET E 252 12.60 47.72 57.12
N ILE E 253 13.05 46.56 56.61
CA ILE E 253 12.36 45.81 55.58
C ILE E 253 11.36 44.84 56.22
N LEU E 254 10.21 44.69 55.60
CA LEU E 254 9.15 43.89 56.17
C LEU E 254 9.30 42.43 55.75
N ASP E 255 9.01 41.51 56.67
CA ASP E 255 9.33 40.10 56.53
C ASP E 255 8.15 39.32 55.95
N ILE E 256 7.70 39.78 54.78
CA ILE E 256 6.68 39.10 54.00
C ILE E 256 7.27 38.84 52.62
N ALA E 257 7.58 37.58 52.33
CA ALA E 257 8.15 37.17 51.06
C ALA E 257 7.56 35.80 50.74
N GLY E 258 6.49 35.77 49.93
CA GLY E 258 5.82 34.51 49.64
C GLY E 258 6.57 33.70 48.60
N ALA E 259 6.24 32.41 48.53
CA ALA E 259 6.87 31.52 47.56
C ALA E 259 6.41 31.88 46.15
N LYS E 260 7.32 32.48 45.37
CA LYS E 260 7.03 33.05 44.05
C LYS E 260 7.57 32.12 42.99
N GLY E 261 6.67 31.38 42.34
CA GLY E 261 7.04 30.81 41.06
C GLY E 261 8.02 29.67 41.16
N THR E 262 9.20 29.81 40.54
CA THR E 262 10.08 28.67 40.36
C THR E 262 10.51 28.05 41.69
N GLY E 263 10.30 28.74 42.82
CA GLY E 263 10.62 28.08 44.06
C GLY E 263 9.77 26.85 44.29
N LYS E 264 8.45 27.01 44.30
CA LYS E 264 7.59 25.87 44.62
C LYS E 264 7.74 24.75 43.59
N TRP E 265 8.11 25.08 42.35
CA TRP E 265 8.12 24.05 41.30
C TRP E 265 9.11 22.96 41.63
N THR E 266 10.27 23.32 42.17
CA THR E 266 11.25 22.29 42.48
C THR E 266 10.69 21.34 43.55
N MET E 267 9.93 21.88 44.49
CA MET E 267 9.37 21.04 45.55
C MET E 267 8.25 20.18 45.04
N LEU E 268 7.43 20.73 44.13
CA LEU E 268 6.37 19.94 43.51
C LEU E 268 6.94 18.71 42.84
N GLU E 269 8.07 18.87 42.16
CA GLU E 269 8.58 17.72 41.46
C GLU E 269 9.28 16.75 42.38
N ALA E 270 9.92 17.25 43.45
CA ALA E 270 10.54 16.34 44.41
C ALA E 270 9.49 15.50 45.11
N THR E 271 8.35 16.11 45.42
CA THR E 271 7.25 15.34 46.00
C THR E 271 6.73 14.33 44.99
N GLU E 272 6.47 14.78 43.76
CA GLU E 272 5.84 13.91 42.77
C GLU E 272 6.72 12.73 42.42
N ARG E 273 8.02 12.98 42.22
CA ARG E 273 8.92 11.89 41.83
C ARG E 273 9.48 11.12 43.02
N GLY E 274 9.16 11.54 44.25
CA GLY E 274 9.58 10.86 45.45
C GLY E 274 11.05 11.01 45.77
N ILE E 275 11.65 12.14 45.41
CA ILE E 275 13.05 12.40 45.71
C ILE E 275 13.13 13.42 46.85
N PRO E 276 13.66 13.04 48.01
CA PRO E 276 13.57 13.91 49.20
C PRO E 276 14.51 15.10 49.12
N CYS E 277 13.98 16.29 49.43
CA CYS E 277 14.74 17.55 49.48
C CYS E 277 14.33 18.33 50.73
N PRO E 278 14.71 17.85 51.92
CA PRO E 278 14.20 18.51 53.13
C PRO E 278 14.66 19.95 53.30
N THR E 279 15.88 20.27 52.89
CA THR E 279 16.42 21.62 53.09
C THR E 279 15.59 22.64 52.32
N MET E 280 14.95 22.18 51.28
CA MET E 280 14.10 22.98 50.42
C MET E 280 12.68 23.12 50.94
N CYS E 281 12.11 22.04 51.49
CA CYS E 281 10.87 22.15 52.24
C CYS E 281 10.96 23.33 53.19
N ALA E 282 12.06 23.39 53.94
CA ALA E 282 12.25 24.38 54.99
C ALA E 282 12.24 25.81 54.43
N ALA E 283 12.94 26.03 53.32
CA ALA E 283 12.97 27.36 52.73
C ALA E 283 11.56 27.80 52.36
N LEU E 284 10.76 26.89 51.81
CA LEU E 284 9.40 27.20 51.43
C LEU E 284 8.51 27.37 52.64
N ASP E 285 8.79 26.62 53.71
CA ASP E 285 8.02 26.80 54.94
C ASP E 285 8.23 28.18 55.52
N ALA E 286 9.49 28.61 55.58
CA ALA E 286 9.81 29.96 56.07
C ALA E 286 9.15 31.02 55.20
N ARG E 287 9.18 30.86 53.88
CA ARG E 287 8.58 31.88 53.01
C ARG E 287 7.06 31.87 53.09
N ASN E 288 6.44 30.68 53.02
CA ASN E 288 4.99 30.64 53.13
C ASN E 288 4.52 31.05 54.51
N ILE E 289 5.29 30.80 55.56
CA ILE E 289 4.84 31.25 56.88
C ILE E 289 4.91 32.77 56.98
N SER E 290 5.87 33.40 56.29
CA SER E 290 6.07 34.83 56.44
C SER E 290 4.89 35.65 55.94
N VAL E 291 4.08 35.11 55.02
CA VAL E 291 2.92 35.86 54.53
C VAL E 291 1.87 36.01 55.63
N PHE E 292 1.77 35.09 56.58
CA PHE E 292 0.73 35.17 57.61
C PHE E 292 1.19 36.02 58.80
N LYS E 293 1.51 37.29 58.52
CA LYS E 293 2.04 38.21 59.53
C LYS E 293 1.03 38.47 60.65
N GLU E 294 -0.26 38.59 60.31
CA GLU E 294 -1.24 38.89 61.34
C GLU E 294 -1.38 37.74 62.33
N LEU E 295 -1.42 36.51 61.83
CA LEU E 295 -1.58 35.38 62.75
C LEU E 295 -0.30 35.14 63.54
N ARG E 296 0.86 35.38 62.91
CA ARG E 296 2.13 35.28 63.60
C ARG E 296 2.22 36.27 64.76
N THR E 297 1.65 37.47 64.58
CA THR E 297 1.64 38.45 65.68
C THR E 297 0.71 38.00 66.80
N LYS E 298 -0.52 37.53 66.44
CA LYS E 298 -1.46 37.05 67.45
C LYS E 298 -0.90 35.86 68.21
N ALA E 299 -0.20 34.95 67.51
CA ALA E 299 0.32 33.75 68.13
C ALA E 299 1.36 34.08 69.19
N GLU E 300 2.26 35.00 68.91
CA GLU E 300 3.30 35.33 69.88
C GLU E 300 2.68 36.04 71.09
N SER E 301 1.57 36.75 70.89
CA SER E 301 0.81 37.32 72.00
C SER E 301 0.23 36.24 72.91
N ASN E 302 -0.32 35.18 72.33
CA ASN E 302 -0.92 34.12 73.11
C ASN E 302 0.16 33.26 73.76
N PHE E 303 1.27 33.03 73.07
CA PHE E 303 2.38 32.28 73.65
C PHE E 303 3.44 33.27 74.12
N ASN E 304 2.98 33.99 75.15
CA ASN E 304 3.69 34.75 76.16
C ASN E 304 5.02 34.16 76.62
N LYS E 305 5.45 33.04 76.00
CA LYS E 305 6.72 32.43 76.39
C LYS E 305 7.81 33.48 76.36
N ASP E 306 8.47 33.65 77.50
CA ASP E 306 9.42 34.75 77.65
C ASP E 306 10.50 34.69 76.58
N ASN E 307 11.08 35.86 76.30
CA ASN E 307 12.39 35.93 75.68
C ASN E 307 13.32 34.98 76.41
N ILE E 308 13.83 33.96 75.71
CA ILE E 308 14.49 32.84 76.39
C ILE E 308 15.73 33.32 77.13
N LEU E 309 16.53 34.19 76.49
CA LEU E 309 17.70 34.85 77.09
C LEU E 309 18.91 33.94 77.24
N ILE E 310 19.99 34.30 76.57
CA ILE E 310 21.20 33.51 76.59
C ILE E 310 21.83 33.56 77.96
N ASP E 311 22.12 32.38 78.54
CA ASP E 311 23.01 32.26 79.69
C ASP E 311 24.33 33.01 79.42
N PRO E 312 24.64 34.07 80.18
CA PRO E 312 25.90 34.82 79.94
C PRO E 312 27.17 34.07 80.37
N ASN E 313 27.06 32.89 80.98
CA ASN E 313 28.22 32.05 81.27
C ASN E 313 28.33 30.88 80.30
N GLU E 314 27.71 31.01 79.14
CA GLU E 314 27.73 29.94 78.15
C GLU E 314 29.08 29.89 77.45
N ASP E 315 29.63 28.69 77.31
CA ASP E 315 30.86 28.50 76.55
C ASP E 315 30.58 28.71 75.06
N LEU E 316 30.94 29.90 74.54
CA LEU E 316 30.77 30.24 73.14
C LEU E 316 32.11 30.60 72.48
N ASN E 317 33.23 30.14 73.05
CA ASN E 317 34.55 30.57 72.57
C ASN E 317 34.82 30.17 71.13
N ASP E 318 34.25 29.06 70.67
CA ASP E 318 34.46 28.67 69.28
C ASP E 318 33.15 28.60 68.50
N PHE E 319 32.12 29.31 68.97
CA PHE E 319 30.80 29.13 68.40
C PHE E 319 30.71 29.75 67.01
N GLU E 320 31.29 30.93 66.83
CA GLU E 320 31.26 31.56 65.53
C GLU E 320 31.91 30.69 64.47
N ASN E 321 33.01 30.01 64.84
CA ASN E 321 33.67 29.16 63.87
C ASN E 321 32.96 27.83 63.73
N ASP E 322 32.23 27.39 64.76
CA ASP E 322 31.38 26.24 64.61
C ASP E 322 30.26 26.53 63.61
N LEU E 323 29.71 27.75 63.68
CA LEU E 323 28.67 28.14 62.74
C LEU E 323 29.23 28.20 61.33
N LEU E 324 30.48 28.61 61.19
CA LEU E 324 31.14 28.61 59.88
C LEU E 324 31.13 27.21 59.28
N ASN E 325 31.50 26.22 60.06
CA ASN E 325 31.56 24.86 59.56
C ASN E 325 30.16 24.30 59.32
N ALA E 326 29.22 24.63 60.20
CA ALA E 326 27.87 24.12 60.06
C ALA E 326 27.22 24.65 58.79
N LEU E 327 27.37 25.94 58.51
CA LEU E 327 26.76 26.51 57.32
C LEU E 327 27.39 25.90 56.07
N TYR E 328 28.71 25.78 56.07
CA TYR E 328 29.39 25.14 54.96
C TYR E 328 28.91 23.71 54.84
N CYS E 329 28.74 23.06 55.98
CA CYS E 329 28.35 21.66 55.99
C CYS E 329 26.96 21.50 55.37
N CYS E 330 26.00 22.33 55.75
CA CYS E 330 24.66 22.28 55.17
C CYS E 330 24.66 22.65 53.70
N LYS E 331 25.56 23.52 53.26
CA LYS E 331 25.66 23.87 51.85
C LYS E 331 26.00 22.64 51.00
N ILE E 332 26.87 21.76 51.52
CA ILE E 332 27.12 20.50 50.83
C ILE E 332 25.86 19.63 50.85
N ILE E 333 25.18 19.55 51.99
CA ILE E 333 23.98 18.74 52.08
C ILE E 333 22.90 19.26 51.14
N SER E 334 22.75 20.59 51.10
CA SER E 334 21.72 21.20 50.26
C SER E 334 22.01 21.00 48.77
N TYR E 335 23.27 21.17 48.34
CA TYR E 335 23.61 20.87 46.94
C TYR E 335 23.48 19.38 46.65
N THR E 336 23.76 18.54 47.64
CA THR E 336 23.64 17.10 47.45
C THR E 336 22.22 16.71 47.05
N GLN E 337 21.22 17.30 47.70
CA GLN E 337 19.84 17.01 47.36
C GLN E 337 19.52 17.47 45.94
N GLY E 338 19.96 18.67 45.57
CA GLY E 338 19.63 19.20 44.27
C GLY E 338 20.23 18.39 43.13
N LEU E 339 21.51 18.02 43.28
CA LEU E 339 22.17 17.24 42.24
C LEU E 339 21.64 15.81 42.19
N PHE E 340 21.19 15.28 43.32
CA PHE E 340 20.59 13.97 43.27
C PHE E 340 19.30 14.03 42.47
N LEU E 341 18.48 15.05 42.74
CA LEU E 341 17.24 15.22 41.99
C LEU E 341 17.53 15.40 40.50
N LEU E 342 18.55 16.21 40.16
CA LEU E 342 18.92 16.38 38.76
C LEU E 342 19.34 15.06 38.13
N LYS E 343 20.09 14.23 38.87
CA LYS E 343 20.55 12.97 38.32
C LYS E 343 19.36 12.05 38.02
N GLN E 344 18.40 11.96 38.97
CA GLN E 344 17.32 11.00 38.82
C GLN E 344 16.39 11.40 37.68
N VAL E 345 16.05 12.69 37.58
CA VAL E 345 15.16 13.14 36.51
C VAL E 345 15.86 12.95 35.16
N SER E 346 17.18 13.21 35.13
CA SER E 346 17.91 13.00 33.89
C SER E 346 17.80 11.56 33.40
N GLU E 347 17.68 10.60 34.32
CA GLU E 347 17.54 9.23 33.84
C GLU E 347 16.11 8.92 33.44
N GLU E 348 15.12 9.47 34.14
CA GLU E 348 13.73 9.20 33.76
C GLU E 348 13.36 9.86 32.44
N MET E 349 14.09 10.89 32.04
CA MET E 349 13.78 11.62 30.84
C MET E 349 14.78 11.36 29.73
N ASN E 350 15.81 10.55 29.99
CA ASN E 350 16.91 10.31 29.05
C ASN E 350 17.48 11.63 28.55
N TRP E 351 17.61 12.58 29.47
CA TRP E 351 18.19 13.89 29.23
C TRP E 351 19.66 13.76 29.58
N LYS E 352 20.47 13.23 28.68
CA LYS E 352 21.79 12.85 29.17
C LYS E 352 22.57 14.06 29.70
N LEU E 353 22.32 14.40 30.97
CA LEU E 353 22.82 15.64 31.56
C LEU E 353 24.22 15.43 32.07
N ASN E 354 25.08 16.42 31.83
CA ASN E 354 26.46 16.34 32.29
C ASN E 354 26.52 17.24 33.51
N LEU E 355 26.32 16.63 34.68
CA LEU E 355 26.30 17.40 35.92
C LEU E 355 27.66 18.02 36.19
N GLY E 356 28.72 17.46 35.60
CA GLY E 356 30.01 18.10 35.70
C GLY E 356 30.06 19.44 34.98
N GLU E 357 29.44 19.52 33.79
CA GLU E 357 29.50 20.78 33.05
C GLU E 357 28.53 21.82 33.58
N ILE E 358 27.39 21.36 34.09
CA ILE E 358 26.42 22.25 34.73
C ILE E 358 27.03 22.91 35.96
N ALA E 359 27.87 22.16 36.70
CA ALA E 359 28.61 22.76 37.80
C ALA E 359 29.59 23.79 37.28
N ARG E 360 30.29 23.46 36.18
CA ARG E 360 31.26 24.40 35.63
C ARG E 360 30.58 25.71 35.27
N ILE E 361 29.42 25.64 34.62
CA ILE E 361 28.79 26.87 34.17
C ILE E 361 28.20 27.67 35.32
N TRP E 362 28.15 27.10 36.52
CA TRP E 362 27.68 27.84 37.68
C TRP E 362 28.77 28.60 38.42
N ARG E 363 30.04 28.49 38.01
CA ARG E 363 31.10 29.18 38.75
C ARG E 363 31.11 30.68 38.52
N GLY E 364 30.49 31.15 37.44
CA GLY E 364 30.36 32.57 37.22
C GLY E 364 28.97 32.87 36.73
N GLY E 365 28.63 34.14 36.81
CA GLY E 365 27.35 34.60 36.24
C GLY E 365 26.15 34.40 37.08
N CYS E 366 25.94 33.19 37.60
CA CYS E 366 24.70 32.87 38.30
C CYS E 366 24.71 33.33 39.77
N ILE E 367 23.53 33.22 40.40
CA ILE E 367 23.36 33.70 41.77
C ILE E 367 24.07 32.77 42.75
N ILE E 368 24.10 31.47 42.46
CA ILE E 368 24.66 30.49 43.39
C ILE E 368 26.14 30.18 43.12
N ARG E 369 26.90 31.20 42.72
CA ARG E 369 28.25 30.94 42.23
C ARG E 369 29.18 30.80 43.39
N ALA E 370 30.34 30.21 43.16
CA ALA E 370 31.40 30.25 44.21
C ALA E 370 32.51 29.18 43.89
N VAL E 371 33.55 29.25 44.76
CA VAL E 371 34.69 28.32 44.87
C VAL E 371 34.17 26.98 45.32
N PHE E 372 33.10 27.06 46.08
CA PHE E 372 32.46 25.85 46.51
C PHE E 372 32.07 25.03 45.36
N LEU E 373 31.70 25.64 44.24
CA LEU E 373 31.22 24.99 43.03
C LEU E 373 32.36 24.40 42.21
N ASP E 374 33.59 24.91 42.32
CA ASP E 374 34.65 24.37 41.48
C ASP E 374 35.02 22.92 41.86
N ARG E 375 34.87 22.56 43.14
CA ARG E 375 35.23 21.18 43.50
C ARG E 375 34.11 20.18 43.24
N ILE E 376 32.86 20.64 43.14
CA ILE E 376 31.79 19.75 42.67
C ILE E 376 32.04 19.31 41.23
N ALA E 377 32.54 20.23 40.39
CA ALA E 377 32.83 19.86 39.00
C ALA E 377 33.87 18.76 38.93
N ASN E 378 34.96 18.88 39.71
CA ASN E 378 35.98 17.83 39.71
C ASN E 378 35.47 16.54 40.32
N ALA E 379 34.52 16.63 41.27
CA ALA E 379 33.93 15.41 41.81
C ALA E 379 33.21 14.63 40.73
N TYR E 380 32.49 15.32 39.82
CA TYR E 380 31.80 14.64 38.73
C TYR E 380 32.75 14.35 37.58
N LYS E 381 33.69 15.27 37.34
CA LYS E 381 34.76 15.03 36.38
C LYS E 381 35.49 13.74 36.70
N ASN E 382 35.83 13.53 37.98
CA ASN E 382 36.58 12.35 38.41
C ASN E 382 35.72 11.10 38.43
N ASN E 383 34.47 11.22 38.88
CA ASN E 383 33.50 10.13 38.98
C ASN E 383 32.17 10.64 38.42
N GLU E 384 31.79 10.18 37.22
CA GLU E 384 30.52 10.65 36.69
C GLU E 384 29.33 9.75 37.08
N LYS E 385 29.57 8.66 37.81
CA LYS E 385 28.47 7.89 38.37
C LYS E 385 28.22 8.22 39.85
N LEU E 386 28.92 9.23 40.38
CA LEU E 386 28.71 9.74 41.72
C LEU E 386 27.27 10.19 41.93
N GLU E 387 26.61 9.71 42.99
CA GLU E 387 25.20 10.04 43.19
C GLU E 387 24.96 11.02 44.33
N LEU E 388 25.33 10.69 45.58
CA LEU E 388 25.36 11.73 46.60
C LEU E 388 26.73 12.38 46.62
N LEU E 389 26.74 13.70 46.70
CA LEU E 389 27.97 14.43 46.50
C LEU E 389 28.90 14.31 47.70
N PHE E 390 28.36 14.29 48.92
CA PHE E 390 29.20 14.20 50.11
C PHE E 390 29.74 12.80 50.36
N LEU E 391 29.47 11.84 49.47
CA LEU E 391 30.09 10.54 49.58
C LEU E 391 31.38 10.42 48.80
N ASP E 392 31.66 11.38 47.92
CA ASP E 392 32.93 11.44 47.21
C ASP E 392 34.05 11.83 48.16
N ASN E 393 35.25 11.36 47.87
CA ASN E 393 36.35 11.46 48.83
C ASN E 393 36.68 12.91 49.16
N GLU E 394 36.41 13.84 48.24
CA GLU E 394 36.66 15.26 48.49
C GLU E 394 35.87 15.75 49.69
N PHE E 395 34.56 15.50 49.67
CA PHE E 395 33.62 16.05 50.62
C PHE E 395 33.43 15.19 51.85
N SER E 396 33.65 13.87 51.71
CA SER E 396 33.45 12.94 52.81
C SER E 396 34.25 13.36 54.05
N ASP E 397 35.52 13.71 53.86
CA ASP E 397 36.31 14.17 54.99
C ASP E 397 35.88 15.55 55.48
N ASP E 398 35.44 16.44 54.59
CA ASP E 398 34.90 17.72 55.02
C ASP E 398 33.74 17.55 55.98
N ILE E 399 32.78 16.68 55.65
CA ILE E 399 31.66 16.47 56.54
C ILE E 399 32.13 15.85 57.85
N LYS E 400 32.97 14.82 57.77
CA LYS E 400 33.41 14.10 58.97
C LYS E 400 34.01 15.04 60.02
N ASN E 401 34.65 16.12 59.58
CA ASN E 401 35.32 17.07 60.47
C ASN E 401 34.38 18.16 60.97
N LYS E 402 33.46 18.60 60.12
CA LYS E 402 32.61 19.74 60.40
C LYS E 402 31.24 19.34 60.94
N LEU E 403 30.92 18.07 60.94
CA LEU E 403 29.58 17.65 61.30
C LEU E 403 29.31 17.85 62.80
N PRO E 404 30.27 17.61 63.71
CA PRO E 404 30.04 18.02 65.10
C PRO E 404 29.75 19.51 65.28
N SER E 405 30.29 20.40 64.42
CA SER E 405 29.89 21.81 64.50
C SER E 405 28.39 21.97 64.20
N LEU E 406 27.90 21.29 63.16
CA LEU E 406 26.47 21.34 62.86
C LEU E 406 25.65 20.87 64.05
N ARG E 407 26.11 19.80 64.73
CA ARG E 407 25.39 19.24 65.86
C ARG E 407 25.30 20.23 67.03
N LYS E 408 26.36 21.00 67.27
CA LYS E 408 26.36 22.04 68.29
C LYS E 408 25.51 23.24 67.89
N ILE E 409 25.40 23.53 66.59
CA ILE E 409 24.56 24.64 66.15
C ILE E 409 23.08 24.29 66.35
N VAL E 410 22.68 23.07 66.01
CA VAL E 410 21.30 22.69 66.29
C VAL E 410 21.07 22.63 67.78
N LEU E 411 22.06 22.10 68.51
CA LEU E 411 21.92 21.99 69.95
C LEU E 411 21.66 23.35 70.56
N MET E 412 22.44 24.33 70.16
CA MET E 412 22.36 25.63 70.81
C MET E 412 21.10 26.39 70.40
N ALA E 413 20.65 26.24 69.15
CA ALA E 413 19.43 26.91 68.73
C ALA E 413 18.20 26.30 69.40
N THR E 414 18.18 24.96 69.54
CA THR E 414 17.04 24.33 70.22
C THR E 414 16.96 24.81 71.66
N LYS E 415 18.12 24.92 72.34
CA LYS E 415 18.14 25.39 73.71
C LYS E 415 17.50 26.76 73.85
N TYR E 416 17.69 27.63 72.87
CA TYR E 416 17.21 29.00 72.99
C TYR E 416 16.00 29.30 72.11
N SER E 417 15.31 28.25 71.63
CA SER E 417 14.08 28.38 70.84
C SER E 417 14.28 29.30 69.64
N ILE E 418 15.41 29.14 68.97
CA ILE E 418 15.72 29.88 67.75
C ILE E 418 15.29 29.00 66.57
N PRO E 419 14.38 29.44 65.72
CA PRO E 419 13.88 28.60 64.61
C PRO E 419 14.92 28.44 63.51
N ILE E 420 15.31 27.21 63.24
CA ILE E 420 16.30 26.92 62.19
C ILE E 420 15.82 25.73 61.38
N PRO E 421 14.73 25.88 60.62
CA PRO E 421 14.22 24.72 59.88
C PRO E 421 15.22 24.19 58.87
N ALA E 422 15.98 25.07 58.21
CA ALA E 422 16.91 24.60 57.20
C ALA E 422 18.11 23.87 57.83
N PHE E 423 18.62 24.39 58.96
CA PHE E 423 19.71 23.68 59.64
C PHE E 423 19.23 22.34 60.21
N SER E 424 18.02 22.32 60.80
CA SER E 424 17.51 21.04 61.29
C SER E 424 17.23 20.09 60.15
N ALA E 425 16.61 20.58 59.07
CA ALA E 425 16.28 19.69 57.97
C ALA E 425 17.55 19.11 57.34
N SER E 426 18.59 19.94 57.19
CA SER E 426 19.81 19.43 56.58
C SER E 426 20.45 18.36 57.46
N LEU E 427 20.40 18.53 58.78
CA LEU E 427 20.97 17.53 59.65
C LEU E 427 20.15 16.26 59.63
N ALA E 428 18.82 16.40 59.71
CA ALA E 428 17.96 15.22 59.69
C ALA E 428 18.11 14.42 58.39
N TYR E 429 18.25 15.12 57.26
CA TYR E 429 18.49 14.46 55.97
C TYR E 429 19.80 13.68 56.02
N PHE E 430 20.87 14.32 56.47
CA PHE E 430 22.16 13.64 56.50
C PHE E 430 22.09 12.41 57.39
N GLN E 431 21.37 12.49 58.51
CA GLN E 431 21.37 11.35 59.42
C GLN E 431 20.50 10.21 58.88
N MET E 432 19.45 10.52 58.11
CA MET E 432 18.61 9.47 57.56
C MET E 432 19.25 8.79 56.36
N VAL E 433 19.87 9.60 55.49
CA VAL E 433 20.48 9.02 54.32
C VAL E 433 21.69 8.16 54.72
N THR E 434 22.20 8.34 55.93
CA THR E 434 23.34 7.56 56.39
C THR E 434 22.92 6.49 57.38
N SER E 435 21.64 6.11 57.43
CA SER E 435 21.16 5.07 58.34
C SER E 435 20.77 3.80 57.56
N GLN E 436 21.54 2.73 57.77
CA GLN E 436 21.27 1.49 57.06
C GLN E 436 19.89 0.92 57.39
N ASN E 437 19.44 1.12 58.63
CA ASN E 437 18.13 0.65 59.11
C ASN E 437 17.36 1.85 59.66
N LEU E 438 16.16 2.08 59.11
CA LEU E 438 15.29 3.14 59.59
C LEU E 438 13.99 2.55 60.13
N PRO E 439 13.25 3.29 60.97
CA PRO E 439 12.08 2.67 61.63
C PRO E 439 10.88 2.48 60.71
N LEU E 440 11.11 2.49 59.40
CA LEU E 440 10.04 2.19 58.44
C LEU E 440 9.61 0.73 58.50
N ASN E 441 10.32 -0.11 59.24
CA ASN E 441 9.80 -1.44 59.50
C ASN E 441 8.53 -1.37 60.35
N LEU E 442 8.50 -0.49 61.36
CA LEU E 442 7.30 -0.32 62.16
C LEU E 442 6.17 0.29 61.33
N VAL E 443 6.52 1.20 60.41
CA VAL E 443 5.50 1.77 59.53
C VAL E 443 4.94 0.69 58.61
N GLN E 444 5.81 -0.16 58.04
CA GLN E 444 5.30 -1.28 57.24
C GLN E 444 4.43 -2.18 58.08
N ALA E 445 4.83 -2.41 59.33
CA ALA E 445 4.05 -3.25 60.21
C ALA E 445 2.70 -2.63 60.49
N GLN E 446 2.65 -1.32 60.73
CA GLN E 446 1.37 -0.69 60.98
C GLN E 446 0.47 -0.76 59.75
N ARG E 447 1.03 -0.55 58.54
CA ARG E 447 0.18 -0.59 57.34
C ARG E 447 -0.37 -1.98 57.07
N ASP E 448 0.40 -3.02 57.40
CA ASP E 448 -0.13 -4.37 57.26
C ASP E 448 -1.23 -4.65 58.30
N TYR E 449 -1.10 -4.07 59.49
CA TYR E 449 -2.07 -4.28 60.56
C TYR E 449 -3.46 -3.82 60.14
N PHE E 450 -3.58 -2.58 59.64
CA PHE E 450 -4.91 -2.05 59.33
C PHE E 450 -5.33 -2.20 57.87
N GLY E 451 -4.39 -2.35 56.93
CA GLY E 451 -4.76 -2.37 55.54
C GLY E 451 -4.48 -3.67 54.81
N SER E 452 -3.77 -4.58 55.46
CA SER E 452 -3.30 -5.84 54.85
C SER E 452 -2.38 -5.59 53.65
N HIS E 453 -1.59 -4.50 53.69
CA HIS E 453 -0.78 -4.10 52.53
C HIS E 453 0.47 -4.94 52.34
N THR E 454 0.70 -5.96 53.18
CA THR E 454 1.82 -6.88 53.09
C THR E 454 3.16 -6.19 53.33
N TYR E 455 4.17 -6.99 53.64
CA TYR E 455 5.50 -6.49 53.92
C TYR E 455 6.48 -7.52 53.41
N ARG E 456 7.74 -7.14 53.38
CA ARG E 456 8.79 -8.04 53.02
C ARG E 456 9.72 -8.22 54.22
N ARG E 457 10.46 -9.30 54.20
CA ARG E 457 11.22 -9.69 55.37
C ARG E 457 12.70 -9.48 55.11
N THR E 458 13.45 -9.51 56.22
CA THR E 458 14.91 -9.38 56.20
C THR E 458 15.60 -10.65 55.71
N ASP E 459 15.07 -11.81 56.10
CA ASP E 459 15.76 -13.08 55.86
C ASP E 459 15.35 -13.82 54.58
N ARG E 460 14.12 -13.67 54.09
CA ARG E 460 13.64 -14.48 52.97
C ARG E 460 12.88 -13.63 51.96
N GLU E 461 12.68 -14.20 50.77
CA GLU E 461 11.94 -13.62 49.66
C GLU E 461 10.44 -13.62 49.89
N GLY E 462 9.75 -12.81 49.11
CA GLY E 462 8.31 -12.87 49.00
C GLY E 462 7.58 -11.86 49.85
N ASN E 463 6.27 -11.80 49.63
CA ASN E 463 5.39 -10.93 50.37
C ASN E 463 4.77 -11.68 51.53
N TYR E 464 4.52 -10.97 52.62
CA TYR E 464 4.01 -11.58 53.82
C TYR E 464 2.86 -10.78 54.39
N HIS E 465 1.86 -11.50 54.88
CA HIS E 465 0.76 -10.94 55.64
C HIS E 465 0.77 -11.62 57.00
N THR E 466 0.52 -10.85 58.06
CA THR E 466 0.46 -11.37 59.41
C THR E 466 -0.92 -11.08 59.98
N LEU E 467 -1.46 -12.07 60.73
CA LEU E 467 -2.71 -11.94 61.48
C LEU E 467 -2.36 -11.47 62.88
N TRP E 468 -2.65 -10.20 63.18
CA TRP E 468 -2.16 -9.57 64.43
C TRP E 468 -3.03 -9.67 65.69
N MET F 1 -33.90 -6.55 42.81
CA MET F 1 -34.29 -6.78 44.19
C MET F 1 -33.47 -6.00 45.22
N CYS F 2 -32.56 -5.14 44.78
CA CYS F 2 -31.47 -4.67 45.62
C CYS F 2 -31.60 -3.20 46.04
N ASP F 3 -31.26 -2.92 47.32
CA ASP F 3 -31.20 -1.55 47.81
C ASP F 3 -30.01 -0.81 47.23
N ILE F 4 -28.89 -1.51 47.05
CA ILE F 4 -27.61 -0.88 46.72
C ILE F 4 -26.77 -1.94 46.00
N GLY F 5 -25.93 -1.49 45.08
CA GLY F 5 -25.00 -2.38 44.41
C GLY F 5 -23.55 -1.99 44.70
N LEU F 6 -22.61 -2.92 44.57
CA LEU F 6 -21.22 -2.64 44.91
C LEU F 6 -20.31 -3.33 43.91
N ILE F 7 -19.32 -2.62 43.39
CA ILE F 7 -18.40 -3.14 42.39
C ILE F 7 -16.97 -3.14 42.95
N GLY F 8 -16.30 -4.29 42.88
CA GLY F 8 -14.94 -4.43 43.38
C GLY F 8 -14.91 -5.16 44.70
N LEU F 9 -14.48 -6.41 44.70
CA LEU F 9 -14.62 -7.28 45.88
C LEU F 9 -13.26 -7.77 46.32
N ALA F 10 -12.42 -6.85 46.80
CA ALA F 10 -11.26 -7.22 47.58
C ALA F 10 -11.77 -7.47 48.99
N VAL F 11 -10.90 -7.69 49.97
CA VAL F 11 -11.44 -7.94 51.31
C VAL F 11 -12.19 -6.71 51.83
N MET F 12 -11.78 -5.51 51.39
CA MET F 12 -12.50 -4.30 51.81
C MET F 12 -13.92 -4.25 51.23
N GLY F 13 -14.06 -4.47 49.91
CA GLY F 13 -15.36 -4.48 49.28
C GLY F 13 -16.24 -5.61 49.81
N GLN F 14 -15.63 -6.76 50.07
CA GLN F 14 -16.36 -7.87 50.66
C GLN F 14 -16.85 -7.52 52.08
N ASN F 15 -15.95 -7.01 52.92
CA ASN F 15 -16.29 -6.70 54.31
C ASN F 15 -17.40 -5.66 54.36
N LEU F 16 -17.31 -4.64 53.52
CA LEU F 16 -18.33 -3.60 53.48
C LEU F 16 -19.67 -4.13 53.00
N SER F 17 -19.67 -5.10 52.08
CA SER F 17 -20.93 -5.68 51.65
C SER F 17 -21.58 -6.49 52.76
N LEU F 18 -20.78 -7.28 53.51
CA LEU F 18 -21.34 -7.97 54.68
C LEU F 18 -21.83 -6.98 55.72
N ASN F 19 -21.18 -5.82 55.82
CA ASN F 19 -21.63 -4.77 56.74
C ASN F 19 -23.00 -4.24 56.34
N ILE F 20 -23.20 -3.98 55.04
CA ILE F 20 -24.47 -3.46 54.57
C ILE F 20 -25.59 -4.48 54.74
N SER F 21 -25.30 -5.76 54.47
CA SER F 21 -26.33 -6.79 54.60
C SER F 21 -26.66 -7.07 56.05
N SER F 22 -25.67 -6.99 56.94
CA SER F 22 -25.92 -7.25 58.36
C SER F 22 -26.89 -6.22 58.94
N LYS F 23 -27.07 -5.09 58.28
CA LYS F 23 -27.99 -4.06 58.76
C LYS F 23 -29.31 -4.09 58.04
N GLY F 24 -29.64 -5.23 57.40
CA GLY F 24 -30.95 -5.44 56.82
C GLY F 24 -31.15 -4.85 55.44
N PHE F 25 -30.08 -4.72 54.67
CA PHE F 25 -30.13 -4.21 53.30
C PHE F 25 -29.79 -5.34 52.35
N LYS F 26 -30.58 -5.47 51.30
CA LYS F 26 -30.34 -6.43 50.25
C LYS F 26 -29.38 -5.79 49.24
N ILE F 27 -28.19 -6.37 49.11
CA ILE F 27 -27.11 -5.76 48.33
C ILE F 27 -26.69 -6.74 47.24
N GLY F 28 -26.61 -6.23 46.01
CA GLY F 28 -26.01 -6.95 44.91
C GLY F 28 -24.56 -6.56 44.74
N VAL F 29 -23.77 -7.48 44.21
CA VAL F 29 -22.31 -7.32 44.17
C VAL F 29 -21.82 -7.91 42.86
N TYR F 30 -20.84 -7.24 42.28
CA TYR F 30 -20.15 -7.69 41.08
C TYR F 30 -18.65 -7.47 41.26
N ASN F 31 -17.87 -8.35 40.62
CA ASN F 31 -16.42 -8.22 40.51
C ASN F 31 -16.00 -8.85 39.19
N ARG F 32 -15.09 -8.17 38.47
CA ARG F 32 -14.73 -8.62 37.13
C ARG F 32 -14.06 -10.00 37.17
N THR F 33 -13.41 -10.36 38.26
CA THR F 33 -13.02 -11.75 38.52
C THR F 33 -14.13 -12.40 39.36
N TYR F 34 -14.93 -13.26 38.72
CA TYR F 34 -16.14 -13.76 39.36
C TYR F 34 -15.83 -14.64 40.56
N GLU F 35 -14.63 -15.21 40.60
CA GLU F 35 -14.30 -16.07 41.72
C GLU F 35 -14.37 -15.31 43.02
N ARG F 36 -13.98 -14.04 43.00
CA ARG F 36 -14.08 -13.24 44.22
C ARG F 36 -15.54 -13.05 44.61
N THR F 37 -16.43 -12.94 43.62
CA THR F 37 -17.86 -12.85 43.89
C THR F 37 -18.37 -14.12 44.55
N GLU F 38 -17.89 -15.28 44.09
CA GLU F 38 -18.36 -16.52 44.68
C GLU F 38 -17.82 -16.70 46.09
N GLU F 39 -16.58 -16.29 46.33
CA GLU F 39 -16.04 -16.35 47.69
C GLU F 39 -16.78 -15.41 48.63
N THR F 40 -17.29 -14.28 48.10
CA THR F 40 -18.09 -13.33 48.86
C THR F 40 -19.44 -13.91 49.27
N MET F 41 -20.13 -14.61 48.37
CA MET F 41 -21.40 -15.23 48.72
C MET F 41 -21.21 -16.39 49.71
N LYS F 42 -20.05 -17.05 49.65
CA LYS F 42 -19.74 -18.11 50.61
C LYS F 42 -19.63 -17.54 52.02
N ARG F 43 -18.77 -16.53 52.21
CA ARG F 43 -18.68 -15.92 53.54
C ARG F 43 -20.03 -15.36 54.00
N ALA F 44 -20.78 -14.75 53.07
CA ALA F 44 -22.12 -14.30 53.41
C ALA F 44 -22.97 -15.46 53.94
N LYS F 45 -23.00 -16.57 53.17
CA LYS F 45 -23.81 -17.74 53.54
C LYS F 45 -23.38 -18.29 54.89
N GLU F 46 -22.07 -18.28 55.15
CA GLU F 46 -21.50 -18.77 56.41
C GLU F 46 -21.85 -17.89 57.59
N GLU F 47 -22.35 -16.67 57.36
CA GLU F 47 -22.67 -15.76 58.46
C GLU F 47 -24.17 -15.57 58.58
N ASN F 48 -24.95 -16.42 57.93
CA ASN F 48 -26.40 -16.28 57.86
C ASN F 48 -26.78 -14.89 57.39
N LEU F 49 -26.11 -14.44 56.32
CA LEU F 49 -26.31 -13.17 55.66
C LEU F 49 -26.62 -13.40 54.18
N VAL F 50 -27.30 -12.42 53.57
CA VAL F 50 -27.73 -12.53 52.18
C VAL F 50 -26.95 -11.50 51.34
N VAL F 51 -26.24 -12.00 50.33
CA VAL F 51 -25.58 -11.17 49.32
C VAL F 51 -25.81 -11.80 47.95
N TYR F 52 -26.37 -11.03 47.02
CA TYR F 52 -26.69 -11.50 45.68
C TYR F 52 -25.53 -11.15 44.75
N GLY F 53 -24.89 -12.20 44.17
CA GLY F 53 -23.74 -12.00 43.32
C GLY F 53 -24.13 -12.09 41.85
N TYR F 54 -23.59 -11.16 41.07
CA TYR F 54 -23.92 -11.06 39.65
C TYR F 54 -22.68 -11.13 38.77
N LYS F 55 -22.75 -11.95 37.72
CA LYS F 55 -21.58 -12.25 36.89
C LYS F 55 -21.19 -11.08 35.97
N THR F 56 -22.08 -10.12 35.74
CA THR F 56 -21.75 -8.93 34.96
C THR F 56 -22.42 -7.72 35.60
N VAL F 57 -21.84 -6.54 35.34
CA VAL F 57 -22.38 -5.31 35.90
C VAL F 57 -23.78 -5.09 35.33
N GLU F 58 -23.96 -5.51 34.07
CA GLU F 58 -25.24 -5.38 33.37
C GLU F 58 -26.38 -5.98 34.21
N GLU F 59 -26.32 -7.30 34.45
CA GLU F 59 -27.22 -7.98 35.39
C GLU F 59 -27.28 -7.29 36.73
N LEU F 60 -26.15 -6.80 37.25
CA LEU F 60 -26.22 -6.18 38.57
C LEU F 60 -27.06 -4.90 38.51
N ILE F 61 -26.86 -4.09 37.48
CA ILE F 61 -27.64 -2.86 37.37
C ILE F 61 -29.12 -3.17 37.23
N ASN F 62 -29.50 -4.25 36.48
CA ASN F 62 -30.93 -4.32 36.29
C ASN F 62 -31.65 -4.89 37.51
N ASN F 63 -30.98 -5.13 38.63
CA ASN F 63 -31.62 -5.64 39.83
C ASN F 63 -31.57 -4.63 40.97
N LEU F 64 -31.35 -3.35 40.66
CA LEU F 64 -31.28 -2.28 41.65
C LEU F 64 -32.58 -1.47 41.72
N LYS F 65 -33.02 -1.18 42.94
CA LYS F 65 -34.17 -0.31 43.19
C LYS F 65 -33.93 1.09 42.65
N LYS F 66 -34.86 1.60 41.82
CA LYS F 66 -34.78 3.01 41.45
C LYS F 66 -35.23 3.88 42.62
N PRO F 67 -34.46 4.94 42.99
CA PRO F 67 -33.27 5.42 42.28
C PRO F 67 -32.10 4.47 42.44
N ARG F 68 -31.43 4.12 41.35
CA ARG F 68 -30.36 3.15 41.44
C ARG F 68 -29.16 3.74 42.13
N LYS F 69 -28.56 2.99 43.05
CA LYS F 69 -27.43 3.46 43.86
C LYS F 69 -26.34 2.41 43.82
N VAL F 70 -25.15 2.79 43.34
CA VAL F 70 -24.03 1.87 43.18
C VAL F 70 -22.79 2.44 43.85
N ILE F 71 -22.08 1.60 44.59
CA ILE F 71 -20.80 1.95 45.21
C ILE F 71 -19.67 1.34 44.39
N LEU F 72 -18.58 2.09 44.22
CA LEU F 72 -17.42 1.60 43.48
C LEU F 72 -16.22 1.46 44.40
N LEU F 73 -15.56 0.30 44.34
CA LEU F 73 -14.36 0.02 45.14
C LEU F 73 -13.30 -0.56 44.20
N ILE F 74 -13.00 0.23 43.17
CA ILE F 74 -12.02 -0.05 42.14
C ILE F 74 -10.75 0.73 42.46
N LYS F 75 -9.60 0.07 42.34
CA LYS F 75 -8.33 0.76 42.53
C LYS F 75 -8.16 1.86 41.48
N ALA F 76 -7.61 3.00 41.92
CA ALA F 76 -7.48 4.18 41.07
C ALA F 76 -6.71 3.83 39.79
N GLY F 77 -7.21 4.35 38.68
CA GLY F 77 -6.62 4.06 37.39
C GLY F 77 -7.65 4.15 36.27
N PRO F 78 -7.28 3.63 35.10
CA PRO F 78 -8.19 3.71 33.94
C PRO F 78 -9.45 2.85 34.12
N ALA F 79 -9.36 1.81 34.96
CA ALA F 79 -10.49 0.92 35.23
C ALA F 79 -11.64 1.65 35.91
N VAL F 80 -11.35 2.72 36.65
CA VAL F 80 -12.41 3.47 37.30
C VAL F 80 -13.28 4.16 36.26
N ASP F 81 -12.64 4.76 35.26
CA ASP F 81 -13.41 5.48 34.26
C ASP F 81 -14.16 4.54 33.33
N GLU F 82 -13.61 3.35 33.07
CA GLU F 82 -14.32 2.40 32.23
C GLU F 82 -15.67 2.03 32.83
N ASN F 83 -15.67 1.71 34.13
CA ASN F 83 -16.93 1.35 34.80
C ASN F 83 -17.92 2.50 34.77
N ILE F 84 -17.47 3.73 35.03
CA ILE F 84 -18.39 4.86 35.03
C ILE F 84 -18.97 5.08 33.64
N SER F 85 -18.15 4.97 32.58
CA SER F 85 -18.72 5.01 31.23
C SER F 85 -19.69 3.87 31.04
N ASN F 86 -19.29 2.70 31.48
CA ASN F 86 -20.12 1.54 31.26
C ASN F 86 -21.41 1.66 32.04
N ILE F 87 -21.35 2.16 33.27
CA ILE F 87 -22.56 2.32 34.05
C ILE F 87 -23.43 3.43 33.47
N LEU F 88 -22.83 4.49 32.92
CA LEU F 88 -23.64 5.58 32.38
C LEU F 88 -24.47 5.13 31.19
N LYS F 89 -24.11 4.01 30.58
CA LYS F 89 -24.90 3.46 29.48
C LYS F 89 -26.27 2.99 29.94
N HIS F 90 -26.43 2.61 31.20
CA HIS F 90 -27.70 2.08 31.65
C HIS F 90 -28.36 2.88 32.78
N PHE F 91 -27.67 3.86 33.36
CA PHE F 91 -28.24 4.73 34.38
C PHE F 91 -28.91 5.94 33.74
N GLU F 92 -30.06 6.34 34.29
CA GLU F 92 -30.85 7.45 33.79
C GLU F 92 -31.01 8.51 34.89
N LYS F 93 -31.73 9.59 34.55
CA LYS F 93 -31.94 10.74 35.43
C LYS F 93 -32.31 10.29 36.84
N GLY F 94 -31.68 10.93 37.83
CA GLY F 94 -31.96 10.70 39.24
C GLY F 94 -31.14 9.60 39.89
N ASP F 95 -30.46 8.75 39.10
CA ASP F 95 -29.67 7.67 39.63
C ASP F 95 -28.35 8.19 40.22
N ILE F 96 -27.79 7.40 41.15
CA ILE F 96 -26.71 7.85 42.02
C ILE F 96 -25.52 6.90 41.88
N ILE F 97 -24.33 7.46 41.69
CA ILE F 97 -23.07 6.72 41.63
C ILE F 97 -22.19 7.17 42.79
N ILE F 98 -21.62 6.21 43.53
CA ILE F 98 -20.83 6.50 44.73
C ILE F 98 -19.42 5.90 44.59
N ASP F 99 -18.42 6.76 44.43
CA ASP F 99 -17.03 6.33 44.40
C ASP F 99 -16.46 6.37 45.82
N GLY F 100 -15.95 5.24 46.29
CA GLY F 100 -15.43 5.10 47.63
C GLY F 100 -13.91 4.99 47.68
N GLY F 101 -13.27 5.04 46.50
CA GLY F 101 -11.83 4.92 46.44
C GLY F 101 -11.07 6.16 46.91
N ASN F 102 -9.78 5.99 47.14
CA ASN F 102 -8.92 7.11 47.49
C ASN F 102 -8.54 7.82 46.22
N GLU F 103 -9.23 8.91 45.91
CA GLU F 103 -9.06 9.54 44.62
C GLU F 103 -8.54 10.97 44.77
N TRP F 104 -7.70 11.35 43.82
CA TRP F 104 -7.29 12.74 43.62
C TRP F 104 -8.52 13.58 43.25
N TYR F 105 -8.75 14.65 44.01
CA TYR F 105 -10.02 15.37 43.98
C TYR F 105 -10.34 15.95 42.62
N ILE F 106 -9.32 16.37 41.85
CA ILE F 106 -9.60 16.92 40.53
C ILE F 106 -10.20 15.87 39.63
N ASN F 107 -9.71 14.64 39.73
CA ASN F 107 -10.28 13.55 38.95
C ASN F 107 -11.77 13.36 39.26
N SER F 108 -12.17 13.44 40.53
CA SER F 108 -13.60 13.34 40.83
C SER F 108 -14.37 14.56 40.35
N GLU F 109 -13.78 15.75 40.47
CA GLU F 109 -14.50 16.93 39.99
C GLU F 109 -14.77 16.79 38.49
N ARG F 110 -13.83 16.20 37.75
CA ARG F 110 -14.00 15.97 36.32
C ARG F 110 -15.09 14.90 36.05
N ARG F 111 -15.16 13.84 36.88
CA ARG F 111 -16.19 12.81 36.73
C ARG F 111 -17.56 13.33 37.13
N ILE F 112 -17.59 14.29 38.05
CA ILE F 112 -18.87 14.87 38.45
C ILE F 112 -19.59 15.45 37.23
N LYS F 113 -18.85 16.16 36.35
CA LYS F 113 -19.50 16.81 35.22
C LYS F 113 -19.88 15.81 34.15
N LEU F 114 -19.10 14.75 33.94
CA LEU F 114 -19.52 13.74 32.97
C LEU F 114 -20.75 12.98 33.41
N CYS F 115 -21.01 12.87 34.70
CA CYS F 115 -22.22 12.18 35.12
C CYS F 115 -23.46 13.07 34.98
N LYS F 116 -23.33 14.38 35.23
CA LYS F 116 -24.43 15.32 35.09
C LYS F 116 -24.82 15.55 33.63
N GLU F 117 -23.94 15.24 32.68
CA GLU F 117 -24.34 15.30 31.27
C GLU F 117 -25.42 14.29 30.94
N LYS F 118 -25.53 13.20 31.72
CA LYS F 118 -26.70 12.32 31.70
C LYS F 118 -27.56 12.48 32.94
N ASP F 119 -27.34 13.55 33.70
CA ASP F 119 -28.21 13.95 34.81
C ASP F 119 -28.30 12.87 35.91
N VAL F 120 -27.19 12.17 36.12
CA VAL F 120 -27.05 11.22 37.23
C VAL F 120 -26.12 11.87 38.26
N GLU F 121 -26.53 11.78 39.53
CA GLU F 121 -25.85 12.47 40.62
C GLU F 121 -24.72 11.61 41.18
N TYR F 122 -23.56 12.23 41.35
CA TYR F 122 -22.33 11.58 41.76
C TYR F 122 -22.00 11.92 43.20
N LEU F 123 -21.33 11.00 43.88
CA LEU F 123 -20.98 11.19 45.28
C LEU F 123 -19.57 10.65 45.48
N ALA F 124 -18.61 11.57 45.62
CA ALA F 124 -17.22 11.21 45.91
C ALA F 124 -17.07 11.11 47.43
N MET F 125 -16.79 9.91 47.92
CA MET F 125 -16.83 9.66 49.36
C MET F 125 -15.52 9.03 49.84
N GLY F 126 -14.90 9.65 50.85
CA GLY F 126 -13.76 9.04 51.51
C GLY F 126 -14.20 8.03 52.57
N VAL F 127 -13.40 6.97 52.71
CA VAL F 127 -13.67 5.87 53.63
C VAL F 127 -12.43 5.56 54.46
N SER F 128 -12.59 5.43 55.76
CA SER F 128 -11.42 5.14 56.59
C SER F 128 -11.71 4.05 57.60
N GLY F 129 -10.72 3.19 57.82
CA GLY F 129 -10.90 2.18 58.83
C GLY F 129 -10.26 0.85 58.55
N GLY F 130 -9.57 0.70 57.42
CA GLY F 130 -9.00 -0.60 57.10
C GLY F 130 -10.09 -1.65 56.88
N GLU F 131 -9.67 -2.91 56.84
CA GLU F 131 -10.65 -3.97 56.61
C GLU F 131 -11.53 -4.20 57.84
N ALA F 132 -10.97 -4.04 59.04
CA ALA F 132 -11.76 -4.23 60.25
C ALA F 132 -12.87 -3.20 60.35
N GLY F 133 -12.55 -1.94 60.05
CA GLY F 133 -13.58 -0.92 60.06
C GLY F 133 -14.60 -1.09 58.96
N ALA F 134 -14.17 -1.60 57.80
CA ALA F 134 -15.11 -1.84 56.71
C ALA F 134 -16.17 -2.85 57.11
N ARG F 135 -15.81 -3.83 57.94
CA ARG F 135 -16.76 -4.87 58.33
C ARG F 135 -17.65 -4.44 59.49
N TYR F 136 -17.10 -3.76 60.49
CA TYR F 136 -17.81 -3.55 61.75
C TYR F 136 -18.26 -2.12 61.99
N GLY F 137 -17.77 -1.14 61.22
CA GLY F 137 -18.16 0.25 61.35
C GLY F 137 -17.00 1.19 61.02
N CYS F 138 -17.14 2.06 60.01
CA CYS F 138 -16.05 2.92 59.54
C CYS F 138 -16.48 4.39 59.54
N SER F 139 -15.58 5.27 59.10
CA SER F 139 -15.83 6.70 58.99
C SER F 139 -16.05 7.06 57.54
N PHE F 140 -17.25 7.56 57.23
CA PHE F 140 -17.61 7.96 55.88
C PHE F 140 -17.45 9.45 55.72
N MET F 141 -16.87 9.86 54.60
CA MET F 141 -16.65 11.28 54.31
C MET F 141 -17.19 11.58 52.92
N PRO F 142 -18.52 11.53 52.75
CA PRO F 142 -19.11 11.75 51.42
C PRO F 142 -19.28 13.24 51.09
N GLY F 143 -19.00 13.57 49.84
CA GLY F 143 -19.18 14.91 49.34
C GLY F 143 -19.68 14.86 47.91
N GLY F 144 -20.45 15.89 47.56
CA GLY F 144 -21.00 15.97 46.21
C GLY F 144 -22.47 16.38 46.21
N SER F 145 -23.28 15.68 45.41
CA SER F 145 -24.69 16.03 45.35
C SER F 145 -25.34 15.80 46.71
N LYS F 146 -25.94 16.87 47.27
CA LYS F 146 -26.69 16.71 48.51
C LYS F 146 -27.88 15.77 48.32
N TYR F 147 -28.56 15.86 47.18
CA TYR F 147 -29.57 14.86 46.85
C TYR F 147 -29.01 13.44 46.94
N ALA F 148 -27.85 13.20 46.33
CA ALA F 148 -27.26 11.86 46.42
C ALA F 148 -27.04 11.46 47.87
N TYR F 149 -26.58 12.40 48.69
CA TYR F 149 -26.30 12.09 50.10
C TYR F 149 -27.56 11.61 50.82
N ASP F 150 -28.68 12.28 50.59
CA ASP F 150 -29.87 11.93 51.36
C ASP F 150 -30.47 10.58 50.96
N CYS F 151 -30.35 10.19 49.68
CA CYS F 151 -30.93 8.92 49.26
C CYS F 151 -30.11 7.72 49.73
N VAL F 152 -28.82 7.92 49.99
CA VAL F 152 -27.93 6.91 50.58
C VAL F 152 -27.58 7.17 52.07
N LYS F 153 -28.14 8.23 52.69
CA LYS F 153 -27.77 8.61 54.06
C LYS F 153 -28.02 7.49 55.08
N GLU F 154 -29.23 6.88 55.05
CA GLU F 154 -29.58 5.77 55.95
C GLU F 154 -28.52 4.67 56.00
N ILE F 155 -28.07 4.21 54.82
CA ILE F 155 -27.16 3.08 54.79
C ILE F 155 -25.83 3.44 55.45
N LEU F 156 -25.32 4.64 55.15
CA LEU F 156 -24.03 5.06 55.69
C LEU F 156 -24.14 5.35 57.18
N GLU F 157 -25.28 5.86 57.62
CA GLU F 157 -25.44 6.11 59.05
C GLU F 157 -25.41 4.80 59.83
N LYS F 158 -25.99 3.74 59.28
CA LYS F 158 -26.04 2.51 60.06
C LYS F 158 -24.71 1.76 59.99
N CYS F 159 -24.06 1.75 58.83
CA CYS F 159 -22.81 0.99 58.69
C CYS F 159 -21.59 1.73 59.24
N SER F 160 -21.72 3.00 59.60
CA SER F 160 -20.55 3.71 60.14
C SER F 160 -20.32 3.35 61.60
N ALA F 161 -19.08 3.59 62.06
CA ALA F 161 -18.78 3.43 63.47
C ALA F 161 -19.66 4.35 64.32
N GLN F 162 -20.03 3.87 65.50
CA GLN F 162 -20.93 4.58 66.40
C GLN F 162 -20.15 4.95 67.65
N VAL F 163 -20.07 6.25 67.92
CA VAL F 163 -19.46 6.77 69.13
C VAL F 163 -20.59 7.44 69.91
N GLY F 164 -20.91 6.87 71.07
CA GLY F 164 -22.14 7.26 71.75
C GLY F 164 -23.33 6.95 70.86
N ASN F 165 -24.16 7.96 70.62
CA ASN F 165 -25.29 7.83 69.71
C ASN F 165 -25.05 8.56 68.39
N SER F 166 -23.81 9.09 68.16
CA SER F 166 -23.55 9.77 66.89
C SER F 166 -22.91 8.80 65.89
N PRO F 167 -23.43 8.77 64.66
CA PRO F 167 -22.79 7.98 63.60
C PRO F 167 -21.63 8.72 62.97
N CYS F 168 -20.60 7.96 62.57
CA CYS F 168 -19.38 8.56 62.00
C CYS F 168 -19.51 8.79 60.50
N VAL F 169 -20.43 9.69 60.17
CA VAL F 169 -20.68 10.15 58.81
C VAL F 169 -21.27 11.55 58.90
N THR F 170 -20.97 12.37 57.90
CA THR F 170 -21.58 13.68 57.78
C THR F 170 -21.56 14.04 56.30
N TYR F 171 -22.36 15.04 55.93
CA TYR F 171 -22.23 15.62 54.61
C TYR F 171 -21.05 16.59 54.66
N ILE F 172 -19.97 16.26 53.97
CA ILE F 172 -18.80 17.14 53.99
C ILE F 172 -19.08 18.41 53.18
N GLY F 173 -19.64 18.26 51.98
CA GLY F 173 -19.92 19.43 51.16
C GLY F 173 -20.11 19.13 49.68
N PRO F 174 -20.12 20.16 48.86
CA PRO F 174 -20.33 19.97 47.41
C PRO F 174 -19.07 19.44 46.74
N GLY F 175 -19.21 19.05 45.48
CA GLY F 175 -18.08 18.67 44.66
C GLY F 175 -17.29 17.51 45.23
N SER F 176 -15.97 17.55 45.04
CA SER F 176 -15.05 16.51 45.50
C SER F 176 -14.46 16.81 46.88
N SER F 177 -15.19 17.55 47.72
CA SER F 177 -14.70 17.90 49.04
C SER F 177 -14.44 16.66 49.90
N GLY F 178 -15.22 15.60 49.73
CA GLY F 178 -15.00 14.41 50.52
C GLY F 178 -13.64 13.79 50.26
N ASN F 179 -13.23 13.73 48.98
CA ASN F 179 -11.89 13.23 48.68
C ASN F 179 -10.83 14.07 49.35
N TYR F 180 -11.04 15.37 49.37
CA TYR F 180 -10.05 16.26 49.93
C TYR F 180 -9.91 16.06 51.43
N VAL F 181 -11.04 15.84 52.12
CA VAL F 181 -10.97 15.56 53.55
C VAL F 181 -10.26 14.25 53.80
N LYS F 182 -10.53 13.23 52.98
CA LYS F 182 -9.85 11.96 53.18
C LYS F 182 -8.36 12.11 52.91
N MET F 183 -7.99 13.03 52.01
CA MET F 183 -6.58 13.24 51.74
C MET F 183 -5.84 13.81 52.96
N VAL F 184 -6.36 14.89 53.54
CA VAL F 184 -5.76 15.44 54.76
C VAL F 184 -5.80 14.44 55.89
N HIS F 185 -6.79 13.56 55.90
CA HIS F 185 -6.80 12.45 56.85
C HIS F 185 -5.54 11.62 56.71
N ASN F 186 -5.23 11.18 55.48
CA ASN F 186 -4.00 10.42 55.29
C ASN F 186 -2.79 11.29 55.53
N GLY F 187 -2.89 12.59 55.27
CA GLY F 187 -1.81 13.47 55.62
C GLY F 187 -1.53 13.48 57.11
N ILE F 188 -2.58 13.65 57.90
CA ILE F 188 -2.44 13.58 59.36
C ILE F 188 -1.91 12.22 59.77
N GLU F 189 -2.43 11.15 59.15
CA GLU F 189 -1.99 9.80 59.47
C GLU F 189 -0.49 9.62 59.22
N TYR F 190 0.01 10.11 58.09
CA TYR F 190 1.44 9.97 57.78
C TYR F 190 2.30 10.64 58.85
N GLY F 191 1.88 11.82 59.31
CA GLY F 191 2.66 12.52 60.32
C GLY F 191 2.68 11.79 61.63
N ASP F 192 1.51 11.29 62.07
CA ASP F 192 1.44 10.53 63.31
C ASP F 192 2.35 9.31 63.24
N MET F 193 2.24 8.55 62.14
CA MET F 193 3.07 7.36 62.02
C MET F 193 4.56 7.71 62.06
N GLN F 194 4.95 8.84 61.50
CA GLN F 194 6.35 9.22 61.58
C GLN F 194 6.71 9.63 63.01
N LEU F 195 5.81 10.35 63.70
CA LEU F 195 6.06 10.75 65.09
C LEU F 195 6.11 9.55 66.04
N ILE F 196 5.21 8.59 65.85
CA ILE F 196 5.21 7.38 66.68
C ILE F 196 6.48 6.57 66.45
N SER F 197 6.91 6.45 65.20
CA SER F 197 8.11 5.68 64.88
C SER F 197 9.38 6.37 65.35
N GLU F 198 9.39 7.69 65.48
CA GLU F 198 10.55 8.36 66.05
C GLU F 198 10.55 8.21 67.57
N SER F 199 9.37 8.18 68.18
CA SER F 199 9.29 7.82 69.59
C SER F 199 9.82 6.42 69.82
N TYR F 200 9.61 5.53 68.85
CA TYR F 200 10.11 4.17 68.97
C TYR F 200 11.64 4.14 69.02
N VAL F 201 12.30 4.85 68.10
CA VAL F 201 13.78 4.80 68.01
C VAL F 201 14.41 5.47 69.21
N ILE F 202 13.81 6.55 69.71
CA ILE F 202 14.35 7.27 70.86
C ILE F 202 14.35 6.37 72.08
N MET F 203 13.22 5.72 72.36
CA MET F 203 13.14 4.83 73.51
C MET F 203 13.98 3.57 73.31
N LYS F 204 14.19 3.15 72.07
CA LYS F 204 15.00 1.96 71.86
C LYS F 204 16.50 2.26 71.96
N HIS F 205 16.92 3.46 71.58
CA HIS F 205 18.35 3.75 71.50
C HIS F 205 18.85 4.70 72.58
N ILE F 206 17.98 5.47 73.23
CA ILE F 206 18.41 6.33 74.34
C ILE F 206 18.13 5.65 75.67
N LEU F 207 16.91 5.15 75.85
CA LEU F 207 16.55 4.47 77.08
C LEU F 207 16.87 2.98 77.03
N LYS F 208 17.28 2.50 75.86
CA LYS F 208 17.66 1.10 75.66
C LYS F 208 16.53 0.14 76.04
N TYR F 209 15.29 0.54 75.80
CA TYR F 209 14.17 -0.35 76.09
C TYR F 209 14.09 -1.50 75.08
N ASP F 210 13.84 -2.70 75.60
CA ASP F 210 13.63 -3.85 74.72
C ASP F 210 12.18 -3.82 74.23
N ASN F 211 11.88 -4.72 73.28
CA ASN F 211 10.56 -4.70 72.65
C ASN F 211 9.44 -4.95 73.66
N GLN F 212 9.72 -5.70 74.72
CA GLN F 212 8.73 -5.93 75.77
C GLN F 212 8.42 -4.63 76.52
N LYS F 213 9.44 -3.91 76.96
CA LYS F 213 9.20 -2.69 77.70
C LYS F 213 8.54 -1.65 76.82
N LEU F 214 8.94 -1.60 75.53
CA LEU F 214 8.35 -0.65 74.60
C LEU F 214 6.85 -0.86 74.48
N SER F 215 6.43 -2.11 74.34
CA SER F 215 5.01 -2.41 74.23
C SER F 215 4.25 -2.00 75.50
N GLU F 216 4.85 -2.25 76.67
CA GLU F 216 4.22 -1.87 77.93
C GLU F 216 4.08 -0.35 78.03
N VAL F 217 5.07 0.38 77.51
CA VAL F 217 5.01 1.85 77.55
C VAL F 217 3.95 2.38 76.61
N PHE F 218 3.80 1.78 75.44
CA PHE F 218 2.75 2.24 74.52
C PHE F 218 1.36 1.90 75.06
N ASN F 219 1.19 0.79 75.77
CA ASN F 219 -0.11 0.56 76.40
C ASN F 219 -0.37 1.57 77.50
N LYS F 220 0.67 1.96 78.24
CA LYS F 220 0.45 2.90 79.32
C LYS F 220 0.09 4.26 78.78
N TRP F 221 0.71 4.66 77.67
CA TRP F 221 0.33 5.89 77.00
C TRP F 221 -1.08 5.79 76.45
N ASN F 222 -1.48 4.61 75.98
CA ASN F 222 -2.81 4.46 75.39
C ASN F 222 -3.91 4.72 76.43
N GLU F 223 -3.69 4.28 77.67
CA GLU F 223 -4.63 4.56 78.75
C GLU F 223 -4.75 6.05 79.04
N GLY F 224 -3.74 6.85 78.68
CA GLY F 224 -3.59 8.26 79.06
C GLY F 224 -4.04 9.23 77.99
N ILE F 225 -3.30 10.33 77.84
CA ILE F 225 -3.69 11.38 76.89
C ILE F 225 -3.41 10.95 75.45
N LEU F 226 -2.48 10.02 75.23
CA LEU F 226 -2.15 9.57 73.89
C LEU F 226 -3.06 8.47 73.41
N ASN F 227 -4.22 8.30 74.05
CA ASN F 227 -5.19 7.29 73.66
C ASN F 227 -5.61 7.49 72.20
N SER F 228 -5.26 6.53 71.35
CA SER F 228 -5.51 6.62 69.91
C SER F 228 -5.41 5.23 69.31
N TYR F 229 -5.97 5.09 68.10
CA TYR F 229 -5.91 3.82 67.39
C TYR F 229 -4.46 3.44 67.08
N LEU F 230 -3.69 4.39 66.54
CA LEU F 230 -2.33 4.05 66.12
C LEU F 230 -1.43 3.73 67.31
N ILE F 231 -1.60 4.44 68.42
CA ILE F 231 -0.79 4.14 69.59
C ILE F 231 -1.14 2.75 70.11
N GLU F 232 -2.43 2.40 70.03
CA GLU F 232 -2.90 1.09 70.50
C GLU F 232 -2.27 -0.02 69.67
N ILE F 233 -2.29 0.13 68.34
CA ILE F 233 -1.79 -0.95 67.48
C ILE F 233 -0.27 -1.01 67.54
N THR F 234 0.39 0.12 67.84
CA THR F 234 1.83 0.05 68.03
C THR F 234 2.19 -0.74 69.28
N ALA F 235 1.37 -0.64 70.34
CA ALA F 235 1.59 -1.46 71.53
C ALA F 235 1.49 -2.94 71.20
N ASN F 236 0.50 -3.31 70.39
CA ASN F 236 0.36 -4.70 69.99
C ASN F 236 1.50 -5.13 69.07
N ILE F 237 1.88 -4.28 68.13
CA ILE F 237 2.86 -4.67 67.12
C ILE F 237 4.23 -4.94 67.74
N LEU F 238 4.68 -4.05 68.62
CA LEU F 238 6.02 -4.19 69.21
C LEU F 238 6.15 -5.41 70.12
N ALA F 239 5.01 -5.97 70.56
CA ALA F 239 5.01 -7.18 71.38
C ALA F 239 4.92 -8.46 70.55
N LYS F 240 4.40 -8.38 69.32
CA LYS F 240 4.17 -9.60 68.54
C LYS F 240 5.48 -10.28 68.22
N LYS F 241 5.52 -11.60 68.41
CA LYS F 241 6.71 -12.42 68.11
C LYS F 241 6.54 -13.22 66.84
N ASP F 242 7.68 -13.47 66.19
CA ASP F 242 7.73 -14.15 64.91
C ASP F 242 7.50 -15.66 65.10
N ASP F 243 6.82 -16.29 64.13
CA ASP F 243 6.67 -17.74 64.13
C ASP F 243 7.85 -18.47 63.49
N LEU F 244 8.57 -17.82 62.58
CA LEU F 244 9.69 -18.47 61.91
C LEU F 244 11.04 -18.14 62.56
N THR F 245 11.06 -17.29 63.58
CA THR F 245 12.31 -17.00 64.28
C THR F 245 12.01 -16.81 65.77
N ASN F 246 13.06 -16.88 66.57
CA ASN F 246 12.94 -16.54 67.98
C ASN F 246 12.95 -15.04 68.21
N ASN F 247 12.92 -14.25 67.13
CA ASN F 247 12.98 -12.80 67.21
C ASN F 247 11.59 -12.19 67.30
N TYR F 248 11.56 -10.90 67.59
CA TYR F 248 10.32 -10.15 67.47
C TYR F 248 10.05 -9.89 66.00
N LEU F 249 8.78 -9.95 65.63
CA LEU F 249 8.46 -9.95 64.21
C LEU F 249 8.82 -8.61 63.56
N VAL F 250 8.64 -7.51 64.28
CA VAL F 250 8.93 -6.19 63.72
C VAL F 250 10.41 -6.07 63.35
N ASP F 251 11.29 -6.78 64.07
CA ASP F 251 12.72 -6.75 63.79
C ASP F 251 13.06 -7.57 62.55
N MET F 252 12.08 -8.25 61.96
CA MET F 252 12.26 -9.07 60.79
C MET F 252 11.59 -8.49 59.55
N ILE F 253 10.94 -7.33 59.69
CA ILE F 253 10.29 -6.61 58.60
C ILE F 253 11.30 -5.66 57.97
N LEU F 254 11.28 -5.58 56.66
CA LEU F 254 12.26 -4.78 55.93
C LEU F 254 11.76 -3.34 55.78
N ASP F 255 12.69 -2.39 55.89
CA ASP F 255 12.37 -0.97 56.03
C ASP F 255 12.43 -0.25 54.67
N ILE F 256 11.62 -0.72 53.73
CA ILE F 256 11.46 -0.07 52.42
C ILE F 256 9.96 0.18 52.29
N ALA F 257 9.55 1.43 52.42
CA ALA F 257 8.13 1.75 52.34
C ALA F 257 8.01 3.09 51.64
N GLY F 258 7.76 3.09 50.34
CA GLY F 258 7.70 4.34 49.62
C GLY F 258 6.38 5.08 49.84
N ALA F 259 6.41 6.37 49.52
CA ALA F 259 5.21 7.19 49.62
C ALA F 259 4.26 6.82 48.50
N LYS F 260 3.13 6.21 48.87
CA LYS F 260 2.15 5.74 47.91
C LYS F 260 0.98 6.70 47.89
N GLY F 261 0.54 7.08 46.69
CA GLY F 261 -0.81 7.59 46.56
C GLY F 261 -1.08 8.86 47.33
N THR F 262 -2.05 8.74 48.24
CA THR F 262 -2.62 9.90 48.93
C THR F 262 -1.62 10.65 49.81
N GLY F 263 -0.52 10.01 50.19
CA GLY F 263 0.48 10.70 50.98
C GLY F 263 1.04 11.88 50.23
N LYS F 264 1.52 11.65 49.01
CA LYS F 264 2.10 12.75 48.25
C LYS F 264 1.10 13.85 48.00
N TRP F 265 -0.18 13.49 47.84
CA TRP F 265 -1.16 14.45 47.35
C TRP F 265 -1.33 15.60 48.34
N THR F 266 -1.34 15.30 49.63
CA THR F 266 -1.45 16.38 50.60
C THR F 266 -0.27 17.32 50.47
N MET F 267 0.92 16.77 50.23
CA MET F 267 2.10 17.61 50.12
C MET F 267 2.10 18.42 48.84
N LEU F 268 1.70 17.81 47.73
CA LEU F 268 1.60 18.56 46.47
C LEU F 268 0.64 19.73 46.61
N GLU F 269 -0.43 19.54 47.36
CA GLU F 269 -1.43 20.57 47.49
C GLU F 269 -0.98 21.65 48.49
N ALA F 270 -0.23 21.27 49.51
CA ALA F 270 0.34 22.28 50.41
C ALA F 270 1.37 23.15 49.67
N THR F 271 2.18 22.55 48.80
CA THR F 271 3.16 23.34 48.06
C THR F 271 2.48 24.33 47.10
N GLU F 272 1.56 23.85 46.25
CA GLU F 272 0.99 24.71 45.22
C GLU F 272 0.28 25.92 45.83
N ARG F 273 -0.47 25.68 46.90
CA ARG F 273 -1.28 26.68 47.57
C ARG F 273 -0.53 27.47 48.65
N GLY F 274 0.73 27.17 48.91
CA GLY F 274 1.50 27.97 49.86
C GLY F 274 1.10 27.87 51.32
N ILE F 275 0.52 26.74 51.75
CA ILE F 275 0.17 26.47 53.15
C ILE F 275 1.17 25.47 53.70
N PRO F 276 2.01 25.86 54.66
CA PRO F 276 3.09 24.96 55.11
C PRO F 276 2.58 23.83 55.98
N CYS F 277 3.11 22.63 55.71
CA CYS F 277 2.85 21.42 56.48
C CYS F 277 4.17 20.70 56.67
N PRO F 278 5.07 21.26 57.49
CA PRO F 278 6.44 20.73 57.58
C PRO F 278 6.51 19.30 58.13
N THR F 279 5.60 18.94 59.03
CA THR F 279 5.59 17.61 59.62
C THR F 279 5.31 16.54 58.58
N MET F 280 4.60 16.91 57.52
CA MET F 280 4.40 15.88 56.51
C MET F 280 5.51 15.85 55.48
N CYS F 281 6.19 16.98 55.21
CA CYS F 281 7.46 16.88 54.51
C CYS F 281 8.29 15.79 55.16
N ALA F 282 8.40 15.88 56.49
CA ALA F 282 9.22 14.96 57.25
C ALA F 282 8.73 13.53 57.11
N ALA F 283 7.41 13.33 57.24
CA ALA F 283 6.88 11.98 57.11
C ALA F 283 7.17 11.40 55.72
N LEU F 284 6.97 12.19 54.67
CA LEU F 284 7.26 11.71 53.32
C LEU F 284 8.76 11.57 53.06
N ASP F 285 9.59 12.44 53.65
CA ASP F 285 11.04 12.32 53.47
C ASP F 285 11.53 11.00 54.02
N ALA F 286 11.06 10.65 55.22
CA ALA F 286 11.43 9.38 55.84
C ALA F 286 11.05 8.21 54.95
N ARG F 287 9.86 8.27 54.32
CA ARG F 287 9.40 7.20 53.44
C ARG F 287 10.18 7.15 52.13
N ASN F 288 10.34 8.30 51.49
CA ASN F 288 11.04 8.30 50.23
C ASN F 288 12.51 7.99 50.39
N ILE F 289 13.11 8.36 51.53
CA ILE F 289 14.53 8.07 51.65
C ILE F 289 14.75 6.58 51.82
N SER F 290 13.82 5.89 52.50
CA SER F 290 13.92 4.47 52.81
C SER F 290 13.89 3.60 51.57
N VAL F 291 13.39 4.11 50.44
CA VAL F 291 13.41 3.29 49.25
C VAL F 291 14.85 2.96 48.85
N PHE F 292 15.78 3.91 49.08
CA PHE F 292 17.18 3.77 48.65
C PHE F 292 18.02 2.99 49.67
N LYS F 293 17.66 1.71 49.87
CA LYS F 293 18.32 0.88 50.87
C LYS F 293 19.80 0.67 50.57
N GLU F 294 20.15 0.38 49.32
CA GLU F 294 21.55 0.12 49.01
C GLU F 294 22.39 1.38 49.21
N LEU F 295 21.83 2.55 48.87
CA LEU F 295 22.60 3.77 49.06
C LEU F 295 22.74 4.13 50.53
N ARG F 296 21.73 3.86 51.33
CA ARG F 296 21.83 4.12 52.77
C ARG F 296 22.89 3.23 53.41
N THR F 297 23.01 1.99 52.93
CA THR F 297 24.00 1.08 53.47
C THR F 297 25.42 1.55 53.12
N LYS F 298 25.65 1.89 51.84
CA LYS F 298 26.95 2.47 51.48
C LYS F 298 27.24 3.70 52.33
N ALA F 299 26.22 4.51 52.60
CA ALA F 299 26.45 5.77 53.29
C ALA F 299 26.87 5.55 54.75
N GLU F 300 26.19 4.63 55.46
CA GLU F 300 26.49 4.41 56.87
C GLU F 300 27.83 3.72 57.06
N SER F 301 28.24 2.92 56.07
CA SER F 301 29.59 2.38 56.10
C SER F 301 30.61 3.50 56.13
N ASN F 302 30.35 4.58 55.40
CA ASN F 302 31.28 5.68 55.42
C ASN F 302 31.11 6.54 56.68
N PHE F 303 29.87 6.83 57.09
CA PHE F 303 29.57 7.62 58.30
C PHE F 303 28.92 6.70 59.33
N ASN F 304 29.73 6.14 60.22
CA ASN F 304 29.27 5.01 61.01
C ASN F 304 28.56 5.48 62.26
N LYS F 305 27.42 4.85 62.57
CA LYS F 305 26.66 5.21 63.76
C LYS F 305 26.85 4.20 64.90
N ASP F 306 27.93 3.44 64.87
CA ASP F 306 28.12 2.36 65.86
C ASP F 306 28.70 2.86 67.17
N ASN F 307 29.30 4.05 67.19
CA ASN F 307 30.04 4.58 68.34
C ASN F 307 29.26 5.65 69.07
N ILE F 308 27.93 5.59 69.02
CA ILE F 308 27.10 6.53 69.77
C ILE F 308 26.87 5.91 71.14
N LEU F 309 27.50 6.48 72.17
CA LEU F 309 27.36 6.04 73.55
C LEU F 309 26.60 7.08 74.34
N ILE F 310 25.62 6.65 75.12
CA ILE F 310 24.88 7.59 75.96
C ILE F 310 25.64 7.76 77.26
N ASP F 311 25.72 9.00 77.73
CA ASP F 311 26.40 9.31 78.98
C ASP F 311 25.56 8.84 80.16
N PRO F 312 26.05 7.93 81.00
CA PRO F 312 25.29 7.57 82.22
C PRO F 312 24.98 8.77 83.11
N ASN F 313 25.86 9.78 83.11
CA ASN F 313 25.64 11.05 83.83
C ASN F 313 24.66 11.98 83.11
N GLU F 314 23.64 11.42 82.45
CA GLU F 314 22.64 12.21 81.73
C GLU F 314 21.31 12.09 82.47
N ASP F 315 20.65 13.24 82.65
CA ASP F 315 19.40 13.34 83.39
C ASP F 315 18.27 12.72 82.56
N LEU F 316 17.89 11.49 82.90
CA LEU F 316 16.90 10.77 82.10
C LEU F 316 15.77 10.26 83.00
N ASN F 317 15.68 10.79 84.21
CA ASN F 317 14.70 10.30 85.19
C ASN F 317 13.28 10.52 84.69
N ASP F 318 12.96 11.76 84.33
CA ASP F 318 11.66 12.11 83.80
C ASP F 318 11.63 12.07 82.26
N PHE F 319 12.58 11.37 81.64
CA PHE F 319 12.71 11.44 80.19
C PHE F 319 11.57 10.71 79.47
N GLU F 320 11.14 9.56 79.99
CA GLU F 320 10.04 8.85 79.35
C GLU F 320 8.79 9.72 79.27
N ASN F 321 8.48 10.47 80.35
CA ASN F 321 7.28 11.31 80.32
C ASN F 321 7.51 12.61 79.54
N ASP F 322 8.76 13.04 79.37
CA ASP F 322 9.04 14.11 78.42
C ASP F 322 8.71 13.67 76.99
N LEU F 323 9.02 12.42 76.65
CA LEU F 323 8.69 11.94 75.33
C LEU F 323 7.18 11.80 75.17
N LEU F 324 6.48 11.35 76.22
CA LEU F 324 5.01 11.30 76.13
C LEU F 324 4.44 12.69 75.84
N ASN F 325 4.95 13.72 76.52
CA ASN F 325 4.45 15.07 76.30
C ASN F 325 4.88 15.59 74.93
N ALA F 326 6.11 15.29 74.51
CA ALA F 326 6.55 15.74 73.21
C ALA F 326 5.71 15.09 72.12
N LEU F 327 5.46 13.78 72.24
CA LEU F 327 4.64 13.13 71.23
C LEU F 327 3.23 13.69 71.24
N TYR F 328 2.68 13.95 72.43
CA TYR F 328 1.36 14.57 72.47
C TYR F 328 1.39 15.93 71.80
N CYS F 329 2.45 16.70 72.08
CA CYS F 329 2.56 18.09 71.63
C CYS F 329 2.65 18.16 70.11
N CYS F 330 3.45 17.29 69.50
CA CYS F 330 3.57 17.26 68.04
C CYS F 330 2.28 16.79 67.37
N LYS F 331 1.50 15.94 68.03
CA LYS F 331 0.27 15.49 67.42
C LYS F 331 -0.65 16.67 67.20
N ILE F 332 -0.67 17.57 68.16
CA ILE F 332 -1.48 18.76 68.04
C ILE F 332 -0.96 19.63 66.92
N ILE F 333 0.36 19.78 66.83
CA ILE F 333 0.94 20.55 65.74
C ILE F 333 0.62 19.87 64.41
N SER F 334 0.71 18.55 64.37
CA SER F 334 0.39 17.83 63.15
C SER F 334 -1.08 18.02 62.77
N TYR F 335 -1.99 17.92 63.75
CA TYR F 335 -3.40 18.17 63.45
C TYR F 335 -3.65 19.64 63.14
N THR F 336 -2.91 20.56 63.78
CA THR F 336 -3.10 21.98 63.55
C THR F 336 -2.84 22.35 62.10
N GLN F 337 -1.73 21.86 61.55
CA GLN F 337 -1.43 22.14 60.14
C GLN F 337 -2.52 21.58 59.26
N GLY F 338 -2.97 20.36 59.55
CA GLY F 338 -3.98 19.73 58.73
C GLY F 338 -5.31 20.47 58.72
N LEU F 339 -5.76 20.92 59.91
CA LEU F 339 -7.02 21.66 59.94
C LEU F 339 -6.87 23.05 59.34
N PHE F 340 -5.67 23.62 59.40
CA PHE F 340 -5.45 24.92 58.78
C PHE F 340 -5.51 24.79 57.27
N LEU F 341 -4.90 23.73 56.74
CA LEU F 341 -4.98 23.47 55.31
C LEU F 341 -6.43 23.29 54.87
N LEU F 342 -7.23 22.56 55.67
CA LEU F 342 -8.62 22.35 55.35
C LEU F 342 -9.39 23.68 55.33
N LYS F 343 -9.18 24.52 56.35
CA LYS F 343 -9.90 25.79 56.41
C LYS F 343 -9.54 26.73 55.25
N GLN F 344 -8.26 26.79 54.86
CA GLN F 344 -7.88 27.67 53.75
C GLN F 344 -8.48 27.20 52.44
N VAL F 345 -8.42 25.90 52.18
CA VAL F 345 -8.97 25.38 50.92
C VAL F 345 -10.49 25.49 50.91
N SER F 346 -11.12 25.24 52.07
CA SER F 346 -12.57 25.36 52.13
C SER F 346 -13.01 26.79 51.82
N GLU F 347 -12.16 27.78 52.09
CA GLU F 347 -12.49 29.15 51.68
C GLU F 347 -12.18 29.37 50.21
N GLU F 348 -11.03 28.89 49.74
CA GLU F 348 -10.63 29.12 48.34
C GLU F 348 -11.53 28.38 47.35
N MET F 349 -12.24 27.34 47.79
CA MET F 349 -13.13 26.55 46.96
C MET F 349 -14.59 26.76 47.31
N ASN F 350 -14.88 27.54 48.35
CA ASN F 350 -16.24 27.74 48.87
C ASN F 350 -16.94 26.41 49.12
N TRP F 351 -16.25 25.52 49.83
CA TRP F 351 -16.76 24.22 50.23
C TRP F 351 -17.48 24.25 51.57
N LYS F 352 -17.36 25.36 52.30
CA LYS F 352 -17.96 25.56 53.61
C LYS F 352 -17.73 24.38 54.56
N LEU F 353 -16.50 23.86 54.59
CA LEU F 353 -16.22 22.71 55.46
C LEU F 353 -16.52 23.04 56.92
N ASN F 354 -17.18 22.11 57.59
CA ASN F 354 -17.51 22.23 59.01
C ASN F 354 -16.50 21.36 59.75
N LEU F 355 -15.37 21.97 60.13
CA LEU F 355 -14.30 21.18 60.73
C LEU F 355 -14.71 20.66 62.10
N GLY F 356 -15.66 21.29 62.77
CA GLY F 356 -16.16 20.73 64.00
C GLY F 356 -16.79 19.38 63.78
N GLU F 357 -17.49 19.22 62.66
CA GLU F 357 -18.18 17.97 62.33
C GLU F 357 -17.22 16.95 61.74
N ILE F 358 -16.20 17.40 61.01
CA ILE F 358 -15.17 16.48 60.53
C ILE F 358 -14.47 15.83 61.71
N ALA F 359 -14.21 16.61 62.75
CA ALA F 359 -13.62 16.04 63.96
C ALA F 359 -14.58 15.05 64.61
N ARG F 360 -15.87 15.37 64.68
CA ARG F 360 -16.82 14.47 65.33
C ARG F 360 -16.82 13.10 64.65
N ILE F 361 -16.80 13.05 63.31
CA ILE F 361 -16.84 11.76 62.62
C ILE F 361 -15.52 11.01 62.62
N TRP F 362 -14.41 11.64 63.00
CA TRP F 362 -13.14 10.95 63.07
C TRP F 362 -12.87 10.28 64.41
N ARG F 363 -13.78 10.39 65.39
CA ARG F 363 -13.52 9.78 66.70
C ARG F 363 -13.66 8.25 66.69
N GLY F 364 -14.36 7.69 65.72
CA GLY F 364 -14.41 6.24 65.60
C GLY F 364 -14.31 5.85 64.14
N GLY F 365 -14.00 4.58 63.91
CA GLY F 365 -13.97 4.21 62.50
C GLY F 365 -12.70 4.49 61.74
N CYS F 366 -12.14 5.68 61.87
CA CYS F 366 -10.94 5.97 61.08
C CYS F 366 -9.64 5.58 61.82
N ILE F 367 -8.54 5.70 61.08
CA ILE F 367 -7.19 5.36 61.54
C ILE F 367 -6.64 6.45 62.48
N ILE F 368 -6.99 7.73 62.29
CA ILE F 368 -6.42 8.78 63.14
C ILE F 368 -7.33 9.08 64.32
N ARG F 369 -8.14 8.12 64.75
CA ARG F 369 -9.01 8.32 65.90
C ARG F 369 -8.18 8.40 67.17
N ALA F 370 -8.34 9.52 67.88
CA ALA F 370 -7.68 9.78 69.15
C ALA F 370 -8.73 10.41 70.07
N VAL F 371 -8.59 10.17 71.37
CA VAL F 371 -9.55 10.73 72.32
C VAL F 371 -9.52 12.26 72.31
N PHE F 372 -8.34 12.87 72.16
CA PHE F 372 -8.27 14.34 72.16
C PHE F 372 -9.08 14.93 71.02
N LEU F 373 -9.37 14.10 70.01
CA LEU F 373 -10.09 14.55 68.84
C LEU F 373 -11.55 14.87 69.18
N ASP F 374 -12.09 14.26 70.24
CA ASP F 374 -13.41 14.68 70.71
C ASP F 374 -13.33 16.12 71.22
N ARG F 375 -12.18 16.49 71.79
CA ARG F 375 -11.99 17.84 72.31
C ARG F 375 -11.85 18.87 71.19
N ILE F 376 -11.30 18.47 70.03
CA ILE F 376 -11.17 19.36 68.89
C ILE F 376 -12.54 19.81 68.38
N ALA F 377 -13.51 18.89 68.38
CA ALA F 377 -14.84 19.27 67.91
C ALA F 377 -15.40 20.40 68.76
N ASN F 378 -15.25 20.32 70.08
CA ASN F 378 -15.81 21.37 70.91
C ASN F 378 -15.10 22.69 70.67
N ALA F 379 -13.81 22.67 70.30
CA ALA F 379 -13.10 23.91 70.03
C ALA F 379 -13.69 24.66 68.82
N TYR F 380 -14.07 23.93 67.77
CA TYR F 380 -14.62 24.58 66.57
C TYR F 380 -16.08 24.97 66.72
N LYS F 381 -16.87 24.19 67.48
CA LYS F 381 -18.24 24.61 67.77
C LYS F 381 -18.27 25.83 68.67
N ASN F 382 -17.22 26.07 69.47
CA ASN F 382 -17.19 27.22 70.37
C ASN F 382 -16.73 28.47 69.64
N ASN F 383 -15.77 28.31 68.73
CA ASN F 383 -15.19 29.39 67.95
C ASN F 383 -15.16 28.91 66.51
N GLU F 384 -16.14 29.32 65.69
CA GLU F 384 -16.23 28.73 64.37
C GLU F 384 -15.17 29.26 63.40
N LYS F 385 -14.61 30.46 63.63
CA LYS F 385 -13.56 31.00 62.78
C LYS F 385 -12.15 30.77 63.33
N LEU F 386 -12.00 29.79 64.22
CA LEU F 386 -10.70 29.45 64.80
C LEU F 386 -9.74 29.02 63.69
N GLU F 387 -8.58 29.69 63.60
CA GLU F 387 -7.70 29.47 62.45
C GLU F 387 -6.56 28.49 62.75
N LEU F 388 -5.87 28.66 63.88
CA LEU F 388 -4.97 27.63 64.41
C LEU F 388 -5.61 26.90 65.58
N LEU F 389 -5.39 25.60 65.63
CA LEU F 389 -6.07 24.79 66.63
C LEU F 389 -5.50 25.06 68.01
N PHE F 390 -4.18 25.21 68.13
CA PHE F 390 -3.60 25.44 69.44
C PHE F 390 -3.70 26.88 69.92
N LEU F 391 -4.36 27.78 69.20
CA LEU F 391 -4.63 29.09 69.77
C LEU F 391 -5.94 29.12 70.53
N ASP F 392 -6.73 28.07 70.42
CA ASP F 392 -7.90 27.95 71.27
C ASP F 392 -7.44 27.71 72.70
N ASN F 393 -8.21 28.24 73.66
CA ASN F 393 -7.79 28.25 75.05
C ASN F 393 -7.67 26.82 75.61
N GLU F 394 -8.43 25.88 75.03
CA GLU F 394 -8.32 24.47 75.38
C GLU F 394 -6.90 23.95 75.19
N PHE F 395 -6.34 24.16 74.00
CA PHE F 395 -5.07 23.57 73.60
C PHE F 395 -3.88 24.47 73.89
N SER F 396 -4.12 25.78 73.96
CA SER F 396 -3.04 26.74 74.20
C SER F 396 -2.26 26.43 75.48
N ASP F 397 -2.97 26.24 76.59
CA ASP F 397 -2.30 25.98 77.85
C ASP F 397 -1.66 24.59 77.85
N ASP F 398 -2.27 23.63 77.16
CA ASP F 398 -1.62 22.33 77.00
C ASP F 398 -0.23 22.47 76.38
N ILE F 399 -0.13 23.22 75.28
CA ILE F 399 1.14 23.32 74.58
C ILE F 399 2.19 24.05 75.41
N LYS F 400 1.79 25.11 76.13
CA LYS F 400 2.76 25.87 76.90
C LYS F 400 3.43 25.00 77.95
N ASN F 401 2.65 24.15 78.61
CA ASN F 401 3.18 23.31 79.70
C ASN F 401 4.07 22.18 79.16
N LYS F 402 3.77 21.69 77.96
CA LYS F 402 4.46 20.53 77.40
C LYS F 402 5.56 20.94 76.41
N LEU F 403 5.69 22.21 76.12
CA LEU F 403 6.61 22.64 75.08
C LEU F 403 8.08 22.45 75.49
N PRO F 404 8.45 22.67 76.76
CA PRO F 404 9.83 22.33 77.18
C PRO F 404 10.18 20.86 77.04
N SER F 405 9.20 19.95 77.20
CA SER F 405 9.45 18.53 76.91
C SER F 405 9.82 18.31 75.46
N LEU F 406 9.10 18.96 74.54
CA LEU F 406 9.43 18.83 73.12
C LEU F 406 10.87 19.25 72.85
N ARG F 407 11.30 20.38 73.42
CA ARG F 407 12.67 20.85 73.17
C ARG F 407 13.70 19.88 73.73
N LYS F 408 13.43 19.32 74.92
CA LYS F 408 14.39 18.41 75.53
C LYS F 408 14.54 17.13 74.73
N ILE F 409 13.44 16.64 74.17
CA ILE F 409 13.51 15.49 73.29
C ILE F 409 14.35 15.81 72.04
N VAL F 410 14.13 16.99 71.42
CA VAL F 410 14.94 17.35 70.26
C VAL F 410 16.40 17.53 70.67
N LEU F 411 16.65 18.10 71.86
CA LEU F 411 18.02 18.28 72.33
C LEU F 411 18.74 16.94 72.42
N MET F 412 18.07 15.94 72.98
CA MET F 412 18.71 14.67 73.30
C MET F 412 18.90 13.78 72.08
N ALA F 413 17.97 13.82 71.12
CA ALA F 413 18.16 13.09 69.87
C ALA F 413 19.25 13.71 69.02
N THR F 414 19.34 15.05 69.03
CA THR F 414 20.40 15.72 68.27
C THR F 414 21.77 15.35 68.81
N LYS F 415 21.92 15.34 70.15
CA LYS F 415 23.19 14.97 70.77
C LYS F 415 23.61 13.56 70.38
N TYR F 416 22.64 12.67 70.20
CA TYR F 416 22.92 11.26 70.00
C TYR F 416 22.66 10.78 68.57
N SER F 417 22.64 11.71 67.61
CA SER F 417 22.57 11.39 66.18
C SER F 417 21.39 10.50 65.83
N ILE F 418 20.24 10.78 66.43
CA ILE F 418 19.01 10.04 66.12
C ILE F 418 18.19 10.88 65.15
N PRO F 419 17.89 10.37 63.96
CA PRO F 419 17.13 11.17 62.97
C PRO F 419 15.68 11.29 63.40
N ILE F 420 15.26 12.53 63.63
CA ILE F 420 13.92 12.82 64.10
C ILE F 420 13.36 13.97 63.27
N PRO F 421 13.16 13.80 61.97
CA PRO F 421 12.70 14.94 61.16
C PRO F 421 11.33 15.49 61.57
N ALA F 422 10.39 14.60 61.93
CA ALA F 422 9.03 15.05 62.26
C ALA F 422 8.99 15.80 63.59
N PHE F 423 9.79 15.38 64.58
CA PHE F 423 9.88 16.18 65.80
C PHE F 423 10.53 17.51 65.51
N SER F 424 11.55 17.52 64.64
CA SER F 424 12.27 18.74 64.28
C SER F 424 11.38 19.70 63.53
N ALA F 425 10.62 19.19 62.55
CA ALA F 425 9.74 20.04 61.78
C ALA F 425 8.63 20.61 62.65
N SER F 426 8.03 19.76 63.49
CA SER F 426 6.92 20.20 64.32
C SER F 426 7.38 21.29 65.28
N LEU F 427 8.59 21.16 65.81
CA LEU F 427 9.12 22.20 66.69
C LEU F 427 9.42 23.45 65.90
N ALA F 428 10.10 23.30 64.76
CA ALA F 428 10.39 24.45 63.90
C ALA F 428 9.10 25.13 63.43
N TYR F 429 8.07 24.33 63.13
CA TYR F 429 6.79 24.91 62.73
C TYR F 429 6.25 25.81 63.81
N PHE F 430 6.24 25.32 65.04
CA PHE F 430 5.70 26.10 66.15
C PHE F 430 6.50 27.38 66.37
N GLN F 431 7.83 27.32 66.30
CA GLN F 431 8.62 28.52 66.53
C GLN F 431 8.36 29.59 65.48
N MET F 432 8.08 29.19 64.23
CA MET F 432 7.96 30.18 63.16
C MET F 432 6.58 30.83 63.16
N VAL F 433 5.52 30.04 63.36
CA VAL F 433 4.17 30.59 63.41
C VAL F 433 4.00 31.48 64.62
N THR F 434 4.89 31.34 65.61
CA THR F 434 4.79 32.05 66.87
C THR F 434 5.74 33.24 66.91
N SER F 435 6.30 33.60 65.77
CA SER F 435 7.28 34.67 65.66
C SER F 435 6.69 35.86 64.92
N GLN F 436 6.60 37.00 65.61
CA GLN F 436 6.14 38.20 64.93
C GLN F 436 7.12 38.62 63.85
N ASN F 437 8.42 38.44 64.07
CA ASN F 437 9.40 38.79 63.05
C ASN F 437 10.27 37.59 62.72
N LEU F 438 10.36 37.31 61.43
CA LEU F 438 11.19 36.27 60.87
C LEU F 438 12.28 36.89 60.02
N PRO F 439 13.38 36.18 59.76
CA PRO F 439 14.50 36.81 59.06
C PRO F 439 14.26 36.97 57.56
N LEU F 440 13.00 36.93 57.11
CA LEU F 440 12.71 37.17 55.71
C LEU F 440 12.95 38.61 55.29
N ASN F 441 13.22 39.53 56.23
CA ASN F 441 13.68 40.85 55.81
C ASN F 441 15.00 40.73 55.09
N LEU F 442 15.88 39.82 55.54
CA LEU F 442 17.15 39.60 54.83
C LEU F 442 16.93 38.97 53.46
N VAL F 443 15.93 38.06 53.34
CA VAL F 443 15.65 37.46 52.05
C VAL F 443 15.09 38.50 51.09
N GLN F 444 14.20 39.37 51.58
CA GLN F 444 13.68 40.47 50.76
C GLN F 444 14.80 41.39 50.28
N ALA F 445 15.81 41.63 51.12
CA ALA F 445 16.94 42.48 50.75
C ALA F 445 17.81 41.84 49.67
N GLN F 446 18.09 40.54 49.77
CA GLN F 446 18.89 39.88 48.72
C GLN F 446 18.15 39.86 47.39
N ARG F 447 16.84 39.63 47.41
CA ARG F 447 16.10 39.63 46.14
C ARG F 447 16.09 41.03 45.53
N ASP F 448 16.02 42.08 46.35
CA ASP F 448 16.12 43.42 45.79
C ASP F 448 17.51 43.70 45.25
N TYR F 449 18.53 43.12 45.88
CA TYR F 449 19.90 43.30 45.43
C TYR F 449 20.11 42.75 44.02
N PHE F 450 19.79 41.47 43.80
CA PHE F 450 20.15 40.87 42.51
C PHE F 450 19.05 40.89 41.46
N GLY F 451 17.79 41.03 41.85
CA GLY F 451 16.72 41.00 40.88
C GLY F 451 15.91 42.29 40.79
N SER F 452 16.14 43.21 41.74
CA SER F 452 15.36 44.44 41.86
C SER F 452 13.88 44.16 42.06
N HIS F 453 13.55 43.09 42.80
CA HIS F 453 12.15 42.70 42.98
C HIS F 453 11.38 43.60 43.93
N THR F 454 12.02 44.61 44.52
CA THR F 454 11.43 45.58 45.46
C THR F 454 11.00 44.95 46.78
N TYR F 455 10.80 45.78 47.79
CA TYR F 455 10.50 45.31 49.12
C TYR F 455 9.53 46.30 49.74
N ARG F 456 8.98 45.93 50.88
CA ARG F 456 8.13 46.85 51.61
C ARG F 456 8.78 47.15 52.96
N ARG F 457 8.39 48.27 53.55
CA ARG F 457 9.03 48.76 54.77
C ARG F 457 8.13 48.59 55.99
N THR F 458 8.77 48.68 57.16
CA THR F 458 8.05 48.63 58.43
C THR F 458 7.38 49.96 58.75
N ASP F 459 8.05 51.08 58.44
CA ASP F 459 7.57 52.39 58.89
C ASP F 459 6.58 53.05 57.94
N ARG F 460 6.65 52.79 56.65
CA ARG F 460 5.77 53.44 55.69
C ARG F 460 5.34 52.48 54.58
N GLU F 461 4.30 52.90 53.88
CA GLU F 461 3.70 52.22 52.75
C GLU F 461 4.54 52.35 51.49
N GLY F 462 4.23 51.49 50.51
CA GLY F 462 4.75 51.56 49.16
C GLY F 462 5.83 50.53 48.89
N ASN F 463 6.20 50.45 47.62
CA ASN F 463 7.25 49.54 47.14
C ASN F 463 8.56 50.30 47.00
N TYR F 464 9.67 49.66 47.37
CA TYR F 464 10.95 50.35 47.40
C TYR F 464 12.02 49.51 46.72
N HIS F 465 12.89 50.19 45.98
CA HIS F 465 14.10 49.61 45.40
C HIS F 465 15.29 50.45 45.87
N THR F 466 16.37 49.77 46.25
CA THR F 466 17.61 50.38 46.72
C THR F 466 18.78 49.97 45.85
N LEU F 467 19.69 50.93 45.62
CA LEU F 467 20.99 50.65 45.04
C LEU F 467 21.95 50.41 46.20
N TRP F 468 22.41 49.16 46.35
CA TRP F 468 23.21 48.80 47.51
C TRP F 468 24.69 49.08 47.19
N MET G 1 29.67 39.80 3.73
CA MET G 1 29.36 41.20 3.51
C MET G 1 29.00 41.56 2.07
N CYS G 2 28.89 40.57 1.18
CA CYS G 2 28.76 40.84 -0.26
C CYS G 2 27.35 40.60 -0.79
N ASP G 3 26.95 41.47 -1.72
CA ASP G 3 25.66 41.35 -2.39
C ASP G 3 25.64 40.20 -3.39
N ILE G 4 26.74 40.01 -4.11
CA ILE G 4 26.76 39.06 -5.21
C ILE G 4 28.21 38.68 -5.45
N GLY G 5 28.42 37.47 -5.96
CA GLY G 5 29.74 37.03 -6.35
C GLY G 5 29.85 36.82 -7.86
N LEU G 6 31.07 36.83 -8.38
CA LEU G 6 31.28 36.68 -9.81
C LEU G 6 32.48 35.77 -10.01
N ILE G 7 32.35 34.76 -10.86
CA ILE G 7 33.42 33.81 -11.13
C ILE G 7 33.80 33.94 -12.60
N GLY G 8 35.09 34.09 -12.86
CA GLY G 8 35.57 34.18 -14.21
C GLY G 8 35.88 35.61 -14.55
N LEU G 9 37.16 35.93 -14.63
CA LEU G 9 37.59 37.31 -14.75
C LEU G 9 38.42 37.46 -16.01
N ALA G 10 37.77 37.34 -17.16
CA ALA G 10 38.39 37.83 -18.36
C ALA G 10 38.02 39.30 -18.41
N VAL G 11 38.31 39.98 -19.52
CA VAL G 11 37.92 41.38 -19.54
C VAL G 11 36.42 41.52 -19.38
N MET G 12 35.67 40.50 -19.82
CA MET G 12 34.22 40.54 -19.67
C MET G 12 33.82 40.56 -18.19
N GLY G 13 34.40 39.65 -17.41
CA GLY G 13 34.09 39.60 -15.99
C GLY G 13 34.62 40.79 -15.19
N GLN G 14 35.82 41.27 -15.55
CA GLN G 14 36.38 42.41 -14.85
C GLN G 14 35.53 43.66 -15.07
N ASN G 15 35.20 43.93 -16.33
CA ASN G 15 34.42 45.13 -16.63
C ASN G 15 33.08 45.09 -15.91
N LEU G 16 32.45 43.92 -15.90
CA LEU G 16 31.17 43.76 -15.24
C LEU G 16 31.26 43.86 -13.71
N SER G 17 32.34 43.39 -13.09
CA SER G 17 32.47 43.55 -11.65
C SER G 17 32.66 45.02 -11.27
N LEU G 18 33.44 45.78 -12.07
CA LEU G 18 33.52 47.22 -11.85
C LEU G 18 32.18 47.92 -12.10
N ASN G 19 31.40 47.41 -13.07
CA ASN G 19 30.10 47.99 -13.36
C ASN G 19 29.15 47.76 -12.18
N ILE G 20 29.16 46.55 -11.61
CA ILE G 20 28.31 46.26 -10.47
C ILE G 20 28.72 47.11 -9.28
N SER G 21 30.04 47.30 -9.09
CA SER G 21 30.53 48.12 -7.99
C SER G 21 30.25 49.60 -8.25
N SER G 22 30.28 49.99 -9.52
CA SER G 22 30.01 51.37 -9.94
C SER G 22 28.61 51.81 -9.55
N LYS G 23 27.70 50.86 -9.32
CA LYS G 23 26.31 51.15 -8.94
C LYS G 23 26.04 50.86 -7.48
N GLY G 24 27.07 50.81 -6.65
CA GLY G 24 26.90 50.73 -5.22
C GLY G 24 26.67 49.36 -4.63
N PHE G 25 27.23 48.31 -5.22
CA PHE G 25 27.08 46.97 -4.69
C PHE G 25 28.44 46.42 -4.25
N LYS G 26 28.41 45.64 -3.16
CA LYS G 26 29.61 44.95 -2.67
C LYS G 26 29.74 43.61 -3.41
N ILE G 27 30.66 43.55 -4.36
CA ILE G 27 30.80 42.38 -5.23
C ILE G 27 32.03 41.58 -4.82
N GLY G 28 31.83 40.28 -4.62
CA GLY G 28 32.94 39.35 -4.43
C GLY G 28 33.34 38.71 -5.77
N VAL G 29 34.60 38.29 -5.84
CA VAL G 29 35.27 37.94 -7.09
C VAL G 29 36.23 36.77 -6.88
N TYR G 30 36.24 35.83 -7.84
CA TYR G 30 37.16 34.68 -7.84
C TYR G 30 37.61 34.40 -9.27
N ASN G 31 38.82 33.86 -9.41
CA ASN G 31 39.31 33.40 -10.72
C ASN G 31 40.27 32.24 -10.51
N ARG G 32 40.29 31.29 -11.45
CA ARG G 32 41.17 30.14 -11.28
C ARG G 32 42.62 30.59 -11.13
N THR G 33 43.11 31.41 -12.08
CA THR G 33 44.45 31.97 -11.98
C THR G 33 44.37 33.25 -11.13
N TYR G 34 44.95 33.19 -9.92
CA TYR G 34 44.74 34.26 -8.94
C TYR G 34 45.25 35.58 -9.43
N GLU G 35 46.18 35.56 -10.37
CA GLU G 35 46.82 36.78 -10.83
C GLU G 35 45.81 37.73 -11.45
N ARG G 36 44.76 37.19 -12.08
CA ARG G 36 43.71 38.02 -12.68
C ARG G 36 42.85 38.69 -11.62
N THR G 37 42.67 38.04 -10.47
CA THR G 37 41.98 38.66 -9.36
C THR G 37 42.72 39.91 -8.88
N GLU G 38 44.06 39.85 -8.79
CA GLU G 38 44.81 41.00 -8.28
C GLU G 38 44.81 42.14 -9.28
N GLU G 39 44.85 41.81 -10.57
CA GLU G 39 44.71 42.85 -11.58
C GLU G 39 43.31 43.45 -11.55
N THR G 40 42.30 42.65 -11.22
CA THR G 40 40.94 43.16 -11.10
C THR G 40 40.83 44.16 -9.95
N MET G 41 41.46 43.84 -8.80
CA MET G 41 41.47 44.82 -7.71
C MET G 41 42.29 46.06 -8.06
N LYS G 42 43.34 45.93 -8.88
CA LYS G 42 44.11 47.13 -9.16
C LYS G 42 43.28 48.11 -9.98
N ARG G 43 42.61 47.62 -11.03
CA ARG G 43 41.81 48.50 -11.86
C ARG G 43 40.65 49.11 -11.07
N ALA G 44 40.17 48.40 -10.06
CA ALA G 44 39.16 48.99 -9.18
C ALA G 44 39.73 50.16 -8.42
N LYS G 45 40.92 49.99 -7.82
CA LYS G 45 41.58 51.06 -7.08
C LYS G 45 41.82 52.28 -7.97
N GLU G 46 42.25 52.06 -9.22
CA GLU G 46 42.53 53.17 -10.11
C GLU G 46 41.27 53.85 -10.62
N GLU G 47 40.09 53.29 -10.33
CA GLU G 47 38.82 53.93 -10.65
C GLU G 47 38.02 54.27 -9.40
N ASN G 48 38.71 54.40 -8.26
CA ASN G 48 38.06 54.71 -6.98
C ASN G 48 36.88 53.77 -6.71
N LEU G 49 37.09 52.48 -6.94
CA LEU G 49 36.07 51.46 -6.74
C LEU G 49 36.59 50.38 -5.81
N VAL G 50 35.66 49.67 -5.17
CA VAL G 50 35.98 48.62 -4.21
C VAL G 50 35.50 47.29 -4.80
N VAL G 51 36.42 46.33 -4.94
CA VAL G 51 36.08 44.98 -5.37
C VAL G 51 36.78 43.97 -4.48
N TYR G 52 36.03 43.08 -3.84
CA TYR G 52 36.62 42.11 -2.92
C TYR G 52 36.99 40.83 -3.67
N GLY G 53 38.30 40.55 -3.72
CA GLY G 53 38.83 39.37 -4.39
C GLY G 53 39.22 38.31 -3.37
N TYR G 54 38.84 37.07 -3.65
CA TYR G 54 39.09 35.93 -2.77
C TYR G 54 39.87 34.88 -3.55
N LYS G 55 40.63 34.05 -2.82
CA LYS G 55 41.54 33.13 -3.49
C LYS G 55 40.94 31.75 -3.69
N THR G 56 39.78 31.46 -3.10
CA THR G 56 39.08 30.20 -3.31
C THR G 56 37.58 30.47 -3.43
N VAL G 57 36.88 29.55 -4.12
CA VAL G 57 35.42 29.61 -4.22
C VAL G 57 34.77 29.45 -2.85
N GLU G 58 35.39 28.66 -1.97
CA GLU G 58 34.80 28.42 -0.65
C GLU G 58 34.72 29.70 0.17
N GLU G 59 35.84 30.46 0.22
CA GLU G 59 35.95 31.85 0.73
C GLU G 59 34.94 32.81 0.10
N LEU G 60 34.72 32.75 -1.20
CA LEU G 60 33.77 33.71 -1.78
C LEU G 60 32.35 33.38 -1.36
N ILE G 61 32.00 32.10 -1.35
CA ILE G 61 30.64 31.72 -0.98
C ILE G 61 30.35 32.09 0.48
N ASN G 62 31.34 31.92 1.37
CA ASN G 62 31.07 32.21 2.79
C ASN G 62 30.97 33.70 3.08
N ASN G 63 31.16 34.57 2.09
CA ASN G 63 31.00 36.00 2.26
C ASN G 63 29.84 36.54 1.46
N LEU G 64 28.91 35.67 1.06
CA LEU G 64 27.70 36.10 0.39
C LEU G 64 26.57 36.07 1.40
N LYS G 65 25.65 37.01 1.26
CA LYS G 65 24.49 37.01 2.13
C LYS G 65 23.36 36.18 1.53
N LYS G 66 22.47 35.73 2.39
CA LYS G 66 21.39 34.87 1.94
C LYS G 66 20.28 35.70 1.30
N PRO G 67 19.76 35.31 0.13
CA PRO G 67 20.11 34.11 -0.66
C PRO G 67 21.40 34.33 -1.45
N ARG G 68 22.27 33.32 -1.53
CA ARG G 68 23.55 33.51 -2.21
C ARG G 68 23.32 33.70 -3.71
N LYS G 69 24.03 34.64 -4.32
CA LYS G 69 23.90 34.93 -5.73
C LYS G 69 25.29 35.01 -6.35
N VAL G 70 25.55 34.15 -7.32
CA VAL G 70 26.85 34.09 -7.98
C VAL G 70 26.66 34.12 -9.50
N ILE G 71 27.45 34.93 -10.15
CA ILE G 71 27.44 35.01 -11.60
C ILE G 71 28.57 34.16 -12.15
N LEU G 72 28.30 33.38 -13.21
CA LEU G 72 29.35 32.58 -13.84
C LEU G 72 29.66 33.21 -15.18
N LEU G 73 30.95 33.49 -15.40
CA LEU G 73 31.50 33.97 -16.66
C LEU G 73 32.75 33.15 -16.99
N ILE G 74 32.54 31.82 -17.03
CA ILE G 74 33.53 30.84 -17.46
C ILE G 74 33.15 30.50 -18.89
N LYS G 75 34.12 30.46 -19.79
CA LYS G 75 33.69 30.26 -21.16
C LYS G 75 33.42 28.78 -21.40
N ALA G 76 32.48 28.53 -22.31
CA ALA G 76 31.81 27.24 -22.41
C ALA G 76 32.80 26.08 -22.46
N GLY G 77 32.44 24.99 -21.79
CA GLY G 77 33.25 23.79 -21.77
C GLY G 77 33.02 23.04 -20.49
N PRO G 78 33.84 22.01 -20.22
CA PRO G 78 33.66 21.27 -18.97
C PRO G 78 33.94 22.09 -17.73
N ALA G 79 34.66 23.20 -17.85
CA ALA G 79 34.93 24.04 -16.68
C ALA G 79 33.65 24.65 -16.12
N VAL G 80 32.67 24.92 -16.97
CA VAL G 80 31.43 25.50 -16.47
C VAL G 80 30.73 24.49 -15.56
N ASP G 81 30.67 23.21 -15.97
CA ASP G 81 30.00 22.20 -15.15
C ASP G 81 30.79 21.90 -13.88
N GLU G 82 32.12 22.03 -13.92
CA GLU G 82 32.98 21.80 -12.76
C GLU G 82 32.72 22.84 -11.66
N ASN G 83 32.66 24.14 -12.01
CA ASN G 83 32.34 25.17 -11.02
C ASN G 83 30.95 24.97 -10.41
N ILE G 84 29.96 24.65 -11.25
CA ILE G 84 28.59 24.40 -10.75
C ILE G 84 28.56 23.18 -9.87
N SER G 85 29.37 22.17 -10.20
CA SER G 85 29.46 21.00 -9.34
C SER G 85 29.97 21.40 -7.95
N ASN G 86 31.00 22.23 -7.91
CA ASN G 86 31.53 22.68 -6.62
C ASN G 86 30.57 23.64 -5.90
N ILE G 87 29.89 24.53 -6.65
CA ILE G 87 29.02 25.50 -5.99
C ILE G 87 27.88 24.78 -5.27
N LEU G 88 27.34 23.73 -5.89
CA LEU G 88 26.23 22.98 -5.30
C LEU G 88 26.63 22.17 -4.07
N LYS G 89 27.92 21.99 -3.81
CA LYS G 89 28.36 21.39 -2.56
C LYS G 89 28.37 22.38 -1.38
N HIS G 90 28.09 23.67 -1.62
CA HIS G 90 27.96 24.65 -0.54
C HIS G 90 26.72 25.54 -0.62
N PHE G 91 25.95 25.50 -1.70
CA PHE G 91 24.71 26.26 -1.75
C PHE G 91 23.58 25.47 -1.09
N GLU G 92 22.50 26.16 -0.77
CA GLU G 92 21.34 25.53 -0.17
C GLU G 92 20.07 26.12 -0.79
N LYS G 93 18.92 25.59 -0.36
CA LYS G 93 17.62 26.04 -0.86
C LYS G 93 17.53 27.55 -0.90
N GLY G 94 17.14 28.09 -2.06
CA GLY G 94 16.92 29.51 -2.23
C GLY G 94 18.06 30.24 -2.88
N ASP G 95 19.23 29.61 -2.95
CA ASP G 95 20.41 30.23 -3.53
C ASP G 95 20.30 30.23 -5.05
N ILE G 96 21.04 31.14 -5.67
CA ILE G 96 20.85 31.44 -7.08
C ILE G 96 22.18 31.37 -7.82
N ILE G 97 22.19 30.69 -8.98
CA ILE G 97 23.34 30.63 -9.87
C ILE G 97 22.95 31.32 -11.17
N ILE G 98 23.81 32.20 -11.66
CA ILE G 98 23.55 32.94 -12.90
C ILE G 98 24.70 32.71 -13.88
N ASP G 99 24.44 31.94 -14.94
CA ASP G 99 25.44 31.74 -15.99
C ASP G 99 25.27 32.81 -17.07
N GLY G 100 26.34 33.56 -17.34
CA GLY G 100 26.24 34.64 -18.29
C GLY G 100 26.93 34.42 -19.62
N GLY G 101 27.59 33.26 -19.77
CA GLY G 101 28.29 32.95 -21.01
C GLY G 101 27.33 32.59 -22.13
N ASN G 102 27.88 32.57 -23.35
CA ASN G 102 27.11 32.16 -24.52
C ASN G 102 27.03 30.64 -24.51
N GLU G 103 25.89 30.12 -24.08
CA GLU G 103 25.73 28.69 -23.86
C GLU G 103 24.65 28.13 -24.79
N TRP G 104 24.89 26.92 -25.26
CA TRP G 104 23.88 26.15 -25.96
C TRP G 104 22.73 25.85 -24.99
N TYR G 105 21.51 26.22 -25.39
CA TYR G 105 20.39 26.25 -24.45
C TYR G 105 20.09 24.86 -23.85
N ILE G 106 20.35 23.77 -24.60
CA ILE G 106 20.08 22.43 -24.08
C ILE G 106 20.92 22.17 -22.84
N ASN G 107 22.17 22.64 -22.88
CA ASN G 107 23.05 22.55 -21.72
C ASN G 107 22.46 23.25 -20.49
N SER G 108 21.88 24.45 -20.69
CA SER G 108 21.29 25.17 -19.56
C SER G 108 20.08 24.46 -19.02
N GLU G 109 19.24 23.93 -19.91
CA GLU G 109 18.06 23.20 -19.46
C GLU G 109 18.47 22.00 -18.61
N ARG G 110 19.57 21.35 -18.98
CA ARG G 110 20.04 20.21 -18.18
C ARG G 110 20.53 20.67 -16.81
N ARG G 111 21.28 21.78 -16.78
CA ARG G 111 21.80 22.32 -15.52
C ARG G 111 20.69 22.91 -14.67
N ILE G 112 19.64 23.44 -15.29
CA ILE G 112 18.53 23.91 -14.49
C ILE G 112 17.99 22.76 -13.65
N LYS G 113 17.61 21.66 -14.30
CA LYS G 113 17.03 20.54 -13.56
C LYS G 113 18.01 19.98 -12.54
N LEU G 114 19.32 19.98 -12.84
CA LEU G 114 20.27 19.42 -11.89
C LEU G 114 20.42 20.31 -10.66
N CYS G 115 20.14 21.61 -10.79
CA CYS G 115 20.23 22.50 -9.64
C CYS G 115 19.03 22.36 -8.73
N LYS G 116 17.83 22.14 -9.29
CA LYS G 116 16.64 22.10 -8.45
C LYS G 116 16.50 20.76 -7.73
N GLU G 117 17.33 19.77 -8.07
CA GLU G 117 17.49 18.58 -7.23
C GLU G 117 18.24 18.88 -5.93
N LYS G 118 18.90 20.03 -5.84
CA LYS G 118 19.30 20.61 -4.56
C LYS G 118 18.49 21.86 -4.22
N ASP G 119 17.37 22.09 -4.93
CA ASP G 119 16.48 23.23 -4.69
C ASP G 119 17.22 24.56 -4.79
N VAL G 120 18.17 24.64 -5.72
CA VAL G 120 18.90 25.86 -6.02
C VAL G 120 18.33 26.43 -7.32
N GLU G 121 18.06 27.73 -7.34
CA GLU G 121 17.43 28.37 -8.49
C GLU G 121 18.49 28.82 -9.50
N TYR G 122 18.25 28.52 -10.78
CA TYR G 122 19.19 28.76 -11.86
C TYR G 122 18.66 29.86 -12.79
N LEU G 123 19.57 30.62 -13.38
CA LEU G 123 19.20 31.72 -14.27
C LEU G 123 20.21 31.77 -15.41
N ALA G 124 19.81 31.34 -16.60
CA ALA G 124 20.65 31.44 -17.80
C ALA G 124 20.43 32.78 -18.48
N MET G 125 21.48 33.59 -18.57
CA MET G 125 21.36 34.96 -19.03
C MET G 125 22.36 35.24 -20.14
N GLY G 126 21.84 35.66 -21.28
CA GLY G 126 22.68 36.12 -22.35
C GLY G 126 23.03 37.57 -22.08
N VAL G 127 24.25 37.94 -22.47
CA VAL G 127 24.78 39.29 -22.23
C VAL G 127 25.36 39.78 -23.53
N SER G 128 24.97 40.98 -23.93
CA SER G 128 25.44 41.59 -25.17
C SER G 128 25.94 43.00 -24.91
N GLY G 129 27.00 43.36 -25.60
CA GLY G 129 27.52 44.70 -25.48
C GLY G 129 29.00 44.76 -25.66
N GLY G 130 29.62 43.61 -25.84
CA GLY G 130 31.04 43.56 -25.91
C GLY G 130 31.63 43.93 -24.57
N GLU G 131 32.94 44.18 -24.59
CA GLU G 131 33.61 44.46 -23.33
C GLU G 131 33.28 45.86 -22.84
N ALA G 132 33.05 46.80 -23.77
CA ALA G 132 32.63 48.15 -23.42
C ALA G 132 31.26 48.14 -22.74
N GLY G 133 30.35 47.33 -23.26
CA GLY G 133 29.03 47.22 -22.66
C GLY G 133 29.08 46.57 -21.29
N ALA G 134 30.01 45.64 -21.08
CA ALA G 134 30.12 45.00 -19.78
C ALA G 134 30.47 46.01 -18.69
N ARG G 135 31.26 47.04 -19.04
CA ARG G 135 31.72 48.05 -18.09
C ARG G 135 30.73 49.20 -17.90
N TYR G 136 30.15 49.72 -18.96
CA TYR G 136 29.38 50.94 -18.84
C TYR G 136 27.87 50.74 -18.99
N GLY G 137 27.45 49.59 -19.50
CA GLY G 137 26.05 49.32 -19.68
C GLY G 137 25.85 48.44 -20.89
N CYS G 138 25.28 47.26 -20.67
CA CYS G 138 25.11 46.23 -21.69
C CYS G 138 23.64 45.83 -21.75
N SER G 139 23.32 44.89 -22.64
CA SER G 139 21.98 44.33 -22.75
C SER G 139 21.95 42.97 -22.06
N PHE G 140 21.16 42.86 -21.00
CA PHE G 140 20.99 41.60 -20.27
C PHE G 140 19.70 40.91 -20.72
N MET G 141 19.78 39.58 -20.95
CA MET G 141 18.63 38.76 -21.37
C MET G 141 18.47 37.57 -20.42
N PRO G 142 18.03 37.81 -19.18
CA PRO G 142 17.98 36.73 -18.19
C PRO G 142 16.75 35.85 -18.34
N GLY G 143 16.95 34.55 -18.19
CA GLY G 143 15.87 33.59 -18.33
C GLY G 143 16.00 32.46 -17.33
N GLY G 144 14.86 31.90 -16.94
CA GLY G 144 14.86 30.80 -15.99
C GLY G 144 13.84 30.95 -14.89
N SER G 145 14.30 30.75 -13.65
CA SER G 145 13.47 30.91 -12.45
C SER G 145 13.08 32.38 -12.26
N LYS G 146 11.77 32.67 -12.19
CA LYS G 146 11.38 34.05 -11.96
C LYS G 146 11.76 34.53 -10.56
N TYR G 147 11.84 33.61 -9.60
CA TYR G 147 12.31 33.96 -8.27
C TYR G 147 13.73 34.55 -8.33
N ALA G 148 14.63 33.83 -9.02
CA ALA G 148 16.01 34.27 -9.19
C ALA G 148 16.07 35.63 -9.88
N TYR G 149 15.17 35.88 -10.83
CA TYR G 149 15.18 37.16 -11.52
C TYR G 149 14.96 38.31 -10.55
N ASP G 150 14.05 38.13 -9.60
CA ASP G 150 13.68 39.24 -8.72
C ASP G 150 14.79 39.61 -7.74
N CYS G 151 15.53 38.60 -7.21
CA CYS G 151 16.55 38.84 -6.19
C CYS G 151 17.80 39.52 -6.70
N VAL G 152 18.07 39.42 -8.02
CA VAL G 152 19.14 40.10 -8.74
C VAL G 152 18.64 41.24 -9.62
N LYS G 153 17.33 41.51 -9.65
CA LYS G 153 16.75 42.50 -10.58
C LYS G 153 17.36 43.89 -10.38
N GLU G 154 17.51 44.33 -9.10
CA GLU G 154 18.14 45.62 -8.84
C GLU G 154 19.43 45.80 -9.63
N ILE G 155 20.31 44.79 -9.55
CA ILE G 155 21.65 44.88 -10.09
C ILE G 155 21.60 44.97 -11.61
N LEU G 156 20.76 44.14 -12.24
CA LEU G 156 20.74 44.11 -13.69
C LEU G 156 20.13 45.36 -14.29
N GLU G 157 19.12 45.95 -13.63
CA GLU G 157 18.60 47.21 -14.15
C GLU G 157 19.63 48.32 -14.05
N LYS G 158 20.40 48.33 -12.95
CA LYS G 158 21.35 49.42 -12.74
C LYS G 158 22.56 49.32 -13.67
N CYS G 159 23.05 48.09 -13.92
CA CYS G 159 24.25 47.89 -14.73
C CYS G 159 23.97 47.81 -16.23
N SER G 160 22.72 47.68 -16.64
CA SER G 160 22.39 47.64 -18.05
C SER G 160 22.43 49.04 -18.65
N ALA G 161 22.58 49.10 -19.97
CA ALA G 161 22.48 50.33 -20.72
C ALA G 161 21.12 50.98 -20.51
N GLN G 162 21.09 52.31 -20.55
CA GLN G 162 19.88 53.08 -20.30
C GLN G 162 19.52 53.88 -21.54
N VAL G 163 18.32 53.64 -22.06
CA VAL G 163 17.75 54.44 -23.14
C VAL G 163 16.52 55.14 -22.56
N GLY G 164 16.58 56.46 -22.46
CA GLY G 164 15.57 57.16 -21.69
C GLY G 164 15.57 56.65 -20.26
N ASN G 165 14.38 56.32 -19.76
CA ASN G 165 14.22 55.88 -18.39
C ASN G 165 14.18 54.36 -18.25
N SER G 166 14.12 53.61 -19.38
CA SER G 166 13.95 52.18 -19.26
C SER G 166 15.30 51.48 -19.33
N PRO G 167 15.57 50.58 -18.39
CA PRO G 167 16.81 49.79 -18.46
C PRO G 167 16.73 48.68 -19.50
N CYS G 168 17.87 48.39 -20.10
CA CYS G 168 17.97 47.35 -21.13
C CYS G 168 18.08 45.96 -20.48
N VAL G 169 17.02 45.59 -19.78
CA VAL G 169 16.85 44.29 -19.12
C VAL G 169 15.36 43.98 -19.05
N THR G 170 15.01 42.70 -19.18
CA THR G 170 13.63 42.22 -19.02
C THR G 170 13.68 40.74 -18.63
N TYR G 171 12.60 40.25 -18.04
CA TYR G 171 12.47 38.82 -17.79
C TYR G 171 12.10 38.15 -19.11
N ILE G 172 13.02 37.36 -19.67
CA ILE G 172 12.84 36.81 -21.00
C ILE G 172 11.75 35.75 -21.02
N GLY G 173 11.82 34.82 -20.08
CA GLY G 173 10.87 33.73 -19.98
C GLY G 173 11.46 32.62 -19.13
N PRO G 174 10.81 31.47 -19.11
CA PRO G 174 11.25 30.36 -18.25
C PRO G 174 12.44 29.63 -18.86
N GLY G 175 12.97 28.69 -18.07
CA GLY G 175 13.94 27.75 -18.62
C GLY G 175 15.14 28.44 -19.22
N SER G 176 15.60 27.88 -20.34
CA SER G 176 16.76 28.42 -21.04
C SER G 176 16.39 29.40 -22.13
N SER G 177 15.24 30.09 -22.02
CA SER G 177 14.87 31.04 -23.07
C SER G 177 15.89 32.15 -23.22
N GLY G 178 16.53 32.55 -22.12
CA GLY G 178 17.51 33.63 -22.21
C GLY G 178 18.69 33.30 -23.10
N ASN G 179 19.23 32.07 -22.98
CA ASN G 179 20.29 31.63 -23.89
C ASN G 179 19.81 31.67 -25.32
N TYR G 180 18.55 31.31 -25.52
CA TYR G 180 17.99 31.19 -26.85
C TYR G 180 17.83 32.54 -27.51
N VAL G 181 17.43 33.55 -26.74
CA VAL G 181 17.31 34.88 -27.30
C VAL G 181 18.67 35.44 -27.67
N LYS G 182 19.70 35.19 -26.84
CA LYS G 182 21.05 35.64 -27.19
C LYS G 182 21.56 34.94 -28.45
N MET G 183 21.13 33.71 -28.68
CA MET G 183 21.50 33.01 -29.89
C MET G 183 20.92 33.67 -31.15
N VAL G 184 19.61 33.96 -31.14
CA VAL G 184 19.06 34.71 -32.28
C VAL G 184 19.65 36.11 -32.36
N HIS G 185 20.02 36.71 -31.21
CA HIS G 185 20.76 37.98 -31.23
C HIS G 185 22.01 37.82 -32.08
N ASN G 186 22.80 36.80 -31.78
CA ASN G 186 23.97 36.55 -32.61
C ASN G 186 23.56 36.15 -34.02
N GLY G 187 22.40 35.50 -34.17
CA GLY G 187 21.92 35.18 -35.49
C GLY G 187 21.69 36.42 -36.33
N ILE G 188 20.94 37.38 -35.77
CA ILE G 188 20.73 38.65 -36.47
C ILE G 188 22.06 39.34 -36.73
N GLU G 189 22.95 39.35 -35.74
CA GLU G 189 24.24 40.03 -35.84
C GLU G 189 25.06 39.50 -37.01
N TYR G 190 25.17 38.19 -37.14
CA TYR G 190 25.95 37.61 -38.24
C TYR G 190 25.42 38.07 -39.59
N GLY G 191 24.09 38.19 -39.71
CA GLY G 191 23.49 38.63 -40.95
C GLY G 191 23.79 40.08 -41.28
N ASP G 192 23.66 40.96 -40.28
CA ASP G 192 23.97 42.38 -40.51
C ASP G 192 25.41 42.57 -40.97
N MET G 193 26.35 41.92 -40.27
CA MET G 193 27.76 42.07 -40.60
C MET G 193 28.08 41.63 -42.02
N GLN G 194 27.39 40.59 -42.50
CA GLN G 194 27.60 40.09 -43.85
C GLN G 194 26.99 41.03 -44.88
N LEU G 195 25.81 41.56 -44.56
CA LEU G 195 25.17 42.52 -45.46
C LEU G 195 26.03 43.76 -45.62
N ILE G 196 26.62 44.25 -44.51
CA ILE G 196 27.54 45.38 -44.56
C ILE G 196 28.79 45.05 -45.34
N SER G 197 29.33 43.86 -45.13
CA SER G 197 30.56 43.46 -45.81
C SER G 197 30.34 43.39 -47.32
N GLU G 198 29.11 43.09 -47.76
CA GLU G 198 28.77 43.09 -49.18
C GLU G 198 28.51 44.51 -49.69
N SER G 199 27.94 45.39 -48.86
CA SER G 199 27.82 46.79 -49.26
C SER G 199 29.20 47.40 -49.49
N TYR G 200 30.16 47.07 -48.62
CA TYR G 200 31.52 47.55 -48.76
C TYR G 200 32.15 47.11 -50.07
N VAL G 201 32.03 45.82 -50.40
CA VAL G 201 32.64 45.34 -51.63
C VAL G 201 31.95 45.96 -52.84
N ILE G 202 30.64 46.22 -52.74
CA ILE G 202 29.92 46.83 -53.86
C ILE G 202 30.47 48.23 -54.13
N MET G 203 30.60 49.05 -53.09
CA MET G 203 31.11 50.40 -53.26
C MET G 203 32.60 50.42 -53.59
N LYS G 204 33.35 49.40 -53.18
CA LYS G 204 34.79 49.38 -53.43
C LYS G 204 35.15 48.90 -54.82
N HIS G 205 34.34 47.99 -55.40
CA HIS G 205 34.65 47.37 -56.70
C HIS G 205 33.73 47.81 -57.83
N ILE G 206 32.61 48.46 -57.54
CA ILE G 206 31.72 48.99 -58.58
C ILE G 206 31.97 50.47 -58.78
N LEU G 207 31.83 51.25 -57.71
CA LEU G 207 32.02 52.68 -57.68
C LEU G 207 33.47 53.08 -57.44
N LYS G 208 34.34 52.10 -57.20
CA LYS G 208 35.77 52.32 -57.03
C LYS G 208 36.09 53.36 -55.95
N TYR G 209 35.32 53.34 -54.85
CA TYR G 209 35.60 54.22 -53.73
C TYR G 209 36.87 53.79 -52.97
N ASP G 210 37.63 54.78 -52.50
CA ASP G 210 38.79 54.58 -51.64
C ASP G 210 38.31 54.42 -50.20
N ASN G 211 39.23 54.01 -49.32
CA ASN G 211 38.81 53.76 -47.95
C ASN G 211 38.30 55.03 -47.28
N GLN G 212 38.85 56.18 -47.66
CA GLN G 212 38.40 57.44 -47.06
C GLN G 212 36.96 57.74 -47.44
N LYS G 213 36.64 57.60 -48.74
CA LYS G 213 35.29 57.85 -49.22
C LYS G 213 34.29 56.84 -48.63
N LEU G 214 34.67 55.57 -48.54
CA LEU G 214 33.76 54.57 -47.94
C LEU G 214 33.43 54.93 -46.50
N SER G 215 34.44 55.32 -45.72
CA SER G 215 34.15 55.77 -44.37
C SER G 215 33.22 56.97 -44.37
N GLU G 216 33.36 57.85 -45.38
CA GLU G 216 32.49 59.03 -45.50
C GLU G 216 31.05 58.63 -45.81
N VAL G 217 30.86 57.60 -46.64
CA VAL G 217 29.52 57.13 -46.99
C VAL G 217 28.86 56.42 -45.80
N PHE G 218 29.61 55.57 -45.08
CA PHE G 218 29.04 54.87 -43.93
C PHE G 218 28.71 55.83 -42.79
N ASN G 219 29.50 56.87 -42.60
CA ASN G 219 29.10 57.90 -41.64
C ASN G 219 27.84 58.59 -42.09
N LYS G 220 27.65 58.77 -43.40
CA LYS G 220 26.43 59.42 -43.88
C LYS G 220 25.22 58.53 -43.67
N TRP G 221 25.39 57.23 -43.92
CA TRP G 221 24.29 56.30 -43.67
C TRP G 221 23.94 56.25 -42.20
N ASN G 222 24.96 56.40 -41.36
CA ASN G 222 24.74 56.38 -39.93
C ASN G 222 23.88 57.54 -39.48
N GLU G 223 24.04 58.70 -40.09
CA GLU G 223 23.19 59.81 -39.70
C GLU G 223 21.77 59.68 -40.22
N GLY G 224 21.52 58.69 -41.08
CA GLY G 224 20.19 58.45 -41.61
C GLY G 224 19.48 57.23 -41.03
N ILE G 225 18.78 56.50 -41.91
CA ILE G 225 17.94 55.38 -41.48
C ILE G 225 18.78 54.18 -41.06
N LEU G 226 20.01 54.06 -41.58
CA LEU G 226 20.89 52.96 -41.27
C LEU G 226 21.69 53.17 -39.99
N ASN G 227 21.27 54.09 -39.12
CA ASN G 227 21.96 54.32 -37.86
C ASN G 227 21.99 53.04 -37.01
N SER G 228 23.20 52.53 -36.73
CA SER G 228 23.36 51.30 -35.97
C SER G 228 24.81 51.20 -35.49
N TYR G 229 25.03 50.31 -34.50
CA TYR G 229 26.36 50.12 -33.93
C TYR G 229 27.33 49.62 -34.99
N LEU G 230 26.90 48.62 -35.79
CA LEU G 230 27.78 48.03 -36.79
C LEU G 230 28.04 48.99 -37.92
N ILE G 231 27.07 49.87 -38.21
CA ILE G 231 27.28 50.89 -39.23
C ILE G 231 28.22 51.99 -38.71
N GLU G 232 28.07 52.37 -37.44
CA GLU G 232 28.93 53.39 -36.85
C GLU G 232 30.38 52.92 -36.76
N ILE G 233 30.59 51.68 -36.31
CA ILE G 233 31.95 51.17 -36.13
C ILE G 233 32.58 50.86 -37.48
N THR G 234 31.77 50.53 -38.49
CA THR G 234 32.34 50.28 -39.81
C THR G 234 32.91 51.56 -40.42
N ALA G 235 32.27 52.72 -40.13
CA ALA G 235 32.83 53.99 -40.55
C ALA G 235 34.17 54.25 -39.86
N ASN G 236 34.25 53.93 -38.56
CA ASN G 236 35.50 54.10 -37.83
C ASN G 236 36.57 53.13 -38.33
N ILE G 237 36.18 51.88 -38.61
CA ILE G 237 37.14 50.85 -39.00
C ILE G 237 37.79 51.20 -40.33
N LEU G 238 36.97 51.63 -41.32
CA LEU G 238 37.47 51.90 -42.66
C LEU G 238 38.32 53.16 -42.74
N ALA G 239 38.27 54.03 -41.73
CA ALA G 239 39.13 55.20 -41.66
C ALA G 239 40.46 54.90 -40.98
N LYS G 240 40.53 53.86 -40.13
CA LYS G 240 41.72 53.58 -39.34
C LYS G 240 42.89 53.24 -40.23
N LYS G 241 44.02 53.88 -39.95
CA LYS G 241 45.15 53.70 -40.81
C LYS G 241 46.18 52.90 -40.02
N ASP G 242 47.03 52.17 -40.71
CA ASP G 242 47.90 51.20 -40.05
C ASP G 242 49.05 51.85 -39.26
N ASP G 243 49.46 51.17 -38.18
CA ASP G 243 50.59 51.62 -37.36
C ASP G 243 51.92 51.25 -37.97
N LEU G 244 51.98 50.10 -38.63
CA LEU G 244 53.21 49.50 -39.17
C LEU G 244 53.36 49.63 -40.67
N THR G 245 52.40 50.24 -41.37
CA THR G 245 52.51 50.53 -42.79
C THR G 245 51.81 51.86 -43.06
N ASN G 246 51.92 52.33 -44.30
CA ASN G 246 51.21 53.55 -44.67
C ASN G 246 49.87 53.24 -45.33
N ASN G 247 49.50 51.96 -45.35
CA ASN G 247 48.24 51.48 -45.87
C ASN G 247 47.14 51.61 -44.82
N TYR G 248 45.91 51.36 -45.27
CA TYR G 248 44.77 51.26 -44.37
C TYR G 248 44.80 49.89 -43.67
N LEU G 249 44.44 49.89 -42.39
CA LEU G 249 44.67 48.71 -41.57
C LEU G 249 43.80 47.54 -42.01
N VAL G 250 42.54 47.82 -42.36
CA VAL G 250 41.62 46.77 -42.76
C VAL G 250 42.13 46.05 -43.99
N ASP G 251 42.95 46.72 -44.80
CA ASP G 251 43.53 46.05 -45.95
C ASP G 251 44.66 45.11 -45.57
N MET G 252 45.06 45.11 -44.30
CA MET G 252 46.14 44.27 -43.86
C MET G 252 45.67 43.14 -42.97
N ILE G 253 44.36 43.04 -42.74
CA ILE G 253 43.79 41.94 -41.97
C ILE G 253 43.55 40.76 -42.90
N LEU G 254 43.86 39.56 -42.42
CA LEU G 254 43.72 38.38 -43.25
C LEU G 254 42.29 37.86 -43.15
N ASP G 255 41.76 37.39 -44.28
CA ASP G 255 40.32 37.13 -44.41
C ASP G 255 40.00 35.67 -44.14
N ILE G 256 40.38 35.19 -42.96
CA ILE G 256 40.05 33.84 -42.52
C ILE G 256 39.34 33.99 -41.17
N ALA G 257 38.03 33.78 -41.16
CA ALA G 257 37.22 33.90 -39.95
C ALA G 257 36.12 32.85 -40.03
N GLY G 258 36.31 31.70 -39.31
CA GLY G 258 35.33 30.62 -39.29
C GLY G 258 34.16 30.89 -38.34
N ALA G 259 33.12 30.06 -38.46
CA ALA G 259 31.95 30.15 -37.58
C ALA G 259 32.28 29.69 -36.17
N LYS G 260 32.24 30.63 -35.21
CA LYS G 260 32.64 30.39 -33.83
C LYS G 260 31.40 30.33 -32.95
N GLY G 261 31.30 29.25 -32.18
CA GLY G 261 30.32 29.17 -31.10
C GLY G 261 28.91 29.43 -31.58
N THR G 262 28.27 30.44 -30.98
CA THR G 262 26.84 30.63 -31.17
C THR G 262 26.47 30.84 -32.64
N GLY G 263 27.46 31.04 -33.52
CA GLY G 263 27.16 31.24 -34.93
C GLY G 263 26.45 30.07 -35.58
N LYS G 264 27.07 28.87 -35.48
CA LYS G 264 26.50 27.68 -36.10
C LYS G 264 25.17 27.34 -35.43
N TRP G 265 25.01 27.73 -34.17
CA TRP G 265 23.87 27.28 -33.40
C TRP G 265 22.56 27.78 -33.97
N THR G 266 22.49 29.04 -34.39
CA THR G 266 21.21 29.54 -34.87
C THR G 266 20.78 28.75 -36.11
N MET G 267 21.75 28.34 -36.93
CA MET G 267 21.39 27.60 -38.14
C MET G 267 20.99 26.16 -37.84
N LEU G 268 21.67 25.50 -36.90
CA LEU G 268 21.28 24.14 -36.54
C LEU G 268 19.84 24.11 -36.08
N GLU G 269 19.42 25.14 -35.35
CA GLU G 269 18.06 25.17 -34.85
C GLU G 269 17.06 25.51 -35.93
N ALA G 270 17.45 26.38 -36.87
CA ALA G 270 16.57 26.69 -37.98
C ALA G 270 16.38 25.47 -38.87
N THR G 271 17.44 24.69 -39.08
CA THR G 271 17.31 23.48 -39.89
C THR G 271 16.40 22.47 -39.24
N GLU G 272 16.62 22.17 -37.96
CA GLU G 272 15.90 21.08 -37.31
C GLU G 272 14.40 21.37 -37.20
N ARG G 273 14.03 22.60 -36.87
CA ARG G 273 12.63 22.94 -36.70
C ARG G 273 11.94 23.33 -38.01
N GLY G 274 12.70 23.42 -39.11
CA GLY G 274 12.16 23.77 -40.42
C GLY G 274 11.73 25.23 -40.54
N ILE G 275 12.40 26.13 -39.84
CA ILE G 275 12.10 27.56 -39.90
C ILE G 275 13.18 28.20 -40.75
N PRO G 276 12.86 28.73 -41.94
CA PRO G 276 13.93 29.16 -42.86
C PRO G 276 14.59 30.47 -42.44
N CYS G 277 15.92 30.47 -42.49
CA CYS G 277 16.75 31.65 -42.23
C CYS G 277 17.86 31.73 -43.29
N PRO G 278 17.49 32.02 -44.54
CA PRO G 278 18.48 32.02 -45.63
C PRO G 278 19.52 33.13 -45.50
N THR G 279 19.18 34.28 -44.91
CA THR G 279 20.16 35.36 -44.80
C THR G 279 21.35 34.94 -43.94
N MET G 280 21.14 34.06 -42.99
CA MET G 280 22.25 33.44 -42.27
C MET G 280 22.91 32.23 -42.92
N CYS G 281 22.23 31.50 -43.78
CA CYS G 281 23.00 30.58 -44.62
C CYS G 281 24.13 31.32 -45.30
N ALA G 282 23.82 32.47 -45.87
CA ALA G 282 24.81 33.24 -46.60
C ALA G 282 25.92 33.71 -45.66
N ALA G 283 25.55 34.16 -44.46
CA ALA G 283 26.54 34.60 -43.49
C ALA G 283 27.49 33.48 -43.10
N LEU G 284 26.97 32.28 -42.83
CA LEU G 284 27.82 31.16 -42.44
C LEU G 284 28.60 30.63 -43.63
N ASP G 285 28.00 30.66 -44.82
CA ASP G 285 28.70 30.15 -45.98
C ASP G 285 29.95 30.96 -46.26
N ALA G 286 29.83 32.29 -46.18
CA ALA G 286 30.98 33.14 -46.38
C ALA G 286 32.08 32.88 -45.35
N ARG G 287 31.71 32.74 -44.07
CA ARG G 287 32.73 32.53 -43.05
C ARG G 287 33.35 31.16 -43.20
N ASN G 288 32.53 30.14 -43.36
CA ASN G 288 33.11 28.81 -43.48
C ASN G 288 33.92 28.68 -44.78
N ILE G 289 33.54 29.40 -45.83
CA ILE G 289 34.31 29.34 -47.05
C ILE G 289 35.66 30.07 -46.89
N SER G 290 35.70 31.12 -46.05
CA SER G 290 36.94 31.90 -45.93
C SER G 290 38.07 31.08 -45.35
N VAL G 291 37.76 29.97 -44.69
CA VAL G 291 38.79 29.16 -44.08
C VAL G 291 39.71 28.55 -45.13
N PHE G 292 39.16 28.22 -46.29
CA PHE G 292 39.94 27.52 -47.32
C PHE G 292 40.67 28.51 -48.22
N LYS G 293 41.57 29.28 -47.59
CA LYS G 293 42.35 30.28 -48.32
C LYS G 293 43.22 29.62 -49.37
N GLU G 294 43.87 28.52 -49.03
CA GLU G 294 44.76 27.87 -50.00
C GLU G 294 43.98 27.38 -51.20
N LEU G 295 42.76 26.89 -50.99
CA LEU G 295 41.95 26.40 -52.09
C LEU G 295 41.35 27.53 -52.91
N ARG G 296 40.95 28.62 -52.24
CA ARG G 296 40.41 29.77 -52.94
C ARG G 296 41.47 30.44 -53.81
N THR G 297 42.73 30.50 -53.35
CA THR G 297 43.75 31.14 -54.20
C THR G 297 44.05 30.27 -55.42
N LYS G 298 43.97 28.94 -55.27
CA LYS G 298 44.15 28.02 -56.40
C LYS G 298 42.96 28.09 -57.36
N ALA G 299 41.77 28.40 -56.83
CA ALA G 299 40.57 28.42 -57.66
C ALA G 299 40.53 29.63 -58.59
N GLU G 300 40.81 30.83 -58.07
CA GLU G 300 40.81 32.04 -58.91
C GLU G 300 41.96 32.04 -59.90
N SER G 301 43.08 31.41 -59.55
CA SER G 301 44.19 31.27 -60.49
C SER G 301 43.73 30.55 -61.75
N ASN G 302 42.88 29.53 -61.60
CA ASN G 302 42.40 28.73 -62.73
C ASN G 302 41.30 29.45 -63.53
N PHE G 303 40.35 30.12 -62.87
CA PHE G 303 39.24 30.82 -63.53
C PHE G 303 39.46 32.33 -63.40
N ASN G 304 40.13 32.93 -64.39
CA ASN G 304 40.17 34.38 -64.49
C ASN G 304 38.76 34.95 -64.40
N LYS G 305 38.58 36.01 -63.61
CA LYS G 305 37.31 36.74 -63.64
C LYS G 305 37.18 37.49 -64.97
N ASP G 306 35.95 37.90 -65.29
CA ASP G 306 35.66 38.38 -66.64
C ASP G 306 34.73 39.59 -66.65
N ASN G 307 34.85 40.39 -67.71
CA ASN G 307 33.98 41.51 -67.98
C ASN G 307 32.98 41.19 -69.11
N ILE G 308 32.65 39.90 -69.23
CA ILE G 308 31.81 39.38 -70.32
C ILE G 308 30.50 40.18 -70.50
N LEU G 309 29.63 40.19 -69.47
CA LEU G 309 28.28 40.79 -69.51
C LEU G 309 28.29 42.28 -69.23
N ILE G 310 29.43 42.84 -68.83
CA ILE G 310 29.48 44.21 -68.39
C ILE G 310 29.37 45.15 -69.59
N ASP G 311 28.70 46.26 -69.32
CA ASP G 311 28.33 47.24 -70.31
C ASP G 311 28.83 48.58 -69.77
N PRO G 312 29.68 49.28 -70.51
CA PRO G 312 30.16 50.59 -70.02
C PRO G 312 29.03 51.57 -69.79
N ASN G 313 28.11 51.69 -70.76
CA ASN G 313 27.00 52.64 -70.70
C ASN G 313 25.97 52.12 -69.69
N GLU G 314 26.25 52.40 -68.43
CA GLU G 314 25.22 52.25 -67.40
C GLU G 314 25.32 53.45 -66.47
N ASP G 315 24.19 54.14 -66.33
CA ASP G 315 24.17 55.30 -65.46
C ASP G 315 23.97 54.83 -64.02
N LEU G 316 24.90 55.23 -63.18
CA LEU G 316 24.96 54.81 -61.79
C LEU G 316 24.97 56.01 -60.86
N ASN G 317 24.52 57.19 -61.31
CA ASN G 317 24.62 58.37 -60.46
C ASN G 317 23.78 58.27 -59.20
N ASP G 318 22.86 57.31 -59.10
CA ASP G 318 22.07 57.11 -57.90
C ASP G 318 22.30 55.75 -57.24
N PHE G 319 23.29 54.99 -57.72
CA PHE G 319 23.56 53.64 -57.21
C PHE G 319 23.91 53.66 -55.73
N GLU G 320 24.67 54.67 -55.28
CA GLU G 320 25.01 54.76 -53.87
C GLU G 320 23.73 54.87 -53.02
N ASN G 321 22.73 55.68 -53.44
CA ASN G 321 21.48 55.63 -52.66
C ASN G 321 20.64 54.40 -52.93
N ASP G 322 20.79 53.77 -54.08
CA ASP G 322 20.08 52.52 -54.24
C ASP G 322 20.59 51.49 -53.24
N LEU G 323 21.91 51.49 -52.99
CA LEU G 323 22.54 50.60 -52.02
C LEU G 323 22.14 50.94 -50.59
N LEU G 324 22.02 52.24 -50.27
CA LEU G 324 21.54 52.63 -48.96
C LEU G 324 20.19 52.00 -48.66
N ASN G 325 19.29 52.05 -49.63
CA ASN G 325 17.95 51.49 -49.44
C ASN G 325 17.92 49.97 -49.50
N ALA G 326 18.76 49.37 -50.36
CA ALA G 326 18.86 47.92 -50.37
C ALA G 326 19.42 47.37 -49.05
N LEU G 327 20.49 47.98 -48.55
CA LEU G 327 21.05 47.53 -47.27
C LEU G 327 20.06 47.74 -46.15
N TYR G 328 19.35 48.87 -46.16
CA TYR G 328 18.35 49.10 -45.12
C TYR G 328 17.23 48.08 -45.15
N CYS G 329 16.71 47.78 -46.33
CA CYS G 329 15.59 46.86 -46.42
C CYS G 329 16.00 45.43 -46.09
N CYS G 330 17.22 45.04 -46.49
CA CYS G 330 17.70 43.72 -46.10
C CYS G 330 17.86 43.61 -44.58
N LYS G 331 18.18 44.71 -43.91
CA LYS G 331 18.26 44.67 -42.45
C LYS G 331 16.91 44.34 -41.82
N ILE G 332 15.82 44.82 -42.40
CA ILE G 332 14.51 44.41 -41.90
C ILE G 332 14.26 42.94 -42.24
N ILE G 333 14.64 42.53 -43.44
CA ILE G 333 14.41 41.15 -43.86
C ILE G 333 15.15 40.18 -42.93
N SER G 334 16.39 40.51 -42.57
CA SER G 334 17.15 39.64 -41.68
C SER G 334 16.53 39.59 -40.27
N TYR G 335 16.16 40.75 -39.72
CA TYR G 335 15.50 40.75 -38.42
C TYR G 335 14.16 40.03 -38.51
N THR G 336 13.50 40.11 -39.66
CA THR G 336 12.21 39.47 -39.84
C THR G 336 12.32 37.96 -39.67
N GLN G 337 13.36 37.35 -40.25
CA GLN G 337 13.58 35.94 -40.01
C GLN G 337 13.87 35.68 -38.54
N GLY G 338 14.71 36.52 -37.92
CA GLY G 338 15.09 36.25 -36.54
C GLY G 338 13.91 36.29 -35.59
N LEU G 339 13.08 37.32 -35.73
CA LEU G 339 11.89 37.45 -34.89
C LEU G 339 10.84 36.40 -35.23
N PHE G 340 10.83 35.92 -36.48
CA PHE G 340 9.93 34.83 -36.84
C PHE G 340 10.36 33.52 -36.18
N LEU G 341 11.66 33.20 -36.27
CA LEU G 341 12.20 32.02 -35.59
C LEU G 341 11.97 32.05 -34.09
N LEU G 342 12.21 33.20 -33.46
CA LEU G 342 11.94 33.34 -32.03
C LEU G 342 10.47 33.10 -31.73
N LYS G 343 9.59 33.64 -32.57
CA LYS G 343 8.15 33.52 -32.31
C LYS G 343 7.69 32.07 -32.45
N GLN G 344 8.17 31.37 -33.48
CA GLN G 344 7.72 29.99 -33.64
C GLN G 344 8.22 29.12 -32.49
N VAL G 345 9.48 29.30 -32.07
CA VAL G 345 10.05 28.49 -31.00
C VAL G 345 9.43 28.83 -29.65
N SER G 346 9.09 30.09 -29.41
CA SER G 346 8.40 30.42 -28.17
C SER G 346 7.08 29.67 -28.09
N GLU G 347 6.46 29.37 -29.24
CA GLU G 347 5.25 28.56 -29.23
C GLU G 347 5.57 27.08 -29.05
N GLU G 348 6.64 26.58 -29.67
CA GLU G 348 7.01 25.17 -29.52
C GLU G 348 7.50 24.83 -28.12
N MET G 349 7.97 25.80 -27.34
CA MET G 349 8.47 25.56 -25.99
C MET G 349 7.58 26.14 -24.90
N ASN G 350 6.46 26.76 -25.24
CA ASN G 350 5.59 27.43 -24.27
C ASN G 350 6.37 28.47 -23.45
N TRP G 351 7.13 29.33 -24.15
CA TRP G 351 7.96 30.35 -23.49
C TRP G 351 7.23 31.67 -23.22
N LYS G 352 6.21 32.02 -24.02
CA LYS G 352 5.46 33.26 -23.84
C LYS G 352 6.37 34.47 -23.99
N LEU G 353 7.36 34.35 -24.89
CA LEU G 353 8.30 35.43 -25.07
C LEU G 353 7.60 36.68 -25.59
N ASN G 354 8.00 37.82 -25.06
CA ASN G 354 7.43 39.12 -25.42
C ASN G 354 8.41 39.82 -26.36
N LEU G 355 8.20 39.63 -27.67
CA LEU G 355 9.12 40.18 -28.67
C LEU G 355 9.09 41.69 -28.71
N GLY G 356 8.03 42.30 -28.16
CA GLY G 356 8.05 43.75 -27.97
C GLY G 356 9.06 44.20 -26.94
N GLU G 357 9.18 43.45 -25.84
CA GLU G 357 10.11 43.83 -24.79
C GLU G 357 11.54 43.43 -25.15
N ILE G 358 11.72 42.33 -25.88
CA ILE G 358 13.05 41.96 -26.36
C ILE G 358 13.62 43.01 -27.31
N ALA G 359 12.79 43.54 -28.21
CA ALA G 359 13.25 44.63 -29.08
C ALA G 359 13.61 45.85 -28.25
N ARG G 360 12.79 46.13 -27.22
CA ARG G 360 13.03 47.28 -26.37
C ARG G 360 14.39 47.19 -25.68
N ILE G 361 14.78 45.99 -25.22
CA ILE G 361 16.04 45.89 -24.48
C ILE G 361 17.22 45.94 -25.43
N TRP G 362 16.99 45.77 -26.74
CA TRP G 362 18.08 45.81 -27.70
C TRP G 362 18.42 47.21 -28.21
N ARG G 363 17.76 48.26 -27.71
CA ARG G 363 18.03 49.61 -28.19
C ARG G 363 19.37 50.15 -27.68
N GLY G 364 19.84 49.64 -26.56
CA GLY G 364 21.14 50.04 -26.08
C GLY G 364 21.90 48.83 -25.59
N GLY G 365 23.21 49.01 -25.48
CA GLY G 365 23.99 47.90 -24.96
C GLY G 365 24.38 46.85 -25.98
N CYS G 366 23.43 46.29 -26.72
CA CYS G 366 23.81 45.17 -27.56
C CYS G 366 24.47 45.64 -28.86
N ILE G 367 24.97 44.66 -29.61
CA ILE G 367 25.69 44.95 -30.85
C ILE G 367 24.72 45.30 -31.97
N ILE G 368 23.52 44.71 -31.96
CA ILE G 368 22.60 44.88 -33.08
C ILE G 368 21.68 46.08 -32.85
N ARG G 369 22.10 47.05 -32.04
CA ARG G 369 21.23 48.19 -31.79
C ARG G 369 21.10 49.03 -33.07
N ALA G 370 19.94 49.64 -33.22
CA ALA G 370 19.52 50.26 -34.46
C ALA G 370 18.34 51.17 -34.16
N VAL G 371 18.21 52.24 -34.93
CA VAL G 371 17.07 53.13 -34.71
C VAL G 371 15.75 52.42 -34.97
N PHE G 372 15.70 51.60 -36.03
CA PHE G 372 14.44 50.98 -36.45
C PHE G 372 13.85 50.05 -35.39
N LEU G 373 14.67 49.42 -34.55
CA LEU G 373 14.11 48.47 -33.60
C LEU G 373 13.29 49.15 -32.52
N ASP G 374 13.39 50.47 -32.36
CA ASP G 374 12.44 51.13 -31.48
C ASP G 374 11.02 51.05 -32.05
N ARG G 375 10.91 51.11 -33.39
CA ARG G 375 9.59 50.96 -34.02
C ARG G 375 9.13 49.51 -34.05
N ILE G 376 10.08 48.56 -34.08
CA ILE G 376 9.72 47.17 -33.89
C ILE G 376 8.98 46.98 -32.58
N ALA G 377 9.41 47.69 -31.54
CA ALA G 377 8.78 47.50 -30.24
C ALA G 377 7.30 47.84 -30.29
N ASN G 378 6.97 49.01 -30.84
CA ASN G 378 5.58 49.48 -30.91
C ASN G 378 4.76 48.68 -31.92
N ALA G 379 5.43 48.16 -32.95
CA ALA G 379 4.75 47.32 -33.91
C ALA G 379 4.16 46.09 -33.24
N TYR G 380 4.91 45.47 -32.31
CA TYR G 380 4.49 44.27 -31.58
C TYR G 380 3.58 44.58 -30.39
N LYS G 381 3.62 45.80 -29.84
CA LYS G 381 2.66 46.16 -28.80
C LYS G 381 1.30 46.48 -29.41
N ASN G 382 1.29 47.13 -30.59
CA ASN G 382 0.09 47.13 -31.45
C ASN G 382 -0.49 45.76 -31.70
N ASN G 383 0.30 44.83 -32.17
CA ASN G 383 -0.23 43.57 -32.68
C ASN G 383 0.54 42.42 -32.03
N GLU G 384 -0.05 41.87 -30.97
CA GLU G 384 0.59 40.78 -30.26
C GLU G 384 0.58 39.48 -31.06
N LYS G 385 -0.19 39.41 -32.15
CA LYS G 385 -0.28 38.22 -32.99
C LYS G 385 0.56 38.35 -34.26
N LEU G 386 1.45 39.32 -34.33
CA LEU G 386 2.18 39.56 -35.57
C LEU G 386 3.19 38.45 -35.80
N GLU G 387 3.22 37.91 -37.02
CA GLU G 387 4.11 36.81 -37.34
C GLU G 387 5.32 37.26 -38.13
N LEU G 388 5.15 38.03 -39.20
CA LEU G 388 6.27 38.59 -39.92
C LEU G 388 6.35 40.09 -39.69
N LEU G 389 7.56 40.61 -39.45
CA LEU G 389 7.64 42.00 -39.05
C LEU G 389 7.33 42.93 -40.22
N PHE G 390 7.76 42.58 -41.43
CA PHE G 390 7.50 43.49 -42.52
C PHE G 390 6.05 43.45 -43.02
N LEU G 391 5.16 42.69 -42.36
CA LEU G 391 3.75 42.76 -42.71
C LEU G 391 2.99 43.79 -41.88
N ASP G 392 3.61 44.36 -40.85
CA ASP G 392 3.01 45.45 -40.11
C ASP G 392 2.98 46.72 -40.96
N ASN G 393 2.07 47.62 -40.60
CA ASN G 393 1.78 48.78 -41.43
C ASN G 393 3.01 49.68 -41.63
N GLU G 394 3.70 50.03 -40.54
CA GLU G 394 4.80 50.99 -40.67
C GLU G 394 5.97 50.45 -41.49
N PHE G 395 6.07 49.14 -41.62
CA PHE G 395 7.15 48.51 -42.38
C PHE G 395 6.75 48.12 -43.80
N SER G 396 5.47 47.85 -44.04
CA SER G 396 5.00 47.46 -45.38
C SER G 396 5.37 48.51 -46.41
N ASP G 397 5.09 49.78 -46.10
CA ASP G 397 5.37 50.90 -47.01
C ASP G 397 6.87 51.12 -47.17
N ASP G 398 7.64 50.99 -46.08
CA ASP G 398 9.10 51.06 -46.17
C ASP G 398 9.65 50.05 -47.16
N ILE G 399 9.14 48.84 -47.12
CA ILE G 399 9.61 47.80 -48.01
C ILE G 399 9.32 48.21 -49.44
N LYS G 400 8.02 48.26 -49.79
CA LYS G 400 7.55 48.76 -51.07
C LYS G 400 8.42 49.88 -51.66
N ASN G 401 8.87 50.83 -50.82
CA ASN G 401 9.69 51.93 -51.33
C ASN G 401 11.03 51.44 -51.86
N LYS G 402 11.67 50.51 -51.17
CA LYS G 402 13.08 50.19 -51.41
C LYS G 402 13.33 48.95 -52.25
N LEU G 403 12.31 48.19 -52.62
CA LEU G 403 12.58 46.93 -53.31
C LEU G 403 13.12 47.11 -54.71
N PRO G 404 12.71 48.09 -55.52
CA PRO G 404 13.39 48.28 -56.80
C PRO G 404 14.86 48.58 -56.62
N SER G 405 15.23 49.30 -55.55
CA SER G 405 16.64 49.56 -55.29
C SER G 405 17.39 48.25 -55.10
N LEU G 406 16.82 47.33 -54.32
CA LEU G 406 17.52 46.09 -53.97
C LEU G 406 17.91 45.23 -55.19
N ARG G 407 17.02 45.07 -56.18
CA ARG G 407 17.40 44.22 -57.32
C ARG G 407 18.38 44.90 -58.25
N LYS G 408 18.36 46.24 -58.33
CA LYS G 408 19.42 46.88 -59.09
C LYS G 408 20.77 46.49 -58.52
N ILE G 409 20.91 46.52 -57.19
CA ILE G 409 22.14 46.04 -56.54
C ILE G 409 22.43 44.59 -56.89
N VAL G 410 21.41 43.72 -56.87
CA VAL G 410 21.63 42.33 -57.27
C VAL G 410 21.98 42.26 -58.75
N LEU G 411 21.30 43.08 -59.55
CA LEU G 411 21.50 43.08 -61.00
C LEU G 411 22.92 43.49 -61.36
N MET G 412 23.41 44.56 -60.76
CA MET G 412 24.71 45.07 -61.16
C MET G 412 25.82 44.22 -60.58
N ALA G 413 25.61 43.70 -59.37
CA ALA G 413 26.59 42.84 -58.73
C ALA G 413 26.70 41.53 -59.47
N THR G 414 25.57 41.03 -59.99
CA THR G 414 25.56 39.87 -60.89
C THR G 414 26.30 40.15 -62.17
N LYS G 415 26.10 41.34 -62.75
CA LYS G 415 26.84 41.68 -63.97
C LYS G 415 28.35 41.65 -63.76
N TYR G 416 28.81 42.04 -62.58
CA TYR G 416 30.23 42.25 -62.31
C TYR G 416 30.87 41.08 -61.59
N SER G 417 30.22 39.92 -61.52
CA SER G 417 30.78 38.72 -60.90
C SER G 417 31.21 39.01 -59.46
N ILE G 418 30.39 39.76 -58.75
CA ILE G 418 30.62 40.08 -57.33
C ILE G 418 29.78 39.16 -56.48
N PRO G 419 30.38 38.38 -55.57
CA PRO G 419 29.59 37.49 -54.71
C PRO G 419 28.84 38.26 -53.64
N ILE G 420 27.52 38.16 -53.67
CA ILE G 420 26.64 38.80 -52.68
C ILE G 420 25.59 37.79 -52.19
N PRO G 421 25.99 36.74 -51.46
CA PRO G 421 25.01 35.75 -51.00
C PRO G 421 23.96 36.28 -50.03
N ALA G 422 24.31 37.23 -49.15
CA ALA G 422 23.30 37.72 -48.22
C ALA G 422 22.23 38.53 -48.93
N PHE G 423 22.63 39.38 -49.89
CA PHE G 423 21.68 40.16 -50.67
C PHE G 423 20.80 39.25 -51.54
N SER G 424 21.40 38.22 -52.16
CA SER G 424 20.62 37.29 -52.98
C SER G 424 19.62 36.51 -52.13
N ALA G 425 20.08 36.03 -50.96
CA ALA G 425 19.22 35.25 -50.08
C ALA G 425 18.07 36.10 -49.52
N SER G 426 18.34 37.35 -49.16
CA SER G 426 17.29 38.21 -48.61
C SER G 426 16.23 38.53 -49.66
N LEU G 427 16.65 38.68 -50.91
CA LEU G 427 15.68 38.99 -51.97
C LEU G 427 14.85 37.75 -52.30
N ALA G 428 15.51 36.60 -52.52
CA ALA G 428 14.81 35.34 -52.77
C ALA G 428 13.92 34.95 -51.60
N TYR G 429 14.38 35.24 -50.37
CA TYR G 429 13.53 35.00 -49.21
C TYR G 429 12.24 35.80 -49.31
N PHE G 430 12.38 37.11 -49.60
CA PHE G 430 11.20 37.97 -49.65
C PHE G 430 10.21 37.52 -50.72
N GLN G 431 10.71 37.11 -51.89
CA GLN G 431 9.81 36.76 -52.99
C GLN G 431 9.07 35.45 -52.72
N MET G 432 9.73 34.49 -52.04
CA MET G 432 9.08 33.23 -51.68
C MET G 432 8.07 33.41 -50.57
N VAL G 433 8.39 34.23 -49.58
CA VAL G 433 7.46 34.43 -48.50
C VAL G 433 6.23 35.17 -48.97
N THR G 434 6.33 35.87 -50.09
CA THR G 434 5.24 36.70 -50.59
C THR G 434 4.54 36.15 -51.82
N SER G 435 4.79 34.90 -52.20
CA SER G 435 4.10 34.31 -53.34
C SER G 435 3.20 33.17 -52.87
N GLN G 436 1.89 33.32 -53.11
CA GLN G 436 0.88 32.35 -52.68
C GLN G 436 1.10 30.96 -53.27
N ASN G 437 1.60 30.89 -54.49
CA ASN G 437 1.82 29.61 -55.16
C ASN G 437 3.30 29.50 -55.53
N LEU G 438 3.96 28.45 -55.04
CA LEU G 438 5.34 28.14 -55.29
C LEU G 438 5.45 26.85 -56.08
N PRO G 439 6.57 26.62 -56.79
CA PRO G 439 6.64 25.41 -57.64
C PRO G 439 6.85 24.11 -56.85
N LEU G 440 6.53 24.14 -55.56
CA LEU G 440 6.62 22.88 -54.81
C LEU G 440 5.49 21.92 -55.18
N ASN G 441 4.50 22.39 -55.95
CA ASN G 441 3.53 21.46 -56.51
C ASN G 441 4.22 20.48 -57.48
N LEU G 442 5.23 20.96 -58.20
CA LEU G 442 5.99 20.09 -59.09
C LEU G 442 6.85 19.09 -58.33
N VAL G 443 7.44 19.49 -57.19
CA VAL G 443 8.30 18.58 -56.42
C VAL G 443 7.47 17.46 -55.78
N GLN G 444 6.27 17.81 -55.29
CA GLN G 444 5.38 16.78 -54.76
C GLN G 444 5.09 15.74 -55.82
N ALA G 445 4.94 16.18 -57.08
CA ALA G 445 4.68 15.26 -58.18
C ALA G 445 5.88 14.34 -58.43
N GLN G 446 7.09 14.90 -58.44
CA GLN G 446 8.27 14.07 -58.62
C GLN G 446 8.39 13.07 -57.49
N ARG G 447 8.08 13.50 -56.27
CA ARG G 447 8.22 12.59 -55.13
C ARG G 447 7.21 11.46 -55.23
N ASP G 448 5.99 11.78 -55.69
CA ASP G 448 4.98 10.74 -55.90
C ASP G 448 5.39 9.83 -57.05
N TYR G 449 6.07 10.39 -58.05
CA TYR G 449 6.51 9.59 -59.17
C TYR G 449 7.42 8.45 -58.72
N PHE G 450 8.52 8.77 -58.04
CA PHE G 450 9.53 7.75 -57.73
C PHE G 450 9.36 7.14 -56.35
N GLY G 451 8.66 7.80 -55.42
CA GLY G 451 8.57 7.27 -54.08
C GLY G 451 7.17 6.94 -53.62
N SER G 452 6.17 7.37 -54.40
CA SER G 452 4.75 7.24 -54.05
C SER G 452 4.46 7.95 -52.73
N HIS G 453 5.17 9.04 -52.46
CA HIS G 453 5.05 9.71 -51.18
C HIS G 453 3.73 10.46 -51.03
N THR G 454 2.84 10.40 -52.03
CA THR G 454 1.50 10.96 -51.95
C THR G 454 1.46 12.49 -51.91
N TYR G 455 0.32 13.08 -52.31
CA TYR G 455 0.16 14.53 -52.34
C TYR G 455 -1.28 14.87 -52.00
N ARG G 456 -1.54 16.15 -51.81
CA ARG G 456 -2.91 16.63 -51.61
C ARG G 456 -3.27 17.57 -52.76
N ARG G 457 -4.57 17.82 -52.96
CA ARG G 457 -5.04 18.57 -54.12
C ARG G 457 -5.54 19.96 -53.71
N THR G 458 -5.73 20.81 -54.73
CA THR G 458 -6.29 22.15 -54.56
C THR G 458 -7.79 22.12 -54.34
N ASP G 459 -8.49 21.25 -55.08
CA ASP G 459 -9.95 21.23 -55.13
C ASP G 459 -10.56 20.33 -54.08
N ARG G 460 -9.90 19.25 -53.73
CA ARG G 460 -10.55 18.24 -52.90
C ARG G 460 -9.60 17.76 -51.80
N GLU G 461 -10.21 17.23 -50.72
CA GLU G 461 -9.50 16.73 -49.55
C GLU G 461 -8.89 15.35 -49.82
N GLY G 462 -7.95 14.96 -48.96
CA GLY G 462 -7.42 13.61 -48.94
C GLY G 462 -6.06 13.49 -49.61
N ASN G 463 -5.49 12.29 -49.48
CA ASN G 463 -4.20 11.96 -50.04
C ASN G 463 -4.38 11.22 -51.36
N TYR G 464 -3.52 11.54 -52.33
CA TYR G 464 -3.67 11.01 -53.68
C TYR G 464 -2.36 10.48 -54.22
N HIS G 465 -2.45 9.34 -54.90
CA HIS G 465 -1.38 8.74 -55.67
C HIS G 465 -1.86 8.62 -57.10
N THR G 466 -0.97 8.90 -58.04
CA THR G 466 -1.24 8.82 -59.47
C THR G 466 -0.26 7.84 -60.11
N LEU G 467 -0.69 7.08 -61.11
CA LEU G 467 0.26 6.27 -61.86
C LEU G 467 0.70 7.10 -63.06
N TRP G 468 1.96 7.53 -63.07
CA TRP G 468 2.42 8.43 -64.14
C TRP G 468 2.89 7.54 -65.28
N MET H 1 17.13 -23.75 -45.59
CA MET H 1 16.90 -23.89 -47.02
C MET H 1 16.92 -22.59 -47.82
N CYS H 2 17.20 -21.47 -47.15
CA CYS H 2 17.09 -20.13 -47.72
C CYS H 2 18.44 -19.44 -47.87
N ASP H 3 18.60 -18.72 -48.98
CA ASP H 3 19.84 -17.98 -49.17
C ASP H 3 19.89 -16.75 -48.27
N ILE H 4 18.78 -16.02 -48.15
CA ILE H 4 18.77 -14.73 -47.48
C ILE H 4 17.36 -14.45 -47.01
N GLY H 5 17.24 -13.71 -45.91
CA GLY H 5 15.94 -13.33 -45.39
C GLY H 5 15.74 -11.84 -45.46
N LEU H 6 14.49 -11.41 -45.42
CA LEU H 6 14.16 -10.00 -45.52
C LEU H 6 12.98 -9.66 -44.61
N ILE H 7 13.11 -8.60 -43.81
CA ILE H 7 12.09 -8.21 -42.85
C ILE H 7 11.55 -6.84 -43.23
N GLY H 8 10.24 -6.73 -43.30
CA GLY H 8 9.64 -5.46 -43.69
C GLY H 8 9.17 -5.48 -45.13
N LEU H 9 7.86 -5.54 -45.34
CA LEU H 9 7.29 -5.71 -46.66
C LEU H 9 6.32 -4.58 -46.95
N ALA H 10 6.85 -3.37 -47.13
CA ALA H 10 6.07 -2.37 -47.82
C ALA H 10 6.27 -2.76 -49.27
N VAL H 11 5.82 -1.94 -50.21
CA VAL H 11 5.92 -2.38 -51.60
C VAL H 11 7.39 -2.46 -52.01
N MET H 12 8.23 -1.60 -51.44
CA MET H 12 9.66 -1.66 -51.70
C MET H 12 10.24 -2.97 -51.23
N GLY H 13 9.85 -3.42 -50.03
CA GLY H 13 10.34 -4.68 -49.53
C GLY H 13 9.91 -5.86 -50.38
N GLN H 14 8.65 -5.89 -50.82
CA GLN H 14 8.24 -7.01 -51.68
C GLN H 14 8.94 -6.94 -53.04
N ASN H 15 9.01 -5.75 -53.64
CA ASN H 15 9.66 -5.61 -54.94
C ASN H 15 11.11 -6.07 -54.88
N LEU H 16 11.83 -5.68 -53.84
CA LEU H 16 13.20 -6.14 -53.73
C LEU H 16 13.25 -7.65 -53.51
N SER H 17 12.25 -8.21 -52.83
CA SER H 17 12.20 -9.66 -52.68
C SER H 17 11.98 -10.35 -54.02
N LEU H 18 11.06 -9.82 -54.83
CA LEU H 18 10.86 -10.43 -56.12
C LEU H 18 12.11 -10.34 -56.98
N ASN H 19 12.87 -9.26 -56.82
CA ASN H 19 14.13 -9.12 -57.55
C ASN H 19 15.14 -10.15 -57.08
N ILE H 20 15.24 -10.39 -55.77
CA ILE H 20 16.26 -11.33 -55.30
C ILE H 20 15.96 -12.75 -55.80
N SER H 21 14.67 -13.12 -55.87
CA SER H 21 14.30 -14.44 -56.37
C SER H 21 14.48 -14.54 -57.88
N SER H 22 14.35 -13.41 -58.59
CA SER H 22 14.53 -13.41 -60.04
C SER H 22 15.92 -13.86 -60.44
N LYS H 23 16.90 -13.78 -59.54
CA LYS H 23 18.27 -14.17 -59.82
C LYS H 23 18.60 -15.52 -59.17
N GLY H 24 17.57 -16.28 -58.80
CA GLY H 24 17.75 -17.64 -58.33
C GLY H 24 18.12 -17.79 -56.88
N PHE H 25 17.75 -16.84 -56.02
CA PHE H 25 18.10 -16.86 -54.60
C PHE H 25 16.85 -17.15 -53.80
N LYS H 26 16.79 -18.32 -53.18
CA LYS H 26 15.66 -18.69 -52.34
C LYS H 26 15.57 -17.72 -51.16
N ILE H 27 14.63 -16.78 -51.21
CA ILE H 27 14.50 -15.73 -50.21
C ILE H 27 13.32 -16.02 -49.29
N GLY H 28 13.58 -16.04 -47.98
CA GLY H 28 12.52 -16.06 -46.99
C GLY H 28 12.16 -14.65 -46.59
N VAL H 29 10.90 -14.46 -46.17
CA VAL H 29 10.30 -13.14 -46.07
C VAL H 29 9.36 -13.07 -44.86
N TYR H 30 9.40 -11.94 -44.14
CA TYR H 30 8.59 -11.74 -42.94
C TYR H 30 8.02 -10.33 -42.87
N ASN H 31 6.83 -10.20 -42.30
CA ASN H 31 6.20 -8.91 -42.01
C ASN H 31 5.28 -9.08 -40.79
N ARG H 32 5.29 -8.10 -39.89
CA ARG H 32 4.50 -8.20 -38.65
C ARG H 32 3.01 -8.31 -38.96
N THR H 33 2.52 -7.47 -39.86
CA THR H 33 1.21 -7.68 -40.45
C THR H 33 1.28 -8.78 -41.51
N TYR H 34 0.73 -9.96 -41.20
CA TYR H 34 0.92 -11.13 -42.07
C TYR H 34 0.19 -10.97 -43.39
N GLU H 35 -0.85 -10.15 -43.43
CA GLU H 35 -1.62 -10.00 -44.66
C GLU H 35 -0.75 -9.49 -45.81
N ARG H 36 0.25 -8.65 -45.51
CA ARG H 36 1.20 -8.19 -46.52
C ARG H 36 2.11 -9.33 -46.98
N THR H 37 2.44 -10.26 -46.08
CA THR H 37 3.23 -11.43 -46.48
C THR H 37 2.48 -12.24 -47.53
N GLU H 38 1.18 -12.42 -47.33
CA GLU H 38 0.41 -13.22 -48.27
C GLU H 38 0.29 -12.51 -49.62
N GLU H 39 0.18 -11.19 -49.60
CA GLU H 39 0.18 -10.46 -50.86
C GLU H 39 1.53 -10.58 -51.56
N THR H 40 2.61 -10.67 -50.80
CA THR H 40 3.91 -10.89 -51.43
C THR H 40 3.99 -12.26 -52.09
N MET H 41 3.49 -13.30 -51.41
CA MET H 41 3.51 -14.61 -52.05
C MET H 41 2.59 -14.66 -53.26
N LYS H 42 1.51 -13.86 -53.27
CA LYS H 42 0.61 -13.86 -54.42
C LYS H 42 1.31 -13.33 -55.66
N ARG H 43 1.83 -12.10 -55.61
CA ARG H 43 2.55 -11.56 -56.76
C ARG H 43 3.77 -12.41 -57.10
N ALA H 44 4.45 -12.95 -56.09
CA ALA H 44 5.51 -13.91 -56.35
C ALA H 44 5.03 -15.09 -57.17
N LYS H 45 3.76 -15.47 -57.02
CA LYS H 45 3.22 -16.66 -57.68
C LYS H 45 2.76 -16.33 -59.10
N GLU H 46 2.21 -15.14 -59.31
CA GLU H 46 1.79 -14.76 -60.65
C GLU H 46 3.00 -14.51 -61.55
N GLU H 47 3.97 -13.71 -61.07
CA GLU H 47 5.25 -13.72 -61.77
C GLU H 47 6.17 -14.83 -61.30
N ASN H 48 5.62 -15.93 -60.81
CA ASN H 48 6.21 -17.28 -60.91
C ASN H 48 7.61 -17.43 -60.30
N LEU H 49 7.80 -16.86 -59.11
CA LEU H 49 9.05 -16.92 -58.36
C LEU H 49 8.76 -17.54 -57.01
N VAL H 50 9.80 -18.02 -56.34
CA VAL H 50 9.64 -18.70 -55.05
C VAL H 50 10.11 -17.80 -53.92
N VAL H 51 9.21 -17.43 -53.02
CA VAL H 51 9.52 -16.71 -51.80
C VAL H 51 8.80 -17.43 -50.65
N TYR H 52 9.56 -17.83 -49.64
CA TYR H 52 8.94 -18.51 -48.50
C TYR H 52 8.48 -17.45 -47.51
N GLY H 53 7.16 -17.44 -47.19
CA GLY H 53 6.60 -16.46 -46.28
C GLY H 53 6.46 -17.07 -44.89
N TYR H 54 6.88 -16.30 -43.88
CA TYR H 54 6.86 -16.74 -42.51
C TYR H 54 6.06 -15.79 -41.63
N LYS H 55 5.47 -16.35 -40.56
CA LYS H 55 4.53 -15.65 -39.72
C LYS H 55 5.20 -14.98 -38.54
N THR H 56 6.39 -15.43 -38.21
CA THR H 56 7.22 -14.96 -37.12
C THR H 56 8.64 -14.73 -37.57
N VAL H 57 9.31 -13.83 -36.85
CA VAL H 57 10.70 -13.53 -37.13
C VAL H 57 11.56 -14.77 -37.01
N GLU H 58 11.42 -15.46 -35.87
CA GLU H 58 12.25 -16.64 -35.56
C GLU H 58 12.01 -17.82 -36.48
N GLU H 59 10.77 -18.01 -36.97
CA GLU H 59 10.59 -19.14 -37.88
C GLU H 59 11.34 -18.88 -39.18
N LEU H 60 11.46 -17.60 -39.54
CA LEU H 60 12.25 -17.20 -40.70
C LEU H 60 13.74 -17.41 -40.47
N ILE H 61 14.25 -17.08 -39.27
CA ILE H 61 15.68 -17.21 -39.01
C ILE H 61 16.12 -18.68 -39.09
N ASN H 62 15.27 -19.59 -38.64
CA ASN H 62 15.62 -21.00 -38.58
C ASN H 62 15.66 -21.68 -39.94
N ASN H 63 15.41 -20.97 -41.03
CA ASN H 63 15.53 -21.53 -42.37
C ASN H 63 16.64 -20.88 -43.19
N LEU H 64 17.57 -20.18 -42.55
CA LEU H 64 18.63 -19.48 -43.28
C LEU H 64 19.92 -20.28 -43.25
N LYS H 65 20.52 -20.44 -44.44
CA LYS H 65 21.86 -21.02 -44.54
C LYS H 65 22.86 -20.21 -43.74
N LYS H 66 23.64 -20.89 -42.89
CA LYS H 66 24.77 -20.23 -42.29
C LYS H 66 25.79 -19.83 -43.36
N PRO H 67 26.39 -18.62 -43.25
CA PRO H 67 26.02 -17.61 -42.26
C PRO H 67 24.67 -16.98 -42.60
N ARG H 68 23.80 -16.79 -41.61
CA ARG H 68 22.49 -16.23 -41.87
C ARG H 68 22.60 -14.75 -42.22
N LYS H 69 21.79 -14.34 -43.20
CA LYS H 69 21.79 -12.99 -43.72
C LYS H 69 20.35 -12.51 -43.76
N VAL H 70 20.06 -11.41 -43.10
CA VAL H 70 18.71 -10.85 -43.08
C VAL H 70 18.77 -9.38 -43.47
N ILE H 71 17.86 -8.95 -44.33
CA ILE H 71 17.74 -7.55 -44.74
C ILE H 71 16.64 -6.88 -43.95
N LEU H 72 16.87 -5.66 -43.49
CA LEU H 72 15.85 -4.95 -42.76
C LEU H 72 15.38 -3.74 -43.56
N LEU H 73 14.07 -3.64 -43.74
CA LEU H 73 13.42 -2.53 -44.44
C LEU H 73 12.22 -2.06 -43.62
N ILE H 74 12.51 -1.71 -42.36
CA ILE H 74 11.56 -1.20 -41.38
C ILE H 74 11.72 0.31 -41.33
N LYS H 75 10.62 1.03 -41.20
CA LYS H 75 10.72 2.49 -41.12
C LYS H 75 11.42 2.91 -39.83
N ALA H 76 12.20 3.98 -39.92
CA ALA H 76 13.08 4.40 -38.83
C ALA H 76 12.28 4.67 -37.57
N GLY H 77 12.82 4.23 -36.43
CA GLY H 77 12.15 4.35 -35.16
C GLY H 77 12.55 3.23 -34.23
N PRO H 78 11.80 3.05 -33.16
CA PRO H 78 12.13 1.99 -32.18
C PRO H 78 11.95 0.56 -32.73
N ALA H 79 11.12 0.39 -33.76
CA ALA H 79 10.88 -0.92 -34.35
C ALA H 79 12.15 -1.49 -34.96
N VAL H 80 13.06 -0.63 -35.42
CA VAL H 80 14.32 -1.11 -35.95
C VAL H 80 15.13 -1.78 -34.83
N ASP H 81 15.18 -1.12 -33.66
CA ASP H 81 15.95 -1.65 -32.54
C ASP H 81 15.29 -2.87 -31.93
N GLU H 82 13.95 -2.92 -31.92
CA GLU H 82 13.28 -4.10 -31.40
C GLU H 82 13.63 -5.31 -32.26
N ASN H 83 13.56 -5.16 -33.59
CA ASN H 83 13.89 -6.27 -34.47
C ASN H 83 15.34 -6.71 -34.31
N ILE H 84 16.27 -5.76 -34.22
CA ILE H 84 17.69 -6.13 -34.10
C ILE H 84 17.93 -6.89 -32.81
N SER H 85 17.27 -6.45 -31.72
CA SER H 85 17.40 -7.14 -30.44
C SER H 85 16.89 -8.58 -30.53
N ASN H 86 15.73 -8.77 -31.17
CA ASN H 86 15.18 -10.12 -31.30
C ASN H 86 16.06 -10.97 -32.19
N ILE H 87 16.64 -10.37 -33.22
CA ILE H 87 17.50 -11.09 -34.14
C ILE H 87 18.75 -11.58 -33.42
N LEU H 88 19.29 -10.73 -32.53
CA LEU H 88 20.52 -11.05 -31.83
C LEU H 88 20.36 -12.22 -30.87
N LYS H 89 19.15 -12.50 -30.37
CA LYS H 89 18.95 -13.70 -29.55
C LYS H 89 18.93 -14.97 -30.40
N HIS H 90 18.86 -14.87 -31.72
CA HIS H 90 18.96 -16.09 -32.51
C HIS H 90 20.13 -16.15 -33.50
N PHE H 91 20.88 -15.08 -33.70
CA PHE H 91 22.05 -15.22 -34.55
C PHE H 91 23.22 -15.70 -33.71
N GLU H 92 24.21 -16.27 -34.37
CA GLU H 92 25.49 -16.54 -33.72
C GLU H 92 26.62 -15.92 -34.53
N LYS H 93 27.84 -16.07 -34.00
CA LYS H 93 28.99 -15.36 -34.55
C LYS H 93 29.10 -15.61 -36.05
N GLY H 94 29.46 -14.55 -36.80
CA GLY H 94 29.63 -14.66 -38.23
C GLY H 94 28.38 -14.36 -39.04
N ASP H 95 27.21 -14.34 -38.42
CA ASP H 95 25.98 -14.00 -39.12
C ASP H 95 25.91 -12.50 -39.41
N ILE H 96 25.06 -12.12 -40.36
CA ILE H 96 25.06 -10.76 -40.90
C ILE H 96 23.67 -10.16 -40.84
N ILE H 97 23.59 -8.92 -40.35
CA ILE H 97 22.37 -8.13 -40.32
C ILE H 97 22.59 -6.96 -41.25
N ILE H 98 21.62 -6.70 -42.14
CA ILE H 98 21.71 -5.64 -43.14
C ILE H 98 20.51 -4.72 -42.99
N ASP H 99 20.78 -3.50 -42.54
CA ASP H 99 19.77 -2.46 -42.46
C ASP H 99 19.80 -1.68 -43.76
N GLY H 100 18.65 -1.59 -44.42
CA GLY H 100 18.52 -0.93 -45.71
C GLY H 100 17.78 0.38 -45.67
N GLY H 101 17.33 0.79 -44.47
CA GLY H 101 16.62 2.04 -44.33
C GLY H 101 17.53 3.24 -44.41
N ASN H 102 16.92 4.40 -44.61
CA ASN H 102 17.69 5.63 -44.57
C ASN H 102 17.89 6.00 -43.10
N GLU H 103 19.08 5.73 -42.56
CA GLU H 103 19.33 5.92 -41.14
C GLU H 103 20.33 7.06 -40.92
N TRP H 104 20.11 7.78 -39.82
CA TRP H 104 21.09 8.70 -39.29
C TRP H 104 22.34 7.92 -38.87
N TYR H 105 23.50 8.34 -39.38
CA TYR H 105 24.70 7.51 -39.31
C TYR H 105 25.12 7.22 -37.88
N ILE H 106 24.82 8.11 -36.94
CA ILE H 106 25.17 7.85 -35.53
C ILE H 106 24.39 6.63 -35.02
N ASN H 107 23.11 6.52 -35.40
CA ASN H 107 22.33 5.37 -34.98
C ASN H 107 22.93 4.07 -35.49
N SER H 108 23.37 4.05 -36.75
CA SER H 108 23.98 2.83 -37.26
C SER H 108 25.29 2.54 -36.54
N GLU H 109 26.10 3.58 -36.29
CA GLU H 109 27.35 3.35 -35.60
C GLU H 109 27.11 2.72 -34.23
N ARG H 110 26.05 3.14 -33.54
CA ARG H 110 25.72 2.56 -32.23
C ARG H 110 25.29 1.11 -32.36
N ARG H 111 24.51 0.79 -33.41
CA ARG H 111 24.07 -0.59 -33.58
C ARG H 111 25.22 -1.49 -34.00
N ILE H 112 26.17 -0.97 -34.78
CA ILE H 112 27.30 -1.80 -35.16
C ILE H 112 28.00 -2.29 -33.90
N LYS H 113 28.25 -1.36 -32.96
CA LYS H 113 28.95 -1.71 -31.72
C LYS H 113 28.19 -2.80 -30.95
N LEU H 114 26.91 -2.54 -30.66
CA LEU H 114 26.07 -3.51 -29.97
C LEU H 114 26.05 -4.88 -30.66
N CYS H 115 26.23 -4.92 -31.98
CA CYS H 115 26.18 -6.17 -32.70
C CYS H 115 27.47 -6.98 -32.56
N LYS H 116 28.63 -6.32 -32.55
CA LYS H 116 29.89 -7.05 -32.48
C LYS H 116 30.20 -7.54 -31.08
N GLU H 117 29.46 -7.04 -30.09
CA GLU H 117 29.51 -7.60 -28.75
C GLU H 117 29.00 -9.04 -28.72
N LYS H 118 28.14 -9.40 -29.68
CA LYS H 118 27.69 -10.77 -29.86
C LYS H 118 28.28 -11.39 -31.13
N ASP H 119 29.32 -10.77 -31.70
CA ASP H 119 30.07 -11.29 -32.85
C ASP H 119 29.22 -11.48 -34.11
N VAL H 120 28.19 -10.65 -34.27
CA VAL H 120 27.37 -10.67 -35.49
C VAL H 120 27.79 -9.47 -36.34
N GLU H 121 27.96 -9.70 -37.64
CA GLU H 121 28.46 -8.63 -38.50
C GLU H 121 27.32 -7.80 -39.05
N TYR H 122 27.47 -6.48 -38.96
CA TYR H 122 26.47 -5.50 -39.33
C TYR H 122 26.87 -4.76 -40.59
N LEU H 123 25.86 -4.41 -41.39
CA LEU H 123 26.04 -3.72 -42.66
C LEU H 123 24.94 -2.68 -42.79
N ALA H 124 25.30 -1.41 -42.65
CA ALA H 124 24.39 -0.29 -42.84
C ALA H 124 24.42 0.09 -44.31
N MET H 125 23.29 -0.07 -44.99
CA MET H 125 23.24 0.07 -46.44
C MET H 125 22.19 1.05 -46.89
N GLY H 126 22.63 2.07 -47.63
CA GLY H 126 21.70 2.98 -48.26
C GLY H 126 21.25 2.39 -49.59
N VAL H 127 19.98 2.59 -49.90
CA VAL H 127 19.37 2.10 -51.13
C VAL H 127 18.55 3.22 -51.73
N SER H 128 18.79 3.50 -53.00
CA SER H 128 18.05 4.52 -53.71
C SER H 128 17.58 3.92 -55.01
N GLY H 129 16.40 4.34 -55.43
CA GLY H 129 15.87 3.87 -56.69
C GLY H 129 14.37 3.85 -56.66
N GLY H 130 13.80 4.24 -55.52
CA GLY H 130 12.37 4.17 -55.42
C GLY H 130 11.88 2.73 -55.43
N GLU H 131 10.58 2.60 -55.71
CA GLU H 131 9.99 1.27 -55.77
C GLU H 131 10.37 0.56 -57.05
N ALA H 132 10.48 1.31 -58.15
CA ALA H 132 10.84 0.71 -59.42
C ALA H 132 12.25 0.14 -59.38
N GLY H 133 13.16 0.86 -58.72
CA GLY H 133 14.52 0.37 -58.60
C GLY H 133 14.60 -0.88 -57.77
N ALA H 134 13.72 -1.00 -56.78
CA ALA H 134 13.68 -2.22 -55.97
C ALA H 134 13.34 -3.44 -56.80
N ARG H 135 12.46 -3.28 -57.79
CA ARG H 135 11.99 -4.44 -58.55
C ARG H 135 12.93 -4.80 -59.70
N TYR H 136 13.45 -3.81 -60.42
CA TYR H 136 14.20 -4.09 -61.63
C TYR H 136 15.70 -3.81 -61.50
N GLY H 137 16.14 -3.11 -60.46
CA GLY H 137 17.56 -2.85 -60.28
C GLY H 137 17.84 -1.50 -59.64
N CYS H 138 18.52 -1.46 -58.50
CA CYS H 138 18.69 -0.19 -57.78
C CYS H 138 20.17 0.07 -57.53
N SER H 139 20.42 1.19 -56.83
CA SER H 139 21.76 1.59 -56.41
C SER H 139 21.98 1.28 -54.93
N PHE H 140 22.93 0.40 -54.64
CA PHE H 140 23.24 -0.01 -53.28
C PHE H 140 24.47 0.75 -52.78
N MET H 141 24.42 1.20 -51.53
CA MET H 141 25.56 1.86 -50.87
C MET H 141 25.86 1.24 -49.50
N PRO H 142 26.40 0.03 -49.49
CA PRO H 142 26.68 -0.65 -48.21
C PRO H 142 28.00 -0.20 -47.58
N GLY H 143 27.97 -0.08 -46.26
CA GLY H 143 29.15 0.26 -45.50
C GLY H 143 29.19 -0.51 -44.19
N GLY H 144 30.40 -0.83 -43.75
CA GLY H 144 30.52 -1.56 -42.52
C GLY H 144 31.48 -2.73 -42.59
N SER H 145 31.03 -3.88 -42.12
CA SER H 145 31.85 -5.09 -42.07
C SER H 145 32.19 -5.58 -43.46
N LYS H 146 33.48 -5.55 -43.81
CA LYS H 146 33.91 -6.03 -45.12
C LYS H 146 33.60 -7.51 -45.30
N TYR H 147 33.80 -8.32 -44.24
CA TYR H 147 33.39 -9.72 -44.29
C TYR H 147 31.92 -9.85 -44.68
N ALA H 148 31.05 -9.07 -44.03
CA ALA H 148 29.63 -9.10 -44.37
C ALA H 148 29.38 -8.72 -45.83
N TYR H 149 30.09 -7.72 -46.35
CA TYR H 149 29.92 -7.34 -47.76
C TYR H 149 30.26 -8.48 -48.70
N ASP H 150 31.35 -9.19 -48.41
CA ASP H 150 31.79 -10.23 -49.33
C ASP H 150 30.81 -11.39 -49.35
N CYS H 151 30.12 -11.66 -48.23
CA CYS H 151 29.13 -12.73 -48.19
C CYS H 151 27.85 -12.38 -48.95
N VAL H 152 27.53 -11.09 -49.08
CA VAL H 152 26.32 -10.68 -49.78
C VAL H 152 26.61 -10.16 -51.18
N LYS H 153 27.88 -10.15 -51.59
CA LYS H 153 28.27 -9.50 -52.85
C LYS H 153 27.47 -10.00 -54.03
N GLU H 154 27.38 -11.32 -54.19
CA GLU H 154 26.65 -11.89 -55.32
C GLU H 154 25.22 -11.36 -55.42
N ILE H 155 24.47 -11.38 -54.32
CA ILE H 155 23.07 -10.95 -54.38
C ILE H 155 23.00 -9.47 -54.76
N LEU H 156 23.89 -8.64 -54.20
CA LEU H 156 23.82 -7.21 -54.50
C LEU H 156 24.27 -6.89 -55.91
N GLU H 157 25.25 -7.64 -56.44
CA GLU H 157 25.67 -7.41 -57.82
C GLU H 157 24.57 -7.77 -58.82
N LYS H 158 23.86 -8.87 -58.56
CA LYS H 158 22.84 -9.31 -59.51
C LYS H 158 21.55 -8.49 -59.41
N CYS H 159 21.19 -7.99 -58.23
CA CYS H 159 19.98 -7.20 -58.08
C CYS H 159 20.17 -5.72 -58.33
N SER H 160 21.41 -5.24 -58.44
CA SER H 160 21.64 -3.84 -58.70
C SER H 160 21.43 -3.49 -60.16
N ALA H 161 21.16 -2.20 -60.40
CA ALA H 161 21.13 -1.70 -61.76
C ALA H 161 22.50 -1.92 -62.41
N GLN H 162 22.47 -2.17 -63.72
CA GLN H 162 23.68 -2.47 -64.51
C GLN H 162 23.89 -1.36 -65.53
N VAL H 163 25.09 -0.76 -65.53
CA VAL H 163 25.45 0.25 -66.52
C VAL H 163 26.62 -0.36 -67.28
N GLY H 164 26.43 -0.67 -68.55
CA GLY H 164 27.43 -1.50 -69.22
C GLY H 164 27.53 -2.86 -68.52
N ASN H 165 28.71 -3.18 -67.98
CA ASN H 165 28.89 -4.47 -67.32
C ASN H 165 29.37 -4.35 -65.87
N SER H 166 29.25 -3.22 -65.30
CA SER H 166 29.53 -3.24 -63.88
C SER H 166 28.27 -2.89 -63.08
N PRO H 167 28.00 -3.68 -62.04
CA PRO H 167 26.82 -3.49 -61.20
C PRO H 167 26.95 -2.23 -60.38
N CYS H 168 25.80 -1.58 -60.12
CA CYS H 168 25.77 -0.35 -59.33
C CYS H 168 25.83 -0.65 -57.83
N VAL H 169 26.96 -1.23 -57.44
CA VAL H 169 27.26 -1.62 -56.08
C VAL H 169 28.77 -1.52 -55.90
N THR H 170 29.17 -1.13 -54.70
CA THR H 170 30.57 -1.05 -54.31
C THR H 170 30.64 -1.10 -52.79
N TYR H 171 31.80 -1.47 -52.27
CA TYR H 171 32.06 -1.34 -50.85
C TYR H 171 32.39 0.13 -50.56
N ILE H 172 31.50 0.82 -49.83
CA ILE H 172 31.72 2.23 -49.57
C ILE H 172 32.86 2.43 -48.58
N GLY H 173 32.82 1.72 -47.46
CA GLY H 173 33.84 1.86 -46.45
C GLY H 173 33.39 1.25 -45.14
N PRO H 174 34.12 1.54 -44.07
CA PRO H 174 33.78 0.98 -42.77
C PRO H 174 32.64 1.77 -42.11
N GLY H 175 32.15 1.19 -41.00
CA GLY H 175 31.19 1.87 -40.16
C GLY H 175 29.92 2.24 -40.90
N SER H 176 29.36 3.39 -40.54
CA SER H 176 28.10 3.84 -41.12
C SER H 176 28.31 4.74 -42.33
N SER H 177 29.45 4.59 -43.03
CA SER H 177 29.73 5.44 -44.18
C SER H 177 28.66 5.29 -45.26
N GLY H 178 28.06 4.10 -45.37
CA GLY H 178 27.04 3.90 -46.38
C GLY H 178 25.83 4.78 -46.18
N ASN H 179 25.38 4.90 -44.93
CA ASN H 179 24.28 5.81 -44.63
C ASN H 179 24.65 7.24 -44.98
N TYR H 180 25.91 7.60 -44.77
CA TYR H 180 26.34 8.95 -45.01
C TYR H 180 26.34 9.26 -46.49
N VAL H 181 26.80 8.32 -47.31
CA VAL H 181 26.71 8.55 -48.75
C VAL H 181 25.26 8.60 -49.19
N LYS H 182 24.40 7.76 -48.60
CA LYS H 182 22.99 7.82 -48.96
C LYS H 182 22.39 9.15 -48.51
N MET H 183 22.92 9.70 -47.43
CA MET H 183 22.45 11.01 -46.95
C MET H 183 22.78 12.13 -47.94
N VAL H 184 24.05 12.26 -48.33
CA VAL H 184 24.42 13.32 -49.26
C VAL H 184 23.83 13.10 -50.66
N HIS H 185 23.58 11.84 -51.04
CA HIS H 185 22.89 11.54 -52.28
C HIS H 185 21.54 12.27 -52.33
N ASN H 186 20.74 12.10 -51.28
CA ASN H 186 19.47 12.83 -51.18
C ASN H 186 19.65 14.32 -51.02
N GLY H 187 20.75 14.76 -50.43
CA GLY H 187 21.04 16.18 -50.41
C GLY H 187 21.23 16.72 -51.83
N ILE H 188 22.02 16.00 -52.64
CA ILE H 188 22.15 16.35 -54.05
C ILE H 188 20.79 16.29 -54.73
N GLU H 189 20.01 15.25 -54.42
CA GLU H 189 18.67 15.09 -55.00
C GLU H 189 17.80 16.30 -54.70
N TYR H 190 17.82 16.77 -53.45
CA TYR H 190 17.07 17.97 -53.10
C TYR H 190 17.53 19.15 -53.94
N GLY H 191 18.85 19.24 -54.20
CA GLY H 191 19.35 20.32 -55.01
C GLY H 191 18.89 20.24 -56.46
N ASP H 192 19.03 19.07 -57.08
CA ASP H 192 18.58 18.93 -58.46
C ASP H 192 17.11 19.28 -58.60
N MET H 193 16.28 18.72 -57.72
CA MET H 193 14.84 18.94 -57.81
C MET H 193 14.50 20.41 -57.67
N GLN H 194 15.23 21.15 -56.83
CA GLN H 194 14.98 22.58 -56.69
C GLN H 194 15.47 23.35 -57.91
N LEU H 195 16.62 22.98 -58.46
CA LEU H 195 17.11 23.63 -59.67
C LEU H 195 16.19 23.38 -60.85
N ILE H 196 15.75 22.13 -61.02
CA ILE H 196 14.81 21.77 -62.07
C ILE H 196 13.48 22.50 -61.86
N SER H 197 13.05 22.62 -60.62
CA SER H 197 11.81 23.32 -60.30
C SER H 197 11.88 24.80 -60.64
N GLU H 198 13.08 25.38 -60.56
CA GLU H 198 13.27 26.79 -60.90
C GLU H 198 13.34 27.03 -62.40
N SER H 199 13.89 26.09 -63.16
CA SER H 199 13.84 26.19 -64.61
C SER H 199 12.40 26.15 -65.09
N TYR H 200 11.54 25.39 -64.40
CA TYR H 200 10.14 25.32 -64.75
C TYR H 200 9.45 26.68 -64.62
N VAL H 201 9.66 27.37 -63.49
CA VAL H 201 8.91 28.59 -63.23
C VAL H 201 9.33 29.73 -64.16
N ILE H 202 10.64 29.83 -64.47
CA ILE H 202 11.06 30.83 -65.47
C ILE H 202 10.48 30.54 -66.84
N MET H 203 10.50 29.28 -67.30
CA MET H 203 9.91 29.05 -68.62
C MET H 203 8.41 29.28 -68.62
N LYS H 204 7.75 29.13 -67.47
CA LYS H 204 6.31 29.37 -67.33
C LYS H 204 5.99 30.86 -67.27
N HIS H 205 6.88 31.66 -66.68
CA HIS H 205 6.61 33.05 -66.41
C HIS H 205 7.46 34.04 -67.20
N ILE H 206 8.59 33.62 -67.76
CA ILE H 206 9.33 34.46 -68.68
C ILE H 206 9.02 34.09 -70.12
N LEU H 207 9.14 32.82 -70.45
CA LEU H 207 8.86 32.48 -71.82
C LEU H 207 7.37 32.27 -72.07
N LYS H 208 6.56 32.31 -71.01
CA LYS H 208 5.12 32.11 -71.09
C LYS H 208 4.81 30.80 -71.82
N TYR H 209 5.66 29.80 -71.61
CA TYR H 209 5.42 28.48 -72.18
C TYR H 209 4.24 27.83 -71.45
N ASP H 210 3.41 27.13 -72.22
CA ASP H 210 2.34 26.35 -71.62
C ASP H 210 2.88 24.97 -71.22
N ASN H 211 2.07 24.22 -70.46
CA ASN H 211 2.52 22.95 -69.92
C ASN H 211 2.89 21.96 -71.02
N GLN H 212 2.31 22.10 -72.21
CA GLN H 212 2.68 21.21 -73.32
C GLN H 212 4.07 21.53 -73.85
N LYS H 213 4.38 22.81 -74.03
CA LYS H 213 5.71 23.19 -74.50
C LYS H 213 6.78 22.80 -73.50
N LEU H 214 6.48 22.94 -72.19
CA LEU H 214 7.42 22.63 -71.13
C LEU H 214 7.87 21.17 -71.13
N SER H 215 6.93 20.24 -71.27
CA SER H 215 7.27 18.82 -71.38
C SER H 215 8.23 18.60 -72.51
N GLU H 216 8.05 19.35 -73.56
CA GLU H 216 8.78 19.05 -74.77
C GLU H 216 10.20 19.65 -74.71
N VAL H 217 10.37 20.79 -74.01
CA VAL H 217 11.71 21.32 -73.71
C VAL H 217 12.46 20.42 -72.73
N PHE H 218 11.77 19.91 -71.70
CA PHE H 218 12.44 19.02 -70.76
C PHE H 218 12.80 17.71 -71.43
N ASN H 219 11.97 17.22 -72.34
CA ASN H 219 12.30 15.98 -73.05
C ASN H 219 13.51 16.16 -73.96
N LYS H 220 13.59 17.36 -74.54
CA LYS H 220 14.67 17.90 -75.39
C LYS H 220 15.98 18.05 -74.62
N TRP H 221 15.89 18.60 -73.40
CA TRP H 221 17.07 18.68 -72.55
C TRP H 221 17.57 17.28 -72.20
N ASN H 222 16.63 16.35 -72.05
CA ASN H 222 17.01 14.97 -71.79
C ASN H 222 17.79 14.39 -72.98
N GLU H 223 17.53 14.91 -74.19
CA GLU H 223 18.20 14.39 -75.38
C GLU H 223 19.71 14.58 -75.31
N GLY H 224 20.16 15.67 -74.71
CA GLY H 224 21.53 16.15 -74.73
C GLY H 224 22.29 15.84 -73.46
N ILE H 225 23.08 16.82 -73.03
CA ILE H 225 23.96 16.67 -71.87
C ILE H 225 23.19 16.65 -70.56
N LEU H 226 21.95 17.20 -70.52
CA LEU H 226 21.14 17.19 -69.31
C LEU H 226 20.38 15.88 -69.10
N ASN H 227 20.79 14.79 -69.76
CA ASN H 227 20.13 13.50 -69.61
C ASN H 227 20.23 13.04 -68.17
N SER H 228 19.08 12.97 -67.49
CA SER H 228 19.01 12.59 -66.08
C SER H 228 17.59 12.13 -65.78
N TYR H 229 17.46 11.36 -64.70
CA TYR H 229 16.15 10.82 -64.31
C TYR H 229 15.17 11.90 -63.92
N LEU H 230 15.61 12.86 -63.10
CA LEU H 230 14.67 13.90 -62.67
C LEU H 230 14.27 14.77 -63.84
N ILE H 231 15.18 15.00 -64.80
CA ILE H 231 14.79 15.76 -65.98
C ILE H 231 13.83 14.93 -66.84
N GLU H 232 14.07 13.62 -66.93
CA GLU H 232 13.26 12.76 -67.78
C GLU H 232 11.82 12.70 -67.29
N ILE H 233 11.63 12.43 -66.00
CA ILE H 233 10.29 12.28 -65.43
C ILE H 233 9.58 13.62 -65.30
N THR H 234 10.33 14.74 -65.24
CA THR H 234 9.69 16.06 -65.25
C THR H 234 9.01 16.33 -66.58
N ALA H 235 9.55 15.78 -67.67
CA ALA H 235 8.87 15.89 -68.96
C ALA H 235 7.52 15.20 -68.91
N ASN H 236 7.51 13.99 -68.34
CA ASN H 236 6.28 13.21 -68.24
C ASN H 236 5.29 13.87 -67.28
N ILE H 237 5.76 14.37 -66.15
CA ILE H 237 4.84 14.96 -65.19
C ILE H 237 4.16 16.19 -65.79
N LEU H 238 4.94 17.05 -66.47
CA LEU H 238 4.39 18.30 -66.98
C LEU H 238 3.39 18.11 -68.13
N ALA H 239 3.41 16.95 -68.79
CA ALA H 239 2.45 16.68 -69.86
C ALA H 239 1.15 16.07 -69.35
N LYS H 240 1.16 15.52 -68.14
CA LYS H 240 0.04 14.73 -67.62
C LYS H 240 -1.23 15.55 -67.50
N LYS H 241 -2.34 14.97 -67.94
CA LYS H 241 -3.62 15.62 -67.78
C LYS H 241 -4.38 14.95 -66.67
N ASP H 242 -5.20 15.74 -65.98
CA ASP H 242 -5.92 15.27 -64.82
C ASP H 242 -7.05 14.36 -65.26
N ASP H 243 -7.33 13.34 -64.44
CA ASP H 243 -8.50 12.51 -64.71
C ASP H 243 -9.77 13.16 -64.19
N LEU H 244 -9.67 13.95 -63.15
CA LEU H 244 -10.82 14.58 -62.54
C LEU H 244 -11.08 16.01 -63.00
N THR H 245 -10.25 16.60 -63.88
CA THR H 245 -10.54 17.96 -64.33
C THR H 245 -10.15 18.07 -65.80
N ASN H 246 -10.56 19.16 -66.43
CA ASN H 246 -10.01 19.47 -67.75
C ASN H 246 -8.76 20.32 -67.57
N ASN H 247 -7.82 19.86 -66.74
CA ASN H 247 -6.60 20.59 -66.43
C ASN H 247 -5.40 19.65 -66.44
N TYR H 248 -4.22 20.27 -66.34
CA TYR H 248 -3.00 19.54 -66.07
C TYR H 248 -2.93 19.25 -64.57
N LEU H 249 -2.48 18.03 -64.23
CA LEU H 249 -2.58 17.57 -62.84
C LEU H 249 -1.61 18.31 -61.94
N VAL H 250 -0.40 18.60 -62.46
CA VAL H 250 0.61 19.29 -61.67
C VAL H 250 0.09 20.64 -61.22
N ASP H 251 -0.84 21.21 -61.98
CA ASP H 251 -1.47 22.48 -61.66
C ASP H 251 -2.56 22.32 -60.61
N MET H 252 -2.94 21.09 -60.28
CA MET H 252 -3.96 20.83 -59.26
C MET H 252 -3.40 20.19 -58.00
N ILE H 253 -2.08 19.99 -57.96
CA ILE H 253 -1.38 19.51 -56.78
C ILE H 253 -1.06 20.70 -55.89
N LEU H 254 -1.23 20.53 -54.59
CA LEU H 254 -1.06 21.63 -53.64
C LEU H 254 0.41 21.71 -53.24
N ASP H 255 0.90 22.96 -53.09
CA ASP H 255 2.33 23.27 -52.98
C ASP H 255 2.75 23.33 -51.51
N ILE H 256 2.57 22.22 -50.80
CA ILE H 256 3.04 22.06 -49.43
C ILE H 256 3.88 20.80 -49.38
N ALA H 257 5.19 20.96 -49.28
CA ALA H 257 6.12 19.83 -49.25
C ALA H 257 7.20 20.20 -48.24
N GLY H 258 7.05 19.70 -46.99
CA GLY H 258 7.99 20.06 -45.95
C GLY H 258 9.28 19.26 -46.02
N ALA H 259 10.31 19.78 -45.35
CA ALA H 259 11.60 19.10 -45.29
C ALA H 259 11.50 17.92 -44.35
N LYS H 260 11.81 16.73 -44.86
CA LYS H 260 11.56 15.50 -44.12
C LYS H 260 12.76 14.59 -44.26
N GLY H 261 12.94 13.74 -43.26
CA GLY H 261 14.03 12.77 -43.24
C GLY H 261 15.36 13.39 -43.54
N THR H 262 16.07 12.79 -44.49
CA THR H 262 17.47 13.08 -44.76
C THR H 262 17.74 14.49 -45.28
N GLY H 263 16.73 15.20 -45.76
CA GLY H 263 16.99 16.56 -46.22
C GLY H 263 17.59 17.38 -45.11
N LYS H 264 16.92 17.41 -43.96
CA LYS H 264 17.45 18.11 -42.81
C LYS H 264 18.86 17.64 -42.47
N TRP H 265 19.12 16.34 -42.61
CA TRP H 265 20.36 15.81 -42.05
C TRP H 265 21.57 16.32 -42.79
N THR H 266 21.52 16.36 -44.13
CA THR H 266 22.72 16.79 -44.86
C THR H 266 23.08 18.23 -44.45
N MET H 267 22.07 19.07 -44.24
CA MET H 267 22.32 20.45 -43.85
C MET H 267 22.83 20.55 -42.42
N LEU H 268 22.27 19.77 -41.49
CA LEU H 268 22.79 19.78 -40.13
C LEU H 268 24.25 19.44 -40.11
N GLU H 269 24.64 18.49 -40.96
CA GLU H 269 26.02 18.03 -40.97
C GLU H 269 26.93 19.02 -41.73
N ALA H 270 26.41 19.69 -42.76
CA ALA H 270 27.22 20.73 -43.39
C ALA H 270 27.42 21.91 -42.45
N THR H 271 26.37 22.28 -41.71
CA THR H 271 26.46 23.37 -40.74
C THR H 271 27.46 23.07 -39.64
N GLU H 272 27.30 21.91 -38.99
CA GLU H 272 28.09 21.58 -37.82
C GLU H 272 29.58 21.49 -38.15
N ARG H 273 29.92 20.89 -39.29
CA ARG H 273 31.30 20.71 -39.70
C ARG H 273 31.89 21.90 -40.44
N GLY H 274 31.10 22.94 -40.71
CA GLY H 274 31.61 24.14 -41.37
C GLY H 274 31.95 23.96 -42.83
N ILE H 275 31.26 23.06 -43.52
CA ILE H 275 31.48 22.83 -44.95
C ILE H 275 30.30 23.46 -45.69
N PRO H 276 30.49 24.55 -46.43
CA PRO H 276 29.35 25.27 -46.99
C PRO H 276 28.70 24.51 -48.14
N CYS H 277 27.37 24.43 -48.08
CA CYS H 277 26.55 23.81 -49.12
C CYS H 277 25.39 24.73 -49.40
N PRO H 278 25.67 25.89 -49.98
CA PRO H 278 24.60 26.89 -50.16
C PRO H 278 23.49 26.36 -51.04
N THR H 279 23.81 25.51 -52.03
CA THR H 279 22.78 25.03 -52.94
C THR H 279 21.73 24.22 -52.20
N MET H 280 22.11 23.56 -51.11
CA MET H 280 21.17 22.80 -50.32
C MET H 280 20.47 23.65 -49.28
N CYS H 281 21.07 24.77 -48.87
CA CYS H 281 20.33 25.76 -48.12
C CYS H 281 19.06 26.14 -48.87
N ALA H 282 19.23 26.48 -50.15
CA ALA H 282 18.14 27.02 -50.96
C ALA H 282 17.00 26.02 -51.13
N ALA H 283 17.35 24.75 -51.41
CA ALA H 283 16.32 23.74 -51.54
C ALA H 283 15.52 23.55 -50.26
N LEU H 284 16.19 23.49 -49.10
CA LEU H 284 15.46 23.31 -47.84
C LEU H 284 14.66 24.56 -47.47
N ASP H 285 15.16 25.73 -47.84
CA ASP H 285 14.40 26.96 -47.58
C ASP H 285 13.09 26.97 -48.36
N ALA H 286 13.13 26.55 -49.63
CA ALA H 286 11.90 26.48 -50.44
C ALA H 286 10.89 25.51 -49.84
N ARG H 287 11.34 24.33 -49.40
CA ARG H 287 10.46 23.34 -48.82
C ARG H 287 9.95 23.76 -47.44
N ASN H 288 10.81 24.33 -46.60
CA ASN H 288 10.32 24.73 -45.29
C ASN H 288 9.39 25.94 -45.36
N ILE H 289 9.64 26.86 -46.29
CA ILE H 289 8.78 28.05 -46.36
C ILE H 289 7.39 27.68 -46.85
N SER H 290 7.28 26.64 -47.69
CA SER H 290 6.00 26.25 -48.27
C SER H 290 5.02 25.72 -47.23
N VAL H 291 5.50 25.24 -46.09
CA VAL H 291 4.58 24.72 -45.09
C VAL H 291 3.66 25.84 -44.60
N PHE H 292 4.16 27.09 -44.60
CA PHE H 292 3.38 28.23 -44.10
C PHE H 292 2.54 28.86 -45.22
N LYS H 293 1.64 28.05 -45.80
CA LYS H 293 0.79 28.48 -46.93
C LYS H 293 -0.14 29.62 -46.52
N GLU H 294 -0.68 29.59 -45.29
CA GLU H 294 -1.59 30.66 -44.89
C GLU H 294 -0.89 32.01 -44.82
N LEU H 295 0.37 32.04 -44.37
CA LEU H 295 1.09 33.30 -44.31
C LEU H 295 1.60 33.74 -45.68
N ARG H 296 1.90 32.80 -46.58
CA ARG H 296 2.25 33.18 -47.95
C ARG H 296 1.08 33.86 -48.67
N THR H 297 -0.15 33.41 -48.41
CA THR H 297 -1.31 34.07 -49.03
C THR H 297 -1.56 35.45 -48.43
N LYS H 298 -1.45 35.57 -47.10
CA LYS H 298 -1.52 36.88 -46.45
C LYS H 298 -0.41 37.79 -46.93
N ALA H 299 0.79 37.23 -47.19
CA ALA H 299 1.92 38.05 -47.61
C ALA H 299 1.72 38.57 -49.03
N GLU H 300 1.25 37.72 -49.95
CA GLU H 300 1.00 38.21 -51.30
C GLU H 300 -0.19 39.15 -51.32
N SER H 301 -1.12 38.97 -50.39
CA SER H 301 -2.21 39.93 -50.25
C SER H 301 -1.67 41.33 -50.01
N ASN H 302 -0.64 41.44 -49.18
CA ASN H 302 -0.04 42.75 -48.92
C ASN H 302 0.85 43.20 -50.06
N PHE H 303 1.69 42.30 -50.58
CA PHE H 303 2.61 42.60 -51.69
C PHE H 303 2.16 41.79 -52.92
N ASN H 304 1.22 42.35 -53.69
CA ASN H 304 0.54 41.58 -54.74
C ASN H 304 1.32 41.63 -56.05
N LYS H 305 2.27 40.72 -56.19
CA LYS H 305 2.94 40.51 -57.48
C LYS H 305 1.89 40.25 -58.56
N ASP H 306 1.84 41.15 -59.55
CA ASP H 306 0.86 41.02 -60.61
C ASP H 306 1.42 40.24 -61.80
N ASN H 307 0.84 40.46 -62.98
CA ASN H 307 1.37 39.82 -64.18
C ASN H 307 2.83 40.20 -64.41
N ILE H 308 3.57 39.28 -65.03
CA ILE H 308 4.95 39.56 -65.42
C ILE H 308 4.88 40.14 -66.83
N LEU H 309 5.08 41.45 -66.93
CA LEU H 309 4.99 42.17 -68.19
C LEU H 309 6.40 42.32 -68.73
N ILE H 310 6.87 41.24 -69.39
CA ILE H 310 8.09 41.28 -70.20
C ILE H 310 8.01 42.53 -71.05
N ASP H 311 8.96 43.43 -70.93
CA ASP H 311 8.94 44.59 -71.79
C ASP H 311 9.25 44.16 -73.22
N PRO H 312 8.46 44.60 -74.20
CA PRO H 312 8.34 43.84 -75.47
C PRO H 312 9.64 43.61 -76.19
N ASN H 313 10.59 44.54 -76.14
CA ASN H 313 11.89 44.37 -76.77
C ASN H 313 12.87 43.72 -75.79
N GLU H 314 13.45 42.57 -76.17
CA GLU H 314 14.70 42.02 -75.66
C GLU H 314 15.00 40.67 -76.30
N ASP H 315 16.30 40.35 -76.37
CA ASP H 315 16.77 39.25 -77.22
C ASP H 315 16.62 37.93 -76.46
N LEU H 316 15.41 37.38 -76.52
CA LEU H 316 15.37 36.02 -76.00
C LEU H 316 15.95 35.02 -76.96
N ASN H 317 16.72 35.39 -77.98
CA ASN H 317 17.46 34.39 -78.74
C ASN H 317 18.48 33.76 -77.82
N ASP H 318 18.65 32.45 -77.93
CA ASP H 318 19.55 31.67 -77.08
C ASP H 318 19.08 31.59 -75.62
N PHE H 319 18.04 32.34 -75.24
CA PHE H 319 17.61 32.31 -73.84
C PHE H 319 17.21 30.91 -73.40
N GLU H 320 16.50 30.18 -74.26
CA GLU H 320 16.21 28.79 -73.92
C GLU H 320 17.51 28.00 -73.77
N ASN H 321 18.46 28.22 -74.68
CA ASN H 321 19.73 27.49 -74.62
C ASN H 321 20.64 27.99 -73.51
N ASP H 322 20.48 29.23 -73.05
CA ASP H 322 21.22 29.64 -71.86
C ASP H 322 20.67 28.99 -70.58
N LEU H 323 19.34 28.84 -70.48
CA LEU H 323 18.77 28.16 -69.32
C LEU H 323 19.17 26.68 -69.29
N LEU H 324 19.29 26.05 -70.44
CA LEU H 324 19.86 24.71 -70.45
C LEU H 324 21.29 24.76 -69.89
N ASN H 325 22.06 25.77 -70.31
CA ASN H 325 23.45 25.91 -69.83
C ASN H 325 23.51 26.36 -68.38
N ALA H 326 22.61 27.26 -67.98
CA ALA H 326 22.56 27.70 -66.59
C ALA H 326 22.23 26.54 -65.68
N LEU H 327 21.21 25.76 -66.06
CA LEU H 327 20.82 24.63 -65.23
C LEU H 327 21.93 23.60 -65.19
N TYR H 328 22.58 23.35 -66.32
CA TYR H 328 23.70 22.41 -66.33
C TYR H 328 24.84 22.94 -65.48
N CYS H 329 25.07 24.25 -65.52
CA CYS H 329 26.18 24.80 -64.76
C CYS H 329 25.94 24.64 -63.26
N CYS H 330 24.69 24.87 -62.84
CA CYS H 330 24.35 24.64 -61.44
C CYS H 330 24.49 23.17 -61.06
N LYS H 331 24.29 22.25 -61.99
CA LYS H 331 24.43 20.85 -61.61
C LYS H 331 25.87 20.55 -61.20
N ILE H 332 26.85 21.14 -61.90
CA ILE H 332 28.23 20.93 -61.50
C ILE H 332 28.51 21.60 -60.14
N ILE H 333 27.99 22.81 -59.95
CA ILE H 333 28.20 23.49 -58.67
C ILE H 333 27.54 22.72 -57.54
N SER H 334 26.29 22.25 -57.76
CA SER H 334 25.55 21.54 -56.71
C SER H 334 26.25 20.25 -56.34
N TYR H 335 26.74 19.51 -57.33
CA TYR H 335 27.52 18.31 -57.07
C TYR H 335 28.90 18.64 -56.50
N THR H 336 29.50 19.77 -56.92
CA THR H 336 30.83 20.12 -56.40
C THR H 336 30.81 20.33 -54.90
N GLN H 337 29.80 21.04 -54.38
CA GLN H 337 29.72 21.17 -52.93
C GLN H 337 29.43 19.82 -52.26
N GLY H 338 28.49 19.05 -52.82
CA GLY H 338 28.16 17.78 -52.20
C GLY H 338 29.36 16.85 -52.15
N LEU H 339 30.11 16.76 -53.26
CA LEU H 339 31.28 15.89 -53.29
C LEU H 339 32.41 16.40 -52.42
N PHE H 340 32.46 17.72 -52.19
CA PHE H 340 33.46 18.28 -51.29
C PHE H 340 33.18 17.87 -49.85
N LEU H 341 31.92 17.96 -49.43
CA LEU H 341 31.52 17.54 -48.09
C LEU H 341 31.89 16.09 -47.84
N LEU H 342 31.65 15.23 -48.83
CA LEU H 342 31.97 13.82 -48.66
C LEU H 342 33.46 13.63 -48.40
N LYS H 343 34.33 14.30 -49.17
CA LYS H 343 35.76 14.06 -49.00
C LYS H 343 36.29 14.67 -47.69
N GLN H 344 35.74 15.81 -47.26
CA GLN H 344 36.11 16.35 -45.95
C GLN H 344 35.76 15.35 -44.83
N VAL H 345 34.55 14.81 -44.89
CA VAL H 345 34.12 13.87 -43.86
C VAL H 345 34.91 12.57 -43.97
N SER H 346 35.22 12.12 -45.19
CA SER H 346 35.99 10.88 -45.29
C SER H 346 37.35 10.99 -44.58
N GLU H 347 37.95 12.19 -44.59
CA GLU H 347 39.24 12.39 -43.94
C GLU H 347 39.08 12.48 -42.42
N GLU H 348 38.02 13.15 -41.96
CA GLU H 348 37.77 13.31 -40.53
C GLU H 348 37.37 12.01 -39.85
N MET H 349 36.81 11.05 -40.60
CA MET H 349 36.39 9.77 -40.05
C MET H 349 37.31 8.64 -40.46
N ASN H 350 38.34 8.94 -41.27
CA ASN H 350 39.27 7.96 -41.82
C ASN H 350 38.50 6.81 -42.47
N TRP H 351 37.59 7.18 -43.36
CA TRP H 351 36.77 6.23 -44.10
C TRP H 351 37.41 5.74 -45.38
N LYS H 352 38.35 6.52 -45.97
CA LYS H 352 38.95 6.17 -47.26
C LYS H 352 37.84 5.96 -48.31
N LEU H 353 36.93 6.93 -48.41
CA LEU H 353 35.94 6.85 -49.44
C LEU H 353 36.58 6.99 -50.81
N ASN H 354 36.07 6.22 -51.76
CA ASN H 354 36.50 6.31 -53.15
C ASN H 354 35.38 7.04 -53.89
N LEU H 355 35.49 8.38 -53.99
CA LEU H 355 34.42 9.11 -54.65
C LEU H 355 34.36 8.81 -56.14
N GLY H 356 35.47 8.40 -56.74
CA GLY H 356 35.40 8.02 -58.13
C GLY H 356 34.49 6.85 -58.34
N GLU H 357 34.53 5.87 -57.42
CA GLU H 357 33.64 4.75 -57.67
C GLU H 357 32.23 5.03 -57.15
N ILE H 358 32.08 5.92 -56.18
CA ILE H 358 30.74 6.32 -55.74
C ILE H 358 29.97 6.93 -56.89
N ALA H 359 30.66 7.71 -57.74
CA ALA H 359 30.00 8.22 -58.93
C ALA H 359 29.61 7.06 -59.86
N ARG H 360 30.46 6.06 -60.01
CA ARG H 360 30.10 4.94 -60.89
C ARG H 360 28.81 4.28 -60.48
N ILE H 361 28.62 4.03 -59.18
CA ILE H 361 27.41 3.32 -58.78
C ILE H 361 26.16 4.18 -58.85
N TRP H 362 26.31 5.49 -59.04
CA TRP H 362 25.18 6.40 -59.21
C TRP H 362 24.80 6.62 -60.68
N ARG H 363 25.46 5.97 -61.64
CA ARG H 363 25.08 6.21 -63.03
C ARG H 363 23.73 5.56 -63.34
N GLY H 364 23.38 4.49 -62.63
CA GLY H 364 22.09 3.86 -62.80
C GLY H 364 21.51 3.50 -61.45
N GLY H 365 20.22 3.24 -61.44
CA GLY H 365 19.55 2.85 -60.21
C GLY H 365 19.06 3.95 -59.29
N CYS H 366 19.91 4.91 -58.92
CA CYS H 366 19.50 5.92 -57.96
C CYS H 366 18.68 7.01 -58.65
N ILE H 367 18.18 7.96 -57.86
CA ILE H 367 17.32 9.03 -58.37
C ILE H 367 18.10 10.07 -59.16
N ILE H 368 19.35 10.30 -58.78
CA ILE H 368 20.17 11.35 -59.38
C ILE H 368 20.97 10.78 -60.55
N ARG H 369 20.50 9.67 -61.13
CA ARG H 369 21.18 9.11 -62.30
C ARG H 369 21.20 10.16 -63.40
N ALA H 370 22.33 10.24 -64.09
CA ALA H 370 22.56 11.23 -65.12
C ALA H 370 23.80 10.83 -65.90
N VAL H 371 23.78 11.16 -67.20
CA VAL H 371 24.96 10.97 -68.04
C VAL H 371 26.12 11.80 -67.51
N PHE H 372 25.80 12.99 -67.00
CA PHE H 372 26.76 13.91 -66.43
C PHE H 372 27.62 13.26 -65.36
N LEU H 373 27.04 12.30 -64.65
CA LEU H 373 27.74 11.60 -63.61
C LEU H 373 28.73 10.58 -64.14
N ASP H 374 28.60 10.16 -65.40
CA ASP H 374 29.63 9.28 -65.97
C ASP H 374 30.96 10.01 -66.10
N ARG H 375 30.93 11.30 -66.48
CA ARG H 375 32.17 12.03 -66.64
C ARG H 375 32.82 12.35 -65.29
N ILE H 376 31.99 12.61 -64.27
CA ILE H 376 32.50 12.80 -62.92
C ILE H 376 33.32 11.60 -62.49
N ALA H 377 32.84 10.40 -62.80
CA ALA H 377 33.51 9.18 -62.35
C ALA H 377 34.93 9.07 -62.88
N ASN H 378 35.11 9.33 -64.18
CA ASN H 378 36.44 9.23 -64.78
C ASN H 378 37.33 10.42 -64.38
N ALA H 379 36.74 11.58 -64.07
CA ALA H 379 37.54 12.71 -63.60
C ALA H 379 38.32 12.35 -62.35
N TYR H 380 37.71 11.57 -61.44
CA TYR H 380 38.34 11.07 -60.22
C TYR H 380 39.21 9.83 -60.47
N LYS H 381 38.80 8.97 -61.42
CA LYS H 381 39.71 7.97 -61.96
C LYS H 381 41.04 8.63 -62.29
N ASN H 382 40.95 9.86 -62.77
CA ASN H 382 41.96 10.46 -63.62
C ASN H 382 42.95 11.19 -62.73
N ASN H 383 42.41 11.84 -61.69
CA ASN H 383 43.08 12.58 -60.63
C ASN H 383 42.44 12.16 -59.29
N GLU H 384 43.17 11.40 -58.48
CA GLU H 384 42.59 10.92 -57.22
C GLU H 384 42.57 12.00 -56.14
N LYS H 385 43.54 12.91 -56.13
CA LYS H 385 43.62 13.93 -55.09
C LYS H 385 42.69 15.10 -55.33
N LEU H 386 41.94 15.08 -56.44
CA LEU H 386 41.03 16.15 -56.83
C LEU H 386 40.24 16.72 -55.66
N GLU H 387 40.15 18.05 -55.61
CA GLU H 387 39.55 18.76 -54.47
C GLU H 387 38.12 19.18 -54.77
N LEU H 388 37.95 20.08 -55.73
CA LEU H 388 36.65 20.51 -56.20
C LEU H 388 36.43 19.97 -57.60
N LEU H 389 35.20 19.56 -57.89
CA LEU H 389 34.98 18.87 -59.15
C LEU H 389 35.14 19.84 -60.31
N PHE H 390 34.69 21.07 -60.16
CA PHE H 390 34.79 21.97 -61.30
C PHE H 390 36.20 22.51 -61.53
N LEU H 391 37.19 22.10 -60.75
CA LEU H 391 38.58 22.46 -61.02
C LEU H 391 39.31 21.46 -61.90
N ASP H 392 38.74 20.28 -62.13
CA ASP H 392 39.34 19.37 -63.10
C ASP H 392 39.16 19.99 -64.48
N ASN H 393 40.18 19.87 -65.32
CA ASN H 393 40.26 20.69 -66.52
C ASN H 393 39.21 20.36 -67.58
N GLU H 394 38.80 19.09 -67.71
CA GLU H 394 37.78 18.83 -68.73
C GLU H 394 36.39 19.31 -68.29
N PHE H 395 36.07 19.27 -66.98
CA PHE H 395 34.92 20.05 -66.52
C PHE H 395 35.21 21.54 -66.54
N SER H 396 36.47 21.93 -66.29
CA SER H 396 36.81 23.34 -66.11
C SER H 396 36.33 24.22 -67.25
N ASP H 397 36.61 23.80 -68.49
CA ASP H 397 36.21 24.58 -69.67
C ASP H 397 34.70 24.60 -69.84
N ASP H 398 34.01 23.52 -69.48
CA ASP H 398 32.55 23.53 -69.53
C ASP H 398 32.00 24.68 -68.70
N ILE H 399 32.52 24.90 -67.51
CA ILE H 399 31.96 25.97 -66.67
C ILE H 399 32.22 27.34 -67.30
N LYS H 400 33.50 27.60 -67.65
CA LYS H 400 33.89 28.84 -68.31
C LYS H 400 32.94 29.22 -69.45
N ASN H 401 32.58 28.23 -70.30
CA ASN H 401 31.65 28.45 -71.41
C ASN H 401 30.22 28.59 -70.93
N LYS H 402 29.87 27.90 -69.85
CA LYS H 402 28.50 27.90 -69.37
C LYS H 402 28.17 28.95 -68.29
N LEU H 403 29.18 29.66 -67.66
CA LEU H 403 28.80 30.60 -66.58
C LEU H 403 28.16 31.90 -67.10
N PRO H 404 28.54 32.45 -68.26
CA PRO H 404 27.85 33.67 -68.73
C PRO H 404 26.36 33.43 -68.91
N SER H 405 26.02 32.20 -69.30
CA SER H 405 24.64 31.77 -69.41
C SER H 405 23.95 31.80 -68.05
N LEU H 406 24.55 31.12 -67.05
CA LEU H 406 24.00 31.11 -65.70
C LEU H 406 23.92 32.53 -65.15
N ARG H 407 24.94 33.32 -65.38
CA ARG H 407 24.99 34.71 -64.94
C ARG H 407 23.87 35.51 -65.63
N LYS H 408 23.59 35.21 -66.91
CA LYS H 408 22.50 35.86 -67.65
C LYS H 408 21.12 35.44 -67.14
N ILE H 409 20.92 34.14 -66.89
CA ILE H 409 19.65 33.64 -66.36
C ILE H 409 19.32 34.31 -65.02
N VAL H 410 20.33 34.55 -64.17
CA VAL H 410 20.07 35.17 -62.86
C VAL H 410 19.62 36.62 -63.00
N LEU H 411 20.25 37.35 -63.90
CA LEU H 411 19.95 38.77 -64.10
C LEU H 411 18.49 38.96 -64.45
N MET H 412 18.01 38.15 -65.38
CA MET H 412 16.70 38.44 -65.95
C MET H 412 15.55 37.99 -65.03
N ALA H 413 15.76 36.90 -64.27
CA ALA H 413 14.81 36.50 -63.24
C ALA H 413 14.77 37.52 -62.12
N THR H 414 15.91 38.12 -61.80
CA THR H 414 15.94 39.16 -60.78
C THR H 414 15.12 40.35 -61.22
N LYS H 415 15.25 40.70 -62.51
CA LYS H 415 14.52 41.83 -63.07
C LYS H 415 13.02 41.66 -62.90
N TYR H 416 12.52 40.43 -63.00
CA TYR H 416 11.09 40.20 -63.06
C TYR H 416 10.54 39.58 -61.77
N SER H 417 11.26 39.69 -60.67
CA SER H 417 10.79 39.24 -59.35
C SER H 417 10.40 37.75 -59.36
N ILE H 418 11.19 36.93 -60.02
CA ILE H 418 10.99 35.48 -60.01
C ILE H 418 11.92 34.92 -58.94
N PRO H 419 11.38 34.31 -57.88
CA PRO H 419 12.26 33.82 -56.80
C PRO H 419 13.01 32.58 -57.27
N ILE H 420 14.33 32.65 -57.25
CA ILE H 420 15.13 31.51 -57.70
C ILE H 420 16.38 31.34 -56.84
N PRO H 421 16.22 30.93 -55.56
CA PRO H 421 17.36 30.84 -54.63
C PRO H 421 18.43 29.82 -55.00
N ALA H 422 18.07 28.68 -55.60
CA ALA H 422 19.10 27.68 -55.88
C ALA H 422 20.07 28.15 -56.95
N PHE H 423 19.55 28.82 -58.00
CA PHE H 423 20.40 29.42 -59.04
C PHE H 423 21.24 30.56 -58.48
N SER H 424 20.63 31.43 -57.65
CA SER H 424 21.39 32.54 -57.08
C SER H 424 22.42 32.05 -56.07
N ALA H 425 22.03 31.10 -55.19
CA ALA H 425 22.97 30.52 -54.23
C ALA H 425 24.06 29.72 -54.94
N SER H 426 23.70 28.98 -55.98
CA SER H 426 24.72 28.22 -56.71
C SER H 426 25.73 29.16 -57.35
N LEU H 427 25.25 30.33 -57.80
CA LEU H 427 26.12 31.34 -58.39
C LEU H 427 26.98 32.02 -57.33
N ALA H 428 26.36 32.47 -56.23
CA ALA H 428 27.11 33.10 -55.15
C ALA H 428 28.18 32.16 -54.63
N TYR H 429 27.86 30.86 -54.56
CA TYR H 429 28.83 29.88 -54.13
C TYR H 429 30.06 29.87 -55.03
N PHE H 430 29.87 29.75 -56.34
CA PHE H 430 30.99 29.65 -57.26
C PHE H 430 31.88 30.89 -57.18
N GLN H 431 31.26 32.07 -57.12
CA GLN H 431 32.04 33.31 -57.06
C GLN H 431 32.82 33.43 -55.76
N MET H 432 32.28 32.90 -54.66
CA MET H 432 33.01 32.92 -53.40
C MET H 432 34.16 31.90 -53.40
N VAL H 433 33.93 30.72 -53.99
CA VAL H 433 34.99 29.71 -53.99
C VAL H 433 36.16 30.16 -54.86
N THR H 434 35.93 31.06 -55.80
CA THR H 434 36.95 31.51 -56.73
C THR H 434 37.44 32.92 -56.41
N SER H 435 37.26 33.38 -55.18
CA SER H 435 37.72 34.69 -54.74
C SER H 435 38.92 34.47 -53.83
N GLN H 436 40.09 34.96 -54.27
CA GLN H 436 41.28 34.84 -53.46
C GLN H 436 41.14 35.68 -52.19
N ASN H 437 40.51 36.85 -52.28
CA ASN H 437 40.31 37.71 -51.13
C ASN H 437 38.84 38.06 -51.00
N LEU H 438 38.26 37.73 -49.85
CA LEU H 438 36.88 37.98 -49.53
C LEU H 438 36.79 39.01 -48.41
N PRO H 439 35.65 39.67 -48.28
CA PRO H 439 35.56 40.80 -47.35
C PRO H 439 35.45 40.42 -45.88
N LEU H 440 35.89 39.22 -45.52
CA LEU H 440 35.92 38.82 -44.11
C LEU H 440 37.01 39.51 -43.33
N ASN H 441 37.93 40.22 -44.00
CA ASN H 441 38.86 41.08 -43.27
C ASN H 441 38.11 42.17 -42.51
N LEU H 442 37.06 42.72 -43.12
CA LEU H 442 36.20 43.65 -42.42
C LEU H 442 35.45 42.97 -41.27
N VAL H 443 35.06 41.71 -41.46
CA VAL H 443 34.34 40.96 -40.43
C VAL H 443 35.24 40.71 -39.24
N GLN H 444 36.49 40.34 -39.52
CA GLN H 444 37.49 40.17 -38.48
C GLN H 444 37.75 41.48 -37.74
N ALA H 445 37.75 42.61 -38.47
CA ALA H 445 37.94 43.91 -37.84
C ALA H 445 36.77 44.25 -36.91
N GLN H 446 35.54 44.00 -37.36
CA GLN H 446 34.41 44.30 -36.49
C GLN H 446 34.49 43.46 -35.24
N ARG H 447 34.85 42.20 -35.39
CA ARG H 447 34.90 41.32 -34.21
C ARG H 447 36.01 41.76 -33.26
N ASP H 448 37.13 42.24 -33.79
CA ASP H 448 38.16 42.75 -32.91
C ASP H 448 37.71 44.04 -32.21
N TYR H 449 36.89 44.84 -32.89
CA TYR H 449 36.42 46.11 -32.32
C TYR H 449 35.64 45.89 -31.02
N PHE H 450 34.59 45.07 -31.05
CA PHE H 450 33.74 44.94 -29.87
C PHE H 450 34.03 43.75 -28.96
N GLY H 451 34.74 42.73 -29.44
CA GLY H 451 34.95 41.55 -28.61
C GLY H 451 36.39 41.23 -28.24
N SER H 452 37.34 41.93 -28.88
CA SER H 452 38.78 41.68 -28.75
C SER H 452 39.17 40.29 -29.26
N HIS H 453 38.48 39.82 -30.27
CA HIS H 453 38.69 38.46 -30.75
C HIS H 453 39.99 38.28 -31.53
N THR H 454 40.78 39.35 -31.75
CA THR H 454 42.10 39.35 -32.40
C THR H 454 42.04 38.97 -33.88
N TYR H 455 43.08 39.29 -34.64
CA TYR H 455 43.10 38.97 -36.05
C TYR H 455 44.54 38.64 -36.48
N ARG H 456 44.67 38.18 -37.71
CA ARG H 456 45.94 37.89 -38.33
C ARG H 456 46.18 38.89 -39.47
N ARG H 457 47.44 39.06 -39.84
CA ARG H 457 47.80 40.05 -40.83
C ARG H 457 48.24 39.36 -42.11
N THR H 458 48.26 40.14 -43.19
CA THR H 458 48.73 39.66 -44.47
C THR H 458 50.26 39.62 -44.54
N ASP H 459 50.92 40.59 -43.90
CA ASP H 459 52.38 40.71 -43.99
C ASP H 459 53.16 39.93 -42.92
N ARG H 460 52.58 39.69 -41.73
CA ARG H 460 53.35 39.10 -40.66
C ARG H 460 52.56 38.07 -39.83
N GLU H 461 53.34 37.31 -39.06
CA GLU H 461 52.95 36.29 -38.10
C GLU H 461 52.28 36.91 -36.87
N GLY H 462 51.52 36.08 -36.15
CA GLY H 462 51.02 36.50 -34.84
C GLY H 462 49.59 37.01 -34.86
N ASN H 463 49.11 37.23 -33.63
CA ASN H 463 47.79 37.76 -33.32
C ASN H 463 47.87 39.24 -32.99
N TYR H 464 46.80 39.97 -33.34
CA TYR H 464 46.79 41.40 -33.18
C TYR H 464 45.46 41.90 -32.63
N HIS H 465 45.54 42.77 -31.63
CA HIS H 465 44.40 43.49 -31.11
C HIS H 465 44.70 44.99 -31.28
N THR H 466 43.71 45.73 -31.75
CA THR H 466 43.88 47.15 -32.02
C THR H 466 42.85 47.92 -31.20
N LEU H 467 43.31 49.06 -30.66
CA LEU H 467 42.42 50.05 -30.04
C LEU H 467 41.97 50.98 -31.15
N TRP H 468 40.69 50.88 -31.51
CA TRP H 468 40.15 51.61 -32.65
C TRP H 468 39.66 52.97 -32.17
#